data_8UGG
#
_entry.id   8UGG
#
_cell.length_a   1.00
_cell.length_b   1.00
_cell.length_c   1.00
_cell.angle_alpha   90.00
_cell.angle_beta   90.00
_cell.angle_gamma   90.00
#
_symmetry.space_group_name_H-M   'P 1'
#
loop_
_entity.id
_entity.type
_entity.pdbx_description
1 polymer 'Cytochrome b-c1 complex subunit 1, mitochondrial'
2 polymer 'Cytochrome b-c1 complex subunit 2, mitochondrial'
3 polymer 'Cytochrome b'
4 polymer 'Cytochrome c1, heme protein, mitochondrial'
5 polymer 'Cytochrome b-c1 complex subunit Rieske, mitochondrial'
6 polymer 'Cytochrome b-c1 complex subunit 7'
7 polymer 'Cytochrome b-c1 complex subunit 8'
8 polymer 'Cytochrome b-c1 complex subunit 6, mitochondrial'
9 polymer 'Ubiquinol-cytochrome c reductase complex 7.2 kDa protein'
10 polymer 'Cytochrome b-c1 complex subunit 10'
11 non-polymer CARDIOLIPIN
12 non-polymer 1,2-Distearoyl-sn-glycerophosphoethanolamine
13 non-polymer 'PROTOPORPHYRIN IX CONTAINING FE'
14 non-polymer UBIQUINONE-10
15 non-polymer 'HEME C'
16 non-polymer 'FE2/S2 (INORGANIC) CLUSTER'
17 non-polymer 1,2-DIACYL-SN-GLYCERO-3-PHOSPHOCHOLINE
#
loop_
_entity_poly.entity_id
_entity_poly.type
_entity_poly.pdbx_seq_one_letter_code
_entity_poly.pdbx_strand_id
1 'polypeptide(L)'
;MAASAVCRVAGTGSRVLLRTCRSPALLRSPALRGTATYAQALQSVPETQVSQLDNGLRVASEQSSQPTCTVGVWIDAGSR
YENEKNNGAGYFVEHLAFKGTKNRPGSALEKEVESMGAHLNAYSTREHTAYYIKALSKDLPKAVELLADIVQNCSLEDSQ
IEKERDVILQELQENDSSMRDVVFDYLHATAFQGTPLAQSVEGPSENVRKLSRADLTEYVSQHYKAPRMVLAAAGGVEHR
QLLDLAQKHFSSLSGTYVEDAVPAFTPCRFTGSEIRHRDDALPLAHVAIAVEGPGWANPDNVPLQVANAIIGHYDSTYGG
GTHMSSTLASVAATRKLCQSFQTFNICYAETGLLGAHFVCDNMSIDDMMFFLQGQWMRLCTSATESEVVRGKNILRNALV
SHLDGTTPVCEDIGRSLLTYGRRIPLAEWESRIAEVDASVVREVCSKYFYDQCPAVAGLGPIEQLPDYNRIRSGMFWLRF
;
3A,3N
2 'polypeptide(L)'
;MKLITRAGSFSRFYSLKVAPKALASAAPAGVPLQPQDLEFTRLPNGLVIASLENYAPASRIGLFIKAGSRYEDSNNLGTS
HLLRLASSLTTKGASSFKITRGIEAVGGKLSVTSTRESMAYTVECLRDDIEILMEFLLNVTAAPEFRRWEVAALQSQLRI
DKAVAFQNPQAQVLENLHAAAYRNALANSLYCPDYRIGKVTPDQLHYYVQNHFTSARMALIGLGVSHPVLKQVAERFLNM
RGGLGLSGAKAKYRGGEIRDQNGDSLVHAALVAESAATGSAEANAFSVLQHVLGAGPHVKRGSNATSSLYQAVAKGVHQP
FDVSAFNASYSDSGLFGIYTISQAASAGDVIKSAYDQVKTIAQGNLSNTDVQAAKNKLKAGYLMSVESSEGFLDEVGSQA
LVAGSYVQPSTVLQQIDSVADADVINAAKKFVSGRKSMAASGNLGHTPFVDEL
;
3B,3O
3 'polypeptide(L)'
;MTNIRKSHPLMKIINNAFIDLPAPSNISSWWNFGSLLGICLILQILTGLFLAMHYTSDTTTAFSSVTHICRDVNYGWVIR
YLHANGASMFFICLFIHVGRGLYYGSYMFLETWNIGVVLLFTVMATAFMGYVLPWGQMSFWGATVITNLLSAIPYIGTDL
VEWIWGGFSVDKATLTRFFAFHFILPFIITALAAVHLLFLHETGSNNPTGISSDMDKIPFHPYYTIKDILGALFMMLILL
ILVLFSPDLLGDPDNYTPANPLNTPPHIKPEWYFLFAYAILRSIPNKLGGVLALVASILILILMPMLHTSKQRSMMFRPL
SQCLFWMLVADLITLTWIGGQPVEHPFIIIGQLASILYFLIILVLMPITSIIENNLLKW
;
3C,3P
4 'polypeptide(L)'
;MSAAAAASLRGAVLGPRGAGLPGARARGLLCGPRPGQLPLRTPQALSLSSKSGLSRGRKVILSALGMLAAGGAGLAVALH
SAVSATDLELHAPSYPWSHRGLLSSLDHTSIRRGFQVYKQVCSSCHSMDYVAYRHLVGVCYTEEEAKALAEEVEVQDGPN
EDGEMFMRPGKLSDYFPKPYPNPEAARAANNGALPPDLSYIVRARHGGEDYVFSLLTGYCEPPTGVSLREGLYFNPYFPG
QAIAMAPPIYNEVLEFDDGTPATMSQVAKDVCTFLRWASEPEHDHRKRMGLKMLMMMGLLLPLVYAMKRHKWSVLKSRKL
AYRPP
;
3D,3Q
5 'polypeptide(L)'
;MLSVASRSGPFAPVLSATSRGVAGALRPLVQAALPATSESPVLDAKRSFLCRESLSGQAAGRPLVASVGLNVPASVRYSH
TDIRVPDFSDYRRAEVLDSTKSSKESSDARKGFSYLITATTTVGVAYAAKNAVSQFVSSMSASADVLAMSKIEIKLSDIP
EGKNMAFKWRGKPLFVRHRTKKEIDQEAAVEVSQLRDPQHDLERVKKPEWVILIGVCTHLGCVPIANAGDFGGYYCPCHG
SHYDASGRIRKGPAPLNLEVPTYEFTSDDLVIVG
;
3E,3I,3R,3V
6 'polypeptide(L)'
;MASRPAVAASSKWLEGIRKWYYNAAGFNKLGLMRDDTIYEDDDVKEAIRRLPENLYNDRVFRIKRALDLTMRQQILPKEQ
WTKYEEDKFYLEPYLKEVIRERKEREEWAKK
;
3F,3S
7 'polypeptide(L)'
;MGREFGHLTRMRHVITYSLSPFEQRAFPHYFTKGIPNVLRRTRACILRVAPPFVVFYLVYTWGTQEFEKSKRKNPAAYEN
DK
;
3G,3T
8 'polypeptide(L)'
;MGLEDEQRMLTGSGDPKEEEEEEEELVDPLTTVREQCEQIEKCIKARERLELCDQRVSSRSQTEEDCTEELFDFLHARDH
CVAHKLFNSLK
;
3H,3U
9 'polypeptide(L)' MAAPTLTARLYSLLFRRTSTFALTIAVGALFFERAFDQGADAIYEHINQGKLWKHIKHKYENKE 3J,3W
10 'polypeptide(L)' MLSRFLGPRYRELARNWIPTASMWGAVGAVGLVWATDWRLILDWVPYINGKFKKED 3X,3Y
#
loop_
_chem_comp.id
_chem_comp.type
_chem_comp.name
_chem_comp.formula
3PE non-polymer 1,2-Distearoyl-sn-glycerophosphoethanolamine 'C41 H82 N O8 P'
CDL non-polymer CARDIOLIPIN 'C81 H156 O17 P2 -2'
FES non-polymer 'FE2/S2 (INORGANIC) CLUSTER' 'Fe2 S2'
HEC non-polymer 'HEME C' 'C34 H34 Fe N4 O4'
HEM non-polymer 'PROTOPORPHYRIN IX CONTAINING FE' 'C34 H32 Fe N4 O4'
PC1 non-polymer 1,2-DIACYL-SN-GLYCERO-3-PHOSPHOCHOLINE 'C44 H88 N O8 P'
U10 non-polymer UBIQUINONE-10 'C59 H90 O4'
#
# COMPACT_ATOMS: atom_id res chain seq x y z
N ALA A 36 5.45 -64.78 -2.61
CA ALA A 36 4.69 -63.58 -2.96
C ALA A 36 5.43 -62.32 -2.55
N THR A 37 6.52 -62.02 -3.27
CA THR A 37 7.34 -60.86 -2.97
C THR A 37 7.40 -59.91 -4.16
N TYR A 38 6.24 -59.60 -4.75
CA TYR A 38 6.12 -58.66 -5.88
C TYR A 38 6.82 -59.21 -7.12
N ALA A 39 8.13 -59.41 -7.05
CA ALA A 39 8.87 -59.92 -8.20
C ALA A 39 8.35 -61.28 -8.64
N GLN A 40 8.07 -62.16 -7.69
CA GLN A 40 7.45 -63.44 -8.03
C GLN A 40 6.08 -63.22 -8.65
N ALA A 41 5.29 -62.30 -8.08
CA ALA A 41 3.99 -61.98 -8.67
C ALA A 41 4.15 -61.37 -10.05
N LEU A 42 5.17 -60.51 -10.23
CA LEU A 42 5.39 -59.90 -11.53
C LEU A 42 5.73 -60.94 -12.59
N GLN A 43 6.56 -61.93 -12.23
CA GLN A 43 6.86 -63.01 -13.17
C GLN A 43 5.74 -64.05 -13.25
N SER A 44 4.76 -64.00 -12.36
CA SER A 44 3.61 -64.88 -12.42
C SER A 44 2.50 -64.36 -13.32
N VAL A 45 2.62 -63.14 -13.84
CA VAL A 45 1.61 -62.61 -14.76
C VAL A 45 1.68 -63.40 -16.07
N PRO A 46 0.55 -63.93 -16.56
CA PRO A 46 0.59 -64.66 -17.83
C PRO A 46 1.04 -63.77 -18.98
N GLU A 47 1.84 -64.34 -19.88
CA GLU A 47 2.37 -63.59 -21.00
C GLU A 47 1.33 -63.47 -22.11
N THR A 48 1.52 -62.48 -22.96
CA THR A 48 0.60 -62.20 -24.07
C THR A 48 1.26 -62.69 -25.35
N GLN A 49 0.89 -63.91 -25.76
CA GLN A 49 1.41 -64.46 -27.00
C GLN A 49 0.94 -63.63 -28.18
N VAL A 50 1.80 -63.52 -29.20
CA VAL A 50 1.52 -62.71 -30.37
C VAL A 50 1.72 -63.55 -31.61
N SER A 51 0.73 -63.57 -32.50
CA SER A 51 0.82 -64.20 -33.80
C SER A 51 0.52 -63.19 -34.89
N GLN A 52 0.78 -63.58 -36.13
CA GLN A 52 0.64 -62.66 -37.25
C GLN A 52 0.12 -63.44 -38.46
N LEU A 53 -1.07 -63.06 -38.93
CA LEU A 53 -1.62 -63.68 -40.12
C LEU A 53 -0.88 -63.19 -41.37
N ASP A 54 -1.20 -63.83 -42.50
CA ASP A 54 -0.58 -63.44 -43.76
C ASP A 54 -1.00 -62.02 -44.16
N ASN A 55 -2.25 -61.65 -43.87
CA ASN A 55 -2.73 -60.31 -44.23
C ASN A 55 -1.98 -59.23 -43.49
N GLY A 56 -1.43 -59.54 -42.31
CA GLY A 56 -0.74 -58.56 -41.49
C GLY A 56 -1.45 -58.25 -40.18
N LEU A 57 -2.67 -58.74 -39.98
CA LEU A 57 -3.36 -58.57 -38.70
C LEU A 57 -2.57 -59.22 -37.59
N ARG A 58 -2.28 -58.45 -36.53
CA ARG A 58 -1.50 -58.96 -35.41
C ARG A 58 -2.45 -59.43 -34.32
N VAL A 59 -2.54 -60.75 -34.16
CA VAL A 59 -3.46 -61.32 -33.19
C VAL A 59 -2.75 -61.54 -31.87
N ALA A 60 -3.36 -61.12 -30.76
CA ALA A 60 -2.76 -61.24 -29.45
C ALA A 60 -3.81 -61.58 -28.41
N SER A 61 -3.43 -62.43 -27.46
CA SER A 61 -4.33 -62.90 -26.42
C SER A 61 -3.59 -63.04 -25.11
N GLU A 62 -4.33 -63.00 -24.01
CA GLU A 62 -3.78 -63.18 -22.66
C GLU A 62 -4.85 -63.83 -21.79
N GLN A 63 -4.78 -65.15 -21.67
CA GLN A 63 -5.73 -65.91 -20.86
C GLN A 63 -5.19 -66.06 -19.44
N SER A 64 -5.97 -65.65 -18.44
CA SER A 64 -5.59 -65.92 -17.06
C SER A 64 -6.59 -66.82 -16.34
N SER A 65 -7.81 -66.35 -16.05
CA SER A 65 -8.80 -67.23 -15.46
C SER A 65 -10.23 -66.91 -15.90
N GLN A 66 -10.48 -65.67 -16.28
CA GLN A 66 -11.82 -65.11 -16.19
C GLN A 66 -12.78 -65.75 -17.20
N PRO A 67 -14.06 -65.87 -16.83
CA PRO A 67 -15.09 -66.27 -17.80
C PRO A 67 -15.56 -65.13 -18.70
N THR A 68 -15.08 -63.92 -18.48
CA THR A 68 -15.40 -62.78 -19.32
C THR A 68 -14.16 -62.38 -20.12
N CYS A 69 -14.41 -61.81 -21.30
CA CYS A 69 -13.34 -61.47 -22.23
C CYS A 69 -13.63 -60.11 -22.84
N THR A 70 -12.56 -59.44 -23.28
CA THR A 70 -12.68 -58.19 -24.02
C THR A 70 -11.89 -58.38 -25.30
N VAL A 71 -12.58 -58.42 -26.43
CA VAL A 71 -11.96 -58.61 -27.73
C VAL A 71 -12.15 -57.35 -28.56
N GLY A 72 -11.07 -56.84 -29.12
CA GLY A 72 -11.11 -55.56 -29.78
C GLY A 72 -10.16 -55.47 -30.94
N VAL A 73 -10.57 -54.75 -31.97
CA VAL A 73 -9.75 -54.46 -33.13
C VAL A 73 -9.22 -53.04 -32.96
N TRP A 74 -7.90 -52.91 -32.99
CA TRP A 74 -7.23 -51.62 -32.89
C TRP A 74 -6.68 -51.24 -34.26
N ILE A 75 -7.15 -50.12 -34.79
CA ILE A 75 -6.66 -49.58 -36.05
C ILE A 75 -5.66 -48.47 -35.77
N ASP A 76 -4.69 -48.33 -36.69
CA ASP A 76 -3.69 -47.27 -36.63
C ASP A 76 -4.18 -45.99 -37.32
N ALA A 77 -5.49 -45.81 -37.42
CA ALA A 77 -6.08 -44.64 -38.03
C ALA A 77 -6.47 -43.63 -36.97
N GLY A 78 -6.68 -42.39 -37.41
CA GLY A 78 -7.02 -41.33 -36.50
C GLY A 78 -6.86 -39.98 -37.17
N SER A 79 -7.07 -38.93 -36.37
CA SER A 79 -7.01 -37.57 -36.89
C SER A 79 -5.62 -37.17 -37.34
N ARG A 80 -4.58 -37.87 -36.89
CA ARG A 80 -3.22 -37.55 -37.31
C ARG A 80 -3.01 -37.84 -38.79
N TYR A 81 -3.77 -38.77 -39.35
CA TYR A 81 -3.59 -39.18 -40.74
C TYR A 81 -4.49 -38.42 -41.70
N GLU A 82 -5.65 -37.95 -41.26
CA GLU A 82 -6.56 -37.23 -42.14
C GLU A 82 -5.97 -35.87 -42.50
N ASN A 83 -6.20 -35.46 -43.75
CA ASN A 83 -5.72 -34.16 -44.22
C ASN A 83 -6.72 -33.08 -43.81
N GLU A 84 -6.57 -31.87 -44.35
CA GLU A 84 -7.45 -30.77 -43.98
C GLU A 84 -8.89 -31.04 -44.39
N LYS A 85 -9.10 -31.78 -45.48
CA LYS A 85 -10.46 -32.08 -45.94
C LYS A 85 -11.04 -33.33 -45.27
N ASN A 86 -10.19 -34.31 -44.96
CA ASN A 86 -10.66 -35.53 -44.33
C ASN A 86 -10.75 -35.42 -42.82
N ASN A 87 -10.43 -34.27 -42.24
CA ASN A 87 -10.47 -34.11 -40.79
C ASN A 87 -11.88 -34.37 -40.27
N GLY A 88 -11.99 -35.32 -39.34
CA GLY A 88 -13.27 -35.74 -38.81
C GLY A 88 -13.85 -36.97 -39.47
N ALA A 89 -13.22 -37.48 -40.53
CA ALA A 89 -13.75 -38.66 -41.19
C ALA A 89 -13.67 -39.89 -40.27
N GLY A 90 -12.60 -39.99 -39.49
CA GLY A 90 -12.48 -41.10 -38.55
C GLY A 90 -13.60 -41.11 -37.53
N TYR A 91 -13.94 -39.94 -36.99
CA TYR A 91 -15.04 -39.83 -36.05
C TYR A 91 -16.36 -40.27 -36.69
N PHE A 92 -16.60 -39.82 -37.93
CA PHE A 92 -17.83 -40.18 -38.61
C PHE A 92 -17.92 -41.67 -38.88
N VAL A 93 -16.79 -42.26 -39.29
CA VAL A 93 -16.75 -43.71 -39.53
C VAL A 93 -17.01 -44.48 -38.24
N GLU A 94 -16.41 -44.03 -37.14
CA GLU A 94 -16.66 -44.67 -35.86
C GLU A 94 -18.13 -44.56 -35.47
N HIS A 95 -18.74 -43.40 -35.72
CA HIS A 95 -20.15 -43.22 -35.41
C HIS A 95 -21.02 -44.18 -36.23
N LEU A 96 -20.74 -44.32 -37.52
CA LEU A 96 -21.57 -45.16 -38.37
C LEU A 96 -21.21 -46.64 -38.29
N ALA A 97 -20.12 -47.00 -37.62
CA ALA A 97 -19.71 -48.40 -37.58
C ALA A 97 -20.77 -49.28 -36.95
N PHE A 98 -21.34 -48.85 -35.82
CA PHE A 98 -22.24 -49.72 -35.07
C PHE A 98 -23.68 -49.64 -35.57
N LYS A 99 -24.03 -48.57 -36.30
CA LYS A 99 -25.42 -48.37 -36.69
C LYS A 99 -25.90 -49.48 -37.62
N GLY A 100 -25.08 -49.85 -38.61
CA GLY A 100 -25.47 -50.87 -39.56
C GLY A 100 -24.27 -51.46 -40.26
N THR A 101 -24.40 -52.72 -40.67
CA THR A 101 -23.40 -53.43 -41.45
C THR A 101 -24.04 -53.96 -42.72
N LYS A 102 -23.27 -54.76 -43.46
CA LYS A 102 -23.79 -55.39 -44.67
C LYS A 102 -24.53 -56.68 -44.34
N ASN A 103 -23.84 -57.61 -43.68
CA ASN A 103 -24.48 -58.87 -43.30
C ASN A 103 -25.61 -58.65 -42.31
N ARG A 104 -25.40 -57.78 -41.32
CA ARG A 104 -26.44 -57.46 -40.36
C ARG A 104 -27.03 -56.11 -40.69
N PRO A 105 -28.27 -56.03 -41.18
CA PRO A 105 -28.85 -54.75 -41.59
C PRO A 105 -29.27 -53.91 -40.40
N GLY A 106 -28.49 -52.87 -40.12
CA GLY A 106 -28.90 -51.88 -39.14
C GLY A 106 -29.01 -52.41 -37.74
N SER A 107 -30.13 -52.10 -37.09
CA SER A 107 -30.29 -52.33 -35.66
C SER A 107 -30.13 -53.79 -35.27
N ALA A 108 -30.30 -54.70 -36.22
CA ALA A 108 -30.10 -56.12 -35.93
C ALA A 108 -28.73 -56.35 -35.28
N LEU A 109 -27.70 -55.63 -35.74
CA LEU A 109 -26.39 -55.76 -35.12
C LEU A 109 -26.47 -55.52 -33.62
N GLU A 110 -27.08 -54.40 -33.21
CA GLU A 110 -27.22 -54.12 -31.79
C GLU A 110 -27.92 -55.27 -31.08
N LYS A 111 -28.94 -55.85 -31.72
CA LYS A 111 -29.64 -56.98 -31.13
C LYS A 111 -28.66 -58.07 -30.74
N GLU A 112 -27.80 -58.48 -31.68
CA GLU A 112 -26.86 -59.56 -31.40
C GLU A 112 -25.93 -59.19 -30.25
N VAL A 113 -25.62 -57.91 -30.10
CA VAL A 113 -24.77 -57.50 -28.99
C VAL A 113 -25.56 -57.53 -27.69
N GLU A 114 -26.82 -57.09 -27.73
CA GLU A 114 -27.60 -57.00 -26.51
C GLU A 114 -28.15 -58.36 -26.08
N SER A 115 -28.48 -59.22 -27.05
CA SER A 115 -29.11 -60.50 -26.73
C SER A 115 -28.19 -61.39 -25.91
N MET A 116 -26.88 -61.30 -26.13
CA MET A 116 -25.92 -62.12 -25.40
C MET A 116 -25.23 -61.36 -24.28
N GLY A 117 -25.66 -60.14 -23.99
CA GLY A 117 -25.14 -59.40 -22.87
C GLY A 117 -23.83 -58.68 -23.10
N ALA A 118 -23.30 -58.72 -24.32
CA ALA A 118 -22.04 -58.05 -24.61
C ALA A 118 -22.21 -56.53 -24.61
N HIS A 119 -21.13 -55.85 -24.24
CA HIS A 119 -21.08 -54.38 -24.25
C HIS A 119 -20.12 -53.95 -25.33
N LEU A 120 -20.63 -53.24 -26.33
CA LEU A 120 -19.85 -52.76 -27.46
C LEU A 120 -19.41 -51.32 -27.19
N ASN A 121 -18.14 -51.02 -27.50
CA ASN A 121 -17.62 -49.69 -27.29
C ASN A 121 -16.57 -49.40 -28.35
N ALA A 122 -16.33 -48.11 -28.57
CA ALA A 122 -15.32 -47.67 -29.52
C ALA A 122 -14.74 -46.35 -29.05
N TYR A 123 -13.45 -46.17 -29.28
CA TYR A 123 -12.80 -44.90 -28.99
C TYR A 123 -11.77 -44.60 -30.06
N SER A 124 -11.74 -43.34 -30.49
CA SER A 124 -10.84 -42.91 -31.56
C SER A 124 -10.07 -41.69 -31.07
N THR A 125 -8.83 -41.90 -30.64
CA THR A 125 -7.96 -40.81 -30.26
C THR A 125 -7.33 -40.23 -31.54
N ARG A 126 -6.31 -39.38 -31.37
CA ARG A 126 -5.73 -38.71 -32.52
C ARG A 126 -4.98 -39.66 -33.44
N GLU A 127 -4.32 -40.68 -32.88
CA GLU A 127 -3.52 -41.59 -33.69
C GLU A 127 -3.96 -43.04 -33.62
N HIS A 128 -5.00 -43.37 -32.85
CA HIS A 128 -5.47 -44.74 -32.76
C HIS A 128 -6.99 -44.77 -32.83
N THR A 129 -7.51 -45.90 -33.31
CA THR A 129 -8.93 -46.17 -33.29
C THR A 129 -9.11 -47.56 -32.68
N ALA A 130 -10.24 -47.80 -32.03
CA ALA A 130 -10.44 -49.10 -31.42
C ALA A 130 -11.93 -49.38 -31.30
N TYR A 131 -12.31 -50.60 -31.70
CA TYR A 131 -13.67 -51.11 -31.49
C TYR A 131 -13.53 -52.40 -30.68
N TYR A 132 -14.00 -52.39 -29.44
CA TYR A 132 -13.89 -53.55 -28.58
C TYR A 132 -15.23 -53.91 -27.96
N ILE A 133 -15.51 -55.20 -27.85
CA ILE A 133 -16.69 -55.70 -27.19
C ILE A 133 -16.26 -56.52 -25.98
N LYS A 134 -16.99 -56.37 -24.90
CA LYS A 134 -16.84 -57.19 -23.70
C LYS A 134 -17.95 -58.23 -23.73
N ALA A 135 -17.57 -59.50 -23.67
CA ALA A 135 -18.55 -60.58 -23.75
C ALA A 135 -18.15 -61.70 -22.80
N LEU A 136 -18.90 -62.79 -22.86
CA LEU A 136 -18.55 -63.98 -22.11
C LEU A 136 -17.50 -64.80 -22.86
N SER A 137 -16.82 -65.68 -22.14
CA SER A 137 -15.85 -66.56 -22.77
C SER A 137 -16.51 -67.50 -23.76
N LYS A 138 -17.74 -67.95 -23.45
CA LYS A 138 -18.46 -68.84 -24.35
C LYS A 138 -18.77 -68.14 -25.67
N ASP A 139 -19.12 -66.87 -25.62
CA ASP A 139 -19.54 -66.12 -26.81
C ASP A 139 -18.37 -65.59 -27.62
N LEU A 140 -17.16 -66.07 -27.39
CA LEU A 140 -16.01 -65.63 -28.19
C LEU A 140 -16.16 -65.92 -29.67
N PRO A 141 -16.57 -67.11 -30.12
CA PRO A 141 -16.73 -67.33 -31.57
C PRO A 141 -17.66 -66.33 -32.23
N LYS A 142 -18.76 -65.97 -31.57
CA LYS A 142 -19.62 -64.90 -32.08
C LYS A 142 -18.97 -63.54 -31.91
N ALA A 143 -18.25 -63.33 -30.80
CA ALA A 143 -17.68 -62.03 -30.50
C ALA A 143 -16.78 -61.53 -31.61
N VAL A 144 -15.95 -62.42 -32.16
CA VAL A 144 -15.10 -62.03 -33.28
C VAL A 144 -15.95 -61.69 -34.50
N GLU A 145 -16.96 -62.52 -34.79
CA GLU A 145 -17.71 -62.36 -36.04
C GLU A 145 -18.30 -60.97 -36.15
N LEU A 146 -19.02 -60.52 -35.12
CA LEU A 146 -19.57 -59.17 -35.13
C LEU A 146 -18.47 -58.15 -35.38
N LEU A 147 -17.34 -58.28 -34.69
CA LEU A 147 -16.22 -57.38 -34.93
C LEU A 147 -15.77 -57.45 -36.39
N ALA A 148 -15.65 -58.67 -36.93
CA ALA A 148 -15.26 -58.82 -38.32
C ALA A 148 -16.26 -58.13 -39.25
N ASP A 149 -17.52 -58.07 -38.83
CA ASP A 149 -18.52 -57.38 -39.63
C ASP A 149 -18.33 -55.87 -39.55
N ILE A 150 -17.96 -55.37 -38.38
CA ILE A 150 -17.89 -53.92 -38.17
C ILE A 150 -16.72 -53.32 -38.94
N VAL A 151 -15.54 -53.91 -38.81
CA VAL A 151 -14.34 -53.28 -39.33
C VAL A 151 -14.25 -53.39 -40.85
N GLN A 152 -14.56 -54.58 -41.40
CA GLN A 152 -14.33 -54.80 -42.83
C GLN A 152 -15.46 -54.24 -43.67
N ASN A 153 -16.66 -54.77 -43.51
CA ASN A 153 -17.79 -54.46 -44.38
C ASN A 153 -18.86 -53.73 -43.57
N CYS A 154 -18.74 -52.40 -43.51
CA CYS A 154 -19.75 -51.58 -42.88
C CYS A 154 -20.87 -51.29 -43.89
N SER A 155 -21.85 -50.50 -43.49
CA SER A 155 -22.97 -50.15 -44.38
C SER A 155 -22.78 -48.79 -45.03
N LEU A 156 -22.46 -47.76 -44.23
CA LEU A 156 -22.28 -46.39 -44.73
C LEU A 156 -23.52 -45.92 -45.48
N GLU A 157 -24.69 -46.21 -44.93
CA GLU A 157 -25.94 -45.84 -45.56
C GLU A 157 -26.10 -44.32 -45.58
N ASP A 158 -26.58 -43.78 -46.71
CA ASP A 158 -26.60 -42.33 -46.90
C ASP A 158 -27.50 -41.64 -45.89
N SER A 159 -28.68 -42.20 -45.63
CA SER A 159 -29.57 -41.60 -44.63
C SER A 159 -28.95 -41.64 -43.24
N GLN A 160 -28.25 -42.72 -42.93
CA GLN A 160 -27.53 -42.79 -41.66
C GLN A 160 -26.48 -41.70 -41.58
N ILE A 161 -25.78 -41.44 -42.70
CA ILE A 161 -24.84 -40.32 -42.76
C ILE A 161 -25.56 -39.01 -42.50
N GLU A 162 -26.74 -38.83 -43.10
CA GLU A 162 -27.46 -37.57 -42.97
C GLU A 162 -27.84 -37.30 -41.51
N LYS A 163 -28.35 -38.31 -40.81
CA LYS A 163 -28.70 -38.10 -39.40
C LYS A 163 -27.44 -37.98 -38.54
N GLU A 164 -26.41 -38.77 -38.86
CA GLU A 164 -25.18 -38.72 -38.07
C GLU A 164 -24.49 -37.38 -38.20
N ARG A 165 -24.73 -36.67 -39.31
CA ARG A 165 -24.16 -35.33 -39.45
C ARG A 165 -24.71 -34.38 -38.39
N ASP A 166 -26.03 -34.37 -38.20
CA ASP A 166 -26.61 -33.56 -37.14
C ASP A 166 -26.16 -34.04 -35.77
N VAL A 167 -26.05 -35.36 -35.60
CA VAL A 167 -25.56 -35.89 -34.32
C VAL A 167 -24.16 -35.37 -34.04
N ILE A 168 -23.30 -35.35 -35.06
CA ILE A 168 -21.93 -34.87 -34.87
C ILE A 168 -21.92 -33.38 -34.56
N LEU A 169 -22.78 -32.61 -35.22
CA LEU A 169 -22.83 -31.17 -34.93
C LEU A 169 -23.22 -30.92 -33.48
N GLN A 170 -24.27 -31.59 -33.00
CA GLN A 170 -24.67 -31.42 -31.61
C GLN A 170 -23.58 -31.91 -30.66
N GLU A 171 -22.92 -33.02 -30.99
CA GLU A 171 -21.83 -33.51 -30.16
C GLU A 171 -20.67 -32.52 -30.12
N LEU A 172 -20.41 -31.84 -31.24
CA LEU A 172 -19.40 -30.80 -31.26
C LEU A 172 -19.78 -29.66 -30.34
N GLN A 173 -21.06 -29.30 -30.30
CA GLN A 173 -21.52 -28.32 -29.33
C GLN A 173 -21.27 -28.79 -27.89
N GLU A 174 -21.57 -30.06 -27.61
CA GLU A 174 -21.33 -30.59 -26.27
C GLU A 174 -19.86 -30.50 -25.90
N ASN A 175 -18.99 -30.88 -26.84
CA ASN A 175 -17.55 -30.76 -26.61
C ASN A 175 -17.10 -29.32 -26.45
N ASP A 176 -17.78 -28.38 -27.12
CA ASP A 176 -17.54 -26.97 -26.87
C ASP A 176 -17.84 -26.63 -25.42
N SER A 177 -18.91 -27.19 -24.88
CA SER A 177 -19.18 -27.02 -23.45
C SER A 177 -18.14 -27.71 -22.57
N SER A 178 -17.39 -28.66 -23.12
CA SER A 178 -16.37 -29.37 -22.35
C SER A 178 -15.09 -28.55 -22.28
N MET A 179 -14.89 -27.86 -21.16
CA MET A 179 -13.82 -26.87 -21.08
C MET A 179 -12.45 -27.53 -21.03
N ARG A 180 -12.33 -28.67 -20.35
CA ARG A 180 -11.08 -29.42 -20.32
C ARG A 180 -10.70 -29.88 -21.73
N ASP A 181 -11.65 -30.49 -22.44
CA ASP A 181 -11.38 -30.97 -23.79
C ASP A 181 -11.04 -29.83 -24.72
N VAL A 182 -11.75 -28.70 -24.59
CA VAL A 182 -11.48 -27.54 -25.42
C VAL A 182 -10.06 -27.04 -25.18
N VAL A 183 -9.64 -27.00 -23.91
CA VAL A 183 -8.30 -26.53 -23.58
C VAL A 183 -7.25 -27.47 -24.16
N PHE A 184 -7.47 -28.78 -24.05
CA PHE A 184 -6.51 -29.73 -24.60
C PHE A 184 -6.43 -29.63 -26.12
N ASP A 185 -7.58 -29.44 -26.78
CA ASP A 185 -7.56 -29.24 -28.23
C ASP A 185 -6.84 -27.96 -28.60
N TYR A 186 -7.02 -26.90 -27.82
CA TYR A 186 -6.30 -25.66 -28.06
C TYR A 186 -4.80 -25.87 -27.91
N LEU A 187 -4.39 -26.65 -26.90
CA LEU A 187 -2.99 -26.95 -26.70
C LEU A 187 -2.42 -27.70 -27.90
N HIS A 188 -3.15 -28.69 -28.40
CA HIS A 188 -2.69 -29.42 -29.58
C HIS A 188 -2.60 -28.51 -30.79
N ALA A 189 -3.57 -27.60 -30.94
CA ALA A 189 -3.55 -26.68 -32.07
C ALA A 189 -2.34 -25.74 -32.01
N THR A 190 -2.06 -25.20 -30.82
CA THR A 190 -0.99 -24.22 -30.71
C THR A 190 0.39 -24.84 -30.59
N ALA A 191 0.49 -26.13 -30.29
CA ALA A 191 1.77 -26.80 -30.17
C ALA A 191 2.20 -27.45 -31.48
N PHE A 192 1.28 -28.10 -32.18
CA PHE A 192 1.54 -28.73 -33.47
C PHE A 192 1.05 -27.88 -34.63
N GLN A 193 1.18 -26.57 -34.51
CA GLN A 193 0.71 -25.66 -35.55
C GLN A 193 1.30 -26.00 -36.90
N GLY A 194 0.43 -26.03 -37.92
CA GLY A 194 0.86 -26.33 -39.27
C GLY A 194 1.16 -27.80 -39.54
N THR A 195 0.65 -28.70 -38.71
CA THR A 195 0.85 -30.13 -38.87
C THR A 195 -0.47 -30.85 -38.69
N PRO A 196 -0.60 -32.06 -39.24
CA PRO A 196 -1.84 -32.82 -39.04
C PRO A 196 -2.14 -33.13 -37.58
N LEU A 197 -1.12 -33.13 -36.72
CA LEU A 197 -1.34 -33.43 -35.31
C LEU A 197 -2.21 -32.37 -34.64
N ALA A 198 -2.15 -31.13 -35.10
CA ALA A 198 -2.96 -30.07 -34.49
C ALA A 198 -4.44 -30.27 -34.76
N GLN A 199 -4.78 -31.07 -35.77
CA GLN A 199 -6.19 -31.28 -36.12
C GLN A 199 -6.91 -31.99 -34.99
N SER A 200 -8.12 -31.51 -34.67
CA SER A 200 -8.94 -32.16 -33.67
C SER A 200 -9.51 -33.47 -34.21
N VAL A 201 -9.85 -34.37 -33.28
CA VAL A 201 -10.37 -35.67 -33.68
C VAL A 201 -11.71 -35.52 -34.39
N GLU A 202 -12.61 -34.70 -33.84
CA GLU A 202 -13.93 -34.53 -34.43
C GLU A 202 -13.87 -33.78 -35.75
N GLY A 203 -12.87 -32.94 -35.96
CA GLY A 203 -12.76 -32.16 -37.17
C GLY A 203 -13.56 -30.87 -37.08
N PRO A 204 -13.26 -29.92 -37.97
CA PRO A 204 -14.02 -28.66 -37.97
C PRO A 204 -15.47 -28.90 -38.33
N SER A 205 -16.35 -28.04 -37.79
CA SER A 205 -17.77 -28.18 -38.04
C SER A 205 -18.11 -27.99 -39.52
N GLU A 206 -17.35 -27.14 -40.22
CA GLU A 206 -17.57 -26.96 -41.65
C GLU A 206 -17.31 -28.25 -42.41
N ASN A 207 -16.26 -28.97 -42.04
CA ASN A 207 -15.96 -30.24 -42.70
C ASN A 207 -17.09 -31.23 -42.51
N VAL A 208 -17.62 -31.32 -41.29
CA VAL A 208 -18.64 -32.32 -40.97
C VAL A 208 -19.82 -32.22 -41.93
N ARG A 209 -20.15 -30.99 -42.34
CA ARG A 209 -21.27 -30.80 -43.26
C ARG A 209 -21.02 -31.49 -44.59
N LYS A 210 -19.88 -31.22 -45.23
CA LYS A 210 -19.65 -31.80 -46.55
C LYS A 210 -19.54 -33.33 -46.49
N LEU A 211 -18.40 -33.84 -46.01
CA LEU A 211 -18.20 -35.24 -45.64
C LEU A 211 -19.00 -36.24 -46.45
N SER A 212 -18.83 -36.24 -47.77
CA SER A 212 -19.60 -37.13 -48.63
C SER A 212 -19.25 -38.59 -48.34
N ARG A 213 -20.16 -39.47 -48.75
CA ARG A 213 -19.97 -40.91 -48.51
C ARG A 213 -18.72 -41.43 -49.23
N ALA A 214 -18.37 -40.83 -50.37
CA ALA A 214 -17.17 -41.24 -51.08
C ALA A 214 -15.93 -41.01 -50.23
N ASP A 215 -15.87 -39.89 -49.51
CA ASP A 215 -14.74 -39.63 -48.64
C ASP A 215 -14.64 -40.67 -47.53
N LEU A 216 -15.77 -41.04 -46.93
CA LEU A 216 -15.76 -42.07 -45.90
C LEU A 216 -15.30 -43.41 -46.45
N THR A 217 -15.78 -43.77 -47.64
CA THR A 217 -15.36 -45.03 -48.24
C THR A 217 -13.86 -45.03 -48.54
N GLU A 218 -13.34 -43.93 -49.07
CA GLU A 218 -11.92 -43.83 -49.34
C GLU A 218 -11.10 -43.91 -48.06
N TYR A 219 -11.55 -43.22 -47.01
CA TYR A 219 -10.82 -43.24 -45.75
C TYR A 219 -10.80 -44.65 -45.16
N VAL A 220 -11.92 -45.36 -45.22
CA VAL A 220 -11.94 -46.75 -44.78
C VAL A 220 -11.00 -47.58 -45.62
N SER A 221 -10.97 -47.34 -46.94
CA SER A 221 -10.12 -48.14 -47.81
C SER A 221 -8.64 -47.96 -47.50
N GLN A 222 -8.18 -46.72 -47.31
CA GLN A 222 -6.75 -46.49 -47.14
C GLN A 222 -6.34 -46.27 -45.69
N HIS A 223 -7.23 -46.50 -44.73
CA HIS A 223 -6.85 -46.44 -43.33
C HIS A 223 -7.30 -47.62 -42.51
N TYR A 224 -8.04 -48.57 -43.09
CA TYR A 224 -8.48 -49.76 -42.39
C TYR A 224 -7.91 -50.99 -43.09
N LYS A 225 -6.61 -50.97 -43.38
CA LYS A 225 -5.93 -52.09 -44.01
C LYS A 225 -5.45 -53.07 -42.95
N ALA A 226 -5.23 -54.31 -43.39
CA ALA A 226 -4.87 -55.39 -42.47
C ALA A 226 -3.59 -55.15 -41.69
N PRO A 227 -2.47 -54.71 -42.30
CA PRO A 227 -1.24 -54.56 -41.51
C PRO A 227 -1.39 -53.61 -40.33
N ARG A 228 -2.23 -52.59 -40.45
CA ARG A 228 -2.45 -51.65 -39.36
C ARG A 228 -3.67 -52.06 -38.52
N MET A 229 -3.66 -53.33 -38.11
CA MET A 229 -4.71 -53.86 -37.24
C MET A 229 -4.11 -54.80 -36.20
N VAL A 230 -4.56 -54.60 -34.96
CA VAL A 230 -4.20 -55.50 -33.87
C VAL A 230 -5.49 -56.06 -33.28
N LEU A 231 -5.65 -57.37 -33.35
CA LEU A 231 -6.79 -58.05 -32.73
C LEU A 231 -6.38 -58.51 -31.33
N ALA A 232 -6.67 -57.66 -30.36
CA ALA A 232 -6.33 -57.96 -28.98
C ALA A 232 -7.51 -58.64 -28.29
N ALA A 233 -7.21 -59.57 -27.39
CA ALA A 233 -8.28 -60.23 -26.64
C ALA A 233 -7.77 -60.59 -25.26
N ALA A 234 -8.34 -59.98 -24.24
CA ALA A 234 -7.97 -60.27 -22.86
C ALA A 234 -8.96 -61.28 -22.27
N GLY A 235 -8.84 -61.53 -20.97
CA GLY A 235 -9.76 -62.43 -20.32
C GLY A 235 -9.55 -63.88 -20.71
N GLY A 236 -10.61 -64.66 -20.63
CA GLY A 236 -10.53 -66.09 -20.89
C GLY A 236 -10.63 -66.46 -22.36
N VAL A 237 -9.63 -66.08 -23.15
CA VAL A 237 -9.54 -66.44 -24.55
C VAL A 237 -8.28 -67.25 -24.78
N GLU A 238 -8.41 -68.36 -25.51
CA GLU A 238 -7.26 -69.18 -25.86
C GLU A 238 -6.66 -68.64 -27.15
N HIS A 239 -5.33 -68.46 -27.16
CA HIS A 239 -4.67 -67.87 -28.32
C HIS A 239 -4.88 -68.73 -29.56
N ARG A 240 -4.90 -70.05 -29.41
CA ARG A 240 -5.17 -70.91 -30.55
C ARG A 240 -6.57 -70.68 -31.10
N GLN A 241 -7.56 -70.61 -30.22
CA GLN A 241 -8.93 -70.34 -30.65
C GLN A 241 -9.03 -68.96 -31.30
N LEU A 242 -8.35 -67.97 -30.72
CA LEU A 242 -8.34 -66.64 -31.31
C LEU A 242 -7.73 -66.65 -32.71
N LEU A 243 -6.64 -67.39 -32.88
CA LEU A 243 -6.02 -67.49 -34.19
C LEU A 243 -6.96 -68.15 -35.20
N ASP A 244 -7.64 -69.22 -34.78
CA ASP A 244 -8.57 -69.88 -35.69
C ASP A 244 -9.68 -68.93 -36.12
N LEU A 245 -10.29 -68.24 -35.16
CA LEU A 245 -11.39 -67.33 -35.49
C LEU A 245 -10.91 -66.17 -36.35
N ALA A 246 -9.75 -65.60 -36.03
CA ALA A 246 -9.22 -64.49 -36.81
C ALA A 246 -8.90 -64.92 -38.24
N GLN A 247 -8.31 -66.10 -38.41
CA GLN A 247 -8.03 -66.60 -39.75
C GLN A 247 -9.32 -66.85 -40.52
N LYS A 248 -10.33 -67.40 -39.86
CA LYS A 248 -11.57 -67.73 -40.54
C LYS A 248 -12.42 -66.49 -40.86
N HIS A 249 -12.26 -65.41 -40.09
CA HIS A 249 -13.11 -64.24 -40.26
C HIS A 249 -12.42 -63.00 -40.80
N PHE A 250 -11.10 -63.02 -40.99
CA PHE A 250 -10.36 -61.84 -41.43
C PHE A 250 -9.46 -62.12 -42.62
N SER A 251 -9.53 -63.32 -43.20
CA SER A 251 -8.64 -63.65 -44.31
C SER A 251 -8.97 -62.84 -45.56
N SER A 252 -10.25 -62.52 -45.76
CA SER A 252 -10.66 -61.82 -46.97
C SER A 252 -10.13 -60.39 -47.00
N LEU A 253 -9.62 -59.90 -45.88
CA LEU A 253 -9.08 -58.54 -45.82
C LEU A 253 -7.85 -58.43 -46.72
N SER A 254 -7.50 -57.19 -47.07
CA SER A 254 -6.38 -56.93 -47.96
C SER A 254 -5.10 -57.56 -47.43
N GLY A 255 -4.50 -58.42 -48.24
CA GLY A 255 -3.35 -59.21 -47.81
C GLY A 255 -2.07 -58.40 -47.75
N THR A 256 -0.96 -59.13 -47.62
CA THR A 256 0.37 -58.56 -47.50
C THR A 256 0.48 -57.58 -46.34
N VAL A 262 2.79 -44.27 -50.20
CA VAL A 262 1.74 -44.44 -49.20
C VAL A 262 2.00 -43.52 -48.02
N PRO A 263 1.00 -42.68 -47.69
CA PRO A 263 1.14 -41.79 -46.54
C PRO A 263 1.18 -42.56 -45.22
N ALA A 264 2.34 -42.52 -44.55
CA ALA A 264 2.55 -43.20 -43.28
C ALA A 264 3.04 -42.21 -42.24
N PHE A 265 2.35 -41.07 -42.16
CA PHE A 265 2.59 -39.97 -41.22
C PHE A 265 3.98 -39.35 -41.42
N THR A 266 4.13 -38.11 -40.98
CA THR A 266 5.38 -37.39 -41.11
C THR A 266 5.76 -36.76 -39.78
N PRO A 267 7.06 -36.62 -39.49
CA PRO A 267 7.47 -36.01 -38.22
C PRO A 267 6.92 -34.59 -38.04
N CYS A 268 6.08 -34.41 -37.04
CA CYS A 268 5.51 -33.10 -36.77
C CYS A 268 6.52 -32.23 -36.02
N ARG A 269 6.20 -30.94 -35.94
CA ARG A 269 7.09 -29.95 -35.33
C ARG A 269 6.43 -29.31 -34.13
N PHE A 270 7.24 -28.93 -33.15
CA PHE A 270 6.77 -28.20 -31.99
C PHE A 270 6.94 -26.71 -32.23
N THR A 271 5.85 -25.96 -32.01
CA THR A 271 5.83 -24.51 -32.21
C THR A 271 5.40 -23.89 -30.90
N GLY A 272 6.36 -23.62 -30.02
CA GLY A 272 6.06 -23.02 -28.73
C GLY A 272 5.30 -21.72 -28.87
N SER A 273 4.03 -21.74 -28.47
CA SER A 273 3.15 -20.59 -28.64
C SER A 273 2.14 -20.61 -27.51
N GLU A 274 1.08 -19.81 -27.65
CA GLU A 274 -0.02 -19.89 -26.71
C GLU A 274 -1.29 -19.36 -27.37
N ILE A 275 -2.41 -19.97 -27.04
CA ILE A 275 -3.73 -19.53 -27.45
C ILE A 275 -4.50 -19.15 -26.20
N ARG A 276 -4.95 -17.90 -26.14
CA ARG A 276 -5.69 -17.39 -24.99
C ARG A 276 -7.10 -17.04 -25.43
N HIS A 277 -8.09 -17.74 -24.90
CA HIS A 277 -9.50 -17.47 -25.18
C HIS A 277 -10.08 -16.77 -23.95
N ARG A 278 -9.93 -15.45 -23.91
CA ARG A 278 -10.43 -14.67 -22.77
C ARG A 278 -11.95 -14.67 -22.81
N ASP A 279 -12.55 -15.48 -21.95
CA ASP A 279 -14.00 -15.57 -21.79
C ASP A 279 -14.30 -15.39 -20.31
N ASP A 280 -14.47 -14.14 -19.89
CA ASP A 280 -14.52 -13.83 -18.46
C ASP A 280 -15.79 -14.36 -17.80
N ALA A 281 -16.85 -14.57 -18.57
CA ALA A 281 -18.08 -15.10 -17.99
C ALA A 281 -17.92 -16.54 -17.51
N LEU A 282 -16.90 -17.25 -17.98
CA LEU A 282 -16.68 -18.61 -17.55
C LEU A 282 -16.28 -18.64 -16.07
N PRO A 283 -16.76 -19.62 -15.31
CA PRO A 283 -16.48 -19.63 -13.86
C PRO A 283 -15.00 -19.80 -13.54
N LEU A 284 -14.39 -20.85 -14.05
CA LEU A 284 -12.99 -21.18 -13.77
C LEU A 284 -12.14 -20.91 -15.00
N ALA A 285 -10.82 -20.97 -14.80
CA ALA A 285 -9.85 -20.71 -15.86
C ALA A 285 -9.02 -21.97 -16.08
N HIS A 286 -9.35 -22.71 -17.13
CA HIS A 286 -8.58 -23.91 -17.47
C HIS A 286 -7.32 -23.51 -18.22
N VAL A 287 -6.16 -23.93 -17.71
CA VAL A 287 -4.88 -23.63 -18.34
C VAL A 287 -4.12 -24.94 -18.50
N ALA A 288 -3.40 -25.07 -19.62
CA ALA A 288 -2.56 -26.24 -19.86
C ALA A 288 -1.27 -25.80 -20.53
N ILE A 289 -0.14 -26.13 -19.91
CA ILE A 289 1.18 -25.77 -20.44
C ILE A 289 1.98 -27.05 -20.61
N ALA A 290 2.51 -27.25 -21.81
CA ALA A 290 3.21 -28.48 -22.15
C ALA A 290 4.48 -28.15 -22.94
N VAL A 291 5.42 -29.09 -22.91
CA VAL A 291 6.67 -29.00 -23.64
C VAL A 291 6.80 -30.26 -24.49
N GLU A 292 7.67 -30.19 -25.51
CA GLU A 292 7.97 -31.36 -26.32
C GLU A 292 8.60 -32.45 -25.46
N GLY A 293 7.89 -33.55 -25.27
CA GLY A 293 8.42 -34.69 -24.56
C GLY A 293 8.85 -35.78 -25.51
N PRO A 294 8.97 -37.00 -25.00
CA PRO A 294 9.40 -38.12 -25.83
C PRO A 294 8.21 -38.73 -26.57
N GLY A 295 8.49 -39.82 -27.28
CA GLY A 295 7.48 -40.58 -27.97
C GLY A 295 7.18 -41.90 -27.30
N TRP A 296 6.55 -42.80 -28.07
CA TRP A 296 6.34 -44.15 -27.59
C TRP A 296 7.66 -44.89 -27.43
N ALA A 297 8.60 -44.63 -28.33
CA ALA A 297 9.99 -45.04 -28.17
C ALA A 297 10.67 -44.07 -27.22
N ASN A 298 12.01 -44.03 -27.21
CA ASN A 298 12.73 -43.08 -26.37
C ASN A 298 12.44 -43.36 -24.89
N PRO A 299 13.09 -44.39 -24.31
CA PRO A 299 12.75 -44.82 -22.95
C PRO A 299 12.75 -43.73 -21.89
N ASP A 300 13.16 -42.52 -22.26
CA ASP A 300 13.03 -41.36 -21.37
C ASP A 300 11.62 -41.19 -20.83
N ASN A 301 10.63 -41.89 -21.39
CA ASN A 301 9.29 -41.86 -20.82
C ASN A 301 9.29 -42.36 -19.38
N VAL A 302 10.05 -43.41 -19.11
CA VAL A 302 10.07 -43.99 -17.76
C VAL A 302 10.57 -43.00 -16.72
N PRO A 303 11.72 -42.32 -16.90
CA PRO A 303 12.10 -41.30 -15.90
C PRO A 303 11.13 -40.14 -15.83
N LEU A 304 10.67 -39.63 -16.98
CA LEU A 304 9.76 -38.50 -16.97
C LEU A 304 8.45 -38.84 -16.28
N GLN A 305 7.91 -40.03 -16.55
CA GLN A 305 6.70 -40.47 -15.85
C GLN A 305 6.93 -40.50 -14.34
N VAL A 306 8.17 -40.75 -13.90
CA VAL A 306 8.49 -40.63 -12.48
C VAL A 306 8.40 -39.17 -12.05
N ALA A 307 9.03 -38.28 -12.81
CA ALA A 307 9.08 -36.87 -12.42
C ALA A 307 7.68 -36.28 -12.33
N ASN A 308 6.83 -36.55 -13.33
CA ASN A 308 5.45 -36.12 -13.25
C ASN A 308 4.76 -36.70 -12.03
N ALA A 309 5.04 -37.97 -11.72
CA ALA A 309 4.47 -38.59 -10.52
C ALA A 309 4.90 -37.85 -9.26
N ILE A 310 6.08 -37.21 -9.29
CA ILE A 310 6.49 -36.40 -8.16
C ILE A 310 5.57 -35.20 -8.00
N ILE A 311 5.21 -34.56 -9.12
CA ILE A 311 4.30 -33.43 -9.06
C ILE A 311 2.91 -33.89 -8.66
N GLY A 312 2.47 -35.03 -9.18
CA GLY A 312 1.20 -35.61 -8.75
C GLY A 312 0.00 -34.85 -9.27
N HIS A 313 -1.11 -34.99 -8.55
CA HIS A 313 -2.39 -34.43 -8.95
C HIS A 313 -3.21 -34.15 -7.71
N TYR A 314 -4.13 -33.19 -7.82
CA TYR A 314 -4.93 -32.78 -6.68
C TYR A 314 -6.06 -31.89 -7.16
N ASP A 315 -7.22 -32.03 -6.53
CA ASP A 315 -8.34 -31.13 -6.77
C ASP A 315 -8.96 -30.77 -5.42
N SER A 316 -10.11 -30.09 -5.47
CA SER A 316 -10.74 -29.61 -4.24
C SER A 316 -11.14 -30.77 -3.34
N THR A 317 -11.70 -31.83 -3.92
CA THR A 317 -12.20 -32.98 -3.15
C THR A 317 -11.10 -34.03 -3.07
N TYR A 318 -10.19 -33.84 -2.12
CA TYR A 318 -9.10 -34.79 -1.90
C TYR A 318 -8.94 -35.13 -0.43
N GLY A 319 -7.84 -35.75 -0.07
CA GLY A 319 -7.64 -36.26 1.27
C GLY A 319 -6.82 -35.38 2.18
N GLY A 320 -5.55 -35.75 2.37
CA GLY A 320 -4.71 -35.01 3.31
C GLY A 320 -4.59 -33.54 2.98
N GLY A 321 -4.50 -33.21 1.70
CA GLY A 321 -4.42 -31.82 1.31
C GLY A 321 -3.07 -31.20 1.62
N THR A 322 -3.02 -30.38 2.68
CA THR A 322 -1.78 -29.73 3.07
C THR A 322 -0.68 -30.72 3.42
N HIS A 323 -1.03 -31.97 3.73
CA HIS A 323 -0.06 -32.97 4.12
C HIS A 323 0.47 -33.79 2.94
N MET A 324 0.02 -33.52 1.73
CA MET A 324 0.48 -34.28 0.57
C MET A 324 1.96 -34.02 0.33
N SER A 325 2.65 -35.06 -0.17
CA SER A 325 4.09 -34.96 -0.36
C SER A 325 4.44 -33.93 -1.44
N SER A 326 3.64 -33.86 -2.50
CA SER A 326 3.90 -32.91 -3.57
C SER A 326 3.87 -31.50 -3.04
N THR A 327 4.96 -30.75 -3.26
CA THR A 327 5.03 -29.38 -2.79
C THR A 327 3.96 -28.51 -3.45
N LEU A 328 3.74 -28.70 -4.76
CA LEU A 328 2.71 -27.95 -5.45
C LEU A 328 1.33 -28.27 -4.87
N ALA A 329 1.03 -29.55 -4.67
CA ALA A 329 -0.26 -29.92 -4.13
C ALA A 329 -0.44 -29.39 -2.71
N SER A 330 0.61 -29.49 -1.88
CA SER A 330 0.52 -29.00 -0.52
C SER A 330 0.27 -27.50 -0.48
N VAL A 331 1.01 -26.74 -1.30
CA VAL A 331 0.83 -25.29 -1.34
C VAL A 331 -0.57 -24.93 -1.82
N ALA A 332 -1.03 -25.59 -2.89
CA ALA A 332 -2.36 -25.30 -3.43
C ALA A 332 -3.44 -25.61 -2.41
N ALA A 333 -3.32 -26.72 -1.69
CA ALA A 333 -4.31 -27.04 -0.67
C ALA A 333 -4.25 -26.06 0.49
N THR A 334 -3.05 -25.65 0.89
CA THR A 334 -2.91 -24.72 2.02
C THR A 334 -3.51 -23.36 1.70
N ARG A 335 -3.26 -22.86 0.49
CA ARG A 335 -3.72 -21.52 0.12
C ARG A 335 -5.00 -21.54 -0.71
N LYS A 336 -5.61 -22.71 -0.90
CA LYS A 336 -6.81 -22.85 -1.73
C LYS A 336 -6.60 -22.21 -3.10
N LEU A 337 -5.44 -22.47 -3.68
CA LEU A 337 -5.01 -21.84 -4.92
C LEU A 337 -5.57 -22.53 -6.16
N CYS A 338 -6.32 -23.63 -6.00
CA CYS A 338 -6.75 -24.38 -7.16
C CYS A 338 -8.10 -25.01 -6.90
N GLN A 339 -8.74 -25.42 -7.98
CA GLN A 339 -9.80 -26.40 -7.95
C GLN A 339 -9.40 -27.73 -8.57
N SER A 340 -8.29 -27.76 -9.30
CA SER A 340 -7.77 -29.00 -9.86
C SER A 340 -6.39 -28.75 -10.45
N PHE A 341 -5.57 -29.80 -10.53
CA PHE A 341 -4.39 -29.77 -11.37
C PHE A 341 -3.95 -31.19 -11.65
N GLN A 342 -3.33 -31.40 -12.80
CA GLN A 342 -2.97 -32.72 -13.30
C GLN A 342 -1.68 -32.61 -14.10
N THR A 343 -0.94 -33.71 -14.15
CA THR A 343 0.26 -33.80 -14.99
C THR A 343 0.02 -34.83 -16.08
N PHE A 344 0.19 -34.43 -17.33
CA PHE A 344 -0.08 -35.28 -18.47
C PHE A 344 1.21 -35.53 -19.26
N ASN A 345 1.27 -36.72 -19.84
CA ASN A 345 2.40 -37.21 -20.62
C ASN A 345 1.91 -37.74 -21.97
N ILE A 346 1.09 -36.94 -22.65
CA ILE A 346 0.59 -37.29 -23.98
C ILE A 346 1.78 -37.47 -24.90
N CYS A 347 1.99 -38.69 -25.39
CA CYS A 347 3.12 -39.02 -26.24
C CYS A 347 2.64 -39.73 -27.49
N TYR A 348 2.90 -39.12 -28.65
CA TYR A 348 2.61 -39.74 -29.94
C TYR A 348 3.87 -40.47 -30.42
N ALA A 349 3.88 -40.88 -31.68
CA ALA A 349 5.01 -41.65 -32.19
C ALA A 349 6.26 -40.79 -32.31
N GLU A 350 6.21 -39.75 -33.15
CA GLU A 350 7.40 -38.94 -33.40
C GLU A 350 7.67 -37.95 -32.28
N THR A 351 6.63 -37.53 -31.55
CA THR A 351 6.78 -36.53 -30.50
C THR A 351 5.66 -36.71 -29.50
N GLY A 352 5.47 -35.72 -28.63
CA GLY A 352 4.40 -35.77 -27.66
C GLY A 352 4.42 -34.54 -26.77
N LEU A 353 3.33 -34.35 -26.05
CA LEU A 353 3.16 -33.21 -25.15
C LEU A 353 3.31 -33.69 -23.71
N LEU A 354 4.23 -33.08 -22.99
CA LEU A 354 4.51 -33.41 -21.59
C LEU A 354 4.40 -32.15 -20.77
N GLY A 355 3.44 -32.10 -19.85
CA GLY A 355 3.22 -30.86 -19.13
C GLY A 355 2.15 -31.02 -18.06
N ALA A 356 1.56 -29.89 -17.68
CA ALA A 356 0.58 -29.85 -16.61
C ALA A 356 -0.60 -28.99 -17.01
N HIS A 357 -1.79 -29.41 -16.56
CA HIS A 357 -3.04 -28.71 -16.81
C HIS A 357 -3.73 -28.46 -15.48
N PHE A 358 -4.01 -27.20 -15.17
CA PHE A 358 -4.61 -26.84 -13.90
C PHE A 358 -5.86 -25.98 -14.10
N VAL A 359 -6.79 -26.14 -13.16
CA VAL A 359 -8.05 -25.42 -13.14
C VAL A 359 -8.08 -24.61 -11.84
N CYS A 360 -8.15 -23.29 -11.98
CA CYS A 360 -8.14 -22.39 -10.84
C CYS A 360 -8.91 -21.12 -11.20
N ASP A 361 -9.24 -20.35 -10.17
CA ASP A 361 -9.98 -19.11 -10.35
C ASP A 361 -9.09 -18.05 -11.02
N ASN A 362 -9.71 -16.93 -11.37
CA ASN A 362 -9.02 -15.89 -12.13
C ASN A 362 -7.97 -15.15 -11.31
N MET A 363 -7.95 -15.32 -9.98
CA MET A 363 -7.03 -14.58 -9.13
C MET A 363 -5.87 -15.44 -8.63
N SER A 364 -5.64 -16.60 -9.24
CA SER A 364 -4.56 -17.47 -8.81
C SER A 364 -3.77 -18.08 -9.96
N ILE A 365 -3.93 -17.58 -11.18
CA ILE A 365 -3.22 -18.16 -12.32
C ILE A 365 -1.72 -17.85 -12.24
N ASP A 366 -1.37 -16.62 -11.87
CA ASP A 366 0.03 -16.22 -11.84
C ASP A 366 0.80 -16.98 -10.76
N ASP A 367 0.22 -17.10 -9.57
CA ASP A 367 0.87 -17.85 -8.50
C ASP A 367 0.99 -19.31 -8.88
N MET A 368 -0.03 -19.87 -9.52
CA MET A 368 0.05 -21.24 -10.02
C MET A 368 1.19 -21.41 -11.01
N MET A 369 1.31 -20.49 -11.95
CA MET A 369 2.40 -20.57 -12.92
C MET A 369 3.74 -20.54 -12.22
N PHE A 370 3.91 -19.63 -11.25
CA PHE A 370 5.16 -19.58 -10.50
C PHE A 370 5.45 -20.92 -9.83
N PHE A 371 4.47 -21.45 -9.09
CA PHE A 371 4.74 -22.64 -8.29
C PHE A 371 4.99 -23.86 -9.18
N LEU A 372 4.23 -24.01 -10.25
CA LEU A 372 4.42 -25.13 -11.16
C LEU A 372 5.79 -25.07 -11.83
N GLN A 373 6.15 -23.89 -12.34
CA GLN A 373 7.45 -23.74 -12.97
C GLN A 373 8.58 -23.95 -11.96
N GLY A 374 8.40 -23.47 -10.74
CA GLY A 374 9.40 -23.67 -9.71
C GLY A 374 9.59 -25.12 -9.35
N GLN A 375 8.49 -25.88 -9.30
CA GLN A 375 8.60 -27.32 -9.08
C GLN A 375 9.34 -27.98 -10.23
N TRP A 376 9.05 -27.56 -11.47
CA TRP A 376 9.76 -28.12 -12.61
C TRP A 376 11.26 -27.88 -12.50
N MET A 377 11.67 -26.65 -12.18
CA MET A 377 13.10 -26.38 -12.07
C MET A 377 13.71 -27.01 -10.82
N ARG A 378 12.92 -27.22 -9.77
CA ARG A 378 13.44 -27.93 -8.61
C ARG A 378 13.77 -29.37 -8.97
N LEU A 379 12.88 -30.01 -9.74
CA LEU A 379 13.18 -31.35 -10.23
C LEU A 379 14.39 -31.34 -11.15
N CYS A 380 14.49 -30.33 -12.02
CA CYS A 380 15.61 -30.26 -12.96
C CYS A 380 16.94 -30.08 -12.24
N THR A 381 16.97 -29.25 -11.20
CA THR A 381 18.24 -28.84 -10.60
C THR A 381 18.67 -29.77 -9.46
N SER A 382 17.71 -30.21 -8.64
CA SER A 382 18.03 -31.07 -7.50
C SER A 382 16.81 -31.94 -7.20
N ALA A 383 16.86 -33.19 -7.65
CA ALA A 383 15.70 -34.08 -7.56
C ALA A 383 15.57 -34.79 -6.22
N THR A 384 16.69 -35.04 -5.53
CA THR A 384 16.75 -35.77 -4.26
C THR A 384 16.37 -37.23 -4.44
N GLU A 385 16.93 -38.12 -3.62
CA GLU A 385 16.67 -39.54 -3.79
C GLU A 385 15.30 -39.93 -3.24
N SER A 386 14.88 -39.32 -2.12
CA SER A 386 13.60 -39.70 -1.51
C SER A 386 12.43 -39.39 -2.43
N GLU A 387 12.46 -38.22 -3.06
CA GLU A 387 11.39 -37.87 -4.01
C GLU A 387 11.36 -38.84 -5.18
N VAL A 388 12.54 -39.23 -5.67
CA VAL A 388 12.60 -40.18 -6.77
C VAL A 388 12.05 -41.54 -6.35
N VAL A 389 12.33 -41.95 -5.11
CA VAL A 389 11.78 -43.21 -4.61
C VAL A 389 10.26 -43.15 -4.52
N ARG A 390 9.73 -42.03 -4.03
CA ARG A 390 8.29 -41.86 -3.96
C ARG A 390 7.67 -41.92 -5.36
N GLY A 391 8.30 -41.24 -6.31
CA GLY A 391 7.81 -41.28 -7.68
C GLY A 391 7.87 -42.68 -8.27
N LYS A 392 8.93 -43.42 -7.97
CA LYS A 392 9.06 -44.79 -8.46
C LYS A 392 7.95 -45.67 -7.90
N ASN A 393 7.67 -45.54 -6.61
CA ASN A 393 6.58 -46.33 -6.02
C ASN A 393 5.24 -45.95 -6.63
N ILE A 394 5.00 -44.65 -6.82
CA ILE A 394 3.74 -44.19 -7.40
C ILE A 394 3.57 -44.74 -8.82
N LEU A 395 4.64 -44.67 -9.62
CA LEU A 395 4.58 -45.17 -10.98
C LEU A 395 4.42 -46.68 -11.02
N ARG A 396 5.06 -47.39 -10.09
CA ARG A 396 4.87 -48.84 -9.99
C ARG A 396 3.41 -49.16 -9.72
N ASN A 397 2.78 -48.43 -8.79
CA ASN A 397 1.37 -48.65 -8.53
C ASN A 397 0.51 -48.30 -9.73
N ALA A 398 0.91 -47.30 -10.50
CA ALA A 398 0.10 -46.85 -11.64
C ALA A 398 -0.13 -47.98 -12.64
N LEU A 399 0.96 -48.63 -13.08
CA LEU A 399 0.84 -49.65 -14.11
C LEU A 399 0.03 -50.85 -13.63
N VAL A 400 0.28 -51.30 -12.40
CA VAL A 400 -0.41 -52.50 -11.91
C VAL A 400 -1.88 -52.21 -11.67
N SER A 401 -2.21 -51.04 -11.12
CA SER A 401 -3.60 -50.68 -10.93
C SER A 401 -4.32 -50.51 -12.27
N HIS A 402 -3.65 -49.89 -13.24
CA HIS A 402 -4.26 -49.71 -14.56
C HIS A 402 -4.50 -51.06 -15.23
N LEU A 403 -3.53 -51.97 -15.14
CA LEU A 403 -3.62 -53.28 -15.79
C LEU A 403 -4.44 -54.24 -14.93
N ASP A 404 -5.64 -53.80 -14.58
CA ASP A 404 -6.57 -54.60 -13.80
C ASP A 404 -7.92 -54.59 -14.49
N GLY A 405 -8.49 -55.77 -14.68
CA GLY A 405 -9.73 -55.87 -15.43
C GLY A 405 -9.48 -56.22 -16.89
N THR A 406 -10.47 -56.88 -17.49
CA THR A 406 -10.31 -57.38 -18.86
C THR A 406 -10.13 -56.24 -19.86
N THR A 407 -10.99 -55.22 -19.78
CA THR A 407 -10.93 -54.13 -20.75
C THR A 407 -9.61 -53.37 -20.71
N PRO A 408 -9.09 -52.94 -19.55
CA PRO A 408 -7.78 -52.26 -19.57
C PRO A 408 -6.66 -53.14 -20.06
N VAL A 409 -6.69 -54.45 -19.75
CA VAL A 409 -5.65 -55.35 -20.23
C VAL A 409 -5.68 -55.44 -21.75
N CYS A 410 -6.88 -55.61 -22.33
CA CYS A 410 -6.99 -55.69 -23.78
C CYS A 410 -6.56 -54.38 -24.42
N GLU A 411 -6.95 -53.24 -23.82
CA GLU A 411 -6.54 -51.95 -24.35
C GLU A 411 -5.03 -51.79 -24.31
N ASP A 412 -4.40 -52.21 -23.22
CA ASP A 412 -2.95 -52.15 -23.12
C ASP A 412 -2.29 -53.03 -24.17
N ILE A 413 -2.84 -54.23 -24.39
CA ILE A 413 -2.27 -55.12 -25.42
C ILE A 413 -2.32 -54.44 -26.78
N GLY A 414 -3.49 -53.91 -27.15
CA GLY A 414 -3.61 -53.26 -28.45
C GLY A 414 -2.70 -52.06 -28.60
N ARG A 415 -2.68 -51.18 -27.60
CA ARG A 415 -1.86 -49.97 -27.67
C ARG A 415 -0.38 -50.30 -27.71
N SER A 416 0.05 -51.29 -26.92
CA SER A 416 1.46 -51.66 -26.91
C SER A 416 1.88 -52.30 -28.21
N LEU A 417 1.01 -53.14 -28.80
CA LEU A 417 1.34 -53.75 -30.09
C LEU A 417 1.42 -52.69 -31.18
N LEU A 418 0.52 -51.72 -31.17
CA LEU A 418 0.55 -50.68 -32.19
C LEU A 418 1.75 -49.76 -32.02
N THR A 419 1.97 -49.26 -30.80
CA THR A 419 2.98 -48.23 -30.58
C THR A 419 4.37 -48.81 -30.41
N TYR A 420 4.58 -49.62 -29.36
CA TYR A 420 5.89 -50.16 -29.06
C TYR A 420 6.32 -51.26 -30.02
N GLY A 421 5.38 -51.83 -30.78
CA GLY A 421 5.68 -53.00 -31.57
C GLY A 421 5.67 -54.30 -30.80
N ARG A 422 5.42 -54.24 -29.49
CA ARG A 422 5.38 -55.42 -28.64
C ARG A 422 4.62 -55.05 -27.38
N ARG A 423 4.15 -56.09 -26.68
CA ARG A 423 3.52 -55.90 -25.37
C ARG A 423 4.63 -55.97 -24.31
N ILE A 424 4.94 -54.84 -23.71
CA ILE A 424 6.02 -54.78 -22.74
C ILE A 424 5.59 -55.47 -21.45
N PRO A 425 6.29 -56.51 -21.03
CA PRO A 425 5.91 -57.20 -19.79
C PRO A 425 6.11 -56.32 -18.57
N LEU A 426 5.35 -56.60 -17.53
CA LEU A 426 5.43 -55.81 -16.31
C LEU A 426 6.78 -55.96 -15.63
N ALA A 427 7.46 -57.09 -15.84
CA ALA A 427 8.80 -57.26 -15.27
C ALA A 427 9.79 -56.28 -15.89
N GLU A 428 9.71 -56.08 -17.21
CA GLU A 428 10.57 -55.10 -17.87
C GLU A 428 10.25 -53.69 -17.38
N TRP A 429 8.97 -53.39 -17.15
CA TRP A 429 8.59 -52.11 -16.58
C TRP A 429 9.21 -51.94 -15.19
N GLU A 430 9.16 -52.99 -14.38
CA GLU A 430 9.76 -52.93 -13.05
C GLU A 430 11.25 -52.68 -13.12
N SER A 431 11.94 -53.35 -14.05
CA SER A 431 13.37 -53.13 -14.20
C SER A 431 13.66 -51.70 -14.63
N ARG A 432 12.88 -51.17 -15.56
CA ARG A 432 13.08 -49.79 -16.02
C ARG A 432 12.84 -48.80 -14.89
N ILE A 433 11.83 -49.05 -14.05
CA ILE A 433 11.61 -48.21 -12.88
C ILE A 433 12.82 -48.30 -11.94
N ALA A 434 13.34 -49.51 -11.75
CA ALA A 434 14.47 -49.70 -10.83
C ALA A 434 15.70 -48.93 -11.31
N GLU A 435 15.95 -48.93 -12.62
CA GLU A 435 17.13 -48.24 -13.15
C GLU A 435 17.06 -46.72 -12.97
N VAL A 436 15.88 -46.18 -12.65
CA VAL A 436 15.74 -44.73 -12.52
C VAL A 436 16.21 -44.29 -11.14
N ASP A 437 17.06 -43.27 -11.09
CA ASP A 437 17.56 -42.72 -9.84
C ASP A 437 17.45 -41.20 -9.91
N ALA A 438 18.01 -40.54 -8.90
CA ALA A 438 17.93 -39.07 -8.84
C ALA A 438 18.69 -38.43 -9.99
N SER A 439 19.89 -38.93 -10.29
CA SER A 439 20.69 -38.34 -11.36
C SER A 439 20.02 -38.48 -12.71
N VAL A 440 19.42 -39.64 -12.97
CA VAL A 440 18.75 -39.85 -14.26
C VAL A 440 17.56 -38.90 -14.39
N VAL A 441 16.77 -38.76 -13.32
CA VAL A 441 15.63 -37.85 -13.35
C VAL A 441 16.10 -36.42 -13.57
N ARG A 442 17.15 -36.00 -12.88
CA ARG A 442 17.68 -34.66 -13.06
C ARG A 442 18.12 -34.44 -14.50
N GLU A 443 18.85 -35.40 -15.07
CA GLU A 443 19.35 -35.25 -16.43
C GLU A 443 18.21 -35.17 -17.43
N VAL A 444 17.22 -36.06 -17.31
CA VAL A 444 16.14 -36.07 -18.30
C VAL A 444 15.27 -34.82 -18.16
N CYS A 445 15.04 -34.37 -16.93
CA CYS A 445 14.26 -33.14 -16.74
C CYS A 445 15.00 -31.94 -17.30
N SER A 446 16.32 -31.87 -17.09
CA SER A 446 17.09 -30.80 -17.69
C SER A 446 17.04 -30.86 -19.21
N LYS A 447 17.04 -32.07 -19.78
CA LYS A 447 16.95 -32.22 -21.22
C LYS A 447 15.61 -31.73 -21.76
N TYR A 448 14.51 -32.04 -21.07
CA TYR A 448 13.19 -31.76 -21.60
C TYR A 448 12.52 -30.51 -21.03
N PHE A 449 12.89 -30.08 -19.83
CA PHE A 449 12.25 -28.92 -19.21
C PHE A 449 13.12 -27.67 -19.28
N TYR A 450 14.35 -27.74 -18.78
CA TYR A 450 15.15 -26.54 -18.53
C TYR A 450 15.38 -25.77 -19.82
N ASP A 451 15.00 -24.49 -19.81
CA ASP A 451 15.22 -23.58 -20.92
C ASP A 451 14.61 -24.15 -22.21
N GLN A 452 13.30 -24.27 -22.21
CA GLN A 452 12.56 -24.73 -23.38
C GLN A 452 11.35 -23.83 -23.59
N CYS A 453 11.04 -23.55 -24.84
CA CYS A 453 9.87 -22.74 -25.16
C CYS A 453 8.61 -23.60 -25.02
N PRO A 454 7.69 -23.24 -24.14
CA PRO A 454 6.50 -24.07 -23.92
C PRO A 454 5.35 -23.69 -24.82
N ALA A 455 4.34 -24.56 -24.84
CA ALA A 455 3.08 -24.31 -25.52
C ALA A 455 2.00 -24.19 -24.45
N VAL A 456 1.30 -23.05 -24.46
CA VAL A 456 0.32 -22.74 -23.43
C VAL A 456 -1.06 -22.65 -24.08
N ALA A 457 -2.09 -23.01 -23.32
CA ALA A 457 -3.46 -22.89 -23.81
C ALA A 457 -4.33 -22.56 -22.61
N GLY A 458 -4.85 -21.34 -22.58
CA GLY A 458 -5.74 -20.89 -21.52
C GLY A 458 -7.15 -20.67 -22.04
N LEU A 459 -8.12 -20.80 -21.14
CA LEU A 459 -9.51 -20.58 -21.50
C LEU A 459 -10.31 -20.20 -20.27
N GLY A 460 -11.06 -19.11 -20.38
CA GLY A 460 -11.81 -18.57 -19.27
C GLY A 460 -11.26 -17.22 -18.85
N PRO A 461 -11.50 -16.83 -17.60
CA PRO A 461 -10.92 -15.58 -17.09
C PRO A 461 -9.43 -15.71 -16.89
N ILE A 462 -8.68 -15.69 -18.00
CA ILE A 462 -7.26 -15.99 -17.99
C ILE A 462 -6.43 -14.72 -18.19
N GLU A 463 -7.01 -13.56 -17.88
CA GLU A 463 -6.28 -12.32 -18.09
C GLU A 463 -5.07 -12.22 -17.17
N GLN A 464 -5.09 -12.91 -16.04
CA GLN A 464 -3.93 -12.92 -15.15
C GLN A 464 -2.87 -13.93 -15.56
N LEU A 465 -3.09 -14.69 -16.62
CA LEU A 465 -2.07 -15.59 -17.13
C LEU A 465 -0.83 -14.79 -17.50
N PRO A 466 0.35 -15.15 -16.97
CA PRO A 466 1.55 -14.37 -17.27
C PRO A 466 1.83 -14.35 -18.76
N ASP A 467 2.35 -13.21 -19.23
CA ASP A 467 2.70 -13.07 -20.63
C ASP A 467 3.71 -14.13 -21.03
N TYR A 468 3.70 -14.48 -22.32
CA TYR A 468 4.54 -15.58 -22.78
C TYR A 468 6.01 -15.36 -22.48
N ASN A 469 6.44 -14.09 -22.51
CA ASN A 469 7.83 -13.79 -22.14
C ASN A 469 8.08 -14.16 -20.68
N ARG A 470 7.15 -13.83 -19.79
CA ARG A 470 7.30 -14.20 -18.38
C ARG A 470 7.29 -15.72 -18.22
N ILE A 471 6.42 -16.41 -18.93
CA ILE A 471 6.34 -17.87 -18.83
C ILE A 471 7.65 -18.50 -19.29
N ARG A 472 8.18 -18.04 -20.42
CA ARG A 472 9.43 -18.58 -20.92
C ARG A 472 10.59 -18.25 -19.99
N SER A 473 10.61 -17.03 -19.44
CA SER A 473 11.65 -16.66 -18.48
C SER A 473 11.57 -17.51 -17.23
N GLY A 474 10.37 -17.97 -16.87
CA GLY A 474 10.24 -18.89 -15.75
C GLY A 474 10.86 -20.24 -16.03
N MET A 475 11.11 -20.56 -17.31
CA MET A 475 11.69 -21.83 -17.69
C MET A 475 13.21 -21.83 -17.66
N PHE A 476 13.84 -20.80 -17.10
CA PHE A 476 15.27 -20.84 -16.80
C PHE A 476 15.49 -20.18 -15.46
N TRP A 477 16.38 -20.76 -14.66
CA TRP A 477 16.63 -20.31 -13.30
C TRP A 477 17.97 -19.58 -13.27
N LEU A 478 17.95 -18.30 -12.89
CA LEU A 478 19.18 -17.52 -12.85
C LEU A 478 20.14 -18.04 -11.79
N ARG A 479 19.60 -18.48 -10.65
CA ARG A 479 20.46 -18.98 -9.58
C ARG A 479 21.28 -20.18 -10.04
N PHE A 480 20.72 -21.01 -10.91
CA PHE A 480 21.38 -22.23 -11.33
C PHE A 480 22.18 -21.99 -12.59
N PRO B 35 -5.11 -70.09 -8.26
CA PRO B 35 -4.52 -69.39 -7.10
C PRO B 35 -5.43 -69.45 -5.87
N GLN B 36 -5.42 -70.59 -5.18
CA GLN B 36 -6.21 -70.80 -3.98
C GLN B 36 -7.69 -70.52 -4.23
N ASP B 37 -8.41 -70.20 -3.16
CA ASP B 37 -9.83 -69.85 -3.24
C ASP B 37 -10.12 -68.83 -2.15
N LEU B 38 -11.39 -68.46 -2.03
CA LEU B 38 -11.80 -67.44 -1.06
C LEU B 38 -12.01 -68.15 0.28
N GLU B 39 -11.07 -67.94 1.20
CA GLU B 39 -11.23 -68.47 2.54
C GLU B 39 -12.10 -67.54 3.37
N PHE B 40 -13.05 -68.14 4.09
CA PHE B 40 -14.13 -67.40 4.76
C PHE B 40 -14.27 -67.93 6.18
N THR B 41 -13.81 -67.17 7.16
CA THR B 41 -13.88 -67.58 8.55
C THR B 41 -14.39 -66.43 9.40
N ARG B 42 -15.36 -66.69 10.26
CA ARG B 42 -15.90 -65.68 11.16
C ARG B 42 -15.32 -65.87 12.56
N LEU B 43 -14.96 -64.77 13.19
CA LEU B 43 -14.36 -64.80 14.51
C LEU B 43 -15.42 -64.84 15.61
N PRO B 44 -15.06 -65.28 16.81
CA PRO B 44 -16.05 -65.33 17.91
C PRO B 44 -16.73 -64.00 18.19
N ASN B 45 -15.99 -62.89 18.09
CA ASN B 45 -16.58 -61.60 18.40
C ASN B 45 -17.68 -61.21 17.41
N GLY B 46 -17.73 -61.87 16.25
CA GLY B 46 -18.72 -61.55 15.25
C GLY B 46 -18.08 -61.10 13.95
N LEU B 47 -16.78 -60.80 14.02
CA LEU B 47 -16.05 -60.42 12.81
C LEU B 47 -16.00 -61.56 11.81
N VAL B 48 -15.95 -61.19 10.53
CA VAL B 48 -15.77 -62.15 9.44
C VAL B 48 -14.60 -61.69 8.60
N ILE B 49 -13.68 -62.62 8.31
CA ILE B 49 -12.53 -62.39 7.47
C ILE B 49 -12.62 -63.31 6.27
N ALA B 50 -12.61 -62.73 5.07
CA ALA B 50 -12.57 -63.50 3.85
C ALA B 50 -11.40 -62.99 3.01
N SER B 51 -10.56 -63.90 2.54
CA SER B 51 -9.33 -63.54 1.87
C SER B 51 -9.16 -64.38 0.61
N LEU B 52 -8.37 -63.85 -0.32
CA LEU B 52 -8.03 -64.56 -1.54
C LEU B 52 -6.61 -64.23 -1.93
N GLU B 53 -5.79 -65.28 -2.13
CA GLU B 53 -4.40 -65.11 -2.56
C GLU B 53 -4.34 -65.36 -4.07
N ASN B 54 -4.78 -64.35 -4.84
CA ASN B 54 -4.77 -64.46 -6.28
C ASN B 54 -3.38 -64.31 -6.88
N TYR B 55 -2.37 -63.98 -6.08
CA TYR B 55 -1.00 -63.78 -6.53
C TYR B 55 -0.93 -62.65 -7.57
N ALA B 56 -1.35 -61.46 -7.14
CA ALA B 56 -1.34 -60.28 -7.96
C ALA B 56 -0.24 -59.33 -7.52
N PRO B 57 0.30 -58.51 -8.43
CA PRO B 57 1.34 -57.56 -8.03
C PRO B 57 0.88 -56.54 -7.01
N ALA B 58 -0.42 -56.31 -6.90
CA ALA B 58 -0.97 -55.34 -5.96
C ALA B 58 -1.98 -56.03 -5.05
N SER B 59 -2.04 -55.56 -3.81
CA SER B 59 -2.96 -56.09 -2.80
C SER B 59 -3.92 -55.00 -2.35
N ARG B 60 -5.18 -55.37 -2.15
CA ARG B 60 -6.24 -54.45 -1.77
C ARG B 60 -7.02 -55.02 -0.60
N ILE B 61 -7.15 -54.23 0.46
CA ILE B 61 -7.84 -54.62 1.68
C ILE B 61 -9.05 -53.71 1.87
N GLY B 62 -10.21 -54.30 2.11
CA GLY B 62 -11.41 -53.53 2.34
C GLY B 62 -12.11 -53.91 3.63
N LEU B 63 -12.26 -52.95 4.53
CA LEU B 63 -13.04 -53.12 5.73
C LEU B 63 -14.44 -52.58 5.47
N PHE B 64 -15.41 -53.47 5.40
CA PHE B 64 -16.80 -53.11 5.11
C PHE B 64 -17.56 -53.09 6.41
N ILE B 65 -18.09 -51.92 6.78
CA ILE B 65 -18.74 -51.69 8.06
C ILE B 65 -20.19 -51.34 7.80
N LYS B 66 -21.10 -52.03 8.48
CA LYS B 66 -22.54 -51.79 8.33
C LYS B 66 -22.95 -50.53 9.11
N ALA B 67 -22.38 -49.41 8.68
CA ALA B 67 -22.59 -48.12 9.35
C ALA B 67 -22.88 -47.04 8.31
N GLY B 68 -23.79 -47.33 7.39
CA GLY B 68 -24.15 -46.41 6.33
C GLY B 68 -24.96 -45.22 6.83
N SER B 69 -25.71 -44.62 5.91
CA SER B 69 -26.52 -43.45 6.23
C SER B 69 -27.90 -43.79 6.76
N ARG B 70 -28.30 -45.08 6.70
CA ARG B 70 -29.60 -45.45 7.22
C ARG B 70 -29.66 -45.40 8.73
N TYR B 71 -28.53 -45.44 9.41
CA TYR B 71 -28.48 -45.44 10.86
C TYR B 71 -28.36 -44.05 11.45
N GLU B 72 -28.27 -43.01 10.62
CA GLU B 72 -28.26 -41.65 11.12
C GLU B 72 -29.62 -41.31 11.74
N ASP B 73 -29.60 -40.73 12.93
CA ASP B 73 -30.82 -40.31 13.59
C ASP B 73 -31.21 -38.92 13.09
N SER B 74 -32.38 -38.45 13.52
CA SER B 74 -32.87 -37.14 13.09
C SER B 74 -32.06 -35.98 13.66
N ASN B 75 -31.18 -36.23 14.63
CA ASN B 75 -30.35 -35.18 15.21
C ASN B 75 -28.91 -35.20 14.72
N ASN B 76 -28.37 -36.37 14.38
CA ASN B 76 -26.99 -36.48 13.92
C ASN B 76 -26.88 -36.59 12.40
N LEU B 77 -27.84 -36.02 11.67
CA LEU B 77 -27.82 -36.09 10.21
C LEU B 77 -26.54 -35.50 9.66
N GLY B 78 -25.95 -36.21 8.68
CA GLY B 78 -24.72 -35.79 8.05
C GLY B 78 -23.46 -36.27 8.73
N THR B 79 -23.57 -36.94 9.88
CA THR B 79 -22.39 -37.46 10.55
C THR B 79 -21.69 -38.51 9.69
N SER B 80 -22.47 -39.36 9.01
CA SER B 80 -21.87 -40.38 8.16
C SER B 80 -21.07 -39.76 7.03
N HIS B 81 -21.54 -38.62 6.49
CA HIS B 81 -20.81 -37.94 5.43
C HIS B 81 -19.44 -37.47 5.94
N LEU B 82 -19.42 -36.84 7.10
CA LEU B 82 -18.15 -36.40 7.67
C LEU B 82 -17.24 -37.58 7.98
N LEU B 83 -17.81 -38.68 8.49
CA LEU B 83 -17.02 -39.88 8.71
C LEU B 83 -16.44 -40.41 7.41
N ARG B 84 -17.19 -40.31 6.31
CA ARG B 84 -16.64 -40.65 5.01
C ARG B 84 -15.46 -39.76 4.66
N LEU B 85 -15.56 -38.47 4.96
CA LEU B 85 -14.43 -37.57 4.77
C LEU B 85 -13.48 -37.54 5.96
N ALA B 86 -13.76 -38.30 7.02
CA ALA B 86 -12.92 -38.26 8.22
C ALA B 86 -11.65 -39.07 8.08
N SER B 87 -11.45 -39.78 6.96
CA SER B 87 -10.21 -40.50 6.75
C SER B 87 -9.04 -39.52 6.68
N SER B 88 -7.88 -39.99 7.11
CA SER B 88 -6.60 -39.28 7.17
C SER B 88 -6.56 -38.27 8.32
N LEU B 89 -7.56 -38.23 9.18
CA LEU B 89 -7.48 -37.40 10.38
C LEU B 89 -6.56 -38.06 11.40
N THR B 90 -6.02 -37.24 12.30
CA THR B 90 -5.06 -37.72 13.30
C THR B 90 -5.66 -38.83 14.14
N THR B 91 -5.07 -40.02 14.03
CA THR B 91 -5.55 -41.20 14.73
C THR B 91 -4.84 -41.34 16.08
N LYS B 92 -5.25 -42.34 16.85
CA LYS B 92 -4.63 -42.56 18.16
C LYS B 92 -3.16 -42.95 18.03
N GLY B 93 -2.85 -43.84 17.09
CA GLY B 93 -1.49 -44.31 16.89
C GLY B 93 -0.75 -43.75 15.70
N ALA B 94 -1.30 -42.76 15.00
CA ALA B 94 -0.64 -42.21 13.83
C ALA B 94 -1.23 -40.82 13.55
N SER B 95 -0.36 -39.82 13.44
CA SER B 95 -0.81 -38.47 13.13
C SER B 95 -1.25 -38.38 11.68
N SER B 96 -2.01 -37.32 11.37
CA SER B 96 -2.52 -37.13 10.02
C SER B 96 -1.39 -36.99 9.02
N PHE B 97 -0.36 -36.22 9.37
CA PHE B 97 0.81 -36.09 8.50
C PHE B 97 1.46 -37.44 8.27
N LYS B 98 1.62 -38.23 9.34
CA LYS B 98 2.18 -39.57 9.18
C LYS B 98 1.30 -40.44 8.30
N ILE B 99 -0.02 -40.36 8.46
CA ILE B 99 -0.92 -41.18 7.66
C ILE B 99 -0.76 -40.85 6.19
N THR B 100 -0.84 -39.56 5.83
CA THR B 100 -0.73 -39.18 4.43
C THR B 100 0.63 -39.55 3.86
N ARG B 101 1.71 -39.23 4.58
CA ARG B 101 3.04 -39.49 4.06
C ARG B 101 3.29 -40.98 3.89
N GLY B 102 2.86 -41.79 4.86
CA GLY B 102 3.06 -43.22 4.75
C GLY B 102 2.22 -43.84 3.64
N ILE B 103 0.97 -43.38 3.49
CA ILE B 103 0.10 -43.96 2.47
C ILE B 103 0.62 -43.65 1.08
N GLU B 104 0.98 -42.39 0.83
CA GLU B 104 1.40 -42.02 -0.53
C GLU B 104 2.90 -42.10 -0.74
N ALA B 105 3.67 -42.55 0.26
CA ALA B 105 5.08 -42.82 0.03
C ALA B 105 5.26 -44.09 -0.80
N VAL B 106 4.42 -45.10 -0.55
CA VAL B 106 4.41 -46.31 -1.37
C VAL B 106 3.38 -46.23 -2.49
N GLY B 107 2.74 -45.07 -2.68
CA GLY B 107 1.71 -44.93 -3.69
C GLY B 107 0.48 -45.76 -3.37
N GLY B 108 0.04 -45.73 -2.13
CA GLY B 108 -1.07 -46.52 -1.65
C GLY B 108 -2.40 -45.84 -1.88
N LYS B 109 -3.45 -46.40 -1.27
CA LYS B 109 -4.80 -45.91 -1.43
C LYS B 109 -5.49 -45.85 -0.09
N LEU B 110 -6.40 -44.90 0.06
CA LEU B 110 -7.32 -44.84 1.21
C LEU B 110 -8.60 -44.17 0.71
N SER B 111 -9.57 -44.99 0.31
CA SER B 111 -10.80 -44.50 -0.29
C SER B 111 -11.98 -45.01 0.52
N VAL B 112 -12.93 -44.13 0.81
CA VAL B 112 -14.14 -44.49 1.55
C VAL B 112 -15.30 -44.49 0.57
N THR B 113 -15.95 -45.63 0.42
CA THR B 113 -17.12 -45.77 -0.43
C THR B 113 -18.31 -46.10 0.45
N SER B 114 -19.34 -45.25 0.41
CA SER B 114 -20.49 -45.40 1.28
C SER B 114 -21.76 -45.54 0.46
N THR B 115 -22.64 -46.40 0.94
CA THR B 115 -23.98 -46.58 0.38
C THR B 115 -24.98 -46.06 1.40
N ARG B 116 -26.26 -46.23 1.11
CA ARG B 116 -27.30 -45.90 2.07
C ARG B 116 -27.32 -46.87 3.25
N GLU B 117 -26.61 -47.98 3.16
CA GLU B 117 -26.62 -48.98 4.22
C GLU B 117 -25.25 -49.39 4.72
N SER B 118 -24.18 -49.22 3.95
CA SER B 118 -22.87 -49.73 4.33
C SER B 118 -21.78 -48.77 3.90
N MET B 119 -20.79 -48.59 4.78
CA MET B 119 -19.57 -47.88 4.47
C MET B 119 -18.46 -48.89 4.22
N ALA B 120 -17.41 -48.47 3.52
CA ALA B 120 -16.31 -49.37 3.20
C ALA B 120 -15.02 -48.56 3.07
N TYR B 121 -14.05 -48.87 3.92
CA TYR B 121 -12.71 -48.29 3.80
C TYR B 121 -11.86 -49.23 2.96
N THR B 122 -11.12 -48.67 2.01
CA THR B 122 -10.33 -49.47 1.09
C THR B 122 -8.90 -48.94 1.04
N VAL B 123 -7.93 -49.83 1.19
CA VAL B 123 -6.52 -49.51 1.12
C VAL B 123 -5.87 -50.46 0.13
N GLU B 124 -5.34 -49.90 -0.96
CA GLU B 124 -4.74 -50.71 -2.02
C GLU B 124 -3.34 -50.18 -2.29
N CYS B 125 -2.38 -51.09 -2.43
CA CYS B 125 -1.01 -50.70 -2.75
C CYS B 125 -0.27 -51.94 -3.25
N LEU B 126 1.06 -51.83 -3.31
CA LEU B 126 1.87 -52.95 -3.77
C LEU B 126 1.79 -54.11 -2.77
N ARG B 127 2.08 -55.31 -3.27
CA ARG B 127 1.87 -56.51 -2.48
C ARG B 127 2.78 -56.53 -1.25
N ASP B 128 4.01 -56.02 -1.36
CA ASP B 128 4.95 -56.08 -0.25
C ASP B 128 4.63 -55.11 0.87
N ASP B 129 3.98 -53.99 0.58
CA ASP B 129 3.88 -52.89 1.52
C ASP B 129 2.57 -52.86 2.29
N ILE B 130 1.62 -53.74 1.97
CA ILE B 130 0.34 -53.68 2.66
C ILE B 130 0.49 -54.00 4.14
N GLU B 131 1.61 -54.62 4.54
CA GLU B 131 1.87 -54.80 5.96
C GLU B 131 1.90 -53.46 6.69
N ILE B 132 2.56 -52.47 6.09
CA ILE B 132 2.60 -51.13 6.67
C ILE B 132 1.21 -50.50 6.61
N LEU B 133 0.36 -50.97 5.69
CA LEU B 133 -0.81 -50.18 5.35
C LEU B 133 -2.08 -50.61 6.08
N MET B 134 -2.28 -51.90 6.37
CA MET B 134 -3.54 -52.26 7.02
C MET B 134 -3.64 -51.60 8.38
N GLU B 135 -2.52 -51.55 9.12
CA GLU B 135 -2.50 -50.81 10.37
C GLU B 135 -2.83 -49.33 10.13
N PHE B 136 -2.28 -48.74 9.07
CA PHE B 136 -2.68 -47.39 8.68
C PHE B 136 -4.18 -47.33 8.42
N LEU B 137 -4.72 -48.37 7.80
CA LEU B 137 -6.17 -48.49 7.70
C LEU B 137 -6.79 -48.66 9.07
N LEU B 138 -6.27 -49.60 9.87
CA LEU B 138 -6.95 -49.93 11.11
C LEU B 138 -6.76 -48.86 12.18
N ASN B 139 -5.82 -47.95 12.00
CA ASN B 139 -5.75 -46.81 12.90
C ASN B 139 -6.91 -45.84 12.65
N VAL B 140 -7.40 -45.78 11.41
CA VAL B 140 -8.43 -44.81 11.07
C VAL B 140 -9.85 -45.35 11.23
N THR B 141 -10.01 -46.66 11.39
CA THR B 141 -11.33 -47.26 11.58
C THR B 141 -11.58 -47.76 13.00
N ALA B 142 -10.53 -48.00 13.78
CA ALA B 142 -10.69 -48.55 15.11
C ALA B 142 -10.31 -47.58 16.22
N ALA B 143 -9.28 -46.76 16.03
CA ALA B 143 -8.82 -45.81 17.05
C ALA B 143 -8.65 -44.42 16.45
N PRO B 144 -9.74 -43.74 16.13
CA PRO B 144 -9.65 -42.34 15.72
C PRO B 144 -9.83 -41.40 16.90
N GLU B 145 -9.27 -40.21 16.76
CA GLU B 145 -9.35 -39.20 17.81
C GLU B 145 -10.43 -38.16 17.56
N PHE B 146 -10.65 -37.75 16.31
CA PHE B 146 -11.60 -36.70 15.95
C PHE B 146 -11.32 -35.43 16.75
N ARG B 147 -10.12 -34.91 16.57
CA ARG B 147 -9.71 -33.71 17.27
C ARG B 147 -10.58 -32.52 16.85
N ARG B 148 -10.83 -31.63 17.80
CA ARG B 148 -11.77 -30.53 17.58
C ARG B 148 -11.31 -29.64 16.42
N TRP B 149 -10.03 -29.25 16.42
CA TRP B 149 -9.53 -28.39 15.36
C TRP B 149 -9.60 -29.08 14.00
N GLU B 150 -9.22 -30.35 13.96
CA GLU B 150 -9.21 -31.09 12.70
C GLU B 150 -10.62 -31.21 12.13
N VAL B 151 -11.58 -31.59 12.97
CA VAL B 151 -12.96 -31.74 12.51
C VAL B 151 -13.53 -30.40 12.08
N ALA B 152 -13.25 -29.34 12.86
CA ALA B 152 -13.74 -28.02 12.51
C ALA B 152 -13.19 -27.56 11.16
N ALA B 153 -11.91 -27.79 10.92
CA ALA B 153 -11.33 -27.46 9.62
C ALA B 153 -11.95 -28.30 8.50
N LEU B 154 -12.20 -29.58 8.77
CA LEU B 154 -12.75 -30.47 7.76
C LEU B 154 -14.20 -30.14 7.42
N GLN B 155 -14.92 -29.47 8.33
CA GLN B 155 -16.32 -29.15 8.09
C GLN B 155 -16.51 -28.40 6.77
N SER B 156 -15.54 -27.59 6.36
CA SER B 156 -15.67 -26.84 5.11
C SER B 156 -15.71 -27.78 3.91
N GLN B 157 -14.98 -28.90 3.98
CA GLN B 157 -14.95 -29.84 2.87
C GLN B 157 -16.31 -30.45 2.56
N LEU B 158 -17.22 -30.46 3.54
CA LEU B 158 -18.55 -31.01 3.32
C LEU B 158 -19.29 -30.24 2.23
N ARG B 159 -19.22 -28.92 2.26
CA ARG B 159 -19.91 -28.10 1.27
C ARG B 159 -19.36 -28.37 -0.12
N ILE B 160 -18.03 -28.45 -0.25
CA ILE B 160 -17.41 -28.67 -1.56
C ILE B 160 -17.78 -30.05 -2.09
N ASP B 161 -17.74 -31.07 -1.23
CA ASP B 161 -18.11 -32.42 -1.66
C ASP B 161 -19.57 -32.47 -2.08
N LYS B 162 -20.45 -31.84 -1.31
CA LYS B 162 -21.87 -31.84 -1.65
C LYS B 162 -22.12 -31.14 -2.98
N ALA B 163 -21.46 -30.00 -3.20
CA ALA B 163 -21.63 -29.27 -4.44
C ALA B 163 -21.11 -30.08 -5.63
N VAL B 164 -19.95 -30.72 -5.47
CA VAL B 164 -19.38 -31.51 -6.56
C VAL B 164 -20.27 -32.69 -6.90
N ALA B 165 -20.76 -33.40 -5.87
CA ALA B 165 -21.62 -34.55 -6.10
C ALA B 165 -22.95 -34.12 -6.74
N PHE B 166 -23.53 -33.03 -6.25
CA PHE B 166 -24.81 -32.56 -6.75
C PHE B 166 -24.70 -31.82 -8.07
N GLN B 167 -23.48 -31.58 -8.56
CA GLN B 167 -23.34 -31.02 -9.90
C GLN B 167 -24.01 -31.91 -10.94
N ASN B 168 -23.99 -33.22 -10.72
CA ASN B 168 -24.78 -34.14 -11.53
C ASN B 168 -26.22 -34.14 -11.02
N PRO B 169 -27.21 -33.86 -11.88
CA PRO B 169 -28.59 -33.78 -11.39
C PRO B 169 -29.10 -35.06 -10.75
N GLN B 170 -28.63 -36.22 -11.23
CA GLN B 170 -29.15 -37.49 -10.75
C GLN B 170 -28.91 -37.66 -9.25
N ALA B 171 -27.85 -37.06 -8.72
CA ALA B 171 -27.62 -37.12 -7.28
C ALA B 171 -28.77 -36.48 -6.52
N GLN B 172 -29.16 -35.26 -6.90
CA GLN B 172 -30.30 -34.61 -6.28
C GLN B 172 -31.58 -35.40 -6.50
N VAL B 173 -31.75 -35.94 -7.71
CA VAL B 173 -32.96 -36.69 -8.01
C VAL B 173 -33.07 -37.91 -7.10
N LEU B 174 -31.97 -38.64 -6.92
CA LEU B 174 -32.01 -39.85 -6.11
C LEU B 174 -32.15 -39.51 -4.63
N GLU B 175 -31.54 -38.41 -4.18
CA GLU B 175 -31.75 -37.99 -2.80
C GLU B 175 -33.22 -37.68 -2.55
N ASN B 176 -33.85 -36.95 -3.47
CA ASN B 176 -35.26 -36.63 -3.32
C ASN B 176 -36.12 -37.88 -3.41
N LEU B 177 -35.74 -38.82 -4.28
CA LEU B 177 -36.47 -40.07 -4.39
C LEU B 177 -36.44 -40.85 -3.08
N HIS B 178 -35.26 -40.96 -2.48
CA HIS B 178 -35.15 -41.70 -1.22
C HIS B 178 -35.84 -40.97 -0.08
N ALA B 179 -35.83 -39.64 -0.11
CA ALA B 179 -36.56 -38.88 0.91
C ALA B 179 -38.06 -39.04 0.76
N ALA B 180 -38.55 -39.12 -0.48
CA ALA B 180 -39.99 -39.16 -0.72
C ALA B 180 -40.56 -40.57 -0.63
N ALA B 181 -39.73 -41.60 -0.85
CA ALA B 181 -40.21 -42.97 -0.81
C ALA B 181 -40.17 -43.55 0.60
N TYR B 182 -39.00 -43.55 1.22
CA TYR B 182 -38.85 -44.09 2.56
C TYR B 182 -39.12 -43.03 3.61
N ARG B 183 -39.55 -43.47 4.78
CA ARG B 183 -39.99 -42.57 5.84
C ARG B 183 -38.88 -42.26 6.83
N ASN B 184 -38.25 -43.28 7.40
CA ASN B 184 -37.34 -43.09 8.53
C ASN B 184 -35.90 -43.47 8.22
N ALA B 185 -35.64 -44.71 7.81
CA ALA B 185 -34.27 -45.21 7.79
C ALA B 185 -33.52 -44.79 6.54
N LEU B 186 -33.97 -45.25 5.37
CA LEU B 186 -33.26 -45.00 4.14
C LEU B 186 -33.53 -43.61 3.56
N ALA B 187 -34.45 -42.86 4.16
CA ALA B 187 -34.74 -41.51 3.67
C ALA B 187 -33.56 -40.57 3.87
N ASN B 188 -32.61 -40.91 4.73
CA ASN B 188 -31.47 -40.05 4.98
C ASN B 188 -30.58 -39.96 3.74
N SER B 189 -30.16 -38.75 3.40
CA SER B 189 -29.31 -38.55 2.24
C SER B 189 -27.89 -38.99 2.54
N LEU B 190 -27.17 -39.34 1.47
CA LEU B 190 -25.76 -39.70 1.59
C LEU B 190 -24.88 -38.50 1.94
N TYR B 191 -25.40 -37.29 1.86
CA TYR B 191 -24.63 -36.08 2.08
C TYR B 191 -25.28 -35.25 3.18
N CYS B 192 -24.45 -34.51 3.89
CA CYS B 192 -24.93 -33.73 5.03
C CYS B 192 -25.87 -32.64 4.57
N PRO B 193 -27.06 -32.52 5.15
CA PRO B 193 -27.97 -31.42 4.79
C PRO B 193 -27.34 -30.08 5.12
N ASP B 194 -27.73 -29.07 4.35
CA ASP B 194 -27.10 -27.74 4.45
C ASP B 194 -27.26 -27.15 5.85
N TYR B 195 -28.28 -27.56 6.60
CA TYR B 195 -28.49 -27.02 7.93
C TYR B 195 -27.59 -27.65 8.98
N ARG B 196 -26.88 -28.72 8.65
CA ARG B 196 -25.95 -29.34 9.59
C ARG B 196 -24.49 -29.14 9.20
N ILE B 197 -24.22 -28.48 8.07
CA ILE B 197 -22.84 -28.23 7.66
C ILE B 197 -22.21 -27.22 8.61
N GLY B 198 -21.04 -27.58 9.15
CA GLY B 198 -20.36 -26.74 10.11
C GLY B 198 -20.78 -26.94 11.55
N LYS B 199 -21.76 -27.80 11.81
CA LYS B 199 -22.24 -28.03 13.17
C LYS B 199 -22.24 -29.51 13.51
N VAL B 200 -21.31 -30.27 12.95
CA VAL B 200 -21.17 -31.70 13.26
C VAL B 200 -20.09 -31.80 14.33
N THR B 201 -20.52 -31.93 15.58
CA THR B 201 -19.59 -31.97 16.69
C THR B 201 -18.79 -33.27 16.68
N PRO B 202 -17.53 -33.23 17.14
CA PRO B 202 -16.77 -34.48 17.24
C PRO B 202 -17.40 -35.51 18.14
N ASP B 203 -18.17 -35.08 19.15
CA ASP B 203 -18.87 -36.02 20.01
C ASP B 203 -19.87 -36.85 19.23
N GLN B 204 -20.51 -36.24 18.22
CA GLN B 204 -21.41 -37.00 17.36
C GLN B 204 -20.67 -38.08 16.60
N LEU B 205 -19.48 -37.75 16.08
CA LEU B 205 -18.67 -38.75 15.38
C LEU B 205 -18.24 -39.86 16.32
N HIS B 206 -17.86 -39.52 17.56
CA HIS B 206 -17.48 -40.55 18.53
C HIS B 206 -18.66 -41.45 18.86
N TYR B 207 -19.86 -40.86 19.02
CA TYR B 207 -21.06 -41.67 19.23
C TYR B 207 -21.29 -42.62 18.06
N TYR B 208 -21.18 -42.10 16.83
CA TYR B 208 -21.41 -42.93 15.65
C TYR B 208 -20.42 -44.08 15.59
N VAL B 209 -19.14 -43.81 15.86
CA VAL B 209 -18.13 -44.86 15.81
C VAL B 209 -18.37 -45.89 16.91
N GLN B 210 -18.55 -45.42 18.15
CA GLN B 210 -18.72 -46.36 19.27
C GLN B 210 -20.01 -47.17 19.18
N ASN B 211 -21.00 -46.71 18.42
CA ASN B 211 -22.26 -47.42 18.37
C ASN B 211 -22.63 -47.99 17.00
N HIS B 212 -21.75 -47.85 16.00
CA HIS B 212 -22.00 -48.48 14.72
C HIS B 212 -20.78 -49.26 14.24
N PHE B 213 -19.58 -48.82 14.65
CA PHE B 213 -18.34 -49.51 14.30
C PHE B 213 -18.08 -50.65 15.28
N THR B 214 -18.98 -51.62 15.26
CA THR B 214 -18.87 -52.77 16.16
C THR B 214 -18.21 -53.95 15.44
N SER B 215 -17.63 -54.85 16.24
CA SER B 215 -16.91 -55.99 15.69
C SER B 215 -17.83 -56.90 14.90
N ALA B 216 -19.04 -57.13 15.39
CA ALA B 216 -19.99 -57.99 14.70
C ALA B 216 -20.67 -57.30 13.52
N ARG B 217 -20.16 -56.14 13.10
CA ARG B 217 -20.74 -55.41 11.98
C ARG B 217 -19.69 -55.05 10.94
N MET B 218 -18.50 -55.63 11.01
CA MET B 218 -17.46 -55.40 10.01
C MET B 218 -17.23 -56.67 9.19
N ALA B 219 -16.48 -56.49 8.11
CA ALA B 219 -16.04 -57.61 7.27
C ALA B 219 -14.68 -57.20 6.70
N LEU B 220 -13.64 -57.96 7.05
CA LEU B 220 -12.28 -57.63 6.65
C LEU B 220 -11.89 -58.43 5.41
N ILE B 221 -12.33 -57.92 4.26
CA ILE B 221 -12.13 -58.61 2.99
C ILE B 221 -10.73 -58.28 2.50
N GLY B 222 -9.98 -59.31 2.07
CA GLY B 222 -8.63 -59.07 1.60
C GLY B 222 -8.25 -59.78 0.33
N LEU B 223 -7.93 -59.04 -0.73
CA LEU B 223 -7.51 -59.61 -1.99
C LEU B 223 -6.00 -59.41 -2.13
N GLY B 224 -5.28 -60.52 -2.32
CA GLY B 224 -3.84 -60.50 -2.40
C GLY B 224 -3.13 -60.79 -1.10
N VAL B 225 -3.86 -61.06 -0.01
CA VAL B 225 -3.28 -61.31 1.30
C VAL B 225 -3.82 -62.63 1.84
N SER B 226 -2.92 -63.43 2.41
CA SER B 226 -3.30 -64.72 2.96
C SER B 226 -4.12 -64.57 4.24
N HIS B 227 -4.80 -65.65 4.61
CA HIS B 227 -5.71 -65.61 5.75
C HIS B 227 -5.02 -65.32 7.08
N PRO B 228 -3.94 -66.01 7.47
CA PRO B 228 -3.35 -65.72 8.80
C PRO B 228 -2.86 -64.29 8.95
N VAL B 229 -2.35 -63.68 7.87
CA VAL B 229 -1.90 -62.30 7.95
C VAL B 229 -3.07 -61.38 8.29
N LEU B 230 -4.23 -61.62 7.66
CA LEU B 230 -5.42 -60.84 7.99
C LEU B 230 -5.89 -61.12 9.40
N LYS B 231 -5.81 -62.38 9.84
CA LYS B 231 -6.26 -62.72 11.19
C LYS B 231 -5.42 -62.04 12.26
N GLN B 232 -4.11 -61.95 12.05
CA GLN B 232 -3.26 -61.28 13.03
C GLN B 232 -3.64 -59.80 13.16
N VAL B 233 -3.89 -59.13 12.04
CA VAL B 233 -4.33 -57.73 12.10
C VAL B 233 -5.68 -57.63 12.78
N ALA B 234 -6.60 -58.53 12.45
CA ALA B 234 -7.94 -58.48 13.02
C ALA B 234 -7.93 -58.75 14.52
N GLU B 235 -6.95 -59.50 15.01
CA GLU B 235 -6.85 -59.70 16.46
C GLU B 235 -6.11 -58.55 17.13
N ARG B 236 -5.17 -57.90 16.42
CA ARG B 236 -4.45 -56.78 17.01
C ARG B 236 -5.37 -55.59 17.24
N PHE B 237 -6.40 -55.45 16.40
CA PHE B 237 -7.36 -54.36 16.48
C PHE B 237 -8.77 -54.93 16.51
N LEU B 238 -9.75 -54.06 16.31
CA LEU B 238 -11.16 -54.42 16.21
C LEU B 238 -11.63 -55.13 17.48
N ASN B 239 -11.34 -54.51 18.62
CA ASN B 239 -11.77 -55.01 19.92
C ASN B 239 -12.83 -54.09 20.53
N MET B 240 -13.75 -53.63 19.69
CA MET B 240 -14.81 -52.72 20.10
C MET B 240 -15.92 -53.46 20.83
N ARG B 241 -17.07 -52.81 20.97
CA ARG B 241 -18.19 -53.36 21.74
C ARG B 241 -18.48 -54.82 21.41
N GLY B 242 -18.25 -55.22 20.17
CA GLY B 242 -18.34 -56.63 19.81
C GLY B 242 -19.74 -57.08 19.45
N GLY B 243 -20.75 -56.46 20.04
CA GLY B 243 -22.12 -56.79 19.73
C GLY B 243 -22.60 -56.16 18.44
N LEU B 244 -23.90 -55.88 18.35
CA LEU B 244 -24.48 -55.29 17.16
C LEU B 244 -24.61 -53.77 17.24
N GLY B 245 -24.14 -53.16 18.33
CA GLY B 245 -24.24 -51.72 18.45
C GLY B 245 -25.69 -51.25 18.51
N LEU B 246 -25.89 -50.02 18.06
CA LEU B 246 -27.23 -49.45 17.97
C LEU B 246 -27.85 -49.83 16.64
N SER B 247 -28.88 -50.68 16.69
CA SER B 247 -29.57 -51.08 15.49
C SER B 247 -30.42 -49.92 14.95
N GLY B 248 -30.76 -50.01 13.68
CA GLY B 248 -31.60 -49.03 13.03
C GLY B 248 -33.07 -49.34 13.20
N ALA B 249 -33.88 -48.81 12.28
CA ALA B 249 -35.32 -49.05 12.28
C ALA B 249 -35.75 -49.44 10.88
N LYS B 250 -36.84 -50.20 10.81
CA LYS B 250 -37.36 -50.61 9.51
C LYS B 250 -37.79 -49.38 8.72
N ALA B 251 -37.36 -49.32 7.47
CA ALA B 251 -37.63 -48.17 6.60
C ALA B 251 -39.07 -48.26 6.11
N LYS B 252 -39.97 -47.59 6.82
CA LYS B 252 -41.36 -47.55 6.40
C LYS B 252 -41.51 -46.74 5.11
N TYR B 253 -42.52 -47.09 4.33
CA TYR B 253 -42.77 -46.42 3.06
C TYR B 253 -43.60 -45.16 3.27
N ARG B 254 -43.28 -44.13 2.49
CA ARG B 254 -44.01 -42.87 2.53
C ARG B 254 -44.87 -42.63 1.30
N GLY B 255 -44.28 -42.73 0.10
CA GLY B 255 -45.03 -42.51 -1.11
C GLY B 255 -45.20 -41.06 -1.51
N GLY B 256 -44.49 -40.14 -0.85
CA GLY B 256 -44.60 -38.75 -1.19
C GLY B 256 -43.97 -38.43 -2.53
N GLU B 257 -44.21 -37.20 -2.98
CA GLU B 257 -43.69 -36.72 -4.26
C GLU B 257 -42.94 -35.43 -4.02
N ILE B 258 -41.64 -35.43 -4.32
CA ILE B 258 -40.79 -34.26 -4.14
C ILE B 258 -40.49 -33.68 -5.52
N ARG B 259 -40.85 -32.42 -5.72
CA ARG B 259 -40.65 -31.73 -6.99
C ARG B 259 -39.73 -30.54 -6.78
N ASP B 260 -38.76 -30.40 -7.69
CA ASP B 260 -37.74 -29.36 -7.58
C ASP B 260 -37.68 -28.59 -8.90
N GLN B 261 -37.98 -27.30 -8.84
CA GLN B 261 -37.86 -26.42 -10.00
C GLN B 261 -36.53 -25.69 -9.89
N ASN B 262 -35.54 -26.15 -10.66
CA ASN B 262 -34.17 -25.65 -10.54
C ASN B 262 -33.55 -25.42 -11.91
N GLY B 263 -34.30 -24.80 -12.82
CA GLY B 263 -33.81 -24.63 -14.18
C GLY B 263 -33.67 -25.97 -14.85
N ASP B 264 -32.47 -26.30 -15.31
CA ASP B 264 -32.14 -27.64 -15.79
C ASP B 264 -33.17 -28.14 -16.81
N SER B 265 -33.16 -27.48 -17.96
CA SER B 265 -34.13 -27.67 -19.04
C SER B 265 -34.54 -29.13 -19.21
N LEU B 266 -33.57 -30.04 -19.14
CA LEU B 266 -33.89 -31.46 -19.20
C LEU B 266 -34.45 -31.93 -17.86
N VAL B 267 -35.70 -32.37 -17.88
CA VAL B 267 -36.40 -32.84 -16.69
C VAL B 267 -35.90 -34.25 -16.37
N HIS B 268 -35.52 -34.45 -15.12
CA HIS B 268 -35.19 -35.77 -14.57
C HIS B 268 -36.35 -36.19 -13.68
N ALA B 269 -37.02 -37.29 -14.03
CA ALA B 269 -38.17 -37.75 -13.27
C ALA B 269 -38.09 -39.25 -13.04
N ALA B 270 -38.29 -39.66 -11.80
CA ALA B 270 -38.20 -41.07 -11.42
C ALA B 270 -39.42 -41.47 -10.63
N LEU B 271 -40.01 -42.61 -10.99
CA LEU B 271 -41.20 -43.14 -10.35
C LEU B 271 -40.93 -44.56 -9.89
N VAL B 272 -41.09 -44.81 -8.58
CA VAL B 272 -40.67 -46.08 -7.98
C VAL B 272 -41.75 -46.59 -7.04
N ALA B 273 -41.61 -47.88 -6.69
CA ALA B 273 -42.47 -48.53 -5.71
C ALA B 273 -41.65 -49.59 -4.98
N GLU B 274 -42.14 -49.97 -3.80
CA GLU B 274 -41.43 -50.90 -2.93
C GLU B 274 -41.34 -52.26 -3.61
N SER B 275 -40.13 -52.63 -4.06
CA SER B 275 -39.97 -53.87 -4.81
C SER B 275 -39.82 -55.08 -3.88
N ALA B 276 -38.70 -55.14 -3.15
CA ALA B 276 -38.37 -56.29 -2.32
C ALA B 276 -37.07 -56.08 -1.56
N ALA B 277 -36.91 -56.75 -0.44
CA ALA B 277 -35.61 -56.78 0.23
C ALA B 277 -34.62 -57.58 -0.61
N THR B 278 -33.35 -57.18 -0.55
CA THR B 278 -32.32 -57.84 -1.34
C THR B 278 -32.10 -59.26 -0.83
N GLY B 279 -31.51 -60.08 -1.69
CA GLY B 279 -31.27 -61.47 -1.35
C GLY B 279 -32.53 -62.28 -1.18
N SER B 280 -33.52 -62.06 -2.04
CA SER B 280 -34.77 -62.80 -2.01
C SER B 280 -35.15 -63.18 -3.44
N ALA B 281 -36.13 -64.08 -3.56
CA ALA B 281 -36.61 -64.48 -4.88
C ALA B 281 -37.21 -63.30 -5.62
N GLU B 282 -37.98 -62.47 -4.91
CA GLU B 282 -38.55 -61.28 -5.54
C GLU B 282 -37.46 -60.30 -5.96
N ALA B 283 -36.33 -60.28 -5.27
CA ALA B 283 -35.23 -59.41 -5.70
C ALA B 283 -34.67 -59.84 -7.04
N ASN B 284 -34.45 -61.14 -7.22
CA ASN B 284 -33.99 -61.64 -8.52
C ASN B 284 -35.04 -61.42 -9.60
N ALA B 285 -36.31 -61.64 -9.27
CA ALA B 285 -37.38 -61.40 -10.23
C ALA B 285 -37.41 -59.94 -10.65
N PHE B 286 -37.22 -59.01 -9.71
CA PHE B 286 -37.26 -57.60 -10.02
C PHE B 286 -36.04 -57.18 -10.83
N SER B 287 -34.88 -57.79 -10.56
CA SER B 287 -33.70 -57.52 -11.40
C SER B 287 -33.93 -58.01 -12.82
N VAL B 288 -34.51 -59.19 -12.99
CA VAL B 288 -34.83 -59.69 -14.32
C VAL B 288 -35.83 -58.78 -15.00
N LEU B 289 -36.81 -58.27 -14.25
CA LEU B 289 -37.76 -57.31 -14.80
C LEU B 289 -37.06 -56.03 -15.23
N GLN B 290 -36.09 -55.57 -14.43
CA GLN B 290 -35.32 -54.38 -14.80
C GLN B 290 -34.60 -54.59 -16.12
N HIS B 291 -33.97 -55.75 -16.31
CA HIS B 291 -33.25 -55.99 -17.55
C HIS B 291 -34.19 -56.27 -18.71
N VAL B 292 -35.41 -56.74 -18.43
CA VAL B 292 -36.43 -56.83 -19.47
C VAL B 292 -36.82 -55.43 -19.94
N LEU B 293 -37.06 -54.53 -18.98
CA LEU B 293 -37.43 -53.16 -19.32
C LEU B 293 -36.28 -52.44 -20.03
N GLY B 294 -35.05 -52.66 -19.59
CA GLY B 294 -33.90 -52.00 -20.16
C GLY B 294 -33.20 -51.12 -19.15
N ALA B 295 -31.94 -51.45 -18.85
CA ALA B 295 -31.16 -50.72 -17.86
C ALA B 295 -29.84 -50.29 -18.49
N GLY B 296 -29.80 -49.05 -18.98
CA GLY B 296 -28.60 -48.51 -19.55
C GLY B 296 -28.33 -49.02 -20.96
N PRO B 297 -27.27 -48.53 -21.58
CA PRO B 297 -26.92 -48.96 -22.93
C PRO B 297 -25.96 -50.14 -22.92
N HIS B 298 -25.88 -50.80 -24.08
CA HIS B 298 -24.96 -51.92 -24.25
C HIS B 298 -24.05 -51.67 -25.45
N VAL B 299 -24.59 -51.04 -26.49
CA VAL B 299 -23.83 -50.67 -27.68
C VAL B 299 -23.69 -49.16 -27.67
N LYS B 300 -22.48 -48.67 -27.44
CA LYS B 300 -22.26 -47.23 -27.45
C LYS B 300 -22.62 -46.65 -28.81
N ARG B 301 -23.34 -45.53 -28.80
CA ARG B 301 -23.84 -44.88 -30.01
C ARG B 301 -24.80 -45.81 -30.75
N GLY B 302 -25.86 -46.23 -30.06
CA GLY B 302 -26.84 -47.15 -30.61
C GLY B 302 -28.26 -46.67 -30.47
N SER B 303 -29.21 -47.61 -30.40
CA SER B 303 -30.63 -47.25 -30.33
C SER B 303 -31.40 -48.04 -29.29
N ASN B 304 -30.75 -48.87 -28.48
CA ASN B 304 -31.40 -49.66 -27.44
C ASN B 304 -32.54 -50.49 -28.01
N ALA B 305 -32.20 -51.35 -28.99
CA ALA B 305 -33.21 -52.14 -29.68
C ALA B 305 -33.92 -53.09 -28.72
N THR B 306 -33.17 -53.76 -27.85
CA THR B 306 -33.79 -54.74 -26.96
C THR B 306 -34.59 -54.06 -25.85
N SER B 307 -34.15 -52.90 -25.38
CA SER B 307 -34.83 -52.21 -24.29
C SER B 307 -36.27 -51.90 -24.65
N SER B 308 -37.22 -52.55 -23.97
CA SER B 308 -38.63 -52.38 -24.30
C SER B 308 -39.09 -50.95 -24.02
N LEU B 309 -38.65 -50.36 -22.92
CA LEU B 309 -39.07 -49.01 -22.58
C LEU B 309 -38.59 -48.01 -23.62
N TYR B 310 -37.34 -48.13 -24.06
CA TYR B 310 -36.81 -47.21 -25.06
C TYR B 310 -37.61 -47.29 -26.36
N GLN B 311 -37.92 -48.50 -26.82
CA GLN B 311 -38.71 -48.65 -28.03
C GLN B 311 -40.13 -48.10 -27.84
N ALA B 312 -40.72 -48.35 -26.67
CA ALA B 312 -42.08 -47.88 -26.42
C ALA B 312 -42.15 -46.36 -26.43
N VAL B 313 -41.21 -45.71 -25.75
CA VAL B 313 -41.24 -44.25 -25.68
C VAL B 313 -40.86 -43.63 -27.01
N ALA B 314 -39.83 -44.19 -27.68
CA ALA B 314 -39.38 -43.64 -28.95
C ALA B 314 -40.45 -43.72 -30.01
N LYS B 315 -41.37 -44.68 -29.90
CA LYS B 315 -42.52 -44.73 -30.78
C LYS B 315 -43.39 -43.48 -30.65
N GLY B 316 -43.33 -42.81 -29.51
CA GLY B 316 -44.06 -41.58 -29.31
C GLY B 316 -43.19 -40.37 -29.59
N VAL B 317 -42.72 -39.71 -28.52
CA VAL B 317 -41.90 -38.51 -28.69
C VAL B 317 -40.62 -38.84 -29.43
N HIS B 318 -40.26 -38.00 -30.40
CA HIS B 318 -39.03 -38.17 -31.18
C HIS B 318 -37.96 -37.17 -30.75
N GLN B 319 -38.05 -36.63 -29.54
CA GLN B 319 -37.11 -35.65 -29.04
C GLN B 319 -36.05 -36.32 -28.17
N PRO B 320 -34.90 -35.68 -27.97
CA PRO B 320 -33.85 -36.28 -27.14
C PRO B 320 -34.36 -36.65 -25.76
N PHE B 321 -34.00 -37.86 -25.32
CA PHE B 321 -34.49 -38.41 -24.07
C PHE B 321 -33.76 -39.72 -23.80
N ASP B 322 -33.93 -40.24 -22.59
CA ASP B 322 -33.73 -41.66 -22.36
C ASP B 322 -34.44 -42.08 -21.08
N VAL B 323 -34.96 -43.29 -21.08
CA VAL B 323 -35.64 -43.89 -19.95
C VAL B 323 -34.93 -45.20 -19.62
N SER B 324 -34.93 -45.57 -18.34
CA SER B 324 -34.31 -46.82 -17.94
C SER B 324 -34.94 -47.32 -16.65
N ALA B 325 -34.95 -48.63 -16.49
CA ALA B 325 -35.42 -49.21 -15.22
C ALA B 325 -34.43 -48.89 -14.11
N PHE B 326 -34.93 -48.87 -12.88
CA PHE B 326 -34.16 -48.45 -11.72
C PHE B 326 -34.52 -49.39 -10.57
N ASN B 327 -33.55 -50.22 -10.17
CA ASN B 327 -33.71 -51.14 -9.05
C ASN B 327 -32.84 -50.70 -7.90
N ALA B 328 -33.43 -50.63 -6.71
CA ALA B 328 -32.75 -50.15 -5.51
C ALA B 328 -32.93 -51.12 -4.35
N SER B 329 -32.66 -52.39 -4.61
CA SER B 329 -32.81 -53.42 -3.58
C SER B 329 -31.86 -53.16 -2.42
N TYR B 330 -32.41 -53.00 -1.23
CA TYR B 330 -31.66 -52.76 -0.01
C TYR B 330 -31.80 -53.95 0.93
N SER B 331 -31.13 -53.85 2.08
CA SER B 331 -31.09 -54.98 3.01
C SER B 331 -32.48 -55.33 3.53
N ASP B 332 -33.28 -54.33 3.86
CA ASP B 332 -34.60 -54.56 4.43
C ASP B 332 -35.75 -54.31 3.47
N SER B 333 -35.54 -53.53 2.41
CA SER B 333 -36.59 -53.23 1.45
C SER B 333 -35.95 -53.01 0.09
N GLY B 334 -36.71 -52.42 -0.84
CA GLY B 334 -36.22 -52.18 -2.18
C GLY B 334 -37.09 -51.17 -2.89
N LEU B 335 -36.63 -50.76 -4.07
CA LEU B 335 -37.31 -49.71 -4.84
C LEU B 335 -37.12 -50.00 -6.32
N PHE B 336 -38.16 -50.49 -6.97
CA PHE B 336 -38.15 -50.69 -8.41
C PHE B 336 -39.04 -49.68 -9.10
N GLY B 337 -38.55 -49.16 -10.23
CA GLY B 337 -39.31 -48.18 -10.96
C GLY B 337 -38.64 -47.80 -12.26
N ILE B 338 -39.07 -46.66 -12.78
CA ILE B 338 -38.52 -46.11 -14.00
C ILE B 338 -37.84 -44.79 -13.69
N TYR B 339 -36.86 -44.43 -14.53
CA TYR B 339 -36.11 -43.19 -14.37
C TYR B 339 -35.91 -42.64 -15.77
N THR B 340 -36.54 -41.50 -16.07
CA THR B 340 -36.54 -40.93 -17.40
C THR B 340 -36.05 -39.48 -17.34
N ILE B 341 -35.12 -39.13 -18.22
CA ILE B 341 -34.71 -37.74 -18.35
C ILE B 341 -34.95 -37.33 -19.80
N SER B 342 -35.62 -36.19 -19.99
CA SER B 342 -36.05 -35.79 -21.31
C SER B 342 -36.15 -34.28 -21.37
N GLN B 343 -36.75 -33.77 -22.45
CA GLN B 343 -36.98 -32.35 -22.58
C GLN B 343 -38.18 -31.93 -21.72
N ALA B 344 -38.18 -30.66 -21.32
CA ALA B 344 -39.21 -30.17 -20.41
C ALA B 344 -40.59 -30.25 -21.05
N ALA B 345 -40.70 -29.87 -22.32
CA ALA B 345 -42.00 -29.90 -22.99
C ALA B 345 -42.53 -31.33 -23.12
N SER B 346 -41.65 -32.27 -23.44
CA SER B 346 -42.04 -33.67 -23.62
C SER B 346 -41.79 -34.51 -22.38
N ALA B 347 -41.55 -33.89 -21.23
CA ALA B 347 -41.28 -34.66 -20.02
C ALA B 347 -42.49 -35.51 -19.61
N GLY B 348 -43.69 -34.97 -19.80
CA GLY B 348 -44.89 -35.71 -19.41
C GLY B 348 -45.08 -36.97 -20.23
N ASP B 349 -44.93 -36.86 -21.55
CA ASP B 349 -45.30 -37.97 -22.44
C ASP B 349 -44.46 -39.20 -22.16
N VAL B 350 -43.16 -39.04 -21.90
CA VAL B 350 -42.30 -40.19 -21.68
C VAL B 350 -42.73 -40.96 -20.44
N ILE B 351 -43.19 -40.26 -19.40
CA ILE B 351 -43.59 -40.93 -18.17
C ILE B 351 -44.80 -41.81 -18.43
N LYS B 352 -45.83 -41.28 -19.07
CA LYS B 352 -47.02 -42.08 -19.34
C LYS B 352 -46.71 -43.21 -20.31
N SER B 353 -45.85 -42.97 -21.31
CA SER B 353 -45.53 -44.04 -22.26
C SER B 353 -44.81 -45.19 -21.57
N ALA B 354 -43.81 -44.87 -20.73
CA ALA B 354 -43.10 -45.92 -20.01
C ALA B 354 -44.03 -46.65 -19.04
N TYR B 355 -44.90 -45.91 -18.35
CA TYR B 355 -45.84 -46.53 -17.44
C TYR B 355 -46.78 -47.48 -18.17
N ASP B 356 -47.27 -47.06 -19.35
CA ASP B 356 -48.14 -47.92 -20.14
C ASP B 356 -47.40 -49.15 -20.64
N GLN B 357 -46.11 -49.00 -20.98
CA GLN B 357 -45.33 -50.17 -21.38
C GLN B 357 -45.20 -51.17 -20.24
N VAL B 358 -44.92 -50.67 -19.03
CA VAL B 358 -44.82 -51.55 -17.87
C VAL B 358 -46.15 -52.23 -17.58
N LYS B 359 -47.25 -51.47 -17.68
CA LYS B 359 -48.57 -52.05 -17.46
C LYS B 359 -48.89 -53.11 -18.50
N THR B 360 -48.49 -52.88 -19.76
CA THR B 360 -48.68 -53.89 -20.79
C THR B 360 -47.90 -55.15 -20.47
N ILE B 361 -46.66 -54.99 -19.98
CA ILE B 361 -45.90 -56.16 -19.56
C ILE B 361 -46.61 -56.89 -18.43
N ALA B 362 -47.20 -56.15 -17.50
CA ALA B 362 -47.89 -56.76 -16.38
C ALA B 362 -49.09 -57.59 -16.83
N GLN B 363 -49.85 -57.07 -17.79
CA GLN B 363 -51.07 -57.74 -18.24
C GLN B 363 -50.81 -58.76 -19.34
N GLY B 364 -49.90 -59.68 -19.09
CA GLY B 364 -49.66 -60.79 -19.99
C GLY B 364 -49.12 -60.42 -21.35
N ASN B 365 -47.90 -59.86 -21.39
CA ASN B 365 -47.26 -59.56 -22.66
C ASN B 365 -45.77 -59.89 -22.66
N LEU B 366 -45.28 -60.66 -21.70
CA LEU B 366 -43.86 -60.98 -21.61
C LEU B 366 -43.56 -62.19 -22.48
N SER B 367 -42.71 -62.01 -23.48
CA SER B 367 -42.29 -63.12 -24.33
C SER B 367 -41.13 -63.87 -23.68
N ASN B 368 -41.11 -65.18 -23.87
CA ASN B 368 -40.05 -66.00 -23.29
C ASN B 368 -38.68 -65.63 -23.84
N THR B 369 -38.62 -65.22 -25.10
CA THR B 369 -37.34 -64.82 -25.69
C THR B 369 -36.78 -63.59 -24.99
N ASP B 370 -37.64 -62.60 -24.70
CA ASP B 370 -37.19 -61.43 -23.96
C ASP B 370 -36.72 -61.80 -22.57
N VAL B 371 -37.42 -62.74 -21.92
CA VAL B 371 -37.03 -63.18 -20.59
C VAL B 371 -35.63 -63.81 -20.63
N GLN B 372 -35.40 -64.69 -21.61
CA GLN B 372 -34.09 -65.33 -21.72
C GLN B 372 -33.00 -64.32 -22.06
N ALA B 373 -33.32 -63.34 -22.90
CA ALA B 373 -32.35 -62.29 -23.20
C ALA B 373 -32.01 -61.50 -21.95
N ALA B 374 -33.00 -61.20 -21.13
CA ALA B 374 -32.73 -60.51 -19.86
C ALA B 374 -31.89 -61.36 -18.94
N LYS B 375 -32.14 -62.67 -18.90
CA LYS B 375 -31.30 -63.56 -18.10
C LYS B 375 -29.85 -63.49 -18.56
N ASN B 376 -29.63 -63.56 -19.87
CA ASN B 376 -28.28 -63.50 -20.41
C ASN B 376 -27.62 -62.16 -20.08
N LYS B 377 -28.37 -61.06 -20.23
CA LYS B 377 -27.81 -59.75 -19.91
C LYS B 377 -27.43 -59.66 -18.44
N LEU B 378 -28.29 -60.17 -17.56
CA LEU B 378 -28.01 -60.11 -16.12
C LEU B 378 -26.79 -60.96 -15.77
N LYS B 379 -26.70 -62.15 -16.35
CA LYS B 379 -25.55 -63.02 -16.08
C LYS B 379 -24.26 -62.35 -16.54
N ALA B 380 -24.26 -61.80 -17.76
CA ALA B 380 -23.08 -61.13 -18.26
C ALA B 380 -22.72 -59.92 -17.40
N GLY B 381 -23.72 -59.14 -16.99
CA GLY B 381 -23.45 -57.99 -16.15
C GLY B 381 -22.86 -58.36 -14.81
N TYR B 382 -23.39 -59.41 -14.18
CA TYR B 382 -22.86 -59.83 -12.89
C TYR B 382 -21.43 -60.35 -13.03
N LEU B 383 -21.17 -61.16 -14.06
CA LEU B 383 -19.80 -61.64 -14.26
C LEU B 383 -18.85 -60.50 -14.56
N MET B 384 -19.31 -59.48 -15.30
CA MET B 384 -18.46 -58.35 -15.63
C MET B 384 -18.21 -57.46 -14.41
N SER B 385 -19.18 -57.39 -13.50
CA SER B 385 -18.98 -56.61 -12.28
C SER B 385 -17.85 -57.18 -11.45
N VAL B 386 -17.79 -58.51 -11.33
CA VAL B 386 -16.67 -59.16 -10.64
C VAL B 386 -15.61 -59.43 -11.72
N GLU B 387 -14.87 -58.38 -12.05
CA GLU B 387 -13.68 -58.50 -12.89
C GLU B 387 -12.45 -57.89 -12.24
N SER B 388 -12.57 -56.68 -11.73
CA SER B 388 -11.45 -55.95 -11.17
C SER B 388 -11.30 -56.26 -9.68
N SER B 389 -10.23 -55.74 -9.09
CA SER B 389 -10.04 -55.89 -7.65
C SER B 389 -11.15 -55.19 -6.87
N GLU B 390 -11.51 -53.97 -7.29
CA GLU B 390 -12.54 -53.23 -6.59
C GLU B 390 -13.90 -53.91 -6.74
N GLY B 391 -14.22 -54.38 -7.94
CA GLY B 391 -15.51 -55.03 -8.16
C GLY B 391 -15.66 -56.30 -7.35
N PHE B 392 -14.61 -57.13 -7.31
CA PHE B 392 -14.64 -58.32 -6.46
C PHE B 392 -14.73 -57.93 -4.99
N LEU B 393 -13.96 -56.92 -4.58
CA LEU B 393 -13.92 -56.53 -3.17
C LEU B 393 -15.29 -56.09 -2.69
N ASP B 394 -15.96 -55.22 -3.45
CA ASP B 394 -17.26 -54.72 -3.04
C ASP B 394 -18.28 -55.85 -2.96
N GLU B 395 -18.26 -56.75 -3.95
CA GLU B 395 -19.22 -57.86 -3.95
C GLU B 395 -19.01 -58.75 -2.74
N VAL B 396 -17.76 -59.11 -2.44
CA VAL B 396 -17.51 -60.00 -1.31
C VAL B 396 -17.81 -59.29 0.01
N GLY B 397 -17.52 -58.00 0.09
CA GLY B 397 -17.84 -57.27 1.30
C GLY B 397 -19.33 -57.19 1.56
N SER B 398 -20.11 -56.90 0.51
CA SER B 398 -21.56 -56.89 0.66
C SER B 398 -22.09 -58.27 1.04
N GLN B 399 -21.56 -59.32 0.41
CA GLN B 399 -21.99 -60.67 0.72
C GLN B 399 -21.71 -61.02 2.18
N ALA B 400 -20.50 -60.68 2.66
CA ALA B 400 -20.17 -60.97 4.05
C ALA B 400 -21.03 -60.15 5.01
N LEU B 401 -21.27 -58.89 4.69
CA LEU B 401 -22.05 -58.03 5.58
C LEU B 401 -23.49 -58.50 5.68
N VAL B 402 -24.11 -58.82 4.55
CA VAL B 402 -25.53 -59.15 4.52
C VAL B 402 -25.73 -60.65 4.73
N ALA B 403 -25.21 -61.46 3.82
CA ALA B 403 -25.45 -62.90 3.87
C ALA B 403 -24.61 -63.61 4.91
N GLY B 404 -23.46 -63.07 5.28
CA GLY B 404 -22.56 -63.79 6.17
C GLY B 404 -21.95 -65.01 5.51
N SER B 405 -21.94 -65.06 4.19
CA SER B 405 -21.37 -66.17 3.44
C SER B 405 -21.09 -65.66 2.03
N TYR B 406 -20.26 -66.42 1.30
CA TYR B 406 -19.88 -66.07 -0.05
C TYR B 406 -20.35 -67.17 -0.99
N VAL B 407 -21.24 -66.82 -1.91
CA VAL B 407 -21.70 -67.76 -2.93
C VAL B 407 -20.94 -67.49 -4.22
N GLN B 408 -20.46 -68.56 -4.84
CA GLN B 408 -19.69 -68.43 -6.07
C GLN B 408 -20.61 -67.98 -7.20
N PRO B 409 -20.02 -67.39 -8.26
CA PRO B 409 -20.86 -66.91 -9.37
C PRO B 409 -21.76 -67.98 -9.97
N SER B 410 -21.33 -69.25 -9.95
CA SER B 410 -22.16 -70.32 -10.50
C SER B 410 -23.49 -70.42 -9.76
N THR B 411 -23.46 -70.31 -8.43
CA THR B 411 -24.70 -70.35 -7.65
C THR B 411 -25.61 -69.18 -8.00
N VAL B 412 -25.04 -67.98 -8.15
CA VAL B 412 -25.86 -66.81 -8.48
C VAL B 412 -26.49 -66.98 -9.85
N LEU B 413 -25.72 -67.48 -10.82
CA LEU B 413 -26.30 -67.75 -12.13
C LEU B 413 -27.39 -68.81 -12.06
N GLN B 414 -27.23 -69.80 -11.18
CA GLN B 414 -28.28 -70.80 -11.00
C GLN B 414 -29.56 -70.15 -10.47
N GLN B 415 -29.43 -69.26 -9.47
CA GLN B 415 -30.60 -68.54 -8.97
C GLN B 415 -31.25 -67.71 -10.07
N ILE B 416 -30.43 -67.02 -10.87
CA ILE B 416 -30.98 -66.18 -11.94
C ILE B 416 -31.73 -67.03 -12.95
N ASP B 417 -31.15 -68.17 -13.34
CA ASP B 417 -31.81 -69.08 -14.28
C ASP B 417 -33.09 -69.65 -13.68
N SER B 418 -33.13 -69.82 -12.35
CA SER B 418 -34.30 -70.41 -11.71
C SER B 418 -35.53 -69.51 -11.86
N VAL B 419 -35.35 -68.22 -12.14
CA VAL B 419 -36.47 -67.31 -12.28
C VAL B 419 -37.28 -67.70 -13.50
N ALA B 420 -38.60 -67.72 -13.35
CA ALA B 420 -39.53 -68.08 -14.42
C ALA B 420 -40.25 -66.84 -14.92
N ASP B 421 -40.97 -67.02 -16.03
CA ASP B 421 -41.73 -65.92 -16.61
C ASP B 421 -42.85 -65.47 -15.68
N ALA B 422 -43.50 -66.43 -15.00
CA ALA B 422 -44.58 -66.09 -14.09
C ALA B 422 -44.11 -65.21 -12.95
N ASP B 423 -42.86 -65.37 -12.51
CA ASP B 423 -42.34 -64.53 -11.43
C ASP B 423 -42.17 -63.09 -11.90
N VAL B 424 -41.66 -62.89 -13.12
CA VAL B 424 -41.44 -61.54 -13.64
C VAL B 424 -42.77 -60.87 -13.96
N ILE B 425 -43.72 -61.61 -14.54
CA ILE B 425 -44.99 -61.03 -14.94
C ILE B 425 -45.84 -60.65 -13.75
CA ASN B 426 -45.79 -60.95 -9.44
C ASN B 426 -44.98 -59.66 -9.55
N ALA B 427 -43.82 -59.71 -10.20
CA ALA B 427 -42.91 -58.58 -10.18
C ALA B 427 -43.52 -57.35 -10.84
N ALA B 428 -44.01 -57.50 -12.07
CA ALA B 428 -44.61 -56.35 -12.76
C ALA B 428 -45.89 -55.90 -12.06
N LYS B 429 -46.72 -56.84 -11.63
CA LYS B 429 -47.99 -56.48 -11.02
C LYS B 429 -47.80 -55.72 -9.72
N LYS B 430 -46.77 -56.07 -8.93
CA LYS B 430 -46.52 -55.37 -7.69
C LYS B 430 -46.16 -53.91 -7.95
N PHE B 431 -45.33 -53.66 -8.97
CA PHE B 431 -45.01 -52.28 -9.33
C PHE B 431 -46.24 -51.54 -9.84
N VAL B 432 -47.05 -52.20 -10.67
CA VAL B 432 -48.23 -51.54 -11.23
C VAL B 432 -49.22 -51.22 -10.12
N SER B 433 -49.51 -52.18 -9.26
CA SER B 433 -50.48 -52.00 -8.18
C SER B 433 -49.71 -51.77 -6.87
N GLY B 434 -49.33 -50.51 -6.65
CA GLY B 434 -48.62 -50.13 -5.45
C GLY B 434 -48.45 -48.64 -5.32
N ARG B 435 -48.30 -48.15 -4.09
CA ARG B 435 -48.12 -46.73 -3.86
C ARG B 435 -46.82 -46.26 -4.51
N LYS B 436 -46.90 -45.16 -5.25
CA LYS B 436 -45.79 -44.70 -6.07
C LYS B 436 -45.13 -43.48 -5.45
N SER B 437 -43.80 -43.45 -5.51
CA SER B 437 -43.01 -42.31 -5.07
C SER B 437 -42.29 -41.73 -6.27
N MET B 438 -42.46 -40.43 -6.49
CA MET B 438 -41.90 -39.78 -7.67
C MET B 438 -41.04 -38.60 -7.25
N ALA B 439 -39.87 -38.49 -7.87
CA ALA B 439 -38.95 -37.39 -7.65
C ALA B 439 -38.62 -36.73 -8.98
N ALA B 440 -38.68 -35.41 -9.02
CA ALA B 440 -38.46 -34.68 -10.26
C ALA B 440 -37.52 -33.50 -10.02
N SER B 441 -36.79 -33.15 -11.07
CA SER B 441 -35.92 -31.98 -11.06
C SER B 441 -35.90 -31.39 -12.45
N GLY B 442 -35.76 -30.07 -12.50
CA GLY B 442 -35.77 -29.34 -13.74
C GLY B 442 -36.96 -28.41 -13.86
N ASN B 443 -37.30 -28.10 -15.11
CA ASN B 443 -38.46 -27.26 -15.40
C ASN B 443 -39.69 -28.15 -15.48
N LEU B 444 -40.43 -28.23 -14.37
CA LEU B 444 -41.50 -29.20 -14.19
C LEU B 444 -42.86 -28.67 -14.63
N GLY B 445 -42.90 -27.78 -15.63
CA GLY B 445 -44.16 -27.25 -16.09
C GLY B 445 -45.13 -28.30 -16.58
N HIS B 446 -44.62 -29.34 -17.25
CA HIS B 446 -45.47 -30.39 -17.79
C HIS B 446 -45.23 -31.75 -17.14
N THR B 447 -44.50 -31.80 -16.04
CA THR B 447 -44.23 -33.07 -15.38
C THR B 447 -45.47 -33.53 -14.62
N PRO B 448 -46.00 -34.73 -14.90
CA PRO B 448 -47.20 -35.19 -14.21
C PRO B 448 -46.91 -35.50 -12.75
N PHE B 449 -47.97 -35.45 -11.94
CA PHE B 449 -47.88 -35.76 -10.53
C PHE B 449 -48.09 -37.26 -10.31
N VAL B 450 -47.93 -37.68 -9.05
CA VAL B 450 -48.12 -39.08 -8.70
C VAL B 450 -49.56 -39.50 -8.97
N ASP B 451 -50.51 -38.67 -8.56
CA ASP B 451 -51.92 -38.98 -8.74
C ASP B 451 -52.36 -38.91 -10.20
N GLU B 452 -51.56 -38.28 -11.05
CA GLU B 452 -51.91 -38.13 -12.46
C GLU B 452 -51.29 -39.25 -13.30
N MET C 1 3.58 -21.02 1.45
CA MET C 1 4.68 -20.33 0.79
C MET C 1 4.14 -19.29 -0.19
N THR C 2 4.77 -18.12 -0.21
CA THR C 2 4.33 -17.02 -1.05
C THR C 2 5.54 -16.35 -1.70
N ASN C 3 5.28 -15.67 -2.81
CA ASN C 3 6.37 -15.03 -3.56
C ASN C 3 7.01 -13.92 -2.75
N ILE C 4 8.34 -13.98 -2.63
CA ILE C 4 9.07 -12.87 -2.03
C ILE C 4 8.86 -11.61 -2.85
N ARG C 5 8.63 -11.76 -4.16
CA ARG C 5 8.42 -10.61 -5.02
C ARG C 5 7.18 -9.82 -4.62
N LYS C 6 6.09 -10.51 -4.26
CA LYS C 6 4.83 -9.85 -3.94
C LYS C 6 4.35 -10.18 -2.52
N SER C 7 5.26 -10.49 -1.62
CA SER C 7 4.90 -10.60 -0.21
C SER C 7 5.81 -9.77 0.69
N HIS C 8 7.10 -9.69 0.38
CA HIS C 8 7.98 -8.80 1.12
C HIS C 8 7.61 -7.35 0.82
N PRO C 9 7.47 -6.50 1.84
CA PRO C 9 6.93 -5.15 1.62
C PRO C 9 7.69 -4.35 0.58
N LEU C 10 9.02 -4.23 0.72
CA LEU C 10 9.80 -3.49 -0.27
C LEU C 10 9.68 -4.12 -1.64
N MET C 11 9.82 -5.44 -1.72
CA MET C 11 9.70 -6.13 -2.99
C MET C 11 8.28 -6.05 -3.53
N LYS C 12 7.27 -6.07 -2.66
CA LYS C 12 5.89 -5.90 -3.13
C LYS C 12 5.70 -4.53 -3.77
N ILE C 13 6.24 -3.48 -3.14
CA ILE C 13 6.13 -2.14 -3.70
C ILE C 13 6.84 -2.07 -5.04
N ILE C 14 8.04 -2.64 -5.12
CA ILE C 14 8.78 -2.62 -6.38
C ILE C 14 8.03 -3.39 -7.46
N ASN C 15 7.46 -4.54 -7.09
CA ASN C 15 6.71 -5.36 -8.03
C ASN C 15 5.51 -4.61 -8.59
N ASN C 16 4.70 -4.02 -7.71
CA ASN C 16 3.58 -3.22 -8.17
C ASN C 16 4.01 -1.95 -8.87
N ALA C 17 5.26 -1.51 -8.69
CA ALA C 17 5.72 -0.29 -9.34
C ALA C 17 6.15 -0.57 -10.78
N PHE C 18 7.20 -1.38 -10.97
CA PHE C 18 7.71 -1.60 -12.31
C PHE C 18 8.18 -3.03 -12.53
N ILE C 19 7.41 -4.00 -12.03
CA ILE C 19 7.66 -5.40 -12.41
C ILE C 19 6.38 -5.99 -13.00
N ASP C 20 5.29 -5.99 -12.23
CA ASP C 20 4.03 -6.56 -12.67
C ASP C 20 2.96 -5.50 -12.85
N LEU C 21 3.34 -4.24 -12.96
CA LEU C 21 2.38 -3.18 -13.21
C LEU C 21 1.84 -3.29 -14.62
N PRO C 22 0.53 -3.38 -14.80
CA PRO C 22 -0.02 -3.38 -16.17
C PRO C 22 0.31 -2.10 -16.89
N ALA C 23 0.67 -2.22 -18.17
CA ALA C 23 1.01 -1.06 -18.99
C ALA C 23 0.38 -1.21 -20.35
N PRO C 24 0.01 -0.09 -21.00
CA PRO C 24 -0.50 -0.17 -22.37
C PRO C 24 0.57 -0.71 -23.31
N SER C 25 0.12 -1.53 -24.26
CA SER C 25 1.07 -2.12 -25.21
C SER C 25 1.54 -1.10 -26.24
N ASN C 26 0.66 -0.19 -26.64
CA ASN C 26 0.95 0.75 -27.71
C ASN C 26 1.65 2.01 -27.21
N ILE C 27 2.31 1.95 -26.06
CA ILE C 27 3.07 3.08 -25.57
C ILE C 27 4.24 3.33 -26.51
N SER C 28 4.35 4.56 -27.02
CA SER C 28 5.39 4.91 -27.96
C SER C 28 6.66 5.31 -27.20
N SER C 29 7.66 5.81 -27.93
CA SER C 29 8.89 6.26 -27.29
C SER C 29 8.69 7.52 -26.47
N TRP C 30 7.62 8.27 -26.73
CA TRP C 30 7.43 9.54 -26.04
C TRP C 30 7.27 9.37 -24.54
N TRP C 31 6.89 8.18 -24.08
CA TRP C 31 6.80 7.90 -22.66
C TRP C 31 8.14 7.47 -22.06
N ASN C 32 9.04 6.91 -22.87
CA ASN C 32 10.35 6.50 -22.37
C ASN C 32 11.06 7.65 -21.67
N PHE C 33 10.87 8.87 -22.17
CA PHE C 33 11.51 10.04 -21.57
C PHE C 33 11.24 10.14 -20.08
N GLY C 34 10.04 9.74 -19.64
CA GLY C 34 9.77 9.69 -18.21
C GLY C 34 10.87 8.97 -17.46
N SER C 35 11.09 7.69 -17.78
CA SER C 35 12.17 6.94 -17.16
C SER C 35 13.50 7.65 -17.39
N LEU C 36 13.71 8.18 -18.61
CA LEU C 36 14.93 8.92 -18.89
C LEU C 36 15.14 10.02 -17.87
N LEU C 37 14.08 10.78 -17.57
CA LEU C 37 14.18 11.83 -16.56
C LEU C 37 14.70 11.25 -15.26
N GLY C 38 14.10 10.16 -14.78
CA GLY C 38 14.59 9.53 -13.58
C GLY C 38 16.06 9.17 -13.70
N ILE C 39 16.44 8.56 -14.83
CA ILE C 39 17.85 8.30 -15.07
C ILE C 39 18.63 9.61 -15.07
N CYS C 40 18.14 10.60 -15.82
CA CYS C 40 18.84 11.88 -15.88
C CYS C 40 18.80 12.58 -14.53
N LEU C 41 17.93 12.13 -13.63
CA LEU C 41 18.01 12.61 -12.25
C LEU C 41 19.17 11.93 -11.52
N ILE C 42 19.18 10.60 -11.51
CA ILE C 42 20.20 9.88 -10.74
C ILE C 42 21.58 10.18 -11.29
N LEU C 43 21.75 10.07 -12.60
CA LEU C 43 23.04 10.39 -13.23
C LEU C 43 23.46 11.81 -12.87
N GLN C 44 22.51 12.70 -12.62
CA GLN C 44 22.87 14.01 -12.10
C GLN C 44 23.31 13.93 -10.65
N ILE C 45 22.46 13.39 -9.78
CA ILE C 45 22.68 13.50 -8.34
C ILE C 45 24.04 12.92 -7.98
N LEU C 46 24.32 11.70 -8.43
CA LEU C 46 25.61 11.07 -8.17
C LEU C 46 26.74 11.99 -8.60
N THR C 47 26.70 12.46 -9.84
CA THR C 47 27.76 13.35 -10.32
C THR C 47 27.87 14.57 -9.43
N GLY C 48 26.73 15.16 -9.05
CA GLY C 48 26.77 16.33 -8.19
C GLY C 48 27.53 16.04 -6.91
N LEU C 49 27.27 14.88 -6.31
CA LEU C 49 27.99 14.51 -5.09
C LEU C 49 29.49 14.60 -5.31
N PHE C 50 29.99 14.00 -6.39
CA PHE C 50 31.41 14.06 -6.65
C PHE C 50 31.89 15.48 -6.85
N LEU C 51 31.11 16.30 -7.56
CA LEU C 51 31.49 17.70 -7.69
C LEU C 51 31.53 18.39 -6.33
N ALA C 52 30.54 18.09 -5.48
CA ALA C 52 30.52 18.68 -4.15
C ALA C 52 31.73 18.24 -3.32
N MET C 53 32.42 17.19 -3.75
CA MET C 53 33.59 16.71 -3.03
C MET C 53 34.87 17.46 -3.42
N HIS C 54 34.79 18.39 -4.39
CA HIS C 54 35.96 19.20 -4.71
C HIS C 54 35.58 20.65 -4.99
N TYR C 55 34.46 21.11 -4.43
CA TYR C 55 33.98 22.46 -4.63
C TYR C 55 33.98 23.19 -3.30
N THR C 56 34.61 24.36 -3.27
CA THR C 56 34.69 25.21 -2.07
C THR C 56 33.92 26.48 -2.36
N SER C 57 32.69 26.57 -1.86
CA SER C 57 31.79 27.69 -2.15
C SER C 57 32.32 28.94 -1.44
N ASP C 58 32.96 29.82 -2.20
CA ASP C 58 33.48 31.08 -1.70
C ASP C 58 33.89 31.93 -2.90
N THR C 59 33.70 33.24 -2.78
CA THR C 59 34.04 34.13 -3.88
C THR C 59 35.52 34.22 -4.14
N THR C 60 36.36 33.69 -3.25
CA THR C 60 37.79 33.65 -3.47
C THR C 60 38.29 32.30 -3.97
N THR C 61 37.43 31.28 -3.99
CA THR C 61 37.85 29.94 -4.37
C THR C 61 36.91 29.22 -5.33
N ALA C 62 35.71 29.73 -5.58
CA ALA C 62 34.73 28.99 -6.39
C ALA C 62 35.26 28.71 -7.78
N PHE C 63 35.70 29.76 -8.49
CA PHE C 63 36.25 29.58 -9.83
C PHE C 63 37.53 28.75 -9.78
N SER C 64 38.40 29.03 -8.80
CA SER C 64 39.63 28.26 -8.67
C SER C 64 39.34 26.80 -8.36
N SER C 65 38.36 26.53 -7.50
CA SER C 65 38.01 25.15 -7.18
C SER C 65 37.45 24.42 -8.41
N VAL C 66 36.60 25.10 -9.19
CA VAL C 66 36.06 24.48 -10.39
C VAL C 66 37.18 24.18 -11.38
N THR C 67 38.11 25.13 -11.54
CA THR C 67 39.27 24.90 -12.40
C THR C 67 40.10 23.72 -11.90
N HIS C 68 40.30 23.63 -10.60
CA HIS C 68 41.04 22.52 -10.02
C HIS C 68 40.37 21.19 -10.31
N ILE C 69 39.03 21.16 -10.23
CA ILE C 69 38.29 19.96 -10.62
C ILE C 69 38.55 19.64 -12.08
N CYS C 70 38.50 20.65 -12.95
CA CYS C 70 38.59 20.41 -14.38
C CYS C 70 39.97 19.86 -14.76
N ARG C 71 41.04 20.44 -14.23
CA ARG C 71 42.38 20.06 -14.65
C ARG C 71 42.97 18.95 -13.78
N ASP C 72 43.13 19.23 -12.49
CA ASP C 72 43.99 18.41 -11.64
C ASP C 72 43.31 17.13 -11.19
N VAL C 73 42.03 17.21 -10.78
CA VAL C 73 41.35 16.05 -10.22
C VAL C 73 41.30 14.95 -11.27
N ASN C 74 41.68 13.74 -10.86
CA ASN C 74 41.68 12.60 -11.77
C ASN C 74 40.29 12.39 -12.36
N TYR C 75 40.18 12.57 -13.67
CA TYR C 75 38.90 12.45 -14.36
C TYR C 75 37.86 13.39 -13.75
N GLY C 76 38.25 14.64 -13.54
CA GLY C 76 37.33 15.63 -13.00
C GLY C 76 36.63 16.43 -14.08
N TRP C 77 37.34 16.66 -15.18
CA TRP C 77 36.73 17.36 -16.31
C TRP C 77 35.54 16.57 -16.85
N VAL C 78 35.66 15.25 -16.91
CA VAL C 78 34.56 14.43 -17.40
C VAL C 78 33.35 14.57 -16.48
N ILE C 79 33.57 14.57 -15.15
CA ILE C 79 32.45 14.74 -14.23
C ILE C 79 31.81 16.11 -14.40
N ARG C 80 32.63 17.15 -14.52
CA ARG C 80 32.11 18.51 -14.63
C ARG C 80 31.25 18.68 -15.90
N TYR C 81 31.80 18.29 -17.04
CA TYR C 81 31.05 18.43 -18.29
C TYR C 81 29.89 17.45 -18.37
N LEU C 82 30.05 16.26 -17.79
CA LEU C 82 28.93 15.34 -17.61
C LEU C 82 27.79 16.01 -16.87
N HIS C 83 28.12 16.72 -15.79
CA HIS C 83 27.12 17.42 -14.99
C HIS C 83 26.42 18.50 -15.80
N ALA C 84 27.19 19.36 -16.48
CA ALA C 84 26.58 20.45 -17.22
C ALA C 84 25.69 19.94 -18.34
N ASN C 85 26.21 19.05 -19.19
CA ASN C 85 25.42 18.54 -20.29
C ASN C 85 24.31 17.62 -19.80
N GLY C 86 24.45 17.06 -18.61
CA GLY C 86 23.36 16.27 -18.04
C GLY C 86 22.21 17.14 -17.59
N ALA C 87 22.51 18.32 -17.03
CA ALA C 87 21.45 19.28 -16.74
C ALA C 87 20.76 19.73 -18.02
N SER C 88 21.54 19.99 -19.07
CA SER C 88 20.94 20.37 -20.35
C SER C 88 20.03 19.25 -20.88
N MET C 89 20.51 18.01 -20.83
CA MET C 89 19.70 16.89 -21.31
C MET C 89 18.49 16.64 -20.42
N PHE C 90 18.62 16.90 -19.11
CA PHE C 90 17.48 16.82 -18.21
C PHE C 90 16.40 17.79 -18.64
N PHE C 91 16.78 19.01 -19.01
CA PHE C 91 15.78 19.96 -19.48
C PHE C 91 15.22 19.59 -20.84
N ILE C 92 16.03 18.99 -21.73
CA ILE C 92 15.49 18.48 -22.99
C ILE C 92 14.40 17.45 -22.72
N CYS C 93 14.70 16.48 -21.84
CA CYS C 93 13.73 15.44 -21.52
C CYS C 93 12.51 16.02 -20.83
N LEU C 94 12.70 17.02 -19.97
CA LEU C 94 11.56 17.64 -19.29
C LEU C 94 10.63 18.32 -20.29
N PHE C 95 11.21 19.06 -21.24
CA PHE C 95 10.38 19.73 -22.24
C PHE C 95 9.67 18.73 -23.13
N ILE C 96 10.37 17.65 -23.52
CA ILE C 96 9.71 16.63 -24.34
C ILE C 96 8.59 15.95 -23.56
N HIS C 97 8.79 15.72 -22.26
CA HIS C 97 7.77 15.11 -21.44
C HIS C 97 6.55 16.01 -21.31
N VAL C 98 6.77 17.31 -21.13
CA VAL C 98 5.65 18.26 -21.07
C VAL C 98 4.91 18.29 -22.40
N GLY C 99 5.66 18.27 -23.51
CA GLY C 99 5.01 18.22 -24.81
C GLY C 99 4.16 16.97 -24.99
N ARG C 100 4.68 15.83 -24.55
CA ARG C 100 3.90 14.60 -24.60
C ARG C 100 2.64 14.71 -23.76
N GLY C 101 2.76 15.25 -22.55
CA GLY C 101 1.59 15.42 -21.70
C GLY C 101 0.54 16.31 -22.35
N LEU C 102 0.97 17.38 -22.99
CA LEU C 102 0.02 18.24 -23.70
C LEU C 102 -0.62 17.51 -24.88
N TYR C 103 0.18 16.78 -25.65
CA TYR C 103 -0.29 16.22 -26.92
C TYR C 103 -1.36 15.17 -26.70
N TYR C 104 -1.08 14.17 -25.86
CA TYR C 104 -1.94 13.00 -25.73
C TYR C 104 -2.95 13.13 -24.60
N GLY C 105 -3.26 14.35 -24.17
CA GLY C 105 -4.25 14.54 -23.12
C GLY C 105 -3.88 13.89 -21.80
N SER C 106 -2.58 13.78 -21.51
CA SER C 106 -2.14 13.19 -20.26
C SER C 106 -2.45 14.06 -19.05
N TYR C 107 -2.84 15.31 -19.26
CA TYR C 107 -3.20 16.18 -18.15
C TYR C 107 -4.57 15.84 -17.55
N MET C 108 -5.29 14.88 -18.13
CA MET C 108 -6.50 14.37 -17.48
C MET C 108 -6.19 13.68 -16.17
N PHE C 109 -4.94 13.30 -15.93
CA PHE C 109 -4.51 12.83 -14.62
C PHE C 109 -4.11 14.08 -13.82
N LEU C 110 -5.12 14.70 -13.21
CA LEU C 110 -4.95 16.04 -12.65
C LEU C 110 -3.89 16.07 -11.55
N GLU C 111 -3.93 15.11 -10.64
CA GLU C 111 -2.97 15.11 -9.53
C GLU C 111 -1.55 14.93 -10.03
N THR C 112 -1.34 13.98 -10.94
CA THR C 112 -0.02 13.78 -11.52
C THR C 112 0.43 15.01 -12.28
N TRP C 113 -0.49 15.66 -12.99
CA TRP C 113 -0.14 16.85 -13.74
C TRP C 113 0.32 17.99 -12.83
N ASN C 114 -0.42 18.21 -11.74
CA ASN C 114 -0.02 19.27 -10.81
C ASN C 114 1.31 18.95 -10.14
N ILE C 115 1.51 17.70 -9.73
CA ILE C 115 2.78 17.33 -9.13
C ILE C 115 3.92 17.49 -10.14
N GLY C 116 3.64 17.21 -11.42
CA GLY C 116 4.63 17.43 -12.45
C GLY C 116 4.97 18.90 -12.62
N VAL C 117 3.96 19.77 -12.52
CA VAL C 117 4.22 21.21 -12.59
C VAL C 117 5.10 21.65 -11.43
N VAL C 118 4.84 21.12 -10.24
CA VAL C 118 5.67 21.45 -9.08
C VAL C 118 7.10 20.96 -9.31
N LEU C 119 7.25 19.75 -9.83
CA LEU C 119 8.57 19.23 -10.13
C LEU C 119 9.29 20.11 -11.14
N LEU C 120 8.57 20.57 -12.16
CA LEU C 120 9.18 21.42 -13.18
C LEU C 120 9.65 22.73 -12.58
N PHE C 121 8.81 23.36 -11.74
CA PHE C 121 9.24 24.54 -11.00
C PHE C 121 10.51 24.30 -10.22
N THR C 122 10.54 23.20 -9.47
CA THR C 122 11.70 22.92 -8.62
C THR C 122 12.95 22.71 -9.47
N VAL C 123 12.79 22.07 -10.64
CA VAL C 123 13.94 21.84 -11.51
C VAL C 123 14.45 23.16 -12.07
N MET C 124 13.56 24.07 -12.48
CA MET C 124 14.05 25.37 -12.95
C MET C 124 14.80 26.10 -11.85
N ALA C 125 14.25 26.08 -10.63
CA ALA C 125 14.92 26.75 -9.53
C ALA C 125 16.28 26.13 -9.27
N THR C 126 16.36 24.80 -9.29
CA THR C 126 17.62 24.11 -9.05
C THR C 126 18.66 24.47 -10.10
N ALA C 127 18.27 24.50 -11.38
CA ALA C 127 19.23 24.80 -12.43
C ALA C 127 19.69 26.25 -12.37
N PHE C 128 18.74 27.18 -12.19
CA PHE C 128 19.10 28.60 -12.05
C PHE C 128 20.08 28.81 -10.91
N MET C 129 19.79 28.18 -9.78
CA MET C 129 20.66 28.28 -8.61
C MET C 129 22.01 27.63 -8.85
N GLY C 130 22.04 26.47 -9.50
CA GLY C 130 23.28 25.77 -9.73
C GLY C 130 24.22 26.49 -10.69
N TYR C 131 23.65 27.15 -11.70
CA TYR C 131 24.50 27.87 -12.65
C TYR C 131 25.31 28.97 -11.99
N VAL C 132 24.91 29.43 -10.80
CA VAL C 132 25.69 30.40 -10.05
C VAL C 132 26.98 29.80 -9.51
N LEU C 133 26.97 28.52 -9.17
CA LEU C 133 28.06 27.92 -8.41
C LEU C 133 29.45 28.09 -9.03
N PRO C 134 29.66 27.94 -10.34
CA PRO C 134 31.00 28.17 -10.88
C PRO C 134 31.48 29.61 -10.69
N TRP C 135 30.57 30.55 -10.45
CA TRP C 135 30.93 31.94 -10.17
C TRP C 135 31.74 32.57 -11.30
N GLY C 136 31.30 32.33 -12.54
CA GLY C 136 31.84 33.04 -13.67
C GLY C 136 31.19 34.39 -13.84
N GLN C 137 31.66 35.12 -14.86
CA GLN C 137 31.07 36.41 -15.17
C GLN C 137 29.58 36.28 -15.47
N MET C 138 29.23 35.37 -16.38
CA MET C 138 27.83 35.12 -16.69
C MET C 138 27.04 34.66 -15.48
N SER C 139 27.58 33.75 -14.67
CA SER C 139 26.88 33.29 -13.49
C SER C 139 26.48 34.44 -12.59
N PHE C 140 27.46 35.24 -12.14
CA PHE C 140 27.18 36.32 -11.22
C PHE C 140 26.25 37.37 -11.83
N TRP C 141 26.51 37.75 -13.08
CA TRP C 141 25.74 38.85 -13.67
C TRP C 141 24.31 38.42 -13.95
N GLY C 142 24.11 37.24 -14.53
CA GLY C 142 22.78 36.72 -14.70
C GLY C 142 22.05 36.58 -13.38
N ALA C 143 22.74 36.08 -12.35
CA ALA C 143 22.11 35.97 -11.05
C ALA C 143 21.66 37.31 -10.53
N THR C 144 22.50 38.34 -10.69
CA THR C 144 22.11 39.68 -10.28
C THR C 144 20.83 40.11 -11.00
N VAL C 145 20.78 39.91 -12.31
CA VAL C 145 19.61 40.34 -13.07
C VAL C 145 18.36 39.58 -12.63
N ILE C 146 18.45 38.25 -12.54
CA ILE C 146 17.27 37.44 -12.24
C ILE C 146 16.76 37.74 -10.83
N THR C 147 17.67 37.82 -9.85
CA THR C 147 17.24 38.12 -8.50
C THR C 147 16.70 39.54 -8.38
N ASN C 148 17.31 40.50 -9.09
CA ASN C 148 16.81 41.86 -9.08
C ASN C 148 15.44 41.98 -9.74
N LEU C 149 15.08 41.02 -10.59
CA LEU C 149 13.72 41.02 -11.13
C LEU C 149 12.67 40.96 -10.03
N LEU C 150 13.01 40.38 -8.87
CA LEU C 150 12.07 40.33 -7.76
C LEU C 150 11.86 41.70 -7.11
N SER C 151 12.68 42.70 -7.44
CA SER C 151 12.46 44.04 -6.91
C SER C 151 11.16 44.64 -7.44
N ALA C 152 10.68 44.16 -8.60
CA ALA C 152 9.47 44.70 -9.18
C ALA C 152 8.24 44.34 -8.36
N ILE C 153 8.34 43.32 -7.50
CA ILE C 153 7.20 42.94 -6.68
C ILE C 153 6.83 44.11 -5.76
N PRO C 154 5.55 44.46 -5.64
CA PRO C 154 5.19 45.64 -4.84
C PRO C 154 5.49 45.43 -3.37
N TYR C 155 5.69 46.55 -2.68
CA TYR C 155 5.87 46.57 -1.23
C TYR C 155 7.11 45.79 -0.80
N ILE C 156 6.89 44.52 -0.41
CA ILE C 156 7.92 43.69 0.20
C ILE C 156 9.04 43.37 -0.78
N GLY C 157 8.76 43.52 -2.07
CA GLY C 157 9.63 42.95 -3.10
C GLY C 157 11.08 43.37 -2.95
N THR C 158 11.32 44.67 -2.76
CA THR C 158 12.69 45.15 -2.59
C THR C 158 13.37 44.44 -1.43
N ASP C 159 12.72 44.40 -0.26
CA ASP C 159 13.31 43.71 0.88
C ASP C 159 13.65 42.27 0.53
N LEU C 160 12.81 41.63 -0.29
CA LEU C 160 13.07 40.25 -0.66
C LEU C 160 14.41 40.10 -1.36
N VAL C 161 14.75 41.02 -2.26
CA VAL C 161 16.01 40.87 -2.97
C VAL C 161 17.17 41.08 -2.00
N GLU C 162 16.96 41.85 -0.93
CA GLU C 162 17.99 41.96 0.09
C GLU C 162 18.06 40.67 0.91
N TRP C 163 16.92 40.01 1.09
CA TRP C 163 16.89 38.76 1.84
C TRP C 163 17.55 37.63 1.06
N ILE C 164 17.21 37.50 -0.21
CA ILE C 164 17.78 36.42 -1.03
C ILE C 164 19.28 36.64 -1.22
N TRP C 165 19.68 37.87 -1.52
CA TRP C 165 21.10 38.17 -1.70
C TRP C 165 21.91 37.95 -0.44
N GLY C 166 21.26 37.93 0.73
CA GLY C 166 22.01 37.91 1.96
C GLY C 166 22.73 39.20 2.27
N GLY C 167 22.30 40.30 1.65
CA GLY C 167 22.93 41.58 1.85
C GLY C 167 22.46 42.62 0.86
N PHE C 168 23.40 43.44 0.36
CA PHE C 168 23.07 44.49 -0.59
C PHE C 168 23.06 44.02 -2.03
N SER C 169 23.79 42.96 -2.35
CA SER C 169 23.87 42.43 -3.71
C SER C 169 24.35 40.99 -3.64
N VAL C 170 24.48 40.36 -4.81
CA VAL C 170 24.94 38.98 -4.89
C VAL C 170 26.40 38.94 -4.45
N ASP C 171 26.68 38.26 -3.36
CA ASP C 171 28.04 38.15 -2.83
C ASP C 171 28.24 36.74 -2.31
N LYS C 172 29.28 36.56 -1.48
CA LYS C 172 29.66 35.22 -1.02
C LYS C 172 28.52 34.54 -0.27
N ALA C 173 27.76 35.30 0.52
CA ALA C 173 26.63 34.71 1.23
C ALA C 173 25.62 34.13 0.26
N THR C 174 25.32 34.86 -0.82
CA THR C 174 24.43 34.33 -1.85
C THR C 174 25.01 33.07 -2.47
N LEU C 175 26.32 33.04 -2.72
CA LEU C 175 26.93 31.87 -3.32
C LEU C 175 26.78 30.65 -2.43
N THR C 176 27.09 30.79 -1.14
CA THR C 176 27.04 29.62 -0.26
C THR C 176 25.61 29.17 -0.01
N ARG C 177 24.67 30.12 0.12
CA ARG C 177 23.28 29.70 0.31
C ARG C 177 22.74 29.04 -0.95
N PHE C 178 23.17 29.52 -2.13
CA PHE C 178 22.81 28.86 -3.37
C PHE C 178 23.37 27.45 -3.42
N PHE C 179 24.60 27.28 -2.95
CA PHE C 179 25.19 25.94 -2.90
C PHE C 179 24.38 25.01 -1.99
N ALA C 180 24.02 25.49 -0.80
CA ALA C 180 23.27 24.65 0.13
C ALA C 180 21.90 24.29 -0.43
N PHE C 181 21.20 25.27 -0.98
CA PHE C 181 19.88 24.99 -1.56
C PHE C 181 19.98 24.09 -2.78
N HIS C 182 21.01 24.28 -3.61
CA HIS C 182 21.27 23.39 -4.73
C HIS C 182 21.55 21.98 -4.28
N PHE C 183 22.16 21.82 -3.11
CA PHE C 183 22.35 20.48 -2.57
C PHE C 183 21.02 19.87 -2.16
N ILE C 184 20.22 20.61 -1.39
CA ILE C 184 19.02 20.01 -0.78
C ILE C 184 17.95 19.74 -1.84
N LEU C 185 17.75 20.65 -2.78
CA LEU C 185 16.58 20.59 -3.67
C LEU C 185 16.43 19.29 -4.44
N PRO C 186 17.47 18.70 -5.04
CA PRO C 186 17.24 17.47 -5.83
C PRO C 186 16.63 16.33 -5.06
N PHE C 187 16.87 16.24 -3.75
CA PHE C 187 16.21 15.21 -2.96
C PHE C 187 14.72 15.50 -2.79
N ILE C 188 14.36 16.78 -2.68
CA ILE C 188 12.95 17.15 -2.73
C ILE C 188 12.36 16.77 -4.08
N ILE C 189 13.15 16.93 -5.16
CA ILE C 189 12.70 16.50 -6.48
C ILE C 189 12.48 14.99 -6.50
N THR C 190 13.36 14.23 -5.85
CA THR C 190 13.21 12.78 -5.79
C THR C 190 11.93 12.39 -5.06
N ALA C 191 11.66 13.03 -3.93
CA ALA C 191 10.44 12.74 -3.18
C ALA C 191 9.20 13.10 -4.00
N LEU C 192 9.23 14.26 -4.65
CA LEU C 192 8.10 14.68 -5.47
C LEU C 192 7.92 13.75 -6.66
N ALA C 193 9.02 13.22 -7.20
CA ALA C 193 8.92 12.26 -8.29
C ALA C 193 8.31 10.95 -7.81
N ALA C 194 8.64 10.53 -6.58
CA ALA C 194 8.00 9.35 -6.02
C ALA C 194 6.50 9.57 -5.87
N VAL C 195 6.10 10.74 -5.39
CA VAL C 195 4.66 11.05 -5.26
C VAL C 195 4.00 11.09 -6.63
N HIS C 196 4.68 11.68 -7.61
CA HIS C 196 4.16 11.75 -8.98
C HIS C 196 3.95 10.37 -9.56
N LEU C 197 4.90 9.46 -9.31
CA LEU C 197 4.75 8.09 -9.75
C LEU C 197 3.61 7.38 -9.02
N LEU C 198 3.43 7.66 -7.73
CA LEU C 198 2.33 7.05 -7.00
C LEU C 198 0.99 7.45 -7.61
N PHE C 199 0.81 8.75 -7.85
CA PHE C 199 -0.45 9.23 -8.42
C PHE C 199 -0.72 8.60 -9.79
N LEU C 200 0.30 8.51 -10.63
CA LEU C 200 0.13 7.90 -11.94
C LEU C 200 -0.17 6.41 -11.82
N HIS C 201 0.55 5.71 -10.94
CA HIS C 201 0.34 4.28 -10.75
C HIS C 201 -1.04 3.95 -10.23
N GLU C 202 -1.68 4.89 -9.52
CA GLU C 202 -3.05 4.64 -9.09
C GLU C 202 -3.98 4.40 -10.28
N THR C 203 -3.86 5.22 -11.33
CA THR C 203 -4.78 5.16 -12.45
C THR C 203 -4.20 4.46 -13.68
N GLY C 204 -2.88 4.43 -13.81
CA GLY C 204 -2.26 3.85 -14.99
C GLY C 204 -1.98 4.88 -16.06
N SER C 205 -1.00 4.56 -16.90
CA SER C 205 -0.58 5.48 -17.94
C SER C 205 -1.61 5.54 -19.07
N ASN C 206 -1.45 6.54 -19.93
CA ASN C 206 -2.37 6.79 -21.03
C ASN C 206 -1.68 6.46 -22.36
N ASN C 207 -2.36 5.67 -23.18
CA ASN C 207 -1.85 5.31 -24.50
C ASN C 207 -2.03 6.46 -25.48
N PRO C 208 -1.27 6.46 -26.58
CA PRO C 208 -1.39 7.55 -27.55
C PRO C 208 -2.80 7.75 -28.09
N THR C 209 -3.60 6.68 -28.18
CA THR C 209 -4.95 6.82 -28.71
C THR C 209 -5.83 7.66 -27.79
N GLY C 210 -5.65 7.53 -26.48
CA GLY C 210 -6.49 8.17 -25.51
C GLY C 210 -7.61 7.29 -24.99
N ILE C 211 -7.94 6.21 -25.70
CA ILE C 211 -8.92 5.26 -25.21
C ILE C 211 -8.30 4.44 -24.08
N SER C 212 -9.13 4.03 -23.13
CA SER C 212 -8.66 3.20 -22.04
C SER C 212 -8.13 1.87 -22.58
N SER C 213 -6.96 1.48 -22.12
CA SER C 213 -6.30 0.26 -22.57
C SER C 213 -6.41 -0.86 -21.54
N ASP C 214 -7.45 -0.84 -20.70
CA ASP C 214 -7.58 -1.86 -19.66
C ASP C 214 -7.72 -3.26 -20.26
N MET C 215 -8.32 -3.37 -21.44
CA MET C 215 -8.49 -4.68 -22.06
C MET C 215 -7.16 -5.26 -22.52
N ASP C 216 -6.24 -4.40 -22.97
CA ASP C 216 -4.95 -4.84 -23.47
C ASP C 216 -3.89 -4.20 -22.60
N LYS C 217 -3.46 -4.93 -21.58
CA LYS C 217 -2.40 -4.52 -20.68
C LYS C 217 -1.34 -5.61 -20.62
N ILE C 218 -0.08 -5.20 -20.65
CA ILE C 218 1.03 -6.15 -20.62
C ILE C 218 1.85 -5.91 -19.35
N PRO C 219 2.50 -6.93 -18.81
CA PRO C 219 3.34 -6.72 -17.61
C PRO C 219 4.52 -5.83 -17.91
N PHE C 220 4.92 -5.04 -16.91
CA PHE C 220 5.95 -4.04 -17.12
C PHE C 220 7.33 -4.66 -17.23
N HIS C 221 7.65 -5.63 -16.38
CA HIS C 221 9.02 -6.15 -16.33
C HIS C 221 9.48 -6.77 -17.64
N PRO C 222 8.77 -7.72 -18.26
CA PRO C 222 9.33 -8.38 -19.44
C PRO C 222 9.58 -7.45 -20.60
N TYR C 223 8.78 -6.39 -20.76
CA TYR C 223 8.90 -5.54 -21.93
C TYR C 223 9.44 -4.15 -21.59
N TYR C 224 8.75 -3.39 -20.74
CA TYR C 224 9.05 -1.98 -20.57
C TYR C 224 10.22 -1.75 -19.63
N THR C 225 11.06 -2.75 -19.40
CA THR C 225 12.36 -2.53 -18.79
C THR C 225 13.44 -2.38 -19.85
N ILE C 226 13.50 -3.32 -20.79
CA ILE C 226 14.53 -3.29 -21.83
C ILE C 226 14.30 -2.14 -22.80
N LYS C 227 13.04 -1.78 -23.05
CA LYS C 227 12.75 -0.61 -23.87
C LYS C 227 13.29 0.66 -23.22
N ASP C 228 13.05 0.80 -21.92
CA ASP C 228 13.59 1.94 -21.18
C ASP C 228 15.11 1.86 -21.11
N ILE C 229 15.66 0.65 -21.09
CA ILE C 229 17.12 0.50 -21.17
C ILE C 229 17.64 1.05 -22.48
N LEU C 230 16.97 0.74 -23.59
CA LEU C 230 17.38 1.25 -24.89
C LEU C 230 17.25 2.77 -24.94
N GLY C 231 16.15 3.29 -24.38
CA GLY C 231 15.98 4.74 -24.35
C GLY C 231 17.07 5.43 -23.55
N ALA C 232 17.40 4.89 -22.38
CA ALA C 232 18.46 5.45 -21.55
C ALA C 232 19.80 5.35 -22.25
N LEU C 233 20.03 4.27 -23.00
CA LEU C 233 21.28 4.13 -23.74
C LEU C 233 21.37 5.20 -24.83
N PHE C 234 20.27 5.43 -25.55
CA PHE C 234 20.27 6.48 -26.57
C PHE C 234 20.51 7.85 -25.95
N MET C 235 19.88 8.11 -24.81
CA MET C 235 20.10 9.35 -24.08
C MET C 235 21.57 9.47 -23.69
N MET C 236 22.17 8.39 -23.20
CA MET C 236 23.60 8.40 -22.92
C MET C 236 24.42 8.61 -24.18
N LEU C 237 24.02 8.01 -25.30
CA LEU C 237 24.74 8.27 -26.54
C LEU C 237 24.82 9.76 -26.83
N ILE C 238 23.66 10.44 -26.80
CA ILE C 238 23.63 11.88 -27.06
C ILE C 238 24.44 12.63 -26.02
N LEU C 239 24.31 12.23 -24.74
CA LEU C 239 24.89 13.02 -23.66
C LEU C 239 26.41 12.93 -23.68
N LEU C 240 26.97 11.72 -23.82
CA LEU C 240 28.41 11.61 -23.98
C LEU C 240 28.91 12.16 -25.31
N ILE C 241 28.09 12.18 -26.37
CA ILE C 241 28.51 12.91 -27.56
C ILE C 241 28.75 14.37 -27.21
N LEU C 242 27.79 14.98 -26.51
CA LEU C 242 27.94 16.37 -26.10
C LEU C 242 29.15 16.57 -25.19
N VAL C 243 29.32 15.69 -24.21
CA VAL C 243 30.39 15.86 -23.23
C VAL C 243 31.75 15.67 -23.87
N LEU C 244 31.90 14.68 -24.75
CA LEU C 244 33.19 14.26 -25.25
C LEU C 244 33.59 14.92 -26.57
N PHE C 245 32.67 15.60 -27.24
CA PHE C 245 33.10 16.21 -28.50
C PHE C 245 32.88 17.71 -28.55
N SER C 246 31.77 18.21 -27.97
CA SER C 246 31.50 19.63 -27.89
C SER C 246 31.10 19.97 -26.46
N PRO C 247 32.06 19.97 -25.53
CA PRO C 247 31.71 20.14 -24.10
C PRO C 247 31.05 21.48 -23.81
N ASP C 248 31.69 22.57 -24.21
CA ASP C 248 31.13 23.90 -24.00
C ASP C 248 30.32 24.36 -25.21
N LEU C 249 29.38 23.54 -25.65
CA LEU C 249 28.58 23.88 -26.81
C LEU C 249 27.45 24.84 -26.43
N LEU C 250 26.55 24.41 -25.56
CA LEU C 250 25.43 25.25 -25.16
C LEU C 250 25.86 26.30 -24.14
N GLY C 251 26.84 25.99 -23.29
CA GLY C 251 27.28 26.94 -22.31
C GLY C 251 27.99 28.12 -22.95
N ASP C 252 27.76 29.30 -22.39
CA ASP C 252 28.38 30.52 -22.89
C ASP C 252 29.86 30.54 -22.50
N PRO C 253 30.76 30.88 -23.43
CA PRO C 253 32.19 30.96 -23.06
C PRO C 253 32.48 31.96 -21.97
N ASP C 254 31.64 32.98 -21.79
CA ASP C 254 31.92 34.02 -20.80
C ASP C 254 31.95 33.48 -19.38
N ASN C 255 31.40 32.29 -19.15
CA ASN C 255 31.50 31.69 -17.82
C ASN C 255 32.95 31.38 -17.45
N TYR C 256 33.77 31.04 -18.45
CA TYR C 256 35.16 30.70 -18.19
C TYR C 256 35.97 31.97 -17.97
N THR C 257 35.54 32.79 -17.02
CA THR C 257 36.16 34.07 -16.69
C THR C 257 35.77 34.42 -15.25
N PRO C 258 36.72 34.86 -14.43
CA PRO C 258 36.38 35.21 -13.04
C PRO C 258 35.30 36.26 -12.97
N ALA C 259 34.38 36.10 -12.03
CA ALA C 259 33.25 37.00 -11.89
C ALA C 259 33.74 38.35 -11.38
N ASN C 260 33.83 39.33 -12.28
CA ASN C 260 34.26 40.67 -11.92
C ASN C 260 33.05 41.58 -11.88
N PRO C 261 32.64 42.10 -10.72
CA PRO C 261 31.48 42.98 -10.66
C PRO C 261 31.75 44.41 -11.16
N LEU C 262 32.91 44.66 -11.75
CA LEU C 262 33.25 45.97 -12.28
C LEU C 262 33.03 46.06 -13.78
N ASN C 263 32.58 44.99 -14.43
CA ASN C 263 32.45 44.95 -15.89
C ASN C 263 31.20 44.16 -16.25
N THR C 264 30.20 44.85 -16.79
CA THR C 264 29.03 44.16 -17.31
C THR C 264 29.38 43.43 -18.60
N PRO C 265 28.93 42.18 -18.76
CA PRO C 265 29.24 41.44 -20.00
C PRO C 265 28.55 42.06 -21.19
N PRO C 266 29.02 41.76 -22.41
CA PRO C 266 28.37 42.34 -23.60
C PRO C 266 26.88 42.03 -23.67
N HIS C 267 26.49 40.78 -23.43
CA HIS C 267 25.09 40.40 -23.38
C HIS C 267 24.89 39.45 -22.21
N ILE C 268 23.94 39.78 -21.34
CA ILE C 268 23.60 38.94 -20.20
C ILE C 268 22.45 38.03 -20.60
N LYS C 269 22.71 36.73 -20.67
CA LYS C 269 21.70 35.78 -21.09
C LYS C 269 21.75 34.53 -20.22
N PRO C 270 20.58 33.94 -19.95
CA PRO C 270 20.54 32.67 -19.22
C PRO C 270 20.74 31.49 -20.18
N GLU C 271 20.53 30.29 -19.66
CA GLU C 271 20.67 29.08 -20.45
C GLU C 271 19.62 29.02 -21.55
N TRP C 272 19.91 28.16 -22.54
CA TRP C 272 18.98 27.95 -23.65
C TRP C 272 17.62 27.46 -23.16
N TYR C 273 17.59 26.71 -22.05
CA TYR C 273 16.32 26.25 -21.50
C TYR C 273 15.65 27.30 -20.64
N PHE C 274 16.28 28.46 -20.48
CA PHE C 274 15.71 29.59 -19.76
C PHE C 274 15.39 30.77 -20.66
N LEU C 275 15.81 30.76 -21.93
CA LEU C 275 15.71 31.96 -22.75
C LEU C 275 14.28 32.24 -23.18
N PHE C 276 13.43 31.22 -23.21
CA PHE C 276 12.06 31.45 -23.67
C PHE C 276 11.26 32.27 -22.66
N ALA C 277 11.30 31.87 -21.38
CA ALA C 277 10.57 32.63 -20.37
C ALA C 277 11.23 33.95 -20.09
N TYR C 278 12.56 34.01 -20.21
CA TYR C 278 13.27 35.29 -20.10
C TYR C 278 12.90 36.23 -21.24
N ALA C 279 12.69 35.70 -22.45
CA ALA C 279 12.22 36.52 -23.56
C ALA C 279 10.80 36.99 -23.31
N ILE C 280 9.95 36.14 -22.72
CA ILE C 280 8.61 36.56 -22.33
C ILE C 280 8.70 37.72 -21.33
N LEU C 281 9.59 37.60 -20.35
CA LEU C 281 9.85 38.70 -19.41
C LEU C 281 10.27 39.96 -20.15
N ARG C 282 11.17 39.81 -21.14
CA ARG C 282 11.62 40.96 -21.92
C ARG C 282 10.47 41.61 -22.67
N SER C 283 9.53 40.82 -23.17
CA SER C 283 8.50 41.34 -24.06
C SER C 283 7.62 42.36 -23.36
N ILE C 284 7.16 42.05 -22.15
CA ILE C 284 6.25 42.96 -21.46
C ILE C 284 7.05 44.18 -20.97
N PRO C 285 6.57 45.40 -21.24
CA PRO C 285 7.34 46.59 -20.81
C PRO C 285 7.34 46.78 -19.30
N ASN C 286 6.19 46.60 -18.66
CA ASN C 286 6.09 46.81 -17.22
C ASN C 286 6.90 45.76 -16.47
N LYS C 287 7.59 46.21 -15.42
CA LYS C 287 8.46 45.31 -14.67
C LYS C 287 7.66 44.24 -13.92
N LEU C 288 6.65 44.67 -13.16
CA LEU C 288 5.83 43.70 -12.42
C LEU C 288 5.05 42.80 -13.37
N GLY C 289 4.48 43.40 -14.42
CA GLY C 289 3.79 42.58 -15.42
C GLY C 289 4.73 41.61 -16.10
N GLY C 290 6.00 41.97 -16.23
CA GLY C 290 6.98 41.06 -16.79
C GLY C 290 7.14 39.81 -15.93
N VAL C 291 7.28 40.00 -14.62
CA VAL C 291 7.43 38.85 -13.72
C VAL C 291 6.15 38.03 -13.71
N LEU C 292 4.99 38.70 -13.75
CA LEU C 292 3.73 37.96 -13.80
C LEU C 292 3.63 37.11 -15.06
N ALA C 293 4.00 37.67 -16.20
CA ALA C 293 4.00 36.89 -17.44
C ALA C 293 5.01 35.75 -17.38
N LEU C 294 6.18 36.01 -16.79
CA LEU C 294 7.20 34.97 -16.68
C LEU C 294 6.69 33.78 -15.87
N VAL C 295 6.10 34.06 -14.71
CA VAL C 295 5.61 32.95 -13.88
C VAL C 295 4.41 32.28 -14.53
N ALA C 296 3.54 33.07 -15.19
CA ALA C 296 2.37 32.49 -15.84
C ALA C 296 2.76 31.60 -17.01
N SER C 297 3.89 31.89 -17.67
CA SER C 297 4.29 31.11 -18.83
C SER C 297 4.49 29.64 -18.49
N ILE C 298 4.77 29.33 -17.23
CA ILE C 298 4.86 27.94 -16.78
C ILE C 298 3.63 27.54 -15.98
N LEU C 299 3.07 28.47 -15.19
CA LEU C 299 1.90 28.14 -14.39
C LEU C 299 0.68 27.82 -15.25
N ILE C 300 0.70 28.22 -16.53
CA ILE C 300 -0.44 27.97 -17.41
C ILE C 300 -0.64 26.49 -17.65
N LEU C 301 0.36 25.66 -17.33
CA LEU C 301 0.20 24.22 -17.49
C LEU C 301 -0.90 23.68 -16.58
N ILE C 302 -1.08 24.28 -15.41
CA ILE C 302 -2.13 23.85 -14.49
C ILE C 302 -3.50 24.12 -15.06
N LEU C 303 -3.63 25.18 -15.88
CA LEU C 303 -4.93 25.50 -16.46
C LEU C 303 -5.33 24.51 -17.55
N MET C 304 -4.36 23.80 -18.12
CA MET C 304 -4.65 22.91 -19.25
C MET C 304 -5.75 21.89 -18.98
N PRO C 305 -5.82 21.22 -17.82
CA PRO C 305 -6.95 20.31 -17.59
C PRO C 305 -8.31 20.97 -17.71
N MET C 306 -8.42 22.25 -17.33
CA MET C 306 -9.69 22.96 -17.42
C MET C 306 -10.00 23.39 -18.85
N LEU C 307 -8.99 23.78 -19.62
CA LEU C 307 -9.22 24.29 -20.97
C LEU C 307 -9.55 23.21 -21.98
N HIS C 308 -9.37 21.94 -21.65
CA HIS C 308 -9.73 20.88 -22.57
C HIS C 308 -11.24 20.81 -22.73
N THR C 309 -11.71 20.89 -23.98
CA THR C 309 -13.12 20.81 -24.28
C THR C 309 -13.47 19.78 -25.34
N SER C 310 -12.50 19.33 -26.13
CA SER C 310 -12.78 18.31 -27.14
C SER C 310 -13.13 16.99 -26.48
N LYS C 311 -14.04 16.25 -27.10
CA LYS C 311 -14.49 14.98 -26.56
C LYS C 311 -13.43 13.89 -26.64
N GLN C 312 -12.37 14.08 -27.42
CA GLN C 312 -11.27 13.14 -27.50
C GLN C 312 -10.12 13.63 -26.64
N ARG C 313 -9.62 12.76 -25.76
CA ARG C 313 -8.58 13.16 -24.83
C ARG C 313 -7.27 13.45 -25.55
N SER C 314 -6.87 12.58 -26.47
CA SER C 314 -5.59 12.69 -27.15
C SER C 314 -5.73 13.60 -28.38
N MET C 315 -4.69 13.61 -29.21
CA MET C 315 -4.64 14.45 -30.39
C MET C 315 -4.44 13.68 -31.68
N MET C 316 -4.41 12.34 -31.62
CA MET C 316 -4.20 11.56 -32.85
C MET C 316 -5.33 11.78 -33.84
N PHE C 317 -6.53 12.08 -33.36
CA PHE C 317 -7.71 12.23 -34.21
C PHE C 317 -8.20 13.67 -34.27
N ARG C 318 -7.32 14.63 -33.97
CA ARG C 318 -7.65 16.05 -34.03
C ARG C 318 -6.59 16.80 -34.81
N PRO C 319 -6.56 16.64 -36.15
CA PRO C 319 -5.49 17.27 -36.95
C PRO C 319 -5.35 18.77 -36.75
N LEU C 320 -6.47 19.49 -36.61
CA LEU C 320 -6.38 20.93 -36.37
C LEU C 320 -5.66 21.22 -35.06
N SER C 321 -5.98 20.44 -34.02
CA SER C 321 -5.25 20.57 -32.76
C SER C 321 -3.78 20.22 -32.92
N GLN C 322 -3.47 19.27 -33.81
CA GLN C 322 -2.06 18.94 -34.07
C GLN C 322 -1.33 20.12 -34.69
N CYS C 323 -1.95 20.77 -35.67
CA CYS C 323 -1.34 21.96 -36.28
C CYS C 323 -1.18 23.06 -35.25
N LEU C 324 -2.16 23.25 -34.37
CA LEU C 324 -2.03 24.26 -33.33
C LEU C 324 -0.90 23.93 -32.37
N PHE C 325 -0.76 22.65 -32.00
CA PHE C 325 0.31 22.24 -31.10
C PHE C 325 1.68 22.49 -31.74
N TRP C 326 1.82 22.18 -33.03
CA TRP C 326 3.10 22.43 -33.68
C TRP C 326 3.37 23.92 -33.85
N MET C 327 2.32 24.72 -34.06
CA MET C 327 2.48 26.16 -34.04
C MET C 327 2.99 26.63 -32.68
N LEU C 328 2.47 26.04 -31.60
CA LEU C 328 2.94 26.38 -30.26
C LEU C 328 4.40 25.99 -30.08
N VAL C 329 4.80 24.82 -30.57
CA VAL C 329 6.18 24.38 -30.43
C VAL C 329 7.12 25.33 -31.19
N ALA C 330 6.73 25.69 -32.42
CA ALA C 330 7.52 26.66 -33.17
C ALA C 330 7.58 28.01 -32.47
N ASP C 331 6.48 28.40 -31.81
CA ASP C 331 6.48 29.65 -31.07
C ASP C 331 7.46 29.60 -29.90
N LEU C 332 7.52 28.47 -29.20
CA LEU C 332 8.50 28.33 -28.12
C LEU C 332 9.92 28.37 -28.65
N ILE C 333 10.18 27.75 -29.80
CA ILE C 333 11.50 27.84 -30.41
C ILE C 333 11.83 29.30 -30.75
N THR C 334 10.84 30.03 -31.26
CA THR C 334 11.04 31.44 -31.55
C THR C 334 11.33 32.23 -30.28
N LEU C 335 10.64 31.91 -29.18
CA LEU C 335 10.92 32.56 -27.90
C LEU C 335 12.36 32.32 -27.47
N THR C 336 12.83 31.08 -27.59
CA THR C 336 14.21 30.78 -27.21
C THR C 336 15.20 31.56 -28.07
N TRP C 337 14.97 31.57 -29.38
CA TRP C 337 15.87 32.28 -30.28
C TRP C 337 15.88 33.78 -29.98
N ILE C 338 14.71 34.36 -29.72
CA ILE C 338 14.62 35.78 -29.39
C ILE C 338 15.33 36.07 -28.08
N GLY C 339 15.13 35.22 -27.08
CA GLY C 339 15.82 35.40 -25.81
C GLY C 339 17.32 35.37 -25.97
N GLY C 340 17.81 34.52 -26.87
CA GLY C 340 19.23 34.56 -27.18
C GLY C 340 19.68 35.89 -27.74
N GLN C 341 18.87 36.47 -28.63
CA GLN C 341 19.24 37.72 -29.29
C GLN C 341 19.02 38.92 -28.37
N PRO C 342 19.73 40.03 -28.62
CA PRO C 342 19.50 41.23 -27.81
C PRO C 342 18.17 41.88 -28.14
N VAL C 343 17.75 42.78 -27.26
CA VAL C 343 16.43 43.42 -27.39
C VAL C 343 16.65 44.66 -28.27
N GLU C 344 16.66 44.42 -29.58
CA GLU C 344 16.81 45.45 -30.59
C GLU C 344 15.78 45.22 -31.69
N HIS C 345 15.73 46.15 -32.64
CA HIS C 345 14.90 45.94 -33.82
C HIS C 345 15.53 44.87 -34.71
N PRO C 346 14.74 43.94 -35.26
CA PRO C 346 13.31 43.76 -35.07
C PRO C 346 13.01 42.73 -33.98
N PHE C 347 14.02 42.34 -33.20
CA PHE C 347 13.82 41.31 -32.18
C PHE C 347 12.76 41.71 -31.16
N ILE C 348 12.60 43.01 -30.91
CA ILE C 348 11.60 43.46 -29.96
C ILE C 348 10.21 43.07 -30.44
N ILE C 349 9.89 43.42 -31.69
CA ILE C 349 8.55 43.17 -32.22
C ILE C 349 8.31 41.67 -32.38
N ILE C 350 9.31 40.93 -32.86
CA ILE C 350 9.16 39.50 -33.03
C ILE C 350 8.92 38.82 -31.68
N GLY C 351 9.71 39.20 -30.67
CA GLY C 351 9.52 38.63 -29.35
C GLY C 351 8.16 38.96 -28.77
N GLN C 352 7.72 40.22 -28.92
CA GLN C 352 6.40 40.59 -28.42
C GLN C 352 5.31 39.78 -29.10
N LEU C 353 5.34 39.70 -30.43
CA LEU C 353 4.29 39.00 -31.17
C LEU C 353 4.25 37.53 -30.81
N ALA C 354 5.42 36.89 -30.71
CA ALA C 354 5.45 35.48 -30.35
C ALA C 354 4.98 35.28 -28.91
N SER C 355 5.29 36.23 -28.01
CA SER C 355 4.82 36.14 -26.64
C SER C 355 3.30 36.19 -26.57
N ILE C 356 2.67 37.10 -27.33
CA ILE C 356 1.21 37.13 -27.37
C ILE C 356 0.68 35.84 -27.97
N LEU C 357 1.30 35.36 -29.04
CA LEU C 357 0.79 34.17 -29.73
C LEU C 357 0.86 32.93 -28.83
N TYR C 358 1.86 32.86 -27.95
CA TYR C 358 1.95 31.75 -26.99
C TYR C 358 0.66 31.62 -26.18
N PHE C 359 0.33 32.66 -25.41
CA PHE C 359 -0.87 32.63 -24.58
C PHE C 359 -2.12 32.56 -25.43
N LEU C 360 -2.11 33.18 -26.61
CA LEU C 360 -3.30 33.20 -27.45
C LEU C 360 -3.62 31.79 -27.94
N ILE C 361 -2.58 31.03 -28.31
CA ILE C 361 -2.79 29.65 -28.72
C ILE C 361 -3.24 28.79 -27.54
N ILE C 362 -2.56 28.93 -26.39
CA ILE C 362 -2.88 28.05 -25.28
C ILE C 362 -4.30 28.30 -24.76
N LEU C 363 -4.68 29.57 -24.59
CA LEU C 363 -5.94 29.90 -23.95
C LEU C 363 -7.11 30.01 -24.92
N VAL C 364 -6.88 30.41 -26.17
CA VAL C 364 -7.99 30.74 -27.05
C VAL C 364 -8.08 29.76 -28.22
N LEU C 365 -7.00 29.64 -29.00
CA LEU C 365 -7.06 28.85 -30.23
C LEU C 365 -7.36 27.38 -29.94
N MET C 366 -6.72 26.81 -28.92
CA MET C 366 -6.96 25.40 -28.63
C MET C 366 -8.40 25.11 -28.22
N PRO C 367 -9.02 25.85 -27.27
CA PRO C 367 -10.42 25.55 -26.93
C PRO C 367 -11.41 25.81 -28.05
N ILE C 368 -11.24 26.93 -28.77
CA ILE C 368 -12.15 27.21 -29.88
C ILE C 368 -12.00 26.16 -30.98
N THR C 369 -10.76 25.76 -31.26
CA THR C 369 -10.52 24.68 -32.21
C THR C 369 -11.16 23.39 -31.73
N SER C 370 -11.16 23.15 -30.42
CA SER C 370 -11.81 21.95 -29.89
C SER C 370 -13.33 22.00 -30.06
N ILE C 371 -13.93 23.19 -29.86
CA ILE C 371 -15.36 23.33 -30.11
C ILE C 371 -15.69 23.06 -31.58
N ILE C 372 -14.91 23.66 -32.49
CA ILE C 372 -15.12 23.38 -33.91
C ILE C 372 -14.88 21.90 -34.20
N GLU C 373 -13.94 21.30 -33.47
CA GLU C 373 -13.64 19.88 -33.64
C GLU C 373 -14.84 19.02 -33.30
N ASN C 374 -15.44 19.27 -32.14
CA ASN C 374 -16.63 18.52 -31.75
C ASN C 374 -17.77 18.76 -32.73
N ASN C 375 -17.97 20.01 -33.15
CA ASN C 375 -19.03 20.30 -34.10
C ASN C 375 -18.83 19.57 -35.43
N LEU C 376 -17.57 19.39 -35.84
CA LEU C 376 -17.28 18.73 -37.10
C LEU C 376 -17.53 17.22 -37.07
N LEU C 377 -17.79 16.65 -35.89
CA LEU C 377 -17.94 15.20 -35.76
C LEU C 377 -19.31 14.83 -35.19
N LYS C 378 -20.34 15.58 -35.55
CA LYS C 378 -21.73 15.32 -35.18
C LYS C 378 -21.99 15.38 -33.68
N TRP C 379 -21.02 15.86 -32.90
CA TRP C 379 -21.14 15.81 -31.45
C TRP C 379 -20.48 16.99 -30.73
N GLU D 89 29.93 43.38 -35.37
CA GLU D 89 31.38 43.37 -35.33
C GLU D 89 31.95 42.34 -36.28
N LEU D 90 33.25 42.42 -36.53
CA LEU D 90 33.93 41.46 -37.40
C LEU D 90 34.40 40.29 -36.56
N HIS D 91 33.84 39.11 -36.79
CA HIS D 91 34.23 37.93 -36.05
C HIS D 91 35.35 37.19 -36.78
N ALA D 92 35.79 36.09 -36.19
CA ALA D 92 36.96 35.38 -36.69
C ALA D 92 36.60 34.43 -37.83
N PRO D 93 37.56 34.12 -38.70
CA PRO D 93 37.36 33.07 -39.71
C PRO D 93 37.41 31.68 -39.09
N SER D 94 37.40 30.65 -39.93
CA SER D 94 37.31 29.27 -39.47
C SER D 94 38.54 28.47 -39.84
N TYR D 95 39.74 29.00 -39.53
CA TYR D 95 41.03 28.40 -39.82
C TYR D 95 41.04 26.89 -39.61
N PRO D 96 41.63 26.13 -40.54
CA PRO D 96 41.64 24.65 -40.43
C PRO D 96 42.71 24.15 -39.47
N TRP D 97 42.43 24.29 -38.17
CA TRP D 97 43.36 23.87 -37.15
C TRP D 97 43.57 22.37 -37.20
N SER D 98 44.80 21.95 -36.88
CA SER D 98 45.11 20.51 -36.90
C SER D 98 44.30 19.73 -35.88
N HIS D 99 43.84 20.40 -34.82
CA HIS D 99 43.02 19.75 -33.80
C HIS D 99 41.53 20.01 -33.99
N ARG D 100 41.13 20.72 -35.04
CA ARG D 100 39.72 20.99 -35.27
C ARG D 100 38.95 19.77 -35.78
N GLY D 101 39.65 18.71 -36.19
CA GLY D 101 38.96 17.52 -36.63
C GLY D 101 38.16 16.90 -35.50
N LEU D 102 37.15 16.11 -35.88
CA LEU D 102 36.26 15.52 -34.88
C LEU D 102 37.02 14.61 -33.93
N LEU D 103 37.98 13.84 -34.47
CA LEU D 103 38.79 12.94 -33.66
C LEU D 103 40.27 13.25 -33.81
N SER D 104 40.61 14.51 -34.05
CA SER D 104 41.99 14.94 -34.18
C SER D 104 42.50 15.53 -32.87
N SER D 105 43.82 15.69 -32.79
CA SER D 105 44.47 16.16 -31.58
C SER D 105 45.50 17.23 -31.93
N LEU D 106 45.85 18.02 -30.93
CA LEU D 106 46.83 19.09 -31.13
C LEU D 106 48.22 18.52 -31.38
N ASP D 107 49.00 19.25 -32.16
CA ASP D 107 50.39 18.88 -32.44
C ASP D 107 51.26 19.32 -31.28
N HIS D 108 51.80 18.36 -30.54
CA HIS D 108 52.51 18.68 -29.30
C HIS D 108 53.83 19.39 -29.53
N THR D 109 54.49 19.18 -30.67
CA THR D 109 55.67 19.98 -30.99
C THR D 109 55.30 21.45 -31.10
N SER D 110 54.19 21.74 -31.76
CA SER D 110 53.68 23.10 -31.81
C SER D 110 53.24 23.59 -30.44
N ILE D 111 52.77 22.69 -29.56
CA ILE D 111 52.48 23.07 -28.19
C ILE D 111 53.74 23.57 -27.50
N ARG D 112 54.84 22.83 -27.65
CA ARG D 112 56.10 23.22 -27.03
C ARG D 112 56.61 24.56 -27.59
N ARG D 113 56.52 24.73 -28.91
CA ARG D 113 56.96 25.99 -29.51
C ARG D 113 56.09 27.16 -29.05
N GLY D 114 54.78 26.96 -28.98
CA GLY D 114 53.91 28.01 -28.48
C GLY D 114 54.18 28.34 -27.02
N PHE D 115 54.55 27.34 -26.22
CA PHE D 115 54.91 27.62 -24.84
C PHE D 115 56.20 28.43 -24.77
N GLN D 116 57.16 28.14 -25.64
CA GLN D 116 58.35 29.00 -25.72
C GLN D 116 57.96 30.44 -26.05
N VAL D 117 57.02 30.60 -26.99
CA VAL D 117 56.52 31.93 -27.32
C VAL D 117 55.92 32.60 -26.09
N TYR D 118 55.12 31.86 -25.33
CA TYR D 118 54.52 32.41 -24.12
C TYR D 118 55.59 32.85 -23.12
N LYS D 119 56.62 32.02 -22.95
CA LYS D 119 57.70 32.37 -22.01
C LYS D 119 58.38 33.66 -22.43
N GLN D 120 58.82 33.75 -23.69
CA GLN D 120 59.73 34.82 -24.09
C GLN D 120 59.03 35.97 -24.79
N VAL D 121 57.69 36.02 -24.79
CA VAL D 121 56.98 37.15 -25.37
C VAL D 121 56.05 37.79 -24.36
N CYS D 122 55.06 37.04 -23.88
CA CYS D 122 53.98 37.61 -23.08
C CYS D 122 54.04 37.22 -21.61
N SER D 123 54.99 36.37 -21.20
CA SER D 123 55.12 36.06 -19.79
C SER D 123 55.55 37.28 -18.96
N SER D 124 56.05 38.33 -19.61
CA SER D 124 56.43 39.55 -18.91
C SER D 124 55.24 40.45 -18.62
N CYS D 125 54.07 40.19 -19.21
CA CYS D 125 52.91 41.03 -18.97
C CYS D 125 51.66 40.22 -18.66
N HIS D 126 51.61 38.97 -19.12
CA HIS D 126 50.44 38.13 -18.95
C HIS D 126 50.72 36.99 -17.99
N SER D 127 49.69 36.60 -17.24
CA SER D 127 49.78 35.53 -16.25
C SER D 127 48.94 34.35 -16.68
N MET D 128 49.43 33.14 -16.39
CA MET D 128 48.70 31.91 -16.67
C MET D 128 48.70 31.06 -15.42
N ASP D 129 48.29 31.67 -14.30
CA ASP D 129 48.48 31.07 -12.97
C ASP D 129 47.78 29.73 -12.82
N TYR D 130 46.71 29.47 -13.57
CA TYR D 130 45.95 28.25 -13.37
C TYR D 130 46.69 27.01 -13.86
N VAL D 131 47.78 27.17 -14.60
CA VAL D 131 48.56 26.05 -15.07
C VAL D 131 49.91 26.06 -14.36
N ALA D 132 50.52 24.89 -14.25
CA ALA D 132 51.80 24.72 -13.57
C ALA D 132 52.75 23.94 -14.46
N TYR D 133 54.03 23.97 -14.09
CA TYR D 133 55.04 23.23 -14.83
C TYR D 133 54.79 21.73 -14.80
N ARG D 134 54.03 21.24 -13.82
CA ARG D 134 53.68 19.83 -13.79
C ARG D 134 52.83 19.44 -14.99
N HIS D 135 51.88 20.29 -15.39
CA HIS D 135 51.07 19.99 -16.56
C HIS D 135 51.91 19.93 -17.82
N LEU D 136 53.05 20.64 -17.84
CA LEU D 136 53.90 20.64 -19.02
C LEU D 136 54.47 19.25 -19.30
N VAL D 137 54.88 18.54 -18.25
CA VAL D 137 55.55 17.26 -18.46
C VAL D 137 54.58 16.26 -19.06
N GLY D 138 55.09 15.45 -19.99
CA GLY D 138 54.33 14.40 -20.61
C GLY D 138 53.53 14.81 -21.83
N VAL D 139 53.42 16.10 -22.14
CA VAL D 139 52.69 16.54 -23.31
C VAL D 139 53.55 17.42 -24.20
N CYS D 140 54.50 18.14 -23.61
CA CYS D 140 55.41 18.97 -24.39
C CYS D 140 56.85 18.95 -23.92
N TYR D 141 57.13 18.45 -22.72
CA TYR D 141 58.49 18.44 -22.19
C TYR D 141 58.67 17.19 -21.34
N THR D 142 59.92 16.77 -21.18
CA THR D 142 60.25 15.65 -20.31
C THR D 142 60.46 16.16 -18.88
N GLU D 143 60.69 15.22 -17.96
CA GLU D 143 60.85 15.59 -16.56
C GLU D 143 62.09 16.45 -16.34
N GLU D 144 63.21 16.07 -16.95
CA GLU D 144 64.44 16.84 -16.78
C GLU D 144 64.32 18.23 -17.40
N GLU D 145 63.72 18.31 -18.59
CA GLU D 145 63.52 19.61 -19.23
C GLU D 145 62.59 20.47 -18.40
N ALA D 146 61.53 19.88 -17.84
CA ALA D 146 60.63 20.64 -16.98
C ALA D 146 61.34 21.14 -15.73
N LYS D 147 62.19 20.29 -15.13
CA LYS D 147 62.93 20.71 -13.96
C LYS D 147 63.86 21.88 -14.27
N ALA D 148 64.59 21.79 -15.38
CA ALA D 148 65.47 22.89 -15.77
C ALA D 148 64.68 24.16 -16.04
N LEU D 149 63.54 24.02 -16.72
CA LEU D 149 62.69 25.17 -17.01
C LEU D 149 62.19 25.82 -15.73
N ALA D 150 61.80 24.99 -14.74
CA ALA D 150 61.33 25.52 -13.47
C ALA D 150 62.44 26.24 -12.72
N GLU D 151 63.64 25.67 -12.69
CA GLU D 151 64.71 26.32 -11.95
C GLU D 151 65.27 27.54 -12.68
N GLU D 152 64.98 27.70 -13.97
CA GLU D 152 65.40 28.91 -14.67
C GLU D 152 64.73 30.16 -14.14
N VAL D 153 63.59 30.03 -13.47
CA VAL D 153 62.89 31.17 -12.91
C VAL D 153 63.04 31.17 -11.39
N GLU D 154 62.81 32.32 -10.79
CA GLU D 154 62.91 32.49 -9.35
C GLU D 154 61.55 32.89 -8.80
N VAL D 155 61.10 32.18 -7.77
CA VAL D 155 59.79 32.42 -7.16
C VAL D 155 60.02 32.74 -5.69
N GLN D 156 59.37 33.81 -5.21
CA GLN D 156 59.46 34.17 -3.81
C GLN D 156 58.31 33.54 -3.05
N ASP D 157 58.63 32.71 -2.06
CA ASP D 157 57.59 32.02 -1.30
C ASP D 157 58.13 31.60 0.05
N GLY D 158 57.20 31.37 0.97
CA GLY D 158 57.53 30.85 2.28
C GLY D 158 58.10 31.90 3.22
N PRO D 159 57.67 31.88 4.47
CA PRO D 159 58.34 32.69 5.49
C PRO D 159 59.47 31.94 6.16
N ASN D 160 60.66 32.53 6.21
CA ASN D 160 61.82 31.88 6.79
C ASN D 160 61.72 31.92 8.31
N GLU D 161 62.80 31.52 9.00
CA GLU D 161 62.81 31.59 10.45
C GLU D 161 62.62 33.02 10.94
N ASP D 162 63.12 34.00 10.19
CA ASP D 162 62.90 35.40 10.51
C ASP D 162 61.59 35.94 9.96
N GLY D 163 60.87 35.14 9.16
CA GLY D 163 59.59 35.55 8.62
C GLY D 163 59.63 36.25 7.28
N GLU D 164 60.81 36.56 6.75
CA GLU D 164 60.90 37.25 5.47
C GLU D 164 60.54 36.31 4.33
N MET D 165 59.93 36.89 3.29
CA MET D 165 59.56 36.14 2.09
C MET D 165 60.82 35.92 1.26
N PHE D 166 61.35 34.70 1.29
CA PHE D 166 62.60 34.41 0.61
C PHE D 166 62.34 33.89 -0.80
N MET D 167 63.24 34.22 -1.72
CA MET D 167 63.14 33.77 -3.11
C MET D 167 64.00 32.54 -3.33
N ARG D 168 63.43 31.54 -3.99
CA ARG D 168 64.10 30.28 -4.27
C ARG D 168 63.86 29.91 -5.73
N PRO D 169 64.72 29.08 -6.30
CA PRO D 169 64.48 28.61 -7.67
C PRO D 169 63.15 27.89 -7.78
N GLY D 170 62.45 28.14 -8.88
CA GLY D 170 61.18 27.49 -9.09
C GLY D 170 61.32 25.99 -9.30
N LYS D 171 60.27 25.26 -8.95
CA LYS D 171 60.25 23.81 -9.07
C LYS D 171 58.97 23.38 -9.78
N LEU D 172 58.84 22.07 -10.01
CA LEU D 172 57.68 21.54 -10.71
C LEU D 172 56.39 21.82 -9.95
N SER D 173 56.46 21.94 -8.62
CA SER D 173 55.26 22.19 -7.83
C SER D 173 54.68 23.56 -8.14
N ASP D 174 55.53 24.55 -8.37
CA ASP D 174 55.07 25.93 -8.56
C ASP D 174 54.25 26.06 -9.84
N TYR D 175 53.27 26.97 -9.79
CA TYR D 175 52.53 27.35 -10.98
C TYR D 175 53.36 28.33 -11.80
N PHE D 176 52.79 28.77 -12.92
CA PHE D 176 53.51 29.69 -13.78
C PHE D 176 53.71 31.02 -13.06
N PRO D 177 54.87 31.66 -13.24
CA PRO D 177 55.11 32.95 -12.56
C PRO D 177 54.14 34.02 -13.04
N LYS D 178 53.74 34.88 -12.10
CA LYS D 178 52.87 36.00 -12.42
C LYS D 178 53.72 37.24 -12.63
N PRO D 179 53.72 37.83 -13.83
CA PRO D 179 54.61 38.97 -14.10
C PRO D 179 54.38 40.14 -13.17
N TYR D 180 53.14 40.37 -12.76
CA TYR D 180 52.91 41.49 -11.87
C TYR D 180 52.46 41.02 -10.49
N PRO D 181 52.94 41.67 -9.43
CA PRO D 181 52.60 41.17 -8.07
C PRO D 181 51.11 41.21 -7.79
N ASN D 182 50.45 42.33 -8.05
CA ASN D 182 49.02 42.46 -7.85
C ASN D 182 48.38 43.10 -9.07
N PRO D 183 47.09 42.83 -9.33
CA PRO D 183 46.49 43.32 -10.59
C PRO D 183 46.56 44.82 -10.76
N GLU D 184 46.37 45.59 -9.69
CA GLU D 184 46.43 47.04 -9.80
C GLU D 184 47.80 47.49 -10.28
N ALA D 185 48.86 46.80 -9.84
CA ALA D 185 50.20 47.09 -10.35
C ALA D 185 50.25 46.87 -11.86
N ALA D 186 49.62 45.79 -12.35
CA ALA D 186 49.61 45.53 -13.78
C ALA D 186 48.93 46.66 -14.55
N ARG D 187 47.73 47.05 -14.10
CA ARG D 187 47.01 48.12 -14.79
C ARG D 187 47.83 49.41 -14.78
N ALA D 188 48.33 49.80 -13.61
CA ALA D 188 49.12 51.02 -13.52
C ALA D 188 50.37 50.93 -14.38
N ALA D 189 50.92 49.73 -14.54
CA ALA D 189 52.13 49.58 -15.34
C ALA D 189 51.84 49.78 -16.84
N ASN D 190 50.80 49.13 -17.35
CA ASN D 190 50.65 49.17 -18.80
C ASN D 190 49.96 50.45 -19.27
N ASN D 191 48.64 50.56 -19.07
CA ASN D 191 47.97 51.84 -19.29
C ASN D 191 46.76 52.04 -18.38
N GLY D 192 46.57 51.20 -17.37
CA GLY D 192 45.31 51.07 -16.69
C GLY D 192 44.50 49.87 -17.12
N ALA D 193 44.80 49.30 -18.28
CA ALA D 193 44.14 48.09 -18.75
C ALA D 193 44.76 46.86 -18.10
N LEU D 194 43.97 45.80 -17.98
CA LEU D 194 44.42 44.57 -17.33
C LEU D 194 44.61 43.47 -18.35
N PRO D 195 45.81 42.94 -18.51
CA PRO D 195 46.01 41.77 -19.38
C PRO D 195 45.26 40.58 -18.83
N PRO D 196 44.29 40.05 -19.59
CA PRO D 196 43.48 38.95 -19.07
C PRO D 196 44.30 37.70 -18.83
N ASP D 197 43.86 36.89 -17.87
CA ASP D 197 44.50 35.62 -17.59
C ASP D 197 44.46 34.73 -18.84
N LEU D 198 45.63 34.29 -19.28
CA LEU D 198 45.75 33.50 -20.49
C LEU D 198 45.39 32.03 -20.28
N SER D 199 45.11 31.62 -19.05
CA SER D 199 44.76 30.22 -18.80
C SER D 199 43.46 29.85 -19.52
N TYR D 200 42.42 30.64 -19.33
CA TYR D 200 41.11 30.35 -19.90
C TYR D 200 40.73 31.30 -21.03
N ILE D 201 41.71 32.00 -21.62
CA ILE D 201 41.39 33.03 -22.59
C ILE D 201 40.73 32.44 -23.83
N VAL D 202 41.20 31.28 -24.30
CA VAL D 202 40.64 30.67 -25.49
C VAL D 202 39.22 30.15 -25.27
N ARG D 203 38.93 29.57 -24.11
CA ARG D 203 37.61 29.04 -23.81
C ARG D 203 36.62 30.11 -23.38
N ALA D 204 37.06 31.36 -23.26
CA ALA D 204 36.21 32.44 -22.79
C ALA D 204 35.72 33.37 -23.90
N ARG D 205 36.42 33.43 -25.02
CA ARG D 205 36.07 34.34 -26.11
C ARG D 205 35.34 33.57 -27.21
N HIS D 206 34.21 34.11 -27.66
CA HIS D 206 33.42 33.47 -28.70
C HIS D 206 34.22 33.40 -29.99
N GLY D 207 34.60 32.19 -30.40
CA GLY D 207 35.40 32.02 -31.58
C GLY D 207 36.60 31.11 -31.32
N GLY D 208 37.04 31.05 -30.06
CA GLY D 208 38.14 30.20 -29.70
C GLY D 208 39.46 30.70 -30.27
N GLU D 209 40.34 29.74 -30.59
CA GLU D 209 41.66 30.08 -31.12
C GLU D 209 41.56 30.95 -32.35
N ASP D 210 40.61 30.64 -33.24
CA ASP D 210 40.44 31.41 -34.47
C ASP D 210 40.28 32.89 -34.17
N TYR D 211 39.67 33.22 -33.02
CA TYR D 211 39.60 34.61 -32.60
C TYR D 211 40.98 35.15 -32.29
N VAL D 212 41.67 34.54 -31.33
CA VAL D 212 42.93 35.09 -30.83
C VAL D 212 43.95 35.21 -31.96
N PHE D 213 44.10 34.15 -32.74
CA PHE D 213 44.97 34.19 -33.91
C PHE D 213 44.61 35.38 -34.80
N SER D 214 43.33 35.51 -35.14
CA SER D 214 42.89 36.61 -35.98
C SER D 214 43.27 37.95 -35.37
N LEU D 215 43.23 38.04 -34.03
CA LEU D 215 43.66 39.27 -33.38
C LEU D 215 45.15 39.50 -33.58
N LEU D 216 45.97 38.48 -33.34
CA LEU D 216 47.42 38.67 -33.37
C LEU D 216 47.90 39.02 -34.77
N THR D 217 47.34 38.39 -35.79
CA THR D 217 47.66 38.71 -37.17
C THR D 217 46.81 39.85 -37.71
N GLY D 218 45.88 40.37 -36.92
CA GLY D 218 44.98 41.42 -37.37
C GLY D 218 45.39 42.84 -37.04
N TYR D 219 46.61 43.06 -36.54
CA TYR D 219 47.04 44.41 -36.23
C TYR D 219 47.13 45.24 -37.50
N CYS D 220 46.22 46.21 -37.64
CA CYS D 220 46.10 47.00 -38.84
C CYS D 220 46.32 48.47 -38.52
N GLU D 221 46.36 49.29 -39.56
CA GLU D 221 46.42 50.75 -39.48
C GLU D 221 45.02 51.32 -39.44
N PRO D 222 44.76 52.28 -38.56
CA PRO D 222 43.41 52.82 -38.42
C PRO D 222 42.89 53.37 -39.73
N PRO D 223 41.62 53.15 -40.04
CA PRO D 223 41.07 53.62 -41.32
C PRO D 223 40.84 55.13 -41.29
N THR D 224 40.52 55.66 -42.46
CA THR D 224 40.27 57.09 -42.59
C THR D 224 39.06 57.50 -41.76
N GLY D 225 39.20 58.61 -41.04
CA GLY D 225 38.14 59.14 -40.22
C GLY D 225 38.12 58.64 -38.79
N VAL D 226 38.96 57.66 -38.46
CA VAL D 226 39.07 57.15 -37.10
C VAL D 226 40.35 57.68 -36.50
N SER D 227 40.22 58.46 -35.42
CA SER D 227 41.38 58.97 -34.70
C SER D 227 41.89 57.91 -33.73
N LEU D 228 43.15 58.07 -33.35
CA LEU D 228 43.79 57.12 -32.43
C LEU D 228 44.46 57.91 -31.32
N ARG D 229 44.10 57.61 -30.08
CA ARG D 229 44.78 58.22 -28.95
C ARG D 229 46.12 57.54 -28.76
N GLU D 230 47.16 58.34 -28.56
CA GLU D 230 48.54 57.87 -28.52
C GLU D 230 48.77 56.94 -27.33
N GLY D 231 48.86 55.64 -27.60
CA GLY D 231 48.97 54.65 -26.54
C GLY D 231 48.11 53.44 -26.84
N LEU D 232 47.07 53.65 -27.64
CA LEU D 232 46.18 52.58 -28.07
C LEU D 232 46.59 52.11 -29.47
N TYR D 233 45.99 51.01 -29.89
CA TYR D 233 46.29 50.40 -31.18
C TYR D 233 45.00 49.83 -31.77
N PHE D 234 44.96 49.76 -33.09
CA PHE D 234 43.73 49.44 -33.82
C PHE D 234 43.75 47.98 -34.24
N ASN D 235 42.72 47.24 -33.86
CA ASN D 235 42.55 45.84 -34.25
C ASN D 235 41.08 45.63 -34.59
N PRO D 236 40.76 45.27 -35.83
CA PRO D 236 39.34 45.10 -36.20
C PRO D 236 38.62 44.05 -35.38
N TYR D 237 39.31 42.98 -34.99
CA TYR D 237 38.65 41.87 -34.31
C TYR D 237 38.29 42.19 -32.87
N PHE D 238 39.04 43.08 -32.22
CA PHE D 238 38.78 43.40 -30.82
C PHE D 238 37.50 44.23 -30.70
N PRO D 239 36.54 43.80 -29.88
CA PRO D 239 35.35 44.63 -29.66
C PRO D 239 35.72 45.98 -29.08
N GLY D 240 35.30 47.04 -29.75
CA GLY D 240 35.74 48.39 -29.44
C GLY D 240 36.71 48.95 -30.46
N GLN D 241 37.18 48.12 -31.39
CA GLN D 241 38.08 48.55 -32.47
C GLN D 241 39.29 49.30 -31.97
N ALA D 242 39.70 49.06 -30.72
CA ALA D 242 40.85 49.75 -30.14
C ALA D 242 41.38 48.90 -29.00
N ILE D 243 42.56 48.31 -29.21
CA ILE D 243 43.18 47.46 -28.20
C ILE D 243 44.26 48.27 -27.50
N ALA D 244 44.48 47.97 -26.22
CA ALA D 244 45.47 48.65 -25.40
C ALA D 244 46.77 47.84 -25.29
N MET D 245 47.07 47.04 -26.31
CA MET D 245 48.26 46.19 -26.32
C MET D 245 49.06 46.45 -27.58
N ALA D 246 50.35 46.75 -27.40
CA ALA D 246 51.22 46.96 -28.53
C ALA D 246 51.38 45.65 -29.31
N PRO D 247 51.68 45.71 -30.61
CA PRO D 247 51.86 44.48 -31.38
C PRO D 247 52.86 43.56 -30.72
N PRO D 248 52.39 42.42 -30.21
CA PRO D 248 53.26 41.58 -29.38
C PRO D 248 54.35 40.88 -30.17
N ILE D 249 53.95 40.20 -31.24
CA ILE D 249 54.83 39.31 -31.97
C ILE D 249 54.91 39.76 -33.42
N TYR D 250 56.09 39.54 -34.00
CA TYR D 250 56.36 39.91 -35.38
C TYR D 250 57.43 38.95 -35.91
N ASN D 251 58.00 39.30 -37.06
CA ASN D 251 59.05 38.47 -37.63
C ASN D 251 60.27 38.44 -36.70
N GLU D 252 60.93 37.28 -36.65
CA GLU D 252 62.13 37.03 -35.84
C GLU D 252 62.00 37.58 -34.42
N VAL D 253 60.77 37.60 -33.89
CA VAL D 253 60.56 38.06 -32.52
C VAL D 253 61.13 37.08 -31.51
N LEU D 254 61.46 35.86 -31.94
CA LEU D 254 61.97 34.84 -31.04
C LEU D 254 62.94 33.96 -31.82
N GLU D 255 63.46 32.92 -31.15
CA GLU D 255 64.32 31.91 -31.77
C GLU D 255 63.88 30.56 -31.21
N PHE D 256 63.09 29.82 -31.99
CA PHE D 256 62.58 28.54 -31.53
C PHE D 256 63.73 27.57 -31.26
N ASP D 257 63.54 26.72 -30.24
CA ASP D 257 64.58 25.76 -29.88
C ASP D 257 64.87 24.81 -31.02
N ASP D 258 63.83 24.35 -31.72
CA ASP D 258 64.02 23.44 -32.84
C ASP D 258 64.81 24.11 -33.96
N GLY D 259 64.28 25.19 -34.52
CA GLY D 259 64.94 25.86 -35.61
C GLY D 259 64.00 26.31 -36.70
N THR D 260 62.72 26.04 -36.52
CA THR D 260 61.73 26.51 -37.49
C THR D 260 61.72 28.03 -37.53
N PRO D 261 61.45 28.64 -38.68
CA PRO D 261 61.49 30.11 -38.76
C PRO D 261 60.53 30.75 -37.78
N ALA D 262 60.97 31.86 -37.19
CA ALA D 262 60.21 32.59 -36.20
C ALA D 262 59.32 33.66 -36.80
N THR D 263 58.88 33.47 -38.04
CA THR D 263 58.03 34.45 -38.71
C THR D 263 56.73 34.65 -37.93
N MET D 264 56.12 35.81 -38.14
CA MET D 264 55.02 36.24 -37.28
C MET D 264 53.83 35.27 -37.33
N SER D 265 53.45 34.82 -38.53
CA SER D 265 52.29 33.95 -38.64
C SER D 265 52.53 32.62 -37.94
N GLN D 266 53.73 32.05 -38.10
CA GLN D 266 54.05 30.78 -37.45
C GLN D 266 54.05 30.93 -35.93
N VAL D 267 54.60 32.04 -35.43
CA VAL D 267 54.59 32.31 -34.00
C VAL D 267 53.16 32.40 -33.49
N ALA D 268 52.30 33.11 -34.22
CA ALA D 268 50.91 33.24 -33.81
C ALA D 268 50.21 31.89 -33.78
N LYS D 269 50.43 31.06 -34.80
CA LYS D 269 49.83 29.73 -34.83
C LYS D 269 50.28 28.90 -33.64
N ASP D 270 51.59 28.88 -33.37
CA ASP D 270 52.11 28.07 -32.28
C ASP D 270 51.58 28.54 -30.93
N VAL D 271 51.59 29.85 -30.70
CA VAL D 271 51.13 30.35 -29.40
C VAL D 271 49.63 30.11 -29.24
N CYS D 272 48.87 30.21 -30.33
CA CYS D 272 47.43 29.98 -30.23
C CYS D 272 47.12 28.52 -29.93
N THR D 273 47.84 27.59 -30.58
CA THR D 273 47.60 26.19 -30.27
C THR D 273 48.07 25.85 -28.85
N PHE D 274 49.14 26.50 -28.38
CA PHE D 274 49.55 26.30 -26.99
C PHE D 274 48.50 26.81 -26.03
N LEU D 275 47.90 27.97 -26.33
CA LEU D 275 46.84 28.49 -25.48
C LEU D 275 45.60 27.60 -25.51
N ARG D 276 45.32 26.97 -26.66
CA ARG D 276 44.24 25.99 -26.71
C ARG D 276 44.55 24.80 -25.81
N TRP D 277 45.80 24.31 -25.84
CA TRP D 277 46.16 23.22 -24.95
C TRP D 277 46.02 23.63 -23.49
N ALA D 278 46.47 24.85 -23.15
CA ALA D 278 46.40 25.31 -21.78
C ALA D 278 44.96 25.45 -21.31
N SER D 279 44.09 25.98 -22.18
CA SER D 279 42.69 26.17 -21.79
C SER D 279 41.97 24.84 -21.58
N GLU D 280 42.24 23.86 -22.45
CA GLU D 280 41.58 22.56 -22.39
C GLU D 280 42.65 21.48 -22.42
N PRO D 281 43.29 21.20 -21.29
CA PRO D 281 44.32 20.16 -21.26
C PRO D 281 43.81 18.77 -21.61
N GLU D 282 42.55 18.48 -21.30
CA GLU D 282 41.98 17.15 -21.53
C GLU D 282 41.67 16.89 -22.99
N HIS D 283 41.86 17.89 -23.84
CA HIS D 283 41.46 17.83 -25.25
C HIS D 283 41.82 16.47 -25.86
N ASP D 284 43.13 16.17 -25.91
CA ASP D 284 43.56 14.91 -26.51
C ASP D 284 42.85 13.73 -25.88
N HIS D 285 42.88 13.64 -24.54
CA HIS D 285 42.20 12.57 -23.84
C HIS D 285 40.72 12.53 -24.23
N ARG D 286 40.08 13.71 -24.25
CA ARG D 286 38.68 13.76 -24.62
C ARG D 286 38.44 13.11 -25.97
N LYS D 287 39.31 13.41 -26.95
CA LYS D 287 39.17 12.77 -28.24
C LYS D 287 39.32 11.26 -28.13
N ARG D 288 40.37 10.81 -27.42
CA ARG D 288 40.51 9.38 -27.15
C ARG D 288 39.37 8.89 -26.28
N MET D 289 38.80 9.77 -25.47
CA MET D 289 37.59 9.43 -24.72
C MET D 289 36.44 9.13 -25.69
N GLY D 290 36.29 9.97 -26.71
CA GLY D 290 35.15 9.83 -27.60
C GLY D 290 35.24 8.62 -28.50
N LEU D 291 36.39 8.42 -29.15
CA LEU D 291 36.51 7.41 -30.19
C LEU D 291 36.06 6.04 -29.68
N LYS D 292 36.62 5.59 -28.56
CA LYS D 292 36.22 4.31 -27.98
C LYS D 292 34.70 4.28 -27.79
N MET D 293 34.16 5.30 -27.12
CA MET D 293 32.71 5.35 -26.90
C MET D 293 31.97 5.24 -28.22
N LEU D 294 32.44 5.97 -29.25
CA LEU D 294 31.77 5.87 -30.54
C LEU D 294 31.76 4.44 -31.05
N MET D 295 32.92 3.79 -31.05
CA MET D 295 32.94 2.38 -31.45
C MET D 295 32.07 1.56 -30.52
N MET D 296 32.09 1.89 -29.23
CA MET D 296 31.22 1.20 -28.29
C MET D 296 29.76 1.42 -28.66
N MET D 297 29.41 2.65 -29.06
CA MET D 297 28.04 2.92 -29.47
C MET D 297 27.71 2.24 -30.79
N GLY D 298 28.73 1.84 -31.55
CA GLY D 298 28.48 1.05 -32.73
C GLY D 298 28.25 -0.42 -32.44
N LEU D 299 28.31 -0.79 -31.17
CA LEU D 299 28.21 -2.19 -30.76
C LEU D 299 27.08 -2.44 -29.78
N LEU D 300 26.85 -1.52 -28.83
CA LEU D 300 25.75 -1.70 -27.88
C LEU D 300 24.41 -1.39 -28.51
N LEU D 301 24.32 -0.31 -29.30
CA LEU D 301 23.04 0.06 -29.91
C LEU D 301 22.44 -1.02 -30.79
N PRO D 302 23.16 -1.62 -31.77
CA PRO D 302 22.51 -2.65 -32.58
C PRO D 302 22.18 -3.90 -31.80
N LEU D 303 22.86 -4.13 -30.67
CA LEU D 303 22.57 -5.30 -29.86
C LEU D 303 21.33 -5.10 -29.01
N VAL D 304 21.36 -4.09 -28.12
CA VAL D 304 20.26 -3.88 -27.18
C VAL D 304 18.96 -3.72 -27.93
N TYR D 305 18.94 -2.87 -28.95
CA TYR D 305 17.75 -2.72 -29.79
C TYR D 305 17.27 -4.08 -30.28
N ALA D 306 18.18 -4.88 -30.85
CA ALA D 306 17.81 -6.23 -31.27
C ALA D 306 17.18 -7.00 -30.12
N MET D 307 17.85 -7.01 -28.96
CA MET D 307 17.27 -7.67 -27.79
C MET D 307 15.87 -7.16 -27.52
N LYS D 308 15.69 -5.83 -27.54
CA LYS D 308 14.36 -5.27 -27.35
C LYS D 308 13.39 -5.84 -28.36
N ARG D 309 13.74 -5.80 -29.64
CA ARG D 309 12.88 -6.39 -30.65
C ARG D 309 12.66 -7.87 -30.39
N HIS D 310 13.73 -8.58 -29.99
CA HIS D 310 13.57 -9.96 -29.60
C HIS D 310 12.50 -10.10 -28.52
N LYS D 311 12.58 -9.28 -27.48
CA LYS D 311 11.60 -9.35 -26.42
C LYS D 311 10.24 -8.82 -26.89
N TRP D 312 10.23 -7.97 -27.92
CA TRP D 312 8.96 -7.57 -28.51
C TRP D 312 8.45 -8.57 -29.54
N SER D 313 9.25 -9.56 -29.93
CA SER D 313 8.82 -10.44 -31.02
C SER D 313 7.49 -11.11 -30.69
N VAL D 314 7.22 -11.35 -29.41
CA VAL D 314 5.95 -11.96 -29.03
C VAL D 314 4.78 -11.05 -29.39
N LEU D 315 4.90 -9.77 -29.05
CA LEU D 315 3.78 -8.84 -29.26
C LEU D 315 3.64 -8.47 -30.73
N LYS D 316 4.75 -8.16 -31.41
CA LYS D 316 4.67 -7.68 -32.79
C LYS D 316 4.12 -8.75 -33.73
N SER D 317 4.28 -10.03 -33.40
CA SER D 317 3.72 -11.11 -34.18
C SER D 317 2.39 -11.61 -33.63
N ARG D 318 1.87 -10.98 -32.58
CA ARG D 318 0.64 -11.44 -31.97
C ARG D 318 -0.53 -11.24 -32.93
N LYS D 319 -1.37 -12.27 -33.06
CA LYS D 319 -2.53 -12.25 -33.93
C LYS D 319 -3.79 -12.50 -33.11
N LEU D 320 -4.86 -11.80 -33.46
CA LEU D 320 -6.11 -11.87 -32.72
C LEU D 320 -7.25 -12.28 -33.63
N ALA D 321 -8.29 -12.88 -33.03
CA ALA D 321 -9.49 -13.27 -33.75
C ALA D 321 -10.69 -13.05 -32.86
N TYR D 322 -11.76 -12.51 -33.43
CA TYR D 322 -13.01 -12.28 -32.73
C TYR D 322 -13.99 -13.38 -33.12
N ARG D 323 -14.52 -14.09 -32.12
CA ARG D 323 -15.43 -15.21 -32.34
C ARG D 323 -16.68 -15.03 -31.49
N PRO D 324 -17.52 -14.05 -31.81
CA PRO D 324 -18.76 -13.88 -31.07
C PRO D 324 -19.74 -15.01 -31.39
N PRO D 325 -20.64 -15.36 -30.46
CA PRO D 325 -21.63 -16.41 -30.69
C PRO D 325 -22.68 -16.00 -31.72
N SER E 79 -17.45 -24.02 -33.52
CA SER E 79 -16.98 -24.85 -32.41
C SER E 79 -15.51 -24.56 -32.10
N HIS E 80 -15.02 -25.13 -30.98
CA HIS E 80 -13.62 -24.95 -30.63
C HIS E 80 -12.70 -25.60 -31.66
N THR E 81 -13.19 -26.63 -32.35
CA THR E 81 -12.41 -27.32 -33.37
C THR E 81 -12.34 -26.54 -34.68
N ASP E 82 -13.10 -25.45 -34.80
CA ASP E 82 -13.13 -24.66 -36.03
C ASP E 82 -12.11 -23.53 -36.04
N ILE E 83 -11.29 -23.41 -35.01
CA ILE E 83 -10.25 -22.40 -34.95
C ILE E 83 -8.91 -23.06 -35.20
N ARG E 84 -8.00 -22.32 -35.84
CA ARG E 84 -6.66 -22.80 -36.12
C ARG E 84 -5.69 -21.64 -36.01
N VAL E 85 -4.45 -21.95 -35.64
CA VAL E 85 -3.43 -20.92 -35.48
C VAL E 85 -3.09 -20.35 -36.84
N PRO E 86 -3.18 -19.04 -37.03
CA PRO E 86 -2.82 -18.45 -38.33
C PRO E 86 -1.35 -18.67 -38.64
N ASP E 87 -1.06 -18.80 -39.93
CA ASP E 87 0.31 -19.08 -40.36
C ASP E 87 1.22 -17.90 -40.05
N PHE E 88 2.35 -18.18 -39.39
CA PHE E 88 3.35 -17.17 -39.06
C PHE E 88 4.58 -17.26 -39.95
N SER E 89 4.46 -17.88 -41.13
CA SER E 89 5.64 -18.16 -41.94
C SER E 89 6.41 -16.89 -42.30
N ASP E 90 5.74 -15.74 -42.30
CA ASP E 90 6.44 -14.48 -42.55
C ASP E 90 7.41 -14.12 -41.43
N TYR E 91 7.26 -14.75 -40.26
CA TYR E 91 8.07 -14.41 -39.09
C TYR E 91 9.00 -15.51 -38.62
N ARG E 92 8.70 -16.78 -38.92
CA ARG E 92 9.49 -17.87 -38.40
C ARG E 92 10.94 -17.79 -38.88
N ARG E 93 11.87 -18.18 -38.01
CA ARG E 93 13.26 -18.28 -38.42
C ARG E 93 13.42 -19.37 -39.45
N ALA E 94 14.50 -19.26 -40.24
CA ALA E 94 14.70 -20.19 -41.36
C ALA E 94 14.79 -21.63 -40.89
N GLU E 95 15.41 -21.86 -39.73
CA GLU E 95 15.58 -23.23 -39.25
C GLU E 95 14.24 -23.88 -38.95
N VAL E 96 13.41 -23.23 -38.13
CA VAL E 96 12.07 -23.75 -37.81
C VAL E 96 11.10 -23.08 -38.78
N LEU E 97 11.00 -23.65 -39.98
CA LEU E 97 10.05 -23.14 -40.96
C LEU E 97 9.27 -24.23 -41.68
N ASP E 98 9.75 -25.46 -41.74
CA ASP E 98 9.05 -26.52 -42.46
C ASP E 98 8.21 -27.34 -41.48
N SER E 99 7.10 -27.86 -41.97
CA SER E 99 6.17 -28.63 -41.14
C SER E 99 6.61 -30.08 -40.96
N THR E 100 7.84 -30.43 -41.32
CA THR E 100 8.30 -31.81 -41.24
C THR E 100 9.74 -31.87 -40.73
N LYS E 101 10.04 -31.04 -39.73
CA LYS E 101 11.28 -31.17 -38.96
C LYS E 101 11.00 -30.83 -37.51
N SER E 102 11.39 -31.72 -36.61
CA SER E 102 11.26 -31.44 -35.18
C SER E 102 12.09 -30.23 -34.80
N SER E 103 11.50 -29.34 -34.00
CA SER E 103 12.17 -28.11 -33.63
C SER E 103 13.30 -28.31 -32.63
N LYS E 104 13.41 -29.50 -32.03
CA LYS E 104 14.44 -29.73 -31.03
C LYS E 104 15.83 -29.68 -31.65
N GLU E 105 15.97 -30.10 -32.91
CA GLU E 105 17.28 -30.12 -33.54
C GLU E 105 17.86 -28.71 -33.69
N SER E 106 17.03 -27.75 -34.10
CA SER E 106 17.49 -26.38 -34.31
C SER E 106 17.24 -25.48 -33.10
N SER E 107 16.60 -26.00 -32.06
CA SER E 107 16.35 -25.20 -30.87
C SER E 107 17.65 -24.75 -30.22
N ASP E 108 18.63 -25.66 -30.15
CA ASP E 108 19.91 -25.30 -29.56
C ASP E 108 20.57 -24.18 -30.34
N ALA E 109 20.54 -24.25 -31.67
CA ALA E 109 21.18 -23.21 -32.48
C ALA E 109 20.47 -21.87 -32.31
N ARG E 110 19.13 -21.87 -32.33
CA ARG E 110 18.40 -20.62 -32.23
C ARG E 110 18.60 -19.97 -30.87
N LYS E 111 18.45 -20.75 -29.79
CA LYS E 111 18.65 -20.21 -28.47
C LYS E 111 20.10 -19.80 -28.24
N GLY E 112 21.05 -20.51 -28.85
CA GLY E 112 22.43 -20.11 -28.76
C GLY E 112 22.69 -18.78 -29.42
N PHE E 113 22.06 -18.55 -30.58
CA PHE E 113 22.21 -17.24 -31.23
C PHE E 113 21.62 -16.12 -30.38
N SER E 114 20.42 -16.33 -29.84
CA SER E 114 19.80 -15.30 -29.01
C SER E 114 20.62 -15.02 -27.75
N TYR E 115 21.06 -16.09 -27.08
CA TYR E 115 21.86 -15.91 -25.87
C TYR E 115 23.26 -15.39 -26.18
N LEU E 116 23.77 -15.61 -27.39
CA LEU E 116 25.01 -14.96 -27.80
C LEU E 116 24.82 -13.46 -27.93
N ILE E 117 23.70 -13.04 -28.53
CA ILE E 117 23.40 -11.62 -28.56
C ILE E 117 23.35 -11.05 -27.14
N THR E 118 22.65 -11.75 -26.25
CA THR E 118 22.59 -11.30 -24.86
C THR E 118 23.97 -11.25 -24.21
N ALA E 119 24.81 -12.25 -24.51
CA ALA E 119 26.12 -12.36 -23.87
C ALA E 119 27.03 -11.22 -24.28
N THR E 120 27.13 -10.96 -25.59
CA THR E 120 27.97 -9.85 -26.04
C THR E 120 27.40 -8.51 -25.58
N THR E 121 26.08 -8.36 -25.55
CA THR E 121 25.50 -7.15 -24.97
C THR E 121 25.96 -6.97 -23.53
N THR E 122 25.84 -8.02 -22.73
CA THR E 122 26.14 -7.89 -21.31
C THR E 122 27.62 -7.67 -21.07
N VAL E 123 28.48 -8.28 -21.90
CA VAL E 123 29.92 -8.08 -21.72
C VAL E 123 30.31 -6.65 -22.10
N GLY E 124 29.69 -6.08 -23.15
CA GLY E 124 29.94 -4.69 -23.46
C GLY E 124 29.48 -3.78 -22.34
N VAL E 125 28.32 -4.07 -21.76
CA VAL E 125 27.83 -3.27 -20.64
C VAL E 125 28.76 -3.39 -19.44
N ALA E 126 29.33 -4.58 -19.22
CA ALA E 126 30.28 -4.75 -18.13
C ALA E 126 31.52 -3.90 -18.35
N TYR E 127 32.02 -3.88 -19.60
CA TYR E 127 33.16 -3.02 -19.92
C TYR E 127 32.84 -1.55 -19.62
N ALA E 128 31.70 -1.07 -20.11
CA ALA E 128 31.33 0.34 -19.91
C ALA E 128 31.17 0.66 -18.43
N ALA E 129 30.50 -0.22 -17.67
CA ALA E 129 30.27 0.02 -16.26
C ALA E 129 31.59 0.03 -15.48
N LYS E 130 32.50 -0.89 -15.82
CA LYS E 130 33.80 -0.89 -15.16
C LYS E 130 34.53 0.41 -15.41
N ASN E 131 34.51 0.88 -16.66
CA ASN E 131 35.20 2.13 -16.95
C ASN E 131 34.60 3.30 -16.19
N ALA E 132 33.26 3.41 -16.17
CA ALA E 132 32.63 4.53 -15.49
C ALA E 132 32.90 4.51 -13.99
N VAL E 133 32.73 3.34 -13.36
CA VAL E 133 33.01 3.22 -11.94
C VAL E 133 34.47 3.49 -11.64
N SER E 134 35.39 3.08 -12.52
CA SER E 134 36.80 3.38 -12.32
C SER E 134 37.05 4.88 -12.39
N GLN E 135 36.42 5.57 -13.35
CA GLN E 135 36.57 7.02 -13.40
C GLN E 135 36.12 7.66 -12.09
N PHE E 136 34.95 7.27 -11.59
CA PHE E 136 34.45 7.89 -10.37
C PHE E 136 35.35 7.57 -9.17
N VAL E 137 35.72 6.31 -9.01
CA VAL E 137 36.54 5.91 -7.86
C VAL E 137 37.89 6.60 -7.89
N SER E 138 38.55 6.60 -9.06
CA SER E 138 39.81 7.31 -9.20
C SER E 138 39.64 8.81 -9.03
N SER E 139 38.45 9.34 -9.30
CA SER E 139 38.18 10.74 -8.97
C SER E 139 38.22 10.95 -7.47
N MET E 140 37.66 10.02 -6.70
CA MET E 140 37.80 10.14 -5.25
C MET E 140 39.21 9.88 -4.76
N SER E 141 40.09 9.37 -5.61
CA SER E 141 41.48 9.18 -5.21
C SER E 141 42.20 10.52 -5.13
N ALA E 142 43.49 10.46 -4.79
CA ALA E 142 44.28 11.67 -4.62
C ALA E 142 44.46 12.38 -5.96
N SER E 143 44.31 13.70 -5.95
CA SER E 143 44.39 14.49 -7.17
C SER E 143 45.85 14.68 -7.60
N ALA E 144 46.04 15.39 -8.71
CA ALA E 144 47.38 15.61 -9.24
C ALA E 144 48.18 16.52 -8.32
N ASP E 145 47.52 17.51 -7.70
CA ASP E 145 48.22 18.42 -6.81
C ASP E 145 48.79 17.67 -5.61
N VAL E 146 48.04 16.72 -5.05
CA VAL E 146 48.56 15.92 -3.95
C VAL E 146 49.69 15.02 -4.43
N LEU E 147 49.55 14.46 -5.63
CA LEU E 147 50.59 13.58 -6.17
C LEU E 147 51.90 14.31 -6.40
N ALA E 148 51.84 15.57 -6.81
CA ALA E 148 53.08 16.29 -7.14
C ALA E 148 53.61 17.13 -5.98
N MET E 149 52.73 17.55 -5.07
CA MET E 149 53.13 18.49 -4.03
C MET E 149 54.17 17.92 -3.08
N SER E 150 53.80 16.91 -2.30
CA SER E 150 54.70 16.34 -1.31
C SER E 150 54.61 14.82 -1.28
N LYS E 151 54.66 14.18 -2.45
CA LYS E 151 54.74 12.73 -2.51
C LYS E 151 56.18 12.24 -2.63
N ILE E 152 56.87 12.63 -3.70
CA ILE E 152 58.25 12.22 -3.96
C ILE E 152 59.09 13.47 -4.14
N GLU E 153 59.98 13.73 -3.20
CA GLU E 153 60.70 15.00 -3.12
C GLU E 153 62.20 14.75 -3.13
N ILE E 154 62.91 15.46 -4.00
CA ILE E 154 64.35 15.33 -4.09
C ILE E 154 65.02 16.21 -3.04
N LYS E 155 66.28 15.89 -2.73
CA LYS E 155 67.09 16.65 -1.80
C LYS E 155 68.27 17.28 -2.54
N LEU E 156 69.15 17.93 -1.78
CA LEU E 156 70.30 18.62 -2.33
C LEU E 156 71.59 17.91 -1.92
N SER E 157 72.54 17.86 -2.84
CA SER E 157 73.76 17.09 -2.61
C SER E 157 74.74 17.81 -1.72
N ASP E 158 74.54 19.11 -1.50
CA ASP E 158 75.53 19.93 -0.79
C ASP E 158 75.72 19.42 0.64
N ILE E 159 74.70 19.58 1.48
CA ILE E 159 74.57 18.99 2.82
C ILE E 159 75.93 18.97 3.53
N PRO E 160 76.43 20.11 4.01
CA PRO E 160 77.69 20.10 4.77
C PRO E 160 77.65 19.15 5.96
N GLU E 161 78.81 18.81 6.51
CA GLU E 161 78.88 17.93 7.67
C GLU E 161 78.20 18.59 8.87
N GLY E 162 77.24 17.89 9.46
CA GLY E 162 76.53 18.40 10.62
C GLY E 162 75.41 19.36 10.30
N LYS E 163 75.53 20.05 9.17
CA LYS E 163 74.52 21.04 8.80
C LYS E 163 73.24 20.38 8.32
N ASN E 164 72.11 20.95 8.72
CA ASN E 164 70.79 20.48 8.30
C ASN E 164 70.19 21.51 7.35
N MET E 165 70.02 21.13 6.08
CA MET E 165 69.44 22.02 5.10
C MET E 165 67.92 21.84 5.14
N ALA E 166 67.22 22.86 5.64
CA ALA E 166 65.82 22.71 6.01
C ALA E 166 64.92 22.49 4.79
N PHE E 167 63.87 21.70 4.98
CA PHE E 167 62.87 21.46 3.94
C PHE E 167 61.48 21.70 4.53
N LYS E 168 60.48 21.75 3.66
CA LYS E 168 59.12 22.16 3.99
C LYS E 168 58.11 21.17 3.41
N TRP E 169 58.30 19.89 3.68
CA TRP E 169 57.55 18.86 2.98
C TRP E 169 56.56 18.17 3.90
N ARG E 170 55.49 17.66 3.28
CA ARG E 170 54.33 17.10 4.01
C ARG E 170 53.73 18.14 4.95
N GLY E 171 53.84 19.41 4.57
CA GLY E 171 53.37 20.49 5.43
C GLY E 171 54.15 20.61 6.72
N LYS E 172 55.34 20.01 6.80
CA LYS E 172 56.11 19.97 8.03
C LYS E 172 57.57 20.27 7.71
N PRO E 173 58.30 20.86 8.66
CA PRO E 173 59.72 21.12 8.44
C PRO E 173 60.53 19.83 8.42
N LEU E 174 61.73 19.92 7.87
CA LEU E 174 62.58 18.76 7.68
C LEU E 174 64.04 19.13 7.90
N PHE E 175 64.73 18.34 8.72
CA PHE E 175 66.15 18.48 8.96
C PHE E 175 66.89 17.28 8.39
N VAL E 176 68.01 17.55 7.71
CA VAL E 176 68.81 16.52 7.05
C VAL E 176 70.24 16.52 7.58
N ARG E 177 70.40 16.83 8.87
CA ARG E 177 71.70 16.87 9.53
C ARG E 177 72.61 15.74 9.08
N HIS E 178 73.85 16.09 8.73
CA HIS E 178 74.85 15.11 8.32
C HIS E 178 75.54 14.61 9.58
N ARG E 179 75.02 13.52 10.14
CA ARG E 179 75.56 12.95 11.37
C ARG E 179 76.95 12.37 11.12
N THR E 180 77.98 13.03 11.63
CA THR E 180 79.35 12.58 11.44
C THR E 180 79.65 11.36 12.29
N LYS E 181 80.76 10.68 11.96
CA LYS E 181 81.11 9.43 12.63
C LYS E 181 81.27 9.62 14.12
N LYS E 182 81.83 10.75 14.56
CA LYS E 182 81.88 11.05 15.99
C LYS E 182 80.48 11.14 16.58
N GLU E 183 79.58 11.81 15.88
CA GLU E 183 78.20 11.91 16.35
C GLU E 183 77.52 10.53 16.39
N ILE E 184 77.75 9.69 15.38
CA ILE E 184 77.11 8.38 15.38
C ILE E 184 77.64 7.50 16.51
N ASP E 185 78.95 7.53 16.77
CA ASP E 185 79.45 6.73 17.88
C ASP E 185 78.98 7.28 19.22
N GLN E 186 78.86 8.60 19.33
CA GLN E 186 78.27 9.17 20.55
C GLN E 186 76.82 8.73 20.72
N GLU E 187 76.07 8.67 19.61
CA GLU E 187 74.68 8.20 19.68
C GLU E 187 74.62 6.75 20.11
N ALA E 188 75.48 5.90 19.54
CA ALA E 188 75.50 4.49 19.93
C ALA E 188 75.94 4.32 21.38
N ALA E 189 76.76 5.24 21.89
CA ALA E 189 77.12 5.19 23.30
C ALA E 189 75.90 5.39 24.20
N VAL E 190 74.98 6.25 23.77
CA VAL E 190 73.78 6.51 24.55
C VAL E 190 72.88 5.28 24.53
N GLU E 191 72.68 4.67 25.69
CA GLU E 191 71.84 3.49 25.80
C GLU E 191 70.38 3.88 25.71
N VAL E 192 69.62 3.17 24.87
CA VAL E 192 68.24 3.55 24.58
C VAL E 192 67.24 3.00 25.59
N SER E 193 67.69 2.23 26.59
CA SER E 193 66.76 1.66 27.56
C SER E 193 66.12 2.75 28.42
N GLN E 194 66.93 3.50 29.14
CA GLN E 194 66.41 4.59 29.96
C GLN E 194 65.96 5.79 29.13
N LEU E 195 66.35 5.86 27.86
CA LEU E 195 65.91 6.92 26.99
C LEU E 195 64.40 6.87 26.79
N ARG E 196 63.79 8.05 26.68
CA ARG E 196 62.32 8.13 26.65
C ARG E 196 61.75 7.34 25.48
N ASP E 197 62.23 7.61 24.28
CA ASP E 197 61.82 6.81 23.13
C ASP E 197 62.73 5.59 23.02
N PRO E 198 62.19 4.38 23.14
CA PRO E 198 63.01 3.16 23.07
C PRO E 198 63.39 2.79 21.65
N GLN E 199 63.89 3.77 20.90
CA GLN E 199 64.29 3.57 19.51
C GLN E 199 65.80 3.45 19.46
N HIS E 200 66.29 2.32 18.94
CA HIS E 200 67.72 2.10 18.81
C HIS E 200 68.29 3.10 17.82
N ASP E 201 69.56 3.48 18.02
CA ASP E 201 70.18 4.49 17.18
C ASP E 201 70.20 4.08 15.72
N LEU E 202 70.55 2.83 15.44
CA LEU E 202 70.67 2.39 14.05
C LEU E 202 69.32 2.13 13.39
N GLU E 203 68.32 1.68 14.15
CA GLU E 203 67.02 1.37 13.55
C GLU E 203 66.28 2.63 13.13
N ARG E 204 66.62 3.79 13.69
CA ARG E 204 66.03 5.04 13.23
C ARG E 204 66.81 5.61 12.06
N VAL E 205 68.13 5.60 12.14
CA VAL E 205 69.00 6.15 11.11
C VAL E 205 69.64 4.97 10.40
N LYS E 206 69.08 4.59 9.25
CA LYS E 206 69.60 3.43 8.53
C LYS E 206 70.97 3.71 7.93
N LYS E 207 71.18 4.91 7.39
CA LYS E 207 72.49 5.30 6.89
C LYS E 207 73.11 6.28 7.87
N PRO E 208 74.11 5.87 8.65
CA PRO E 208 74.62 6.73 9.74
C PRO E 208 75.14 8.08 9.27
N GLU E 209 75.55 8.19 8.00
CA GLU E 209 76.11 9.45 7.51
C GLU E 209 75.09 10.57 7.58
N TRP E 210 73.84 10.30 7.20
CA TRP E 210 72.79 11.30 7.16
C TRP E 210 71.64 10.86 8.06
N VAL E 211 71.23 11.76 8.96
CA VAL E 211 70.05 11.55 9.79
C VAL E 211 68.99 12.54 9.31
N ILE E 212 67.80 12.03 8.99
CA ILE E 212 66.68 12.86 8.60
C ILE E 212 65.70 12.96 9.77
N LEU E 213 65.12 14.13 9.94
CA LEU E 213 64.24 14.39 11.08
C LEU E 213 63.22 15.45 10.65
N ILE E 214 61.94 15.09 10.66
CA ILE E 214 60.90 16.08 10.40
C ILE E 214 60.95 17.13 11.49
N GLY E 215 60.83 18.39 11.09
CA GLY E 215 60.89 19.50 12.02
C GLY E 215 59.71 19.56 12.96
N VAL E 216 59.47 20.73 13.55
CA VAL E 216 58.44 20.92 14.59
C VAL E 216 58.84 20.13 15.82
N CYS E 217 59.05 20.83 16.93
CA CYS E 217 59.52 20.16 18.13
C CYS E 217 58.51 19.12 18.59
N THR E 218 59.01 18.10 19.28
CA THR E 218 58.18 16.93 19.54
C THR E 218 57.30 17.07 20.76
N HIS E 219 57.35 18.17 21.52
CA HIS E 219 56.26 18.36 22.48
C HIS E 219 55.77 19.80 22.52
N LEU E 220 54.53 20.00 22.08
CA LEU E 220 53.80 21.27 22.15
C LEU E 220 54.48 22.38 21.34
N GLY E 221 55.57 22.05 20.65
CA GLY E 221 56.29 23.06 19.89
C GLY E 221 56.94 24.13 20.72
N CYS E 222 57.46 23.78 21.89
CA CYS E 222 58.28 24.72 22.65
C CYS E 222 59.56 25.01 21.88
N VAL E 223 60.28 26.02 22.34
CA VAL E 223 61.51 26.43 21.65
C VAL E 223 62.57 25.35 21.82
N PRO E 224 63.05 24.75 20.73
CA PRO E 224 64.15 23.79 20.85
C PRO E 224 65.51 24.47 20.69
N ILE E 225 66.58 23.69 20.75
CA ILE E 225 67.93 24.19 20.49
C ILE E 225 68.42 23.47 19.24
N ALA E 226 68.19 24.08 18.08
CA ALA E 226 68.53 23.45 16.81
C ALA E 226 70.01 23.62 16.51
N ASN E 227 70.64 22.52 16.09
CA ASN E 227 72.06 22.49 15.71
C ASN E 227 72.98 22.87 16.85
N ALA E 228 72.52 22.72 18.10
CA ALA E 228 73.31 23.07 19.27
C ALA E 228 72.68 22.41 20.50
N GLY E 229 73.23 22.70 21.68
CA GLY E 229 72.71 22.16 22.91
C GLY E 229 73.71 21.36 23.71
N ASP E 230 73.42 21.16 25.00
CA ASP E 230 74.31 20.36 25.85
C ASP E 230 74.36 18.92 25.36
N PHE E 231 73.22 18.37 24.96
CA PHE E 231 73.16 17.07 24.32
C PHE E 231 73.59 17.23 22.85
N GLY E 232 73.28 16.24 22.03
CA GLY E 232 73.58 16.32 20.61
C GLY E 232 72.94 17.50 19.91
N GLY E 233 73.10 17.57 18.59
CA GLY E 233 72.71 18.72 17.80
C GLY E 233 71.37 19.35 18.11
N TYR E 234 70.41 18.55 18.57
CA TYR E 234 69.06 19.04 18.84
C TYR E 234 68.74 18.89 20.32
N TYR E 235 67.89 19.78 20.82
CA TYR E 235 67.66 19.89 22.26
C TYR E 235 66.36 20.66 22.52
N CYS E 236 65.40 20.05 23.22
CA CYS E 236 64.08 20.63 23.49
C CYS E 236 63.87 20.68 25.01
N PRO E 237 64.51 21.63 25.70
CA PRO E 237 64.47 21.63 27.16
C PRO E 237 63.21 22.21 27.77
N CYS E 238 62.14 22.36 26.97
CA CYS E 238 60.91 22.93 27.52
C CYS E 238 60.34 22.05 28.62
N HIS E 239 60.58 20.76 28.53
CA HIS E 239 60.36 19.82 29.62
C HIS E 239 61.44 18.77 29.49
N GLY E 240 61.26 17.62 30.14
CA GLY E 240 62.15 16.48 29.98
C GLY E 240 62.09 15.91 28.58
N SER E 241 62.80 14.82 28.32
CA SER E 241 62.90 14.20 26.99
C SER E 241 63.21 15.25 25.92
N HIS E 242 64.34 15.93 26.13
CA HIS E 242 64.63 17.11 25.32
C HIS E 242 64.82 16.76 23.86
N TYR E 243 65.98 16.17 23.53
CA TYR E 243 66.31 15.70 22.18
C TYR E 243 67.68 15.04 22.19
N ASP E 244 68.18 14.67 21.02
CA ASP E 244 69.56 14.25 20.86
C ASP E 244 69.99 14.61 19.44
N ALA E 245 71.25 14.33 19.12
CA ALA E 245 71.74 14.60 17.76
C ALA E 245 70.99 13.77 16.74
N SER E 246 70.54 12.58 17.12
CA SER E 246 69.63 11.79 16.30
C SER E 246 68.18 12.12 16.56
N GLY E 247 67.90 13.11 17.41
CA GLY E 247 66.55 13.47 17.80
C GLY E 247 65.99 12.71 18.97
N ARG E 248 66.71 11.70 19.47
CA ARG E 248 66.22 10.82 20.53
C ARG E 248 65.93 11.60 21.81
N ILE E 249 64.66 11.70 22.19
CA ILE E 249 64.28 12.47 23.36
C ILE E 249 64.73 11.75 24.62
N ARG E 250 65.32 12.50 25.55
CA ARG E 250 66.03 11.90 26.68
C ARG E 250 65.13 11.12 27.63
N LYS E 251 64.30 11.83 28.42
CA LYS E 251 63.39 11.21 29.39
C LYS E 251 62.29 12.20 29.70
N GLY E 252 61.04 11.83 29.46
CA GLY E 252 59.94 12.69 29.86
C GLY E 252 58.63 12.50 29.10
N PRO E 253 57.66 13.37 29.39
CA PRO E 253 56.32 13.20 28.79
C PRO E 253 56.25 13.37 27.28
N ALA E 254 57.35 13.69 26.60
CA ALA E 254 57.32 13.79 25.15
C ALA E 254 57.00 12.43 24.55
N PRO E 255 56.06 12.34 23.60
CA PRO E 255 55.65 11.02 23.08
C PRO E 255 56.80 10.25 22.44
N LEU E 256 57.45 10.84 21.44
CA LEU E 256 58.52 10.19 20.71
C LEU E 256 59.59 11.22 20.38
N ASN E 257 60.60 10.79 19.64
CA ASN E 257 61.68 11.67 19.22
C ASN E 257 61.17 12.55 18.07
N LEU E 258 62.08 13.28 17.43
CA LEU E 258 61.70 14.02 16.22
C LEU E 258 61.13 13.09 15.18
N GLU E 259 60.05 13.51 14.53
CA GLU E 259 59.38 12.67 13.56
C GLU E 259 60.35 12.29 12.44
N VAL E 260 60.37 11.01 12.10
CA VAL E 260 61.27 10.46 11.10
C VAL E 260 60.42 9.98 9.92
N PRO E 261 60.61 10.53 8.72
CA PRO E 261 59.86 10.06 7.56
C PRO E 261 60.60 8.94 6.83
N THR E 262 59.83 8.20 6.04
CA THR E 262 60.43 7.17 5.20
C THR E 262 61.37 7.82 4.19
N TYR E 263 62.65 7.42 4.24
CA TYR E 263 63.71 8.08 3.51
C TYR E 263 64.48 7.06 2.68
N GLU E 264 64.49 7.28 1.35
CA GLU E 264 65.02 6.31 0.40
C GLU E 264 66.39 6.79 -0.08
N PHE E 265 67.42 6.48 0.70
CA PHE E 265 68.77 6.93 0.41
C PHE E 265 69.40 6.04 -0.65
N THR E 266 69.49 6.57 -1.88
CA THR E 266 70.27 5.90 -2.92
C THR E 266 71.65 6.54 -3.04
N SER E 267 71.69 7.88 -3.06
CA SER E 267 72.93 8.65 -3.02
C SER E 267 72.54 10.08 -2.66
N ASP E 268 73.53 10.98 -2.68
CA ASP E 268 73.26 12.38 -2.37
C ASP E 268 72.32 12.98 -3.41
N ASP E 269 71.54 13.97 -2.97
CA ASP E 269 70.50 14.64 -3.76
C ASP E 269 69.59 13.65 -4.48
N LEU E 270 69.49 12.42 -3.95
CA LEU E 270 68.55 11.44 -4.47
C LEU E 270 67.71 10.77 -3.39
N VAL E 271 67.93 11.09 -2.11
CA VAL E 271 67.13 10.49 -1.05
C VAL E 271 65.71 11.03 -1.12
N ILE E 272 64.73 10.12 -1.06
CA ILE E 272 63.33 10.44 -1.26
C ILE E 272 62.61 10.30 0.08
N VAL E 273 61.89 11.36 0.47
CA VAL E 273 61.13 11.39 1.70
C VAL E 273 59.69 11.80 1.38
N GLY E 274 58.87 11.90 2.43
CA GLY E 274 57.51 12.36 2.28
C GLY E 274 57.30 13.78 2.77
N TRP F 13 -20.96 22.36 -49.60
CA TRP F 13 -21.77 22.52 -48.41
C TRP F 13 -21.01 21.78 -47.29
N LEU F 14 -21.51 21.83 -46.05
CA LEU F 14 -20.66 21.45 -44.91
C LEU F 14 -20.33 19.97 -44.92
N GLU F 15 -21.21 19.12 -45.46
CA GLU F 15 -20.98 17.68 -45.37
C GLU F 15 -19.71 17.26 -46.08
N GLY F 16 -19.30 17.98 -47.12
CA GLY F 16 -18.01 17.72 -47.73
C GLY F 16 -16.86 17.97 -46.78
N ILE F 17 -16.93 19.07 -46.02
CA ILE F 17 -15.92 19.36 -45.01
C ILE F 17 -15.94 18.29 -43.92
N ARG F 18 -17.13 17.85 -43.52
CA ARG F 18 -17.22 16.81 -42.50
C ARG F 18 -16.59 15.51 -42.98
N LYS F 19 -16.84 15.15 -44.25
CA LYS F 19 -16.25 13.93 -44.80
C LYS F 19 -14.74 14.06 -44.92
N TRP F 20 -14.25 15.22 -45.34
CA TRP F 20 -12.82 15.45 -45.40
C TRP F 20 -12.19 15.31 -44.02
N TYR F 21 -12.84 15.87 -43.00
CA TYR F 21 -12.31 15.75 -41.66
C TYR F 21 -12.35 14.31 -41.16
N TYR F 22 -13.41 13.56 -41.50
CA TYR F 22 -13.46 12.17 -41.10
C TYR F 22 -12.32 11.39 -41.74
N ASN F 23 -12.03 11.67 -43.01
CA ASN F 23 -10.91 11.01 -43.67
C ASN F 23 -9.58 11.40 -43.02
N ALA F 24 -9.43 12.68 -42.66
CA ALA F 24 -8.18 13.16 -42.08
C ALA F 24 -8.05 12.91 -40.59
N ALA F 25 -9.09 12.36 -39.95
CA ALA F 25 -9.05 12.16 -38.50
C ALA F 25 -8.05 11.05 -38.14
N GLY F 26 -8.30 9.84 -38.63
CA GLY F 26 -7.37 8.75 -38.40
C GLY F 26 -8.00 7.50 -37.83
N PHE F 27 -9.00 7.65 -36.96
CA PHE F 27 -9.60 6.47 -36.33
C PHE F 27 -10.44 5.65 -37.31
N ASN F 28 -10.73 6.19 -38.49
CA ASN F 28 -11.34 5.36 -39.53
C ASN F 28 -10.33 4.34 -40.07
N LYS F 29 -9.06 4.74 -40.15
CA LYS F 29 -8.02 3.81 -40.59
C LYS F 29 -7.88 2.65 -39.61
N LEU F 30 -7.95 2.93 -38.32
CA LEU F 30 -7.75 1.93 -37.28
C LEU F 30 -8.95 1.02 -37.09
N GLY F 31 -9.96 1.11 -37.95
CA GLY F 31 -11.16 0.31 -37.79
C GLY F 31 -11.95 0.64 -36.54
N LEU F 32 -11.98 1.91 -36.17
CA LEU F 32 -12.72 2.38 -35.01
C LEU F 32 -13.93 3.19 -35.45
N MET F 33 -15.08 2.90 -34.83
CA MET F 33 -16.21 3.80 -34.96
C MET F 33 -15.95 5.07 -34.16
N ARG F 34 -16.82 6.06 -34.34
CA ARG F 34 -16.60 7.35 -33.70
C ARG F 34 -16.60 7.22 -32.17
N ASP F 35 -17.58 6.50 -31.62
CA ASP F 35 -17.74 6.44 -30.18
C ASP F 35 -16.62 5.66 -29.50
N ASP F 36 -15.76 4.97 -30.26
CA ASP F 36 -14.62 4.32 -29.64
C ASP F 36 -13.55 5.32 -29.25
N THR F 37 -13.61 6.55 -29.79
CA THR F 37 -12.54 7.51 -29.58
C THR F 37 -12.82 8.52 -28.49
N ILE F 38 -13.98 8.47 -27.83
CA ILE F 38 -14.35 9.54 -26.91
C ILE F 38 -13.68 9.33 -25.56
N TYR F 39 -13.22 10.42 -24.96
CA TYR F 39 -12.60 10.36 -23.65
C TYR F 39 -13.56 9.78 -22.61
N GLU F 40 -13.02 8.97 -21.70
CA GLU F 40 -13.83 8.24 -20.73
C GLU F 40 -13.89 9.02 -19.43
N ASP F 41 -14.86 9.92 -19.34
CA ASP F 41 -15.18 10.62 -18.11
C ASP F 41 -16.27 9.84 -17.37
N ASP F 42 -16.74 10.38 -16.25
CA ASP F 42 -17.69 9.64 -15.41
C ASP F 42 -18.95 9.28 -16.19
N ASP F 43 -19.53 10.25 -16.88
CA ASP F 43 -20.68 9.99 -17.73
C ASP F 43 -20.37 8.89 -18.75
N VAL F 44 -19.18 8.92 -19.33
CA VAL F 44 -18.87 7.99 -20.41
C VAL F 44 -18.70 6.58 -19.87
N LYS F 45 -17.99 6.40 -18.75
CA LYS F 45 -17.84 5.05 -18.21
C LYS F 45 -19.18 4.51 -17.73
N GLU F 46 -20.03 5.37 -17.15
CA GLU F 46 -21.36 4.90 -16.78
C GLU F 46 -22.15 4.46 -18.01
N ALA F 47 -22.06 5.23 -19.10
CA ALA F 47 -22.74 4.84 -20.34
C ALA F 47 -22.19 3.53 -20.89
N ILE F 48 -20.86 3.36 -20.83
CA ILE F 48 -20.23 2.12 -21.29
C ILE F 48 -20.74 0.94 -20.49
N ARG F 49 -20.83 1.10 -19.17
CA ARG F 49 -21.43 0.06 -18.34
C ARG F 49 -22.87 -0.21 -18.77
N ARG F 50 -23.60 0.84 -19.15
CA ARG F 50 -24.99 0.69 -19.55
C ARG F 50 -25.16 0.01 -20.90
N LEU F 51 -24.08 -0.20 -21.65
CA LEU F 51 -24.18 -0.77 -22.99
C LEU F 51 -24.69 -2.20 -22.94
N PRO F 52 -25.38 -2.66 -23.99
CA PRO F 52 -25.73 -4.08 -24.08
C PRO F 52 -24.48 -4.93 -24.31
N GLU F 53 -24.66 -6.25 -24.15
CA GLU F 53 -23.53 -7.16 -24.18
C GLU F 53 -22.86 -7.18 -25.54
N ASN F 54 -23.63 -7.33 -26.61
CA ASN F 54 -23.06 -7.46 -27.95
C ASN F 54 -22.29 -6.20 -28.33
N LEU F 55 -22.90 -5.03 -28.13
CA LEU F 55 -22.23 -3.78 -28.48
C LEU F 55 -20.96 -3.58 -27.67
N TYR F 56 -21.01 -3.91 -26.37
CA TYR F 56 -19.83 -3.77 -25.54
C TYR F 56 -18.70 -4.71 -26.00
N ASN F 57 -19.04 -5.94 -26.37
CA ASN F 57 -18.03 -6.88 -26.83
C ASN F 57 -17.39 -6.41 -28.14
N ASP F 58 -18.21 -5.95 -29.09
CA ASP F 58 -17.66 -5.41 -30.33
C ASP F 58 -16.79 -4.19 -30.06
N ARG F 59 -17.22 -3.33 -29.13
CA ARG F 59 -16.45 -2.14 -28.80
C ARG F 59 -15.08 -2.51 -28.23
N VAL F 60 -15.05 -3.46 -27.30
CA VAL F 60 -13.79 -3.81 -26.67
C VAL F 60 -12.87 -4.50 -27.66
N PHE F 61 -13.42 -5.35 -28.54
CA PHE F 61 -12.59 -5.95 -29.58
C PHE F 61 -12.01 -4.90 -30.51
N ARG F 62 -12.84 -3.93 -30.92
CA ARG F 62 -12.35 -2.87 -31.81
C ARG F 62 -11.24 -2.08 -31.15
N ILE F 63 -11.43 -1.72 -29.88
CA ILE F 63 -10.43 -0.92 -29.17
C ILE F 63 -9.12 -1.71 -29.03
N LYS F 64 -9.24 -3.00 -28.67
CA LYS F 64 -8.04 -3.82 -28.52
C LYS F 64 -7.30 -3.96 -29.85
N ARG F 65 -8.03 -4.17 -30.94
CA ARG F 65 -7.39 -4.26 -32.25
C ARG F 65 -6.70 -2.95 -32.62
N ALA F 66 -7.34 -1.82 -32.33
CA ALA F 66 -6.72 -0.53 -32.62
C ALA F 66 -5.45 -0.32 -31.81
N LEU F 67 -5.48 -0.68 -30.52
CA LEU F 67 -4.27 -0.56 -29.71
C LEU F 67 -3.16 -1.45 -30.23
N ASP F 68 -3.49 -2.67 -30.64
CA ASP F 68 -2.49 -3.53 -31.30
C ASP F 68 -1.91 -2.83 -32.52
N LEU F 69 -2.77 -2.27 -33.37
CA LEU F 69 -2.30 -1.66 -34.60
C LEU F 69 -1.35 -0.49 -34.33
N THR F 70 -1.71 0.37 -33.39
CA THR F 70 -0.83 1.51 -33.10
C THR F 70 0.40 1.08 -32.32
N MET F 71 0.37 -0.08 -31.65
CA MET F 71 1.58 -0.61 -31.08
C MET F 71 2.55 -1.05 -32.16
N ARG F 72 2.04 -1.73 -33.18
CA ARG F 72 2.87 -2.14 -34.32
C ARG F 72 3.06 -1.02 -35.33
N GLN F 73 2.25 0.05 -35.24
CA GLN F 73 2.32 1.18 -36.18
C GLN F 73 2.00 0.73 -37.60
N GLN F 74 0.99 -0.12 -37.72
CA GLN F 74 0.48 -0.59 -39.01
C GLN F 74 -0.99 -0.17 -39.09
N ILE F 75 -1.31 0.73 -40.01
CA ILE F 75 -2.71 1.09 -40.22
C ILE F 75 -3.43 -0.08 -40.87
N LEU F 76 -4.71 -0.22 -40.54
CA LEU F 76 -5.49 -1.32 -41.06
C LEU F 76 -5.72 -1.14 -42.56
N PRO F 77 -5.71 -2.24 -43.33
CA PRO F 77 -5.79 -2.13 -44.80
C PRO F 77 -6.94 -1.27 -45.31
N LYS F 78 -6.79 -0.82 -46.56
CA LYS F 78 -7.64 0.24 -47.11
C LYS F 78 -9.12 -0.16 -47.15
N GLU F 79 -9.41 -1.36 -47.64
CA GLU F 79 -10.78 -1.67 -48.06
C GLU F 79 -11.75 -1.72 -46.88
N GLN F 80 -11.36 -2.36 -45.78
CA GLN F 80 -12.25 -2.44 -44.60
C GLN F 80 -11.94 -1.35 -43.58
N TRP F 81 -12.00 -0.11 -44.04
CA TRP F 81 -12.05 1.07 -43.18
C TRP F 81 -13.50 1.41 -42.85
N THR F 82 -13.72 2.02 -41.70
CA THR F 82 -15.06 2.46 -41.32
C THR F 82 -15.50 3.63 -42.20
N LYS F 83 -16.45 3.38 -43.11
CA LYS F 83 -16.93 4.42 -43.99
C LYS F 83 -17.74 5.46 -43.22
N TYR F 84 -17.87 6.64 -43.83
CA TYR F 84 -18.63 7.72 -43.19
C TYR F 84 -20.09 7.31 -43.01
N GLU F 85 -20.71 6.79 -44.07
CA GLU F 85 -22.12 6.43 -43.98
C GLU F 85 -22.35 5.17 -43.16
N GLU F 86 -21.32 4.36 -42.97
CA GLU F 86 -21.42 3.15 -42.16
C GLU F 86 -21.08 3.40 -40.69
N ASP F 87 -20.78 4.64 -40.31
CA ASP F 87 -20.45 4.95 -38.93
C ASP F 87 -21.75 5.08 -38.12
N LYS F 88 -21.89 4.25 -37.11
CA LYS F 88 -23.10 4.23 -36.28
C LYS F 88 -22.76 4.77 -34.89
N PHE F 89 -23.57 5.73 -34.43
CA PHE F 89 -23.38 6.33 -33.11
C PHE F 89 -24.11 5.50 -32.07
N TYR F 90 -23.52 4.35 -31.75
CA TYR F 90 -24.14 3.43 -30.81
C TYR F 90 -24.17 3.99 -29.39
N LEU F 91 -23.11 4.68 -28.98
CA LEU F 91 -23.05 5.19 -27.62
C LEU F 91 -23.97 6.38 -27.41
N GLU F 92 -24.30 7.10 -28.48
CA GLU F 92 -24.97 8.40 -28.35
C GLU F 92 -26.27 8.35 -27.57
N PRO F 93 -27.19 7.41 -27.78
CA PRO F 93 -28.42 7.42 -26.97
C PRO F 93 -28.15 7.22 -25.48
N TYR F 94 -27.27 6.29 -25.13
CA TYR F 94 -26.95 6.05 -23.73
C TYR F 94 -26.26 7.26 -23.10
N LEU F 95 -25.33 7.88 -23.84
CA LEU F 95 -24.66 9.07 -23.32
C LEU F 95 -25.65 10.21 -23.13
N LYS F 96 -26.59 10.37 -24.07
CA LYS F 96 -27.61 11.41 -23.92
C LYS F 96 -28.48 11.15 -22.70
N GLU F 97 -28.87 9.89 -22.48
CA GLU F 97 -29.66 9.56 -21.29
C GLU F 97 -28.88 9.85 -20.02
N VAL F 98 -27.60 9.50 -19.99
CA VAL F 98 -26.77 9.73 -18.82
C VAL F 98 -26.65 11.22 -18.53
N ILE F 99 -26.40 12.01 -19.58
CA ILE F 99 -26.25 13.45 -19.42
C ILE F 99 -27.57 14.06 -18.95
N ARG F 100 -28.70 13.59 -19.48
CA ARG F 100 -29.99 14.08 -19.05
C ARG F 100 -30.25 13.78 -17.59
N GLU F 101 -29.94 12.56 -17.15
CA GLU F 101 -30.13 12.22 -15.74
C GLU F 101 -29.24 13.07 -14.84
N ARG F 102 -27.98 13.26 -15.24
CA ARG F 102 -27.08 14.08 -14.44
C ARG F 102 -27.57 15.52 -14.37
N LYS F 103 -28.04 16.07 -15.49
CA LYS F 103 -28.57 17.43 -15.50
C LYS F 103 -29.79 17.54 -14.60
N GLU F 104 -30.68 16.54 -14.64
CA GLU F 104 -31.85 16.57 -13.79
C GLU F 104 -31.46 16.54 -12.32
N ARG F 105 -30.48 15.70 -11.96
CA ARG F 105 -30.03 15.67 -10.57
C ARG F 105 -29.44 17.00 -10.15
N GLU F 106 -28.65 17.63 -11.05
CA GLU F 106 -28.06 18.92 -10.70
C GLU F 106 -29.11 20.01 -10.55
N GLU F 107 -30.14 19.99 -11.41
CA GLU F 107 -31.25 20.93 -11.26
C GLU F 107 -31.96 20.73 -9.93
N TRP F 108 -32.17 19.48 -9.54
CA TRP F 108 -32.78 19.22 -8.23
C TRP F 108 -31.89 19.71 -7.11
N ALA F 109 -30.57 19.56 -7.24
CA ALA F 109 -29.66 20.03 -6.21
C ALA F 109 -29.73 21.54 -6.06
N LYS F 110 -29.83 22.27 -7.18
CA LYS F 110 -29.89 23.73 -7.14
C LYS F 110 -31.18 24.22 -6.49
N ARG G 3 -6.14 -1.85 -9.17
CA ARG G 3 -5.43 -1.69 -10.43
C ARG G 3 -4.23 -2.63 -10.50
N GLU G 4 -4.51 -3.90 -10.82
CA GLU G 4 -3.47 -4.87 -11.08
C GLU G 4 -4.09 -6.04 -11.84
N PHE G 5 -3.23 -6.87 -12.42
CA PHE G 5 -3.69 -7.98 -13.24
C PHE G 5 -4.61 -8.90 -12.45
N GLY G 6 -5.76 -9.22 -13.05
CA GLY G 6 -6.71 -10.11 -12.42
C GLY G 6 -8.14 -9.62 -12.45
N HIS G 7 -8.34 -8.29 -12.34
CA HIS G 7 -9.68 -7.73 -12.43
C HIS G 7 -9.68 -6.40 -13.16
N LEU G 8 -8.82 -6.24 -14.16
CA LEU G 8 -8.70 -4.95 -14.85
C LEU G 8 -10.00 -4.57 -15.55
N THR G 9 -10.58 -5.51 -16.31
CA THR G 9 -11.80 -5.24 -17.05
C THR G 9 -12.44 -6.57 -17.43
N ARG G 10 -13.49 -6.51 -18.24
CA ARG G 10 -14.21 -7.68 -18.71
C ARG G 10 -14.15 -7.74 -20.24
N MET G 11 -13.87 -8.93 -20.77
CA MET G 11 -13.74 -9.13 -22.21
C MET G 11 -14.11 -10.56 -22.53
N ARG G 12 -14.80 -10.74 -23.66
CA ARG G 12 -15.29 -12.06 -24.05
C ARG G 12 -15.10 -12.28 -25.55
N HIS G 13 -15.03 -13.56 -25.91
CA HIS G 13 -14.94 -13.99 -27.31
C HIS G 13 -13.74 -13.40 -28.04
N VAL G 14 -12.62 -13.23 -27.35
CA VAL G 14 -11.40 -12.73 -27.96
C VAL G 14 -10.38 -13.86 -27.97
N ILE G 15 -9.89 -14.20 -29.16
CA ILE G 15 -8.90 -15.25 -29.35
C ILE G 15 -7.61 -14.59 -29.83
N THR G 16 -6.53 -14.82 -29.10
CA THR G 16 -5.24 -14.20 -29.43
C THR G 16 -4.16 -15.27 -29.52
N TYR G 17 -3.29 -15.13 -30.51
CA TYR G 17 -2.16 -16.02 -30.70
C TYR G 17 -0.88 -15.22 -30.71
N SER G 18 0.23 -15.89 -30.42
CA SER G 18 1.57 -15.32 -30.58
C SER G 18 2.55 -16.48 -30.65
N LEU G 19 3.84 -16.17 -30.59
CA LEU G 19 4.87 -17.17 -30.76
C LEU G 19 6.04 -16.89 -29.83
N SER G 20 6.87 -17.92 -29.62
CA SER G 20 8.05 -17.76 -28.79
C SER G 20 9.05 -16.83 -29.48
N PRO G 21 9.78 -16.02 -28.70
CA PRO G 21 10.85 -15.21 -29.28
C PRO G 21 12.00 -16.02 -29.85
N PHE G 22 12.10 -17.30 -29.50
CA PHE G 22 13.19 -18.15 -29.95
C PHE G 22 12.85 -18.92 -31.22
N GLU G 23 11.66 -18.74 -31.77
CA GLU G 23 11.27 -19.44 -32.99
C GLU G 23 11.00 -18.53 -34.17
N GLN G 24 10.96 -17.21 -33.97
CA GLN G 24 10.69 -16.28 -35.06
C GLN G 24 11.77 -15.21 -35.12
N ARG G 25 11.96 -14.66 -36.31
CA ARG G 25 13.00 -13.68 -36.53
C ARG G 25 12.72 -12.40 -35.75
N ALA G 26 13.79 -11.81 -35.18
CA ALA G 26 13.65 -10.57 -34.44
C ALA G 26 13.45 -9.38 -35.38
N PHE G 27 13.93 -9.47 -36.62
CA PHE G 27 13.80 -8.41 -37.62
C PHE G 27 13.14 -8.99 -38.86
N PRO G 28 11.83 -9.23 -38.82
CA PRO G 28 11.15 -9.79 -39.99
C PRO G 28 11.01 -8.76 -41.10
N HIS G 29 11.86 -8.86 -42.12
CA HIS G 29 11.90 -7.89 -43.21
C HIS G 29 11.91 -6.46 -42.68
N TYR G 30 12.98 -6.14 -41.96
CA TYR G 30 13.11 -4.82 -41.35
C TYR G 30 13.13 -3.69 -42.38
N PHE G 31 13.52 -3.98 -43.62
CA PHE G 31 13.59 -2.98 -44.66
C PHE G 31 12.56 -3.15 -45.75
N THR G 32 11.98 -4.35 -45.90
CA THR G 32 11.01 -4.58 -46.97
C THR G 32 9.73 -3.79 -46.73
N LYS G 33 9.19 -3.87 -45.51
CA LYS G 33 8.03 -3.05 -45.16
C LYS G 33 8.35 -1.91 -44.21
N GLY G 34 9.54 -1.91 -43.59
CA GLY G 34 9.88 -0.83 -42.68
C GLY G 34 9.98 0.50 -43.38
N ILE G 35 10.67 0.55 -44.52
CA ILE G 35 10.83 1.77 -45.29
C ILE G 35 9.48 2.26 -45.84
N PRO G 36 8.65 1.41 -46.47
CA PRO G 36 7.33 1.89 -46.89
C PRO G 36 6.49 2.40 -45.73
N ASN G 37 6.56 1.74 -44.58
CA ASN G 37 5.84 2.24 -43.41
C ASN G 37 6.35 3.62 -43.00
N VAL G 38 7.67 3.81 -43.01
CA VAL G 38 8.23 5.10 -42.65
C VAL G 38 7.75 6.18 -43.59
N LEU G 39 7.75 5.91 -44.90
CA LEU G 39 7.23 6.89 -45.85
C LEU G 39 5.74 7.15 -45.64
N ARG G 40 4.97 6.12 -45.30
CA ARG G 40 3.54 6.33 -45.08
C ARG G 40 3.30 7.24 -43.88
N ARG G 41 3.97 6.97 -42.75
CA ARG G 41 3.79 7.82 -41.57
C ARG G 41 4.30 9.23 -41.84
N THR G 42 5.42 9.34 -42.56
CA THR G 42 5.97 10.66 -42.88
C THR G 42 4.98 11.45 -43.74
N ARG G 43 4.38 10.81 -44.73
CA ARG G 43 3.38 11.48 -45.55
C ARG G 43 2.17 11.89 -44.72
N ALA G 44 1.76 11.02 -43.80
CA ALA G 44 0.62 11.34 -42.94
C ALA G 44 0.87 12.55 -42.05
N CYS G 45 2.07 12.69 -41.49
CA CYS G 45 2.34 13.75 -40.53
C CYS G 45 3.06 14.98 -41.09
N ILE G 46 3.53 14.93 -42.34
CA ILE G 46 4.40 15.99 -42.83
C ILE G 46 3.62 17.29 -43.01
N LEU G 47 2.42 17.21 -43.58
CA LEU G 47 1.63 18.40 -43.87
C LEU G 47 1.23 19.14 -42.60
N ARG G 48 1.08 18.44 -41.48
CA ARG G 48 0.70 19.06 -40.22
C ARG G 48 1.89 19.35 -39.31
N VAL G 49 3.07 18.83 -39.62
CA VAL G 49 4.26 19.09 -38.83
C VAL G 49 5.10 20.21 -39.43
N ALA G 50 5.42 20.13 -40.72
CA ALA G 50 6.41 21.02 -41.31
C ALA G 50 6.03 22.50 -41.30
N PRO G 51 4.85 22.93 -41.76
CA PRO G 51 4.63 24.37 -42.00
C PRO G 51 4.88 25.23 -40.78
N PRO G 52 4.50 24.80 -39.55
CA PRO G 52 4.89 25.59 -38.39
C PRO G 52 6.39 25.77 -38.24
N PHE G 53 7.18 24.78 -38.65
CA PHE G 53 8.62 24.92 -38.56
C PHE G 53 9.19 25.74 -39.71
N VAL G 54 8.58 25.64 -40.90
CA VAL G 54 9.09 26.41 -42.03
C VAL G 54 8.82 27.90 -41.83
N VAL G 55 7.68 28.26 -41.22
CA VAL G 55 7.45 29.68 -40.96
C VAL G 55 8.45 30.20 -39.95
N PHE G 56 8.82 29.36 -38.97
CA PHE G 56 9.89 29.73 -38.05
C PHE G 56 11.21 29.93 -38.79
N TYR G 57 11.50 29.06 -39.75
CA TYR G 57 12.73 29.23 -40.54
C TYR G 57 12.73 30.58 -41.25
N LEU G 58 11.62 30.92 -41.90
CA LEU G 58 11.55 32.19 -42.62
C LEU G 58 11.68 33.37 -41.67
N VAL G 59 10.99 33.33 -40.53
CA VAL G 59 11.04 34.48 -39.64
C VAL G 59 12.42 34.60 -39.01
N TYR G 60 13.09 33.49 -38.71
CA TYR G 60 14.45 33.53 -38.20
C TYR G 60 15.39 34.17 -39.20
N THR G 61 15.31 33.74 -40.47
CA THR G 61 16.19 34.32 -41.48
C THR G 61 15.90 35.80 -41.67
N TRP G 62 14.62 36.17 -41.73
CA TRP G 62 14.28 37.58 -41.91
C TRP G 62 14.76 38.43 -40.73
N GLY G 63 14.57 37.95 -39.51
CA GLY G 63 15.04 38.70 -38.36
C GLY G 63 16.54 38.87 -38.36
N THR G 64 17.28 37.80 -38.67
CA THR G 64 18.74 37.91 -38.72
C THR G 64 19.19 38.90 -39.78
N GLN G 65 18.64 38.78 -41.00
CA GLN G 65 19.05 39.68 -42.07
C GLN G 65 18.68 41.13 -41.76
N GLU G 66 17.50 41.35 -41.19
CA GLU G 66 17.08 42.71 -40.88
C GLU G 66 17.94 43.30 -39.76
N PHE G 67 18.33 42.48 -38.79
CA PHE G 67 19.23 42.97 -37.75
C PHE G 67 20.59 43.35 -38.35
N GLU G 68 21.13 42.50 -39.23
CA GLU G 68 22.39 42.83 -39.88
C GLU G 68 22.27 44.13 -40.67
N LYS G 69 21.17 44.29 -41.42
CA LYS G 69 20.97 45.52 -42.19
C LYS G 69 20.86 46.73 -41.28
N SER G 70 20.17 46.59 -40.14
CA SER G 70 20.04 47.69 -39.20
C SER G 70 21.39 48.09 -38.65
N LYS G 71 22.28 47.12 -38.42
CA LYS G 71 23.62 47.48 -37.94
C LYS G 71 24.41 48.25 -39.00
N ARG G 72 24.10 48.07 -40.28
CA ARG G 72 24.78 48.82 -41.32
C ARG G 72 24.36 50.28 -41.29
N LYS G 73 25.24 51.15 -41.77
CA LYS G 73 24.97 52.58 -41.79
C LYS G 73 23.97 52.92 -42.89
N ASN G 74 23.14 53.93 -42.63
CA ASN G 74 22.17 54.42 -43.60
C ASN G 74 22.55 55.79 -44.15
N PRO G 75 25.16 56.95 -45.92
CA PRO G 75 24.29 57.86 -46.67
C PRO G 75 23.55 58.83 -45.77
N ALA G 76 24.29 59.55 -44.94
CA ALA G 76 23.70 60.53 -44.03
C ALA G 76 24.71 61.58 -43.61
N LEU H 26 63.72 37.79 -43.68
CA LEU H 26 62.69 36.78 -43.45
C LEU H 26 61.30 37.30 -43.79
N VAL H 27 60.82 36.97 -44.98
CA VAL H 27 59.48 37.33 -45.40
C VAL H 27 58.49 36.40 -44.74
N ASP H 28 57.23 36.79 -44.74
CA ASP H 28 56.25 35.97 -44.03
C ASP H 28 55.39 35.20 -45.01
N PRO H 29 54.96 33.98 -44.66
CA PRO H 29 53.90 33.33 -45.46
C PRO H 29 52.60 34.12 -45.45
N LEU H 30 52.28 34.76 -44.32
CA LEU H 30 50.99 35.45 -44.22
C LEU H 30 50.92 36.63 -45.17
N THR H 31 52.01 37.40 -45.31
CA THR H 31 51.96 38.58 -46.15
C THR H 31 51.76 38.20 -47.61
N THR H 32 52.44 37.16 -48.09
CA THR H 32 52.28 36.77 -49.48
C THR H 32 50.93 36.12 -49.72
N VAL H 33 50.44 35.33 -48.76
CA VAL H 33 49.09 34.76 -48.90
C VAL H 33 48.05 35.88 -48.91
N ARG H 34 48.24 36.89 -48.07
CA ARG H 34 47.35 38.03 -48.04
C ARG H 34 47.40 38.80 -49.35
N GLU H 35 48.58 38.98 -49.91
CA GLU H 35 48.71 39.70 -51.18
C GLU H 35 48.02 38.93 -52.30
N GLN H 36 48.18 37.60 -52.32
CA GLN H 36 47.49 36.81 -53.33
C GLN H 36 45.98 36.79 -53.09
N CYS H 37 45.56 36.92 -51.83
CA CYS H 37 44.12 36.96 -51.54
C CYS H 37 43.55 38.35 -51.82
N GLU H 38 44.41 39.35 -51.98
CA GLU H 38 43.94 40.69 -52.33
C GLU H 38 43.29 40.70 -53.71
N GLN H 39 43.85 39.95 -54.66
CA GLN H 39 43.38 39.98 -56.03
C GLN H 39 42.30 38.93 -56.30
N ILE H 40 41.21 38.97 -55.54
CA ILE H 40 39.99 38.25 -55.89
C ILE H 40 38.83 39.21 -55.79
N GLU H 41 37.77 38.92 -56.56
CA GLU H 41 36.78 39.93 -56.88
C GLU H 41 36.04 40.48 -55.65
N LYS H 42 35.79 39.64 -54.64
CA LYS H 42 35.23 40.16 -53.39
C LYS H 42 36.09 41.29 -52.83
N CYS H 43 37.39 41.03 -52.67
CA CYS H 43 38.28 42.06 -52.16
C CYS H 43 38.44 43.21 -53.14
N ILE H 44 38.26 42.99 -54.44
CA ILE H 44 38.33 44.10 -55.38
C ILE H 44 37.20 45.09 -55.13
N LYS H 45 35.95 44.60 -55.08
CA LYS H 45 34.84 45.52 -54.77
C LYS H 45 34.99 46.12 -53.38
N ALA H 46 35.47 45.33 -52.41
CA ALA H 46 35.67 45.88 -51.08
C ALA H 46 36.69 47.01 -51.08
N ARG H 47 37.79 46.86 -51.83
CA ARG H 47 38.80 47.90 -51.90
C ARG H 47 38.26 49.15 -52.59
N GLU H 48 37.46 48.98 -53.65
CA GLU H 48 36.86 50.15 -54.28
C GLU H 48 35.95 50.89 -53.31
N ARG H 49 35.11 50.17 -52.57
CA ARG H 49 34.23 50.84 -51.61
C ARG H 49 35.04 51.53 -50.53
N LEU H 50 36.12 50.88 -50.06
CA LEU H 50 36.97 51.50 -49.06
C LEU H 50 37.62 52.77 -49.58
N GLU H 51 38.07 52.76 -50.84
CA GLU H 51 38.70 53.96 -51.39
C GLU H 51 37.69 55.08 -51.57
N LEU H 52 36.46 54.74 -51.97
CA LEU H 52 35.41 55.76 -52.05
C LEU H 52 35.14 56.39 -50.69
N CYS H 53 35.03 55.57 -49.64
CA CYS H 53 34.84 56.15 -48.30
C CYS H 53 36.05 56.95 -47.88
N ASP H 54 37.25 56.50 -48.25
CA ASP H 54 38.47 57.21 -47.91
C ASP H 54 38.43 58.62 -48.47
N GLN H 55 38.15 58.75 -49.77
CA GLN H 55 38.10 60.07 -50.38
C GLN H 55 36.93 60.88 -49.82
N ARG H 56 35.80 60.24 -49.53
CA ARG H 56 34.65 60.95 -48.98
C ARG H 56 34.97 61.56 -47.62
N VAL H 57 35.51 60.76 -46.71
CA VAL H 57 35.79 61.22 -45.36
C VAL H 57 36.94 62.22 -45.35
N SER H 58 37.99 61.95 -46.15
CA SER H 58 39.10 62.88 -46.20
C SER H 58 38.68 64.23 -46.77
N SER H 59 37.82 64.23 -47.79
CA SER H 59 37.36 65.48 -48.37
C SER H 59 36.54 66.29 -47.38
N ARG H 60 35.58 65.65 -46.72
CA ARG H 60 34.72 66.35 -45.77
C ARG H 60 35.49 66.66 -44.49
N SER H 61 35.41 67.90 -44.03
CA SER H 61 36.21 68.34 -42.88
C SER H 61 35.83 67.58 -41.61
N GLN H 62 34.59 67.76 -41.16
CA GLN H 62 34.11 67.15 -39.91
C GLN H 62 32.86 66.32 -40.21
N THR H 63 33.04 65.00 -40.29
CA THR H 63 31.94 64.08 -40.50
C THR H 63 32.15 62.83 -39.68
N GLU H 64 31.11 62.37 -38.99
CA GLU H 64 31.20 61.16 -38.19
C GLU H 64 31.18 59.89 -39.03
N GLU H 65 30.88 60.00 -40.33
CA GLU H 65 30.83 58.85 -41.22
C GLU H 65 32.18 58.14 -41.27
N ASP H 66 35.18 57.86 -40.45
CA ASP H 66 35.11 56.50 -39.94
C ASP H 66 34.69 55.53 -41.02
N CYS H 67 35.68 54.99 -41.73
CA CYS H 67 35.44 53.96 -42.74
C CYS H 67 35.52 52.56 -42.17
N THR H 68 34.94 52.32 -40.99
CA THR H 68 35.16 51.06 -40.29
C THR H 68 34.43 49.90 -40.95
N GLU H 69 33.21 50.12 -41.45
CA GLU H 69 32.31 49.00 -41.76
C GLU H 69 32.66 48.33 -43.08
N GLU H 70 32.80 49.11 -44.15
CA GLU H 70 33.31 48.53 -45.39
C GLU H 70 34.72 48.03 -45.24
N LEU H 71 35.52 48.63 -44.34
CA LEU H 71 36.79 48.02 -43.98
C LEU H 71 36.58 46.64 -43.38
N PHE H 72 35.53 46.48 -42.59
CA PHE H 72 35.23 45.18 -41.99
C PHE H 72 34.83 44.17 -43.04
N ASP H 73 34.05 44.59 -44.05
CA ASP H 73 33.74 43.66 -45.14
C ASP H 73 34.98 43.33 -45.97
N PHE H 74 35.85 44.31 -46.21
CA PHE H 74 37.11 44.03 -46.88
C PHE H 74 37.91 42.98 -46.13
N LEU H 75 38.06 43.17 -44.82
CA LEU H 75 38.63 42.12 -43.98
C LEU H 75 37.89 40.81 -44.20
N HIS H 76 36.58 40.78 -43.93
CA HIS H 76 35.82 39.53 -43.91
C HIS H 76 36.01 38.73 -45.19
N ALA H 77 36.17 39.42 -46.32
CA ALA H 77 36.57 38.71 -47.54
C ALA H 77 38.01 38.22 -47.43
N ARG H 78 38.93 39.10 -47.03
CA ARG H 78 40.36 38.81 -47.13
C ARG H 78 40.77 37.70 -46.17
N ASP H 79 40.32 37.77 -44.92
CA ASP H 79 40.78 36.83 -43.90
C ASP H 79 40.18 35.45 -44.16
N HIS H 80 38.95 35.41 -44.68
CA HIS H 80 38.37 34.13 -45.07
C HIS H 80 39.14 33.50 -46.22
N CYS H 81 39.45 34.30 -47.24
CA CYS H 81 40.27 33.79 -48.35
C CYS H 81 41.60 33.29 -47.82
N VAL H 82 42.21 34.03 -46.89
CA VAL H 82 43.50 33.63 -46.34
C VAL H 82 43.36 32.33 -45.56
N ALA H 83 42.40 32.28 -44.63
CA ALA H 83 42.23 31.12 -43.76
C ALA H 83 41.97 29.87 -44.57
N HIS H 84 41.40 30.00 -45.77
CA HIS H 84 41.23 28.80 -46.59
C HIS H 84 42.56 28.23 -47.10
N LYS H 85 43.64 29.02 -47.15
CA LYS H 85 44.87 28.57 -47.80
C LYS H 85 46.09 28.55 -46.86
N LEU H 86 46.13 29.46 -45.90
CA LEU H 86 47.39 29.81 -45.23
C LEU H 86 47.96 28.63 -44.45
N PHE H 87 47.12 27.88 -43.75
CA PHE H 87 47.63 26.87 -42.82
C PHE H 87 48.46 25.81 -43.55
N ASN H 88 48.24 25.63 -44.85
CA ASN H 88 49.08 24.71 -45.61
C ASN H 88 50.50 25.26 -45.80
N SER H 89 50.65 26.60 -45.80
CA SER H 89 51.96 27.19 -45.97
C SER H 89 52.79 27.18 -44.69
N LEU H 90 52.17 26.87 -43.55
CA LEU H 90 52.88 26.85 -42.28
C LEU H 90 53.39 25.44 -41.96
N ALA I 32 -2.07 -43.51 -5.51
CA ALA I 32 -2.11 -43.84 -6.93
C ALA I 32 -1.85 -42.61 -7.77
N ALA I 33 -1.23 -42.81 -8.93
CA ALA I 33 -0.97 -41.70 -9.82
C ALA I 33 -2.22 -41.34 -10.59
N LEU I 34 -3.36 -41.81 -10.09
CA LEU I 34 -4.56 -41.87 -10.88
C LEU I 34 -5.62 -41.01 -10.20
N PRO I 35 -5.71 -39.75 -10.61
CA PRO I 35 -6.75 -38.87 -10.06
C PRO I 35 -8.07 -39.22 -10.70
N ALA I 36 -8.56 -40.42 -10.45
CA ALA I 36 -9.78 -40.87 -11.08
C ALA I 36 -9.68 -40.57 -12.56
N THR I 37 -10.74 -40.03 -13.14
CA THR I 37 -10.75 -39.73 -14.55
C THR I 37 -11.03 -38.26 -14.76
N SER I 38 -12.07 -37.77 -14.09
CA SER I 38 -12.44 -36.37 -14.26
C SER I 38 -12.14 -35.62 -12.96
N GLU I 39 -11.26 -34.62 -13.04
CA GLU I 39 -10.95 -33.78 -11.88
C GLU I 39 -12.06 -32.74 -11.73
N SER I 40 -12.91 -32.91 -10.71
CA SER I 40 -14.12 -32.09 -10.58
C SER I 40 -13.82 -30.81 -9.84
N PRO I 41 -14.06 -29.63 -10.44
CA PRO I 41 -13.89 -28.35 -9.74
C PRO I 41 -15.20 -27.80 -9.16
N VAL I 42 -15.08 -27.25 -7.96
CA VAL I 42 -16.22 -26.58 -7.35
C VAL I 42 -16.45 -25.25 -8.05
N LEU I 43 -17.65 -24.70 -7.92
CA LEU I 43 -17.96 -23.40 -8.52
C LEU I 43 -17.79 -23.50 -10.00
N ASP I 44 -17.52 -24.71 -10.49
CA ASP I 44 -17.42 -24.90 -11.93
C ASP I 44 -18.80 -25.14 -12.51
N ALA I 45 -18.89 -25.93 -13.56
CA ALA I 45 -20.16 -26.21 -14.18
C ALA I 45 -20.28 -27.66 -14.60
N LYS I 46 -21.03 -27.92 -15.66
CA LYS I 46 -21.20 -29.28 -16.12
C LYS I 46 -20.89 -29.40 -17.61
N ARG I 47 -21.17 -30.57 -18.17
CA ARG I 47 -21.09 -30.77 -19.62
C ARG I 47 -22.51 -30.71 -20.16
N SER I 48 -22.78 -29.70 -20.99
CA SER I 48 -24.10 -29.59 -21.59
C SER I 48 -24.34 -30.78 -22.51
N PHE I 49 -25.78 -30.76 -22.18
CA PHE I 49 -26.35 -31.64 -23.19
C PHE I 49 -27.57 -30.98 -23.79
N LEU I 50 -27.42 -32.38 -25.16
CA LEU I 50 -28.72 -32.45 -25.83
C LEU I 50 -28.80 -33.50 -26.92
N CYS I 51 -27.69 -34.15 -27.28
CA CYS I 51 -27.76 -35.25 -28.22
C CYS I 51 -28.53 -36.42 -27.60
N ARG I 52 -29.36 -37.08 -28.40
CA ARG I 52 -30.02 -38.29 -27.92
C ARG I 52 -29.00 -39.38 -27.62
N GLU I 53 -27.94 -39.44 -28.42
CA GLU I 53 -26.90 -40.41 -28.16
C GLU I 53 -26.22 -40.03 -26.86
N SER I 54 -25.70 -38.81 -26.79
CA SER I 54 -25.04 -38.36 -25.59
C SER I 54 -25.86 -38.70 -24.36
N LEU I 55 -27.13 -38.31 -24.39
CA LEU I 55 -28.01 -38.59 -23.26
C LEU I 55 -28.53 -40.01 -23.35
N SER I 56 -27.67 -40.98 -23.08
CA SER I 56 -28.09 -42.37 -23.10
C SER I 56 -27.58 -43.11 -21.89
N GLY I 57 -28.45 -43.89 -21.25
CA GLY I 57 -28.04 -44.65 -20.09
C GLY I 57 -27.90 -43.82 -18.84
N GLN I 58 -27.79 -42.51 -19.00
CA GLN I 58 -27.69 -41.63 -17.85
C GLN I 58 -28.71 -42.04 -16.80
N ALA I 59 -29.92 -42.36 -17.25
CA ALA I 59 -30.94 -42.81 -16.33
C ALA I 59 -30.41 -43.89 -15.40
N ALA I 60 -30.14 -43.54 -14.14
CA ALA I 60 -29.62 -44.49 -13.17
C ALA I 60 -30.54 -45.69 -13.05
N GLY I 61 -29.92 -46.85 -12.81
CA GLY I 61 -30.67 -48.09 -12.61
C GLY I 61 -30.36 -48.74 -11.27
N ARG I 62 -29.32 -48.25 -10.60
CA ARG I 62 -28.88 -48.74 -9.31
C ARG I 62 -28.70 -47.57 -8.36
N PRO I 63 -28.82 -47.81 -7.05
CA PRO I 63 -28.67 -46.70 -6.10
C PRO I 63 -27.30 -46.04 -6.20
N LEU I 64 -27.29 -44.72 -6.04
CA LEU I 64 -26.03 -44.00 -6.06
C LEU I 64 -25.21 -44.34 -4.84
N VAL I 65 -23.89 -44.38 -5.02
CA VAL I 65 -22.94 -44.61 -3.95
C VAL I 65 -21.82 -43.58 -4.09
N ALA I 66 -21.46 -42.96 -2.96
CA ALA I 66 -20.39 -41.99 -2.98
C ALA I 66 -19.04 -42.65 -2.71
N SER I 67 -17.99 -42.07 -3.27
CA SER I 67 -16.63 -42.59 -3.10
C SER I 67 -15.70 -41.39 -2.94
N VAL I 68 -15.32 -41.11 -1.70
CA VAL I 68 -14.37 -40.05 -1.38
C VAL I 68 -13.25 -40.66 -0.57
N GLY I 69 -12.02 -40.27 -0.87
CA GLY I 69 -10.88 -40.82 -0.16
C GLY I 69 -9.63 -40.00 -0.43
N LEU I 70 -8.58 -40.33 0.32
CA LEU I 70 -7.31 -39.67 0.16
C LEU I 70 -6.66 -40.10 -1.16
N ASN I 71 -6.04 -39.13 -1.85
CA ASN I 71 -5.35 -39.36 -3.11
C ASN I 71 -6.34 -39.94 -4.14
N VAL I 72 -7.53 -39.35 -4.20
CA VAL I 72 -8.55 -39.69 -5.19
C VAL I 72 -9.64 -38.63 -5.15
N PRO I 73 -10.12 -38.16 -6.30
CA PRO I 73 -11.25 -37.23 -6.30
C PRO I 73 -12.55 -37.93 -5.93
N ALA I 74 -13.48 -37.14 -5.41
CA ALA I 74 -14.79 -37.65 -5.04
C ALA I 74 -15.57 -38.06 -6.29
N SER I 75 -16.36 -39.13 -6.17
CA SER I 75 -17.15 -39.62 -7.28
C SER I 75 -18.46 -40.18 -6.78
N VAL I 76 -19.42 -40.31 -7.68
CA VAL I 76 -20.72 -40.88 -7.38
C VAL I 76 -21.10 -41.86 -8.48
N ARG I 77 -21.57 -43.04 -8.08
CA ARG I 77 -21.83 -44.12 -9.03
C ARG I 77 -23.28 -44.54 -8.91
N TYR I 78 -24.01 -44.47 -10.03
CA TYR I 78 -25.43 -44.77 -10.04
C TYR I 78 -25.82 -45.65 -11.22
N THR J 5 26.77 -26.41 -37.00
CA THR J 5 26.20 -25.35 -36.18
C THR J 5 27.05 -25.13 -34.94
N LEU J 6 27.98 -24.18 -35.03
CA LEU J 6 28.84 -23.85 -33.89
C LEU J 6 28.02 -23.30 -32.73
N THR J 7 26.99 -22.51 -33.03
CA THR J 7 26.19 -21.90 -31.98
C THR J 7 25.49 -22.95 -31.12
N ALA J 8 25.07 -24.06 -31.73
CA ALA J 8 24.36 -25.09 -30.98
C ALA J 8 25.26 -25.69 -29.90
N ARG J 9 26.46 -26.13 -30.27
CA ARG J 9 27.39 -26.67 -29.28
C ARG J 9 27.84 -25.61 -28.28
N LEU J 10 28.03 -24.36 -28.76
CA LEU J 10 28.40 -23.29 -27.84
C LEU J 10 27.34 -23.10 -26.76
N TYR J 11 26.07 -23.08 -27.15
CA TYR J 11 25.00 -22.95 -26.18
C TYR J 11 24.94 -24.16 -25.26
N SER J 12 25.00 -25.36 -25.82
CA SER J 12 24.87 -26.58 -25.02
C SER J 12 26.01 -26.74 -24.03
N LEU J 13 27.18 -26.17 -24.31
CA LEU J 13 28.34 -26.36 -23.45
C LEU J 13 28.60 -25.19 -22.51
N LEU J 14 28.22 -23.96 -22.88
CA LEU J 14 28.60 -22.81 -22.05
C LEU J 14 27.51 -21.74 -21.92
N PHE J 15 26.29 -21.99 -22.39
CA PHE J 15 25.21 -21.01 -22.25
C PHE J 15 24.01 -21.50 -21.46
N ARG J 16 23.76 -22.81 -21.41
CA ARG J 16 22.55 -23.30 -20.76
C ARG J 16 22.53 -22.96 -19.27
N ARG J 17 23.62 -23.26 -18.58
CA ARG J 17 23.73 -22.94 -17.16
C ARG J 17 23.99 -21.44 -17.00
N THR J 18 23.22 -20.80 -16.12
CA THR J 18 23.43 -19.38 -15.86
C THR J 18 24.76 -19.13 -15.18
N SER J 19 25.24 -20.08 -14.39
CA SER J 19 26.54 -19.94 -13.74
C SER J 19 27.67 -19.90 -14.77
N THR J 20 27.68 -20.86 -15.69
CA THR J 20 28.68 -20.83 -16.76
C THR J 20 28.45 -19.65 -17.69
N PHE J 21 27.21 -19.21 -17.84
CA PHE J 21 26.94 -18.00 -18.62
C PHE J 21 27.63 -16.79 -18.00
N ALA J 22 27.50 -16.63 -16.68
CA ALA J 22 28.16 -15.53 -15.99
C ALA J 22 29.68 -15.67 -16.04
N LEU J 23 30.19 -16.90 -15.96
CA LEU J 23 31.62 -17.11 -16.15
C LEU J 23 32.06 -16.68 -17.55
N THR J 24 31.25 -16.99 -18.56
CA THR J 24 31.59 -16.55 -19.91
C THR J 24 31.65 -15.03 -19.98
N ILE J 25 30.66 -14.34 -19.42
CA ILE J 25 30.68 -12.88 -19.44
C ILE J 25 31.92 -12.35 -18.74
N ALA J 26 32.18 -12.85 -17.52
CA ALA J 26 33.27 -12.31 -16.72
C ALA J 26 34.63 -12.56 -17.39
N VAL J 27 34.83 -13.77 -17.92
CA VAL J 27 36.11 -14.08 -18.55
C VAL J 27 36.26 -13.32 -19.86
N GLY J 28 35.21 -13.27 -20.68
CA GLY J 28 35.30 -12.57 -21.94
C GLY J 28 35.45 -11.07 -21.78
N ALA J 29 35.02 -10.54 -20.63
CA ALA J 29 35.24 -9.12 -20.37
C ALA J 29 36.71 -8.76 -20.33
N LEU J 30 37.55 -9.60 -19.72
CA LEU J 30 38.98 -9.37 -19.69
C LEU J 30 39.52 -9.12 -21.09
N PHE J 31 39.33 -10.10 -21.98
CA PHE J 31 39.90 -10.06 -23.31
C PHE J 31 39.20 -9.06 -24.22
N PHE J 32 37.91 -8.78 -24.01
CA PHE J 32 37.27 -7.73 -24.78
C PHE J 32 37.83 -6.37 -24.42
N GLU J 33 38.00 -6.10 -23.12
CA GLU J 33 38.65 -4.85 -22.73
C GLU J 33 40.04 -4.76 -23.33
N ARG J 34 40.82 -5.84 -23.21
CA ARG J 34 42.14 -5.91 -23.83
C ARG J 34 42.10 -5.51 -25.29
N ALA J 35 41.37 -6.28 -26.10
CA ALA J 35 41.39 -6.11 -27.55
C ALA J 35 40.80 -4.76 -27.95
N PHE J 36 39.70 -4.36 -27.32
CA PHE J 36 39.05 -3.10 -27.70
C PHE J 36 39.93 -1.91 -27.35
N ASP J 37 40.54 -1.92 -26.17
CA ASP J 37 41.47 -0.87 -25.81
C ASP J 37 42.60 -0.77 -26.82
N GLN J 38 43.21 -1.91 -27.16
CA GLN J 38 44.34 -1.89 -28.08
C GLN J 38 43.92 -1.41 -29.47
N GLY J 39 42.81 -1.93 -29.99
CA GLY J 39 42.38 -1.54 -31.32
C GLY J 39 41.99 -0.08 -31.41
N ALA J 40 41.21 0.39 -30.43
CA ALA J 40 40.79 1.78 -30.44
C ALA J 40 41.99 2.72 -30.27
N ASP J 41 42.92 2.38 -29.37
CA ASP J 41 44.10 3.22 -29.22
C ASP J 41 44.93 3.23 -30.50
N ALA J 42 45.11 2.07 -31.13
CA ALA J 42 45.88 2.01 -32.37
C ALA J 42 45.24 2.87 -33.45
N ILE J 43 43.91 2.80 -33.58
CA ILE J 43 43.21 3.68 -34.50
C ILE J 43 43.47 5.14 -34.13
N TYR J 44 43.49 5.44 -32.84
CA TYR J 44 43.62 6.83 -32.41
C TYR J 44 44.96 7.41 -32.79
N GLU J 45 46.06 6.71 -32.51
CA GLU J 45 47.34 7.29 -32.96
C GLU J 45 47.56 7.09 -34.45
N HIS J 46 46.82 6.20 -35.12
CA HIS J 46 46.91 6.15 -36.57
C HIS J 46 46.33 7.41 -37.19
N ILE J 47 45.19 7.88 -36.67
CA ILE J 47 44.63 9.12 -37.17
C ILE J 47 45.51 10.32 -36.83
N ASN J 48 46.19 10.27 -35.68
CA ASN J 48 46.97 11.39 -35.17
C ASN J 48 48.44 11.04 -35.06
N GLN J 49 48.99 10.42 -36.10
CA GLN J 49 50.38 10.00 -36.07
C GLN J 49 51.31 11.21 -36.11
N GLY J 50 52.25 11.25 -35.17
CA GLY J 50 53.27 12.29 -35.12
C GLY J 50 52.89 13.53 -34.32
N LYS J 51 51.66 13.62 -33.84
CA LYS J 51 51.21 14.80 -33.10
C LYS J 51 51.06 14.55 -31.61
N LEU J 52 51.41 13.37 -31.12
CA LEU J 52 51.28 13.03 -29.71
C LEU J 52 52.66 12.97 -29.06
N TRP J 53 52.67 13.06 -27.73
CA TRP J 53 53.91 12.87 -26.98
C TRP J 53 54.17 11.39 -26.81
N LYS J 54 54.06 10.64 -27.90
CA LYS J 54 54.48 9.24 -27.94
C LYS J 54 55.28 8.91 -29.19
N HIS J 55 55.13 9.68 -30.27
CA HIS J 55 55.90 9.49 -31.49
C HIS J 55 57.00 10.54 -31.66
N ILE J 56 57.12 11.49 -30.72
CA ILE J 56 58.12 12.54 -30.83
C ILE J 56 59.04 12.60 -29.62
N LYS J 57 58.77 11.84 -28.55
CA LYS J 57 59.60 11.90 -27.36
C LYS J 57 61.03 11.46 -27.66
N HIS J 58 61.23 10.60 -28.65
CA HIS J 58 62.58 10.19 -29.02
C HIS J 58 63.40 11.36 -29.55
N LYS J 59 62.74 12.37 -30.11
CA LYS J 59 63.46 13.55 -30.57
C LYS J 59 64.06 14.35 -29.43
N TYR J 60 63.32 14.46 -28.33
CA TYR J 60 63.78 15.23 -27.18
C TYR J 60 64.60 14.36 -26.22
N ALA K 36 -61.86 20.93 -0.01
CA ALA K 36 -61.40 20.85 1.37
C ALA K 36 -59.88 20.62 1.43
N THR K 37 -59.14 21.67 1.77
CA THR K 37 -57.69 21.59 1.83
C THR K 37 -57.24 21.08 3.19
N TYR K 38 -55.93 20.86 3.30
CA TYR K 38 -55.35 20.37 4.55
C TYR K 38 -55.81 21.18 5.75
N ALA K 39 -55.76 22.50 5.64
CA ALA K 39 -56.14 23.35 6.77
C ALA K 39 -57.59 23.12 7.18
N GLN K 40 -58.49 23.02 6.18
CA GLN K 40 -59.90 22.80 6.49
C GLN K 40 -60.11 21.44 7.16
N ALA K 41 -59.44 20.40 6.66
CA ALA K 41 -59.56 19.09 7.27
C ALA K 41 -58.91 19.03 8.64
N LEU K 42 -57.86 19.83 8.85
CA LEU K 42 -57.18 19.83 10.14
C LEU K 42 -58.10 20.34 11.25
N GLN K 43 -58.89 21.39 10.98
CA GLN K 43 -59.75 21.93 12.01
C GLN K 43 -60.83 20.93 12.42
N SER K 44 -61.41 20.20 11.46
CA SER K 44 -62.52 19.32 11.80
C SER K 44 -62.16 18.50 13.03
N VAL K 45 -61.19 17.60 12.90
CA VAL K 45 -60.43 16.97 13.99
C VAL K 45 -61.26 16.79 15.26
N PRO K 46 -62.29 15.95 15.27
CA PRO K 46 -63.15 15.90 16.46
C PRO K 46 -62.33 16.07 17.73
N GLU K 47 -62.84 16.87 18.67
CA GLU K 47 -62.04 17.33 19.79
C GLU K 47 -61.80 16.22 20.80
N THR K 48 -61.08 16.56 21.86
CA THR K 48 -60.68 15.59 22.88
C THR K 48 -61.20 16.01 24.25
N GLN K 49 -62.47 16.38 24.33
CA GLN K 49 -63.02 16.90 25.58
C GLN K 49 -62.39 16.19 26.78
N VAL K 50 -61.87 16.97 27.71
CA VAL K 50 -61.19 16.44 28.89
C VAL K 50 -61.98 16.86 30.11
N SER K 51 -62.39 15.88 30.90
CA SER K 51 -63.03 16.11 32.19
C SER K 51 -62.08 15.67 33.30
N GLN K 52 -62.54 15.80 34.54
CA GLN K 52 -61.71 15.44 35.69
C GLN K 52 -62.62 15.04 36.83
N LEU K 53 -62.53 13.76 37.23
CA LEU K 53 -63.29 13.28 38.37
C LEU K 53 -62.74 13.91 39.66
N ASP K 54 -63.59 13.93 40.69
CA ASP K 54 -63.16 14.46 41.98
C ASP K 54 -61.99 13.67 42.55
N ASN K 55 -61.88 12.39 42.20
CA ASN K 55 -60.74 11.59 42.63
C ASN K 55 -59.44 12.05 41.96
N GLY K 56 -59.55 12.80 40.87
CA GLY K 56 -58.40 13.23 40.10
C GLY K 56 -58.24 12.52 38.77
N LEU K 57 -58.98 11.43 38.54
CA LEU K 57 -58.91 10.72 37.28
C LEU K 57 -59.47 11.59 36.16
N ARG K 58 -58.60 12.10 35.30
CA ARG K 58 -59.02 12.97 34.20
C ARG K 58 -59.52 12.08 33.07
N VAL K 59 -60.83 12.04 32.89
CA VAL K 59 -61.44 11.22 31.86
C VAL K 59 -61.50 12.01 30.55
N ALA K 60 -60.84 11.51 29.52
CA ALA K 60 -60.80 12.16 28.22
C ALA K 60 -61.26 11.17 27.15
N SER K 61 -62.05 11.67 26.20
CA SER K 61 -62.58 10.84 25.13
C SER K 61 -62.47 11.59 23.81
N GLU K 62 -62.74 10.88 22.72
CA GLU K 62 -62.69 11.45 21.37
C GLU K 62 -63.78 10.77 20.55
N GLN K 63 -64.95 11.41 20.48
CA GLN K 63 -66.06 10.84 19.73
C GLN K 63 -65.75 10.81 18.23
N SER K 64 -66.19 9.74 17.59
CA SER K 64 -66.12 9.62 16.14
C SER K 64 -67.26 8.73 15.69
N SER K 65 -67.19 8.22 14.46
CA SER K 65 -68.30 7.49 13.86
C SER K 65 -68.09 5.98 13.76
N GLN K 66 -66.86 5.48 13.90
CA GLN K 66 -66.65 4.05 13.77
C GLN K 66 -67.33 3.29 14.90
N PRO K 67 -67.82 2.08 14.63
CA PRO K 67 -68.47 1.28 15.68
C PRO K 67 -67.51 0.60 16.65
N THR K 68 -66.22 0.84 16.55
CA THR K 68 -65.24 0.31 17.49
C THR K 68 -64.74 1.42 18.41
N CYS K 69 -64.00 1.01 19.44
CA CYS K 69 -63.48 1.99 20.40
C CYS K 69 -62.26 1.40 21.09
N THR K 70 -61.46 2.27 21.68
CA THR K 70 -60.31 1.88 22.50
C THR K 70 -60.38 2.64 23.82
N VAL K 71 -60.57 1.90 24.91
CA VAL K 71 -60.67 2.48 26.24
C VAL K 71 -59.53 1.91 27.08
N GLY K 72 -58.74 2.80 27.67
CA GLY K 72 -57.61 2.37 28.47
C GLY K 72 -57.26 3.38 29.54
N VAL K 73 -56.51 2.90 30.53
CA VAL K 73 -56.07 3.73 31.65
C VAL K 73 -54.56 3.85 31.55
N TRP K 74 -54.07 5.08 31.41
CA TRP K 74 -52.65 5.36 31.33
C TRP K 74 -52.18 5.87 32.68
N ILE K 75 -51.38 5.08 33.38
CA ILE K 75 -50.90 5.39 34.72
C ILE K 75 -49.45 5.81 34.62
N ASP K 76 -49.06 6.76 35.48
CA ASP K 76 -47.67 7.19 35.57
C ASP K 76 -46.95 6.23 36.51
N ALA K 77 -46.46 5.13 35.95
CA ALA K 77 -45.74 4.12 36.72
C ALA K 77 -44.79 3.39 35.79
N GLY K 78 -43.50 3.45 36.09
CA GLY K 78 -42.50 2.85 35.24
C GLY K 78 -41.18 2.72 35.96
N SER K 79 -40.16 2.35 35.18
CA SER K 79 -38.81 2.16 35.73
C SER K 79 -38.23 3.46 36.28
N ARG K 80 -38.74 4.62 35.85
CA ARG K 80 -38.23 5.88 36.36
C ARG K 80 -38.53 6.03 37.85
N TYR K 81 -39.68 5.54 38.31
CA TYR K 81 -40.06 5.64 39.71
C TYR K 81 -39.57 4.47 40.54
N GLU K 82 -39.28 3.33 39.92
CA GLU K 82 -38.80 2.17 40.66
C GLU K 82 -37.42 2.46 41.23
N ASN K 83 -37.16 1.91 42.42
CA ASN K 83 -35.86 2.03 43.06
C ASN K 83 -35.04 0.76 42.79
N GLU K 84 -33.83 0.74 43.35
CA GLU K 84 -32.92 -0.38 43.10
C GLU K 84 -33.49 -1.68 43.65
N LYS K 85 -34.08 -1.65 44.83
CA LYS K 85 -34.52 -2.88 45.49
C LYS K 85 -35.69 -3.53 44.76
N ASN K 86 -36.63 -2.73 44.24
CA ASN K 86 -37.82 -3.27 43.60
C ASN K 86 -37.85 -3.02 42.10
N ASN K 87 -36.70 -2.79 41.47
CA ASN K 87 -36.66 -2.55 40.04
C ASN K 87 -37.19 -3.76 39.27
N GLY K 88 -38.21 -3.55 38.46
CA GLY K 88 -38.90 -4.63 37.77
C GLY K 88 -40.27 -4.96 38.33
N ALA K 89 -40.72 -4.26 39.37
CA ALA K 89 -42.05 -4.51 39.93
C ALA K 89 -43.13 -4.14 38.93
N GLY K 90 -42.90 -3.09 38.12
CA GLY K 90 -43.90 -2.68 37.15
C GLY K 90 -44.18 -3.76 36.12
N TYR K 91 -43.12 -4.39 35.62
CA TYR K 91 -43.29 -5.49 34.67
C TYR K 91 -44.04 -6.65 35.29
N PHE K 92 -43.72 -6.97 36.56
CA PHE K 92 -44.40 -8.07 37.23
C PHE K 92 -45.87 -7.78 37.42
N VAL K 93 -46.20 -6.54 37.80
CA VAL K 93 -47.60 -6.15 37.97
C VAL K 93 -48.33 -6.17 36.64
N GLU K 94 -47.68 -5.73 35.57
CA GLU K 94 -48.29 -5.82 34.25
C GLU K 94 -48.56 -7.27 33.87
N HIS K 95 -47.64 -8.17 34.21
CA HIS K 95 -47.83 -9.59 33.92
C HIS K 95 -49.03 -10.14 34.70
N LEU K 96 -49.12 -9.81 35.98
CA LEU K 96 -50.16 -10.39 36.83
C LEU K 96 -51.49 -9.65 36.78
N ALA K 97 -51.56 -8.54 36.05
CA ALA K 97 -52.80 -7.75 36.03
C ALA K 97 -53.96 -8.54 35.44
N PHE K 98 -53.72 -9.22 34.32
CA PHE K 98 -54.79 -9.94 33.64
C PHE K 98 -55.05 -11.32 34.22
N LYS K 99 -54.25 -11.77 35.18
CA LYS K 99 -54.35 -13.15 35.65
C LYS K 99 -55.53 -13.32 36.58
N GLY K 100 -55.53 -12.61 37.71
CA GLY K 100 -56.61 -12.72 38.67
C GLY K 100 -56.99 -11.38 39.28
N THR K 101 -58.29 -11.08 39.34
CA THR K 101 -58.78 -9.78 39.80
C THR K 101 -59.91 -9.96 40.81
N LYS K 102 -59.74 -10.89 41.76
CA LYS K 102 -60.71 -11.12 42.82
C LYS K 102 -62.14 -11.28 42.31
N ASN K 103 -62.81 -10.16 42.03
CA ASN K 103 -64.19 -10.21 41.55
C ASN K 103 -64.32 -11.10 40.33
N ARG K 104 -63.44 -10.93 39.35
CA ARG K 104 -63.28 -11.91 38.30
C ARG K 104 -62.31 -12.99 38.79
N PRO K 105 -62.76 -14.24 38.91
CA PRO K 105 -61.93 -15.25 39.60
C PRO K 105 -60.59 -15.52 38.95
N GLY K 106 -60.39 -15.11 37.70
CA GLY K 106 -59.20 -15.51 36.98
C GLY K 106 -59.42 -15.55 35.49
N SER K 107 -59.18 -16.71 34.89
CA SER K 107 -59.39 -16.91 33.45
C SER K 107 -60.81 -16.54 33.02
N ALA K 108 -61.72 -16.37 33.98
CA ALA K 108 -63.03 -15.82 33.67
C ALA K 108 -62.93 -14.43 33.05
N LEU K 109 -61.94 -13.65 33.48
CA LEU K 109 -61.70 -12.36 32.83
C LEU K 109 -61.37 -12.54 31.36
N GLU K 110 -60.52 -13.51 31.05
CA GLU K 110 -60.20 -13.80 29.65
C GLU K 110 -61.45 -14.28 28.90
N LYS K 111 -62.29 -15.08 29.56
CA LYS K 111 -63.52 -15.54 28.94
C LYS K 111 -64.43 -14.38 28.57
N GLU K 112 -64.62 -13.44 29.50
CA GLU K 112 -65.45 -12.28 29.22
C GLU K 112 -64.85 -11.40 28.13
N VAL K 113 -63.53 -11.20 28.17
CA VAL K 113 -62.90 -10.35 27.16
C VAL K 113 -63.04 -10.96 25.77
N GLU K 114 -62.86 -12.27 25.65
CA GLU K 114 -63.00 -12.92 24.36
C GLU K 114 -64.44 -13.18 23.97
N SER K 115 -65.39 -13.00 24.90
CA SER K 115 -66.79 -13.24 24.56
C SER K 115 -67.29 -12.27 23.50
N MET K 116 -66.95 -10.99 23.64
CA MET K 116 -67.39 -9.99 22.67
C MET K 116 -66.33 -9.66 21.63
N GLY K 117 -65.23 -10.43 21.59
CA GLY K 117 -64.18 -10.18 20.63
C GLY K 117 -63.21 -9.09 21.00
N ALA K 118 -63.27 -8.58 22.22
CA ALA K 118 -62.35 -7.54 22.65
C ALA K 118 -60.93 -8.08 22.75
N HIS K 119 -59.97 -7.24 22.37
CA HIS K 119 -58.55 -7.54 22.52
C HIS K 119 -57.99 -6.63 23.61
N LEU K 120 -57.58 -7.23 24.73
CA LEU K 120 -57.04 -6.49 25.85
C LEU K 120 -55.52 -6.59 25.83
N ASN K 121 -54.85 -5.45 25.96
CA ASN K 121 -53.40 -5.40 25.82
C ASN K 121 -52.84 -4.41 26.83
N ALA K 122 -51.58 -4.61 27.20
CA ALA K 122 -50.89 -3.74 28.15
C ALA K 122 -49.48 -3.48 27.67
N TYR K 123 -49.05 -2.23 27.76
CA TYR K 123 -47.68 -1.85 27.43
C TYR K 123 -47.13 -0.98 28.55
N SER K 124 -46.02 -1.40 29.13
CA SER K 124 -45.38 -0.69 30.23
C SER K 124 -44.01 -0.19 29.75
N THR K 125 -43.90 1.10 29.51
CA THR K 125 -42.64 1.70 29.12
C THR K 125 -41.87 2.15 30.36
N ARG K 126 -40.80 2.92 30.15
CA ARG K 126 -39.98 3.36 31.28
C ARG K 126 -40.70 4.37 32.16
N GLU K 127 -41.69 5.07 31.64
CA GLU K 127 -42.41 6.09 32.40
C GLU K 127 -43.87 5.72 32.66
N HIS K 128 -44.63 5.42 31.61
CA HIS K 128 -46.06 5.16 31.72
C HIS K 128 -46.35 3.67 31.64
N THR K 129 -47.60 3.33 31.93
CA THR K 129 -48.07 1.96 31.84
C THR K 129 -49.57 1.99 31.56
N ALA K 130 -50.02 1.29 30.53
CA ALA K 130 -51.41 1.37 30.12
C ALA K 130 -52.00 -0.02 29.95
N TYR K 131 -53.28 -0.14 30.27
CA TYR K 131 -54.08 -1.34 30.03
C TYR K 131 -55.31 -0.92 29.23
N TYR K 132 -55.27 -1.09 27.92
CA TYR K 132 -56.37 -0.64 27.07
C TYR K 132 -57.10 -1.84 26.48
N ILE K 133 -58.43 -1.72 26.44
CA ILE K 133 -59.29 -2.74 25.85
C ILE K 133 -59.70 -2.25 24.46
N LYS K 134 -59.42 -3.05 23.44
CA LYS K 134 -59.76 -2.72 22.07
C LYS K 134 -61.04 -3.49 21.73
N ALA K 135 -62.17 -2.78 21.76
CA ALA K 135 -63.47 -3.45 21.70
C ALA K 135 -64.44 -2.61 20.88
N LEU K 136 -65.64 -3.14 20.70
CA LEU K 136 -66.69 -2.45 19.98
C LEU K 136 -67.33 -1.37 20.85
N SER K 137 -68.03 -0.45 20.18
CA SER K 137 -68.62 0.68 20.89
C SER K 137 -69.71 0.23 21.85
N LYS K 138 -70.52 -0.75 21.46
CA LYS K 138 -71.63 -1.17 22.30
C LYS K 138 -71.15 -1.79 23.61
N ASP K 139 -70.01 -2.47 23.59
CA ASP K 139 -69.47 -3.10 24.78
C ASP K 139 -68.74 -2.13 25.70
N LEU K 140 -68.95 -0.83 25.53
CA LEU K 140 -68.27 0.16 26.38
C LEU K 140 -68.61 0.01 27.85
N PRO K 141 -69.88 -0.14 28.27
CA PRO K 141 -70.14 -0.27 29.72
C PRO K 141 -69.40 -1.43 30.37
N LYS K 142 -69.26 -2.55 29.66
CA LYS K 142 -68.55 -3.69 30.23
C LYS K 142 -67.03 -3.47 30.19
N ALA K 143 -66.54 -2.82 29.13
CA ALA K 143 -65.09 -2.62 29.00
C ALA K 143 -64.56 -1.73 30.12
N VAL K 144 -65.27 -0.66 30.44
CA VAL K 144 -64.84 0.21 31.53
C VAL K 144 -64.82 -0.56 32.84
N GLU K 145 -65.82 -1.40 33.07
CA GLU K 145 -65.85 -2.23 34.28
C GLU K 145 -64.64 -3.15 34.33
N LEU K 146 -64.31 -3.78 33.20
CA LEU K 146 -63.17 -4.70 33.18
C LEU K 146 -61.86 -3.97 33.48
N LEU K 147 -61.68 -2.77 32.90
CA LEU K 147 -60.50 -1.99 33.21
C LEU K 147 -60.47 -1.60 34.68
N ALA K 148 -61.63 -1.26 35.24
CA ALA K 148 -61.71 -0.95 36.66
C ALA K 148 -61.30 -2.16 37.50
N ASP K 149 -61.74 -3.35 37.09
CA ASP K 149 -61.38 -4.56 37.82
C ASP K 149 -59.87 -4.78 37.82
N ILE K 150 -59.24 -4.59 36.66
CA ILE K 150 -57.79 -4.80 36.56
C ILE K 150 -57.03 -3.74 37.36
N VAL K 151 -57.39 -2.48 37.17
CA VAL K 151 -56.70 -1.38 37.87
C VAL K 151 -57.54 -1.04 39.08
N GLN K 152 -57.24 -1.69 40.19
CA GLN K 152 -57.98 -1.53 41.44
C GLN K 152 -57.97 -2.80 42.26
N ASN K 153 -58.78 -3.77 41.85
CA ASN K 153 -58.96 -5.04 42.57
C ASN K 153 -58.18 -6.11 41.83
N CYS K 154 -56.91 -6.26 42.15
CA CYS K 154 -56.06 -7.31 41.60
C CYS K 154 -55.69 -8.28 42.71
N SER K 155 -55.98 -9.57 42.50
CA SER K 155 -55.73 -10.56 43.54
C SER K 155 -54.26 -10.68 43.87
N LEU K 156 -53.39 -10.64 42.85
CA LEU K 156 -51.96 -10.74 43.07
C LEU K 156 -51.61 -12.03 43.82
N GLU K 157 -52.20 -13.14 43.38
CA GLU K 157 -52.07 -14.40 44.09
C GLU K 157 -50.62 -14.87 44.10
N ASP K 158 -50.20 -15.41 45.25
CA ASP K 158 -48.80 -15.84 45.41
C ASP K 158 -48.46 -16.97 44.45
N SER K 159 -49.37 -17.93 44.26
CA SER K 159 -49.12 -19.01 43.33
C SER K 159 -48.94 -18.48 41.91
N GLN K 160 -49.79 -17.53 41.52
CA GLN K 160 -49.62 -16.90 40.20
C GLN K 160 -48.32 -16.12 40.13
N ILE K 161 -47.90 -15.52 41.24
CA ILE K 161 -46.59 -14.85 41.29
C ILE K 161 -45.48 -15.84 41.00
N GLU K 162 -45.55 -17.03 41.62
CA GLU K 162 -44.53 -18.04 41.39
C GLU K 162 -44.56 -18.52 39.94
N LYS K 163 -45.75 -18.74 39.39
CA LYS K 163 -45.85 -19.14 37.98
C LYS K 163 -45.38 -18.02 37.06
N GLU K 164 -45.72 -16.78 37.39
CA GLU K 164 -45.31 -15.66 36.54
C GLU K 164 -43.82 -15.38 36.64
N ARG K 165 -43.18 -15.82 37.72
CA ARG K 165 -41.75 -15.56 37.90
C ARG K 165 -40.93 -16.19 36.78
N ASP K 166 -41.26 -17.43 36.41
CA ASP K 166 -40.53 -18.11 35.35
C ASP K 166 -40.72 -17.40 34.01
N VAL K 167 -41.94 -16.93 33.74
CA VAL K 167 -42.22 -16.30 32.44
C VAL K 167 -41.35 -15.08 32.25
N ILE K 168 -41.24 -14.23 33.28
CA ILE K 168 -40.42 -13.02 33.17
C ILE K 168 -38.97 -13.38 32.90
N LEU K 169 -38.45 -14.40 33.59
CA LEU K 169 -37.07 -14.82 33.35
C LEU K 169 -36.89 -15.29 31.91
N GLN K 170 -37.87 -16.04 31.40
CA GLN K 170 -37.80 -16.47 30.00
C GLN K 170 -37.82 -15.27 29.06
N GLU K 171 -38.73 -14.33 29.32
CA GLU K 171 -38.78 -13.11 28.52
C GLU K 171 -37.49 -12.33 28.62
N LEU K 172 -36.80 -12.41 29.76
CA LEU K 172 -35.50 -11.77 29.88
C LEU K 172 -34.51 -12.37 28.90
N GLN K 173 -34.49 -13.70 28.77
CA GLN K 173 -33.60 -14.33 27.80
C GLN K 173 -33.98 -13.96 26.37
N GLU K 174 -35.28 -13.91 26.07
CA GLU K 174 -35.70 -13.49 24.74
C GLU K 174 -35.26 -12.07 24.43
N ASN K 175 -35.39 -11.16 25.40
CA ASN K 175 -34.91 -9.79 25.21
C ASN K 175 -33.40 -9.75 25.04
N ASP K 176 -32.67 -10.57 25.79
CA ASP K 176 -31.23 -10.66 25.59
C ASP K 176 -30.91 -11.12 24.17
N SER K 177 -31.75 -11.98 23.60
CA SER K 177 -31.58 -12.32 22.18
C SER K 177 -31.99 -11.16 21.28
N SER K 178 -32.88 -10.28 21.75
CA SER K 178 -33.29 -9.13 20.95
C SER K 178 -32.12 -8.17 20.83
N MET K 179 -31.47 -8.18 19.67
CA MET K 179 -30.23 -7.47 19.46
C MET K 179 -30.44 -5.96 19.31
N ARG K 180 -31.69 -5.51 19.16
CA ARG K 180 -32.00 -4.09 19.12
C ARG K 180 -32.37 -3.55 20.50
N ASP K 181 -33.14 -4.32 21.28
CA ASP K 181 -33.57 -3.86 22.59
C ASP K 181 -32.37 -3.68 23.53
N VAL K 182 -31.42 -4.61 23.48
CA VAL K 182 -30.31 -4.57 24.41
C VAL K 182 -29.40 -3.37 24.15
N VAL K 183 -29.25 -2.94 22.90
CA VAL K 183 -28.41 -1.77 22.64
C VAL K 183 -29.07 -0.51 23.18
N PHE K 184 -30.40 -0.43 23.10
CA PHE K 184 -31.10 0.72 23.69
C PHE K 184 -31.02 0.69 25.21
N ASP K 185 -31.12 -0.50 25.80
CA ASP K 185 -30.94 -0.62 27.24
C ASP K 185 -29.53 -0.20 27.64
N TYR K 186 -28.53 -0.58 26.83
CA TYR K 186 -27.16 -0.17 27.09
C TYR K 186 -27.02 1.35 27.01
N LEU K 187 -27.67 1.96 26.02
CA LEU K 187 -27.63 3.42 25.91
C LEU K 187 -28.24 4.07 27.14
N HIS K 188 -29.38 3.55 27.60
CA HIS K 188 -30.00 4.10 28.80
C HIS K 188 -29.10 3.93 30.02
N ALA K 189 -28.44 2.77 30.13
CA ALA K 189 -27.56 2.53 31.27
C ALA K 189 -26.37 3.46 31.26
N THR K 190 -25.73 3.63 30.11
CA THR K 190 -24.51 4.43 30.04
C THR K 190 -24.79 5.93 30.07
N ALA K 191 -25.95 6.35 29.58
CA ALA K 191 -26.24 7.78 29.52
C ALA K 191 -26.68 8.30 30.88
N PHE K 192 -27.78 7.76 31.41
CA PHE K 192 -28.30 8.18 32.71
C PHE K 192 -27.76 7.30 33.84
N GLN K 193 -26.45 7.11 33.88
CA GLN K 193 -25.86 6.22 34.86
C GLN K 193 -26.01 6.79 36.27
N GLY K 194 -26.28 5.91 37.22
CA GLY K 194 -26.50 6.33 38.59
C GLY K 194 -27.84 6.98 38.85
N THR K 195 -28.74 6.95 37.88
CA THR K 195 -30.06 7.55 37.98
C THR K 195 -31.12 6.47 37.77
N PRO K 196 -32.35 6.69 38.27
CA PRO K 196 -33.41 5.70 38.06
C PRO K 196 -33.75 5.46 36.61
N LEU K 197 -33.45 6.41 35.72
CA LEU K 197 -33.79 6.24 34.31
C LEU K 197 -33.01 5.08 33.69
N ALA K 198 -31.75 4.91 34.08
CA ALA K 198 -30.93 3.83 33.53
C ALA K 198 -31.49 2.45 33.86
N GLN K 199 -32.33 2.35 34.89
CA GLN K 199 -32.92 1.06 35.25
C GLN K 199 -33.74 0.51 34.11
N SER K 200 -33.56 -0.76 33.81
CA SER K 200 -34.31 -1.40 32.74
C SER K 200 -35.76 -1.59 33.14
N VAL K 201 -36.65 -1.61 32.15
CA VAL K 201 -38.07 -1.74 32.42
C VAL K 201 -38.38 -3.10 33.03
N GLU K 202 -37.83 -4.16 32.45
CA GLU K 202 -38.07 -5.51 32.98
C GLU K 202 -37.40 -5.69 34.34
N GLY K 203 -36.23 -5.09 34.53
CA GLY K 203 -35.51 -5.20 35.76
C GLY K 203 -34.38 -6.21 35.67
N PRO K 204 -33.35 -6.04 36.50
CA PRO K 204 -32.25 -7.00 36.50
C PRO K 204 -32.73 -8.39 36.85
N SER K 205 -32.06 -9.40 36.29
CA SER K 205 -32.49 -10.77 36.53
C SER K 205 -31.98 -11.26 37.88
N GLU K 206 -32.15 -10.44 38.90
CA GLU K 206 -32.00 -10.79 40.31
C GLU K 206 -33.20 -10.35 41.13
N ASN K 207 -33.79 -9.20 40.80
CA ASN K 207 -34.98 -8.74 41.51
C ASN K 207 -36.18 -9.60 41.17
N VAL K 208 -36.29 -10.05 39.90
CA VAL K 208 -37.41 -10.88 39.50
C VAL K 208 -37.40 -12.22 40.21
N ARG K 209 -36.27 -12.64 40.76
CA ARG K 209 -36.18 -13.86 41.55
C ARG K 209 -36.34 -13.60 43.04
N LYS K 210 -36.57 -12.36 43.44
CA LYS K 210 -36.81 -12.03 44.84
C LYS K 210 -38.08 -11.22 45.09
N LEU K 211 -38.69 -10.64 44.05
CA LEU K 211 -39.88 -9.82 44.24
C LEU K 211 -41.05 -10.66 44.73
N SER K 212 -41.50 -10.39 45.95
CA SER K 212 -42.59 -11.12 46.57
C SER K 212 -43.88 -10.30 46.47
N ARG K 213 -44.95 -10.78 47.11
CA ARG K 213 -46.23 -10.09 47.06
C ARG K 213 -46.15 -8.71 47.72
N ALA K 214 -45.39 -8.61 48.80
CA ALA K 214 -45.33 -7.35 49.55
C ALA K 214 -44.79 -6.21 48.69
N ASP K 215 -43.73 -6.47 47.92
CA ASP K 215 -43.16 -5.43 47.09
C ASP K 215 -44.15 -4.98 46.02
N LEU K 216 -44.82 -5.93 45.37
CA LEU K 216 -45.77 -5.58 44.32
C LEU K 216 -46.94 -4.78 44.88
N THR K 217 -47.48 -5.21 46.03
CA THR K 217 -48.61 -4.50 46.62
C THR K 217 -48.23 -3.07 46.99
N GLU K 218 -47.01 -2.88 47.50
CA GLU K 218 -46.54 -1.52 47.77
C GLU K 218 -46.43 -0.72 46.48
N TYR K 219 -45.94 -1.34 45.40
CA TYR K 219 -45.85 -0.65 44.12
C TYR K 219 -47.23 -0.23 43.62
N VAL K 220 -48.20 -1.13 43.69
CA VAL K 220 -49.55 -0.80 43.24
C VAL K 220 -50.15 0.31 44.10
N SER K 221 -49.97 0.21 45.42
CA SER K 221 -50.54 1.22 46.31
C SER K 221 -49.91 2.58 46.07
N GLN K 222 -48.60 2.63 45.86
CA GLN K 222 -47.88 3.89 45.76
C GLN K 222 -47.83 4.45 44.34
N HIS K 223 -48.27 3.70 43.34
CA HIS K 223 -48.17 4.24 41.98
C HIS K 223 -49.49 4.23 41.24
N TYR K 224 -50.37 3.26 41.50
CA TYR K 224 -51.66 3.20 40.82
C TYR K 224 -52.68 4.09 41.54
N LYS K 225 -52.41 5.39 41.51
CA LYS K 225 -53.23 6.38 42.18
C LYS K 225 -54.07 7.15 41.16
N ALA K 226 -55.27 7.55 41.60
CA ALA K 226 -56.21 8.21 40.69
C ALA K 226 -55.66 9.50 40.08
N PRO K 227 -55.06 10.44 40.83
CA PRO K 227 -54.59 11.66 40.18
C PRO K 227 -53.65 11.40 39.00
N ARG K 228 -52.77 10.41 39.12
CA ARG K 228 -51.85 10.07 38.04
C ARG K 228 -52.42 9.00 37.13
N MET K 229 -53.65 9.22 36.65
CA MET K 229 -54.29 8.27 35.77
C MET K 229 -55.15 9.03 34.77
N VAL K 230 -55.20 8.53 33.54
CA VAL K 230 -56.02 9.10 32.48
C VAL K 230 -56.84 7.98 31.87
N LEU K 231 -58.16 8.09 31.94
CA LEU K 231 -59.06 7.12 31.32
C LEU K 231 -59.37 7.60 29.91
N ALA K 232 -58.80 6.95 28.92
CA ALA K 232 -58.91 7.36 27.53
C ALA K 232 -59.76 6.36 26.75
N ALA K 233 -60.47 6.89 25.74
CA ALA K 233 -61.30 6.06 24.87
C ALA K 233 -61.59 6.85 23.61
N ALA K 234 -61.28 6.26 22.46
CA ALA K 234 -61.45 6.92 21.17
C ALA K 234 -62.26 6.03 20.25
N GLY K 235 -63.15 6.65 19.48
CA GLY K 235 -64.02 5.90 18.58
C GLY K 235 -65.48 6.24 18.79
N GLY K 236 -66.34 5.23 18.79
CA GLY K 236 -67.74 5.44 19.09
C GLY K 236 -67.98 5.64 20.56
N VAL K 237 -67.34 6.65 21.13
CA VAL K 237 -67.36 6.92 22.57
C VAL K 237 -68.05 8.25 22.79
N GLU K 238 -69.09 8.25 23.63
CA GLU K 238 -69.71 9.48 24.07
C GLU K 238 -69.00 9.96 25.33
N HIS K 239 -68.56 11.22 25.33
CA HIS K 239 -67.80 11.74 26.46
C HIS K 239 -68.62 11.68 27.74
N ARG K 240 -69.91 12.01 27.66
CA ARG K 240 -70.77 11.90 28.83
C ARG K 240 -70.85 10.46 29.30
N GLN K 241 -70.95 9.51 28.38
N GLN K 241 -70.95 9.51 28.38
CA GLN K 241 -71.04 8.10 28.75
CA GLN K 241 -71.04 8.10 28.75
C GLN K 241 -69.78 7.64 29.47
C GLN K 241 -69.78 7.64 29.47
N LEU K 242 -68.61 8.00 28.95
CA LEU K 242 -67.36 7.67 29.62
C LEU K 242 -67.31 8.32 30.99
N LEU K 243 -67.83 9.54 31.12
CA LEU K 243 -67.83 10.24 32.39
C LEU K 243 -68.64 9.49 33.44
N ASP K 244 -69.89 9.12 33.12
CA ASP K 244 -70.65 8.49 34.20
C ASP K 244 -70.22 7.04 34.40
N LEU K 245 -69.66 6.39 33.38
CA LEU K 245 -69.10 5.07 33.61
C LEU K 245 -67.92 5.13 34.57
N ALA K 246 -67.05 6.12 34.40
CA ALA K 246 -65.95 6.31 35.34
C ALA K 246 -66.46 6.65 36.73
N GLN K 247 -67.48 7.51 36.81
CA GLN K 247 -68.04 7.88 38.11
C GLN K 247 -68.64 6.66 38.82
N LYS K 248 -69.36 5.81 38.10
CA LYS K 248 -70.00 4.64 38.67
C LYS K 248 -69.02 3.49 38.92
N HIS K 249 -67.86 3.50 38.27
CA HIS K 249 -66.89 2.41 38.39
C HIS K 249 -65.61 2.84 39.09
N PHE K 250 -65.00 3.95 38.68
CA PHE K 250 -63.71 4.37 39.19
C PHE K 250 -63.80 5.31 40.38
N SER K 251 -64.95 5.39 41.04
CA SER K 251 -65.10 6.30 42.17
C SER K 251 -64.29 5.85 43.37
N SER K 252 -64.15 4.54 43.56
CA SER K 252 -63.50 4.02 44.76
C SER K 252 -62.03 4.40 44.83
N LEU K 253 -61.42 4.74 43.70
CA LEU K 253 -60.02 5.13 43.70
C LEU K 253 -59.83 6.41 44.49
N SER K 254 -58.77 6.45 45.30
CA SER K 254 -58.47 7.59 46.15
C SER K 254 -57.04 8.05 45.91
N GLY K 255 -56.79 9.33 46.21
CA GLY K 255 -55.48 9.93 46.08
C GLY K 255 -54.62 9.84 47.32
N THR K 256 -55.02 9.05 48.32
CA THR K 256 -54.25 8.93 49.54
C THR K 256 -52.91 8.24 49.28
N TYR K 257 -51.95 8.51 50.15
CA TYR K 257 -50.58 8.02 50.02
C TYR K 257 -50.07 7.46 51.33
N VAL K 258 -50.89 6.60 51.95
CA VAL K 258 -50.63 5.98 53.25
C VAL K 258 -50.42 7.12 54.25
N GLU K 259 -49.43 7.02 55.12
CA GLU K 259 -49.20 8.05 56.13
C GLU K 259 -48.78 9.38 55.51
N ASP K 260 -47.57 9.42 54.94
CA ASP K 260 -47.14 10.58 54.19
C ASP K 260 -46.34 10.25 52.93
N ALA K 261 -45.92 9.00 52.75
CA ALA K 261 -44.98 8.65 51.69
C ALA K 261 -45.53 9.01 50.32
N VAL K 262 -44.92 10.00 49.68
CA VAL K 262 -45.32 10.46 48.36
C VAL K 262 -44.13 10.33 47.42
N PRO K 263 -44.19 9.45 46.42
CA PRO K 263 -43.10 9.38 45.45
C PRO K 263 -42.95 10.71 44.72
N ALA K 264 -41.70 11.10 44.49
CA ALA K 264 -41.38 12.36 43.85
C ALA K 264 -40.53 12.12 42.62
N PHE K 265 -40.82 12.84 41.56
CA PHE K 265 -40.02 12.75 40.35
C PHE K 265 -38.62 13.27 40.62
N THR K 266 -37.62 12.43 40.41
CA THR K 266 -36.24 12.81 40.66
C THR K 266 -35.57 13.13 39.35
N PRO K 267 -35.15 14.38 39.12
CA PRO K 267 -34.47 14.71 37.86
C PRO K 267 -33.23 13.86 37.67
N CYS K 268 -33.00 13.44 36.43
CA CYS K 268 -31.87 12.60 36.08
C CYS K 268 -30.82 13.41 35.34
N ARG K 269 -29.59 12.91 35.37
CA ARG K 269 -28.45 13.58 34.79
C ARG K 269 -27.96 12.80 33.58
N PHE K 270 -27.67 13.50 32.50
CA PHE K 270 -27.14 12.88 31.30
C PHE K 270 -25.62 12.85 31.40
N THR K 271 -25.05 11.65 31.36
CA THR K 271 -23.62 11.45 31.56
C THR K 271 -23.05 10.92 30.25
N GLY K 272 -22.42 11.79 29.48
CA GLY K 272 -21.79 11.39 28.23
C GLY K 272 -20.74 10.33 28.47
N SER K 273 -21.00 9.11 27.99
CA SER K 273 -20.14 7.98 28.28
C SER K 273 -20.14 7.03 27.09
N GLU K 274 -19.66 5.82 27.32
CA GLU K 274 -19.60 4.80 26.27
C GLU K 274 -19.54 3.43 26.92
N ILE K 275 -20.35 2.50 26.41
CA ILE K 275 -20.31 1.10 26.83
C ILE K 275 -20.13 0.25 25.58
N ARG K 276 -19.19 -0.69 25.63
CA ARG K 276 -18.81 -1.49 24.47
C ARG K 276 -18.86 -2.96 24.85
N HIS K 277 -19.93 -3.64 24.45
CA HIS K 277 -20.08 -5.07 24.66
C HIS K 277 -19.74 -5.75 23.34
N ARG K 278 -18.45 -5.98 23.13
CA ARG K 278 -17.97 -6.56 21.87
C ARG K 278 -18.15 -8.07 21.92
N ASP K 279 -19.03 -8.59 21.06
CA ASP K 279 -19.28 -10.03 20.94
C ASP K 279 -19.13 -10.37 19.46
N ASP K 280 -17.95 -10.84 19.07
CA ASP K 280 -17.64 -11.05 17.67
C ASP K 280 -18.49 -12.15 17.03
N ALA K 281 -19.07 -13.04 17.84
CA ALA K 281 -19.88 -14.12 17.27
C ALA K 281 -21.15 -13.60 16.62
N LEU K 282 -21.64 -12.43 17.04
CA LEU K 282 -22.85 -11.89 16.46
C LEU K 282 -22.60 -11.51 15.00
N PRO K 283 -23.57 -11.76 14.12
CA PRO K 283 -23.34 -11.48 12.69
C PRO K 283 -23.16 -10.01 12.39
N LEU K 284 -24.08 -9.16 12.85
CA LEU K 284 -24.03 -7.73 12.58
C LEU K 284 -23.65 -6.96 13.83
N ALA K 285 -23.47 -5.66 13.68
CA ALA K 285 -23.07 -4.77 14.76
C ALA K 285 -24.13 -3.69 14.95
N HIS K 286 -24.59 -3.54 16.18
CA HIS K 286 -25.51 -2.47 16.55
C HIS K 286 -24.76 -1.36 17.25
N VAL K 287 -24.94 -0.12 16.82
CA VAL K 287 -24.37 1.03 17.51
C VAL K 287 -25.42 2.12 17.60
N ALA K 288 -25.68 2.60 18.82
CA ALA K 288 -26.63 3.66 19.04
C ALA K 288 -25.94 4.82 19.73
N ILE K 289 -25.96 5.99 19.10
CA ILE K 289 -25.31 7.19 19.60
C ILE K 289 -26.37 8.25 19.86
N ALA K 290 -26.37 8.81 21.06
CA ALA K 290 -27.37 9.80 21.44
C ALA K 290 -26.74 10.85 22.33
N VAL K 291 -27.35 12.04 22.32
CA VAL K 291 -26.98 13.14 23.20
C VAL K 291 -28.24 13.56 23.97
N GLU K 292 -28.03 14.37 25.00
CA GLU K 292 -29.16 14.91 25.74
C GLU K 292 -29.98 15.83 24.85
N GLY K 293 -31.28 15.59 24.80
CA GLY K 293 -32.17 16.40 24.02
C GLY K 293 -33.13 17.18 24.90
N PRO K 294 -34.36 17.36 24.43
CA PRO K 294 -35.34 18.14 25.16
C PRO K 294 -36.12 17.27 26.13
N GLY K 295 -37.07 17.91 26.83
CA GLY K 295 -38.04 17.21 27.64
C GLY K 295 -39.36 17.07 26.90
N TRP K 296 -40.33 16.45 27.59
CA TRP K 296 -41.64 16.24 26.99
C TRP K 296 -42.30 17.57 26.64
N ALA K 297 -42.21 18.55 27.53
CA ALA K 297 -42.79 19.87 27.34
C ALA K 297 -41.66 20.87 27.07
N ASN K 298 -41.29 20.99 25.81
CA ASN K 298 -40.26 21.95 25.38
C ASN K 298 -40.44 22.22 23.90
N PRO K 299 -40.58 23.48 23.49
CA PRO K 299 -40.81 23.79 22.07
C PRO K 299 -39.71 23.27 21.16
N ASP K 300 -38.46 23.23 21.61
CA ASP K 300 -37.35 22.75 20.79
C ASP K 300 -37.55 21.32 20.31
N ASN K 301 -38.53 20.61 20.85
CA ASN K 301 -38.86 19.28 20.34
C ASN K 301 -39.31 19.34 18.88
N VAL K 302 -40.12 20.35 18.55
CA VAL K 302 -40.66 20.43 17.19
C VAL K 302 -39.58 20.60 16.13
N PRO K 303 -38.66 21.57 16.23
CA PRO K 303 -37.58 21.63 15.24
C PRO K 303 -36.72 20.39 15.19
N LEU K 304 -36.43 19.80 16.35
CA LEU K 304 -35.50 18.66 16.41
C LEU K 304 -35.99 17.51 15.55
N GLN K 305 -37.26 17.13 15.69
CA GLN K 305 -37.82 16.08 14.85
C GLN K 305 -37.67 16.42 13.38
N VAL K 306 -37.90 17.69 13.02
CA VAL K 306 -37.68 18.12 11.64
C VAL K 306 -36.27 17.79 11.21
N ALA K 307 -35.29 18.16 12.03
CA ALA K 307 -33.91 17.78 11.75
C ALA K 307 -33.77 16.27 11.70
N ASN K 308 -34.39 15.57 12.65
CA ASN K 308 -34.33 14.12 12.64
C ASN K 308 -35.07 13.55 11.42
N ALA K 309 -35.97 14.33 10.83
CA ALA K 309 -36.59 13.91 9.57
C ALA K 309 -35.64 14.10 8.40
N ILE K 310 -34.78 15.12 8.45
CA ILE K 310 -33.86 15.38 7.34
C ILE K 310 -32.88 14.23 7.18
N ILE K 311 -32.31 13.77 8.29
CA ILE K 311 -31.43 12.61 8.24
C ILE K 311 -32.22 11.37 7.83
N GLY K 312 -33.42 11.22 8.36
CA GLY K 312 -34.29 10.14 7.95
C GLY K 312 -33.83 8.78 8.46
N HIS K 313 -34.43 7.74 7.88
CA HIS K 313 -34.13 6.36 8.23
C HIS K 313 -34.07 5.53 6.97
N TYR K 314 -33.31 4.44 7.03
CA TYR K 314 -33.11 3.57 5.87
C TYR K 314 -33.01 2.13 6.31
N ASP K 315 -33.55 1.23 5.50
CA ASP K 315 -33.39 -0.20 5.67
C ASP K 315 -33.03 -0.78 4.31
N SER K 316 -32.33 -1.91 4.33
CA SER K 316 -31.83 -2.49 3.08
C SER K 316 -32.96 -2.80 2.12
N THR K 317 -34.14 -3.12 2.63
CA THR K 317 -35.30 -3.43 1.80
C THR K 317 -36.21 -2.20 1.64
N TYR K 318 -35.62 -1.14 1.07
CA TYR K 318 -36.36 0.10 0.84
C TYR K 318 -36.75 0.28 -0.61
N GLY K 319 -35.79 0.21 -1.54
CA GLY K 319 -36.04 0.37 -2.96
C GLY K 319 -35.60 1.72 -3.50
N GLY K 320 -35.58 2.75 -2.65
CA GLY K 320 -35.07 4.04 -3.08
C GLY K 320 -33.60 3.97 -3.47
N GLY K 321 -32.80 3.29 -2.66
CA GLY K 321 -31.41 3.05 -3.01
C GLY K 321 -30.62 4.35 -3.09
N THR K 322 -29.94 4.55 -4.22
CA THR K 322 -29.04 5.66 -4.44
C THR K 322 -29.75 6.96 -4.78
N HIS K 323 -31.07 7.03 -4.58
CA HIS K 323 -31.84 8.19 -4.97
C HIS K 323 -32.56 8.87 -3.81
N MET K 324 -32.55 8.29 -2.62
CA MET K 324 -33.27 8.88 -1.50
C MET K 324 -32.62 10.19 -1.10
N SER K 325 -33.45 11.20 -0.81
CA SER K 325 -32.95 12.56 -0.63
C SER K 325 -32.05 12.68 0.60
N SER K 326 -32.23 11.82 1.59
CA SER K 326 -31.38 11.85 2.77
C SER K 326 -29.94 11.52 2.36
N THR K 327 -29.03 12.45 2.64
CA THR K 327 -27.65 12.29 2.19
C THR K 327 -27.01 11.05 2.80
N LEU K 328 -27.19 10.86 4.11
CA LEU K 328 -26.60 9.69 4.76
C LEU K 328 -27.21 8.41 4.23
N ALA K 329 -28.53 8.39 4.00
CA ALA K 329 -29.17 7.20 3.47
C ALA K 329 -28.68 6.88 2.06
N SER K 330 -28.53 7.90 1.22
CA SER K 330 -28.02 7.68 -0.12
C SER K 330 -26.59 7.17 -0.10
N VAL K 331 -25.75 7.74 0.78
CA VAL K 331 -24.37 7.28 0.89
C VAL K 331 -24.33 5.83 1.36
N ALA K 332 -25.15 5.49 2.35
CA ALA K 332 -25.18 4.13 2.85
C ALA K 332 -25.64 3.15 1.77
N ALA K 333 -26.66 3.54 1.00
CA ALA K 333 -27.17 2.64 -0.04
C ALA K 333 -26.18 2.50 -1.20
N THR K 334 -25.40 3.55 -1.48
CA THR K 334 -24.47 3.49 -2.59
C THR K 334 -23.39 2.44 -2.36
N ARG K 335 -22.82 2.40 -1.16
CA ARG K 335 -21.76 1.47 -0.82
C ARG K 335 -22.25 0.27 -0.04
N LYS K 336 -23.57 0.13 0.14
CA LYS K 336 -24.14 -0.91 0.98
C LYS K 336 -23.51 -0.88 2.38
N LEU K 337 -23.36 0.34 2.91
CA LEU K 337 -22.63 0.54 4.15
C LEU K 337 -23.31 -0.19 5.30
N CYS K 338 -24.54 0.18 5.61
CA CYS K 338 -25.25 -0.38 6.74
C CYS K 338 -26.28 -1.40 6.28
N GLN K 339 -26.91 -2.06 7.25
CA GLN K 339 -28.12 -2.82 6.98
C GLN K 339 -29.38 -2.05 7.35
N SER K 340 -29.35 -1.24 8.42
CA SER K 340 -30.49 -0.38 8.72
C SER K 340 -30.09 0.68 9.75
N PHE K 341 -30.27 1.95 9.41
CA PHE K 341 -30.05 3.03 10.37
C PHE K 341 -31.35 3.79 10.57
N GLN K 342 -31.64 4.14 11.81
CA GLN K 342 -32.82 4.93 12.15
C GLN K 342 -32.41 6.04 13.10
N THR K 343 -33.23 7.08 13.18
CA THR K 343 -33.03 8.19 14.11
C THR K 343 -34.18 8.20 15.11
N PHE K 344 -33.84 8.25 16.39
CA PHE K 344 -34.82 8.20 17.46
C PHE K 344 -34.89 9.54 18.18
N ASN K 345 -36.01 9.78 18.84
CA ASN K 345 -36.23 11.00 19.62
C ASN K 345 -36.84 10.65 20.97
N ILE K 346 -36.25 9.67 21.66
CA ILE K 346 -36.70 9.31 22.99
C ILE K 346 -36.69 10.54 23.88
N CYS K 347 -37.82 10.83 24.52
CA CYS K 347 -38.01 12.09 25.22
C CYS K 347 -38.81 11.83 26.49
N TYR K 348 -38.15 11.94 27.64
CA TYR K 348 -38.81 11.80 28.93
C TYR K 348 -39.23 13.18 29.43
N ALA K 349 -39.60 13.25 30.71
CA ALA K 349 -40.16 14.48 31.26
C ALA K 349 -39.14 15.62 31.25
N GLU K 350 -38.03 15.44 31.96
CA GLU K 350 -37.04 16.51 32.10
C GLU K 350 -35.90 16.43 31.09
N THR K 351 -35.65 15.26 30.52
CA THR K 351 -34.59 15.10 29.54
C THR K 351 -34.91 13.92 28.64
N GLY K 352 -34.29 13.90 27.47
CA GLY K 352 -34.53 12.84 26.51
C GLY K 352 -33.25 12.49 25.76
N LEU K 353 -33.37 11.48 24.92
CA LEU K 353 -32.26 10.97 24.11
C LEU K 353 -32.50 11.34 22.66
N LEU K 354 -31.53 12.00 22.04
CA LEU K 354 -31.64 12.42 20.65
C LEU K 354 -30.44 11.87 19.89
N GLY K 355 -30.70 11.08 18.86
CA GLY K 355 -29.61 10.48 18.11
C GLY K 355 -30.05 9.41 17.14
N ALA K 356 -29.13 8.50 16.81
CA ALA K 356 -29.37 7.50 15.78
C ALA K 356 -28.83 6.15 16.20
N HIS K 357 -29.56 5.11 15.82
CA HIS K 357 -29.14 3.72 16.03
C HIS K 357 -29.00 3.06 14.67
N PHE K 358 -27.82 2.51 14.40
CA PHE K 358 -27.54 1.92 13.10
C PHE K 358 -26.96 0.52 13.25
N VAL K 359 -27.38 -0.36 12.36
CA VAL K 359 -26.95 -1.75 12.30
C VAL K 359 -26.19 -1.96 11.00
N CYS K 360 -24.94 -2.38 11.12
CA CYS K 360 -24.04 -2.53 9.98
C CYS K 360 -23.00 -3.58 10.32
N ASP K 361 -22.30 -4.05 9.28
CA ASP K 361 -21.26 -5.05 9.49
C ASP K 361 -20.08 -4.44 10.25
N ASN K 362 -19.06 -5.27 10.47
CA ASN K 362 -17.93 -4.84 11.30
C ASN K 362 -17.20 -3.66 10.67
N MET K 363 -16.92 -3.72 9.37
CA MET K 363 -16.17 -2.67 8.70
C MET K 363 -17.11 -1.70 7.98
N SER K 364 -18.04 -1.17 8.76
CA SER K 364 -18.77 0.03 8.38
C SER K 364 -18.94 0.99 9.54
N ILE K 365 -18.73 0.53 10.78
CA ILE K 365 -19.01 1.33 11.96
C ILE K 365 -18.22 2.64 11.93
N ASP K 366 -16.96 2.56 11.51
CA ASP K 366 -16.16 3.78 11.37
C ASP K 366 -16.80 4.70 10.36
N ASP K 367 -17.08 4.18 9.16
CA ASP K 367 -17.52 5.04 8.06
C ASP K 367 -18.79 5.81 8.43
N MET K 368 -19.81 5.10 8.89
CA MET K 368 -21.04 5.77 9.31
C MET K 368 -20.76 6.75 10.44
N MET K 369 -19.89 6.36 11.39
CA MET K 369 -19.57 7.27 12.48
C MET K 369 -18.96 8.56 11.96
N PHE K 370 -18.25 8.48 10.83
CA PHE K 370 -17.78 9.70 10.17
C PHE K 370 -18.92 10.37 9.42
N PHE K 371 -19.74 9.59 8.72
CA PHE K 371 -20.79 10.18 7.88
C PHE K 371 -21.94 10.72 8.72
N LEU K 372 -22.52 9.88 9.59
CA LEU K 372 -23.67 10.30 10.38
C LEU K 372 -23.35 11.57 11.17
N GLN K 373 -22.25 11.55 11.92
CA GLN K 373 -21.80 12.76 12.61
C GLN K 373 -21.70 13.93 11.64
N GLY K 374 -21.04 13.71 10.50
CA GLY K 374 -20.94 14.77 9.51
C GLY K 374 -22.29 15.33 9.11
N GLN K 375 -23.26 14.43 8.90
CA GLN K 375 -24.61 14.89 8.59
C GLN K 375 -25.12 15.81 9.69
N TRP K 376 -25.03 15.37 10.94
CA TRP K 376 -25.37 16.25 12.06
C TRP K 376 -24.64 17.57 11.94
N MET K 377 -23.33 17.50 11.70
CA MET K 377 -22.53 18.71 11.58
C MET K 377 -23.08 19.60 10.48
N ARG K 378 -23.40 19.01 9.32
CA ARG K 378 -23.98 19.80 8.25
C ARG K 378 -25.29 20.43 8.69
N LEU K 379 -26.15 19.65 9.34
CA LEU K 379 -27.39 20.22 9.86
C LEU K 379 -27.09 21.26 10.93
N CYS K 380 -25.99 21.05 11.67
CA CYS K 380 -25.55 22.05 12.62
C CYS K 380 -24.95 23.26 11.92
N THR K 381 -24.28 23.04 10.78
CA THR K 381 -23.47 24.09 10.20
C THR K 381 -24.24 24.91 9.18
N SER K 382 -24.80 24.26 8.15
CA SER K 382 -25.44 24.98 7.06
C SER K 382 -26.63 24.17 6.59
N ALA K 383 -27.82 24.59 7.00
CA ALA K 383 -29.07 23.98 6.56
C ALA K 383 -29.84 24.97 5.69
N THR K 384 -30.41 24.45 4.61
CA THR K 384 -31.13 25.26 3.64
C THR K 384 -32.62 25.00 3.75
N GLU K 385 -33.42 25.98 3.31
CA GLU K 385 -34.87 25.87 3.42
C GLU K 385 -35.43 24.69 2.65
N SER K 386 -34.73 24.17 1.64
CA SER K 386 -35.27 23.07 0.87
C SER K 386 -35.42 21.80 1.70
N GLU K 387 -34.34 21.37 2.36
CA GLU K 387 -34.45 20.17 3.18
C GLU K 387 -35.22 20.42 4.46
N VAL K 388 -35.27 21.68 4.93
CA VAL K 388 -36.13 22.00 6.05
C VAL K 388 -37.59 21.81 5.67
N VAL K 389 -37.97 22.25 4.47
CA VAL K 389 -39.34 22.03 3.99
C VAL K 389 -39.61 20.54 3.82
N ARG K 390 -38.63 19.81 3.30
CA ARG K 390 -38.79 18.35 3.18
C ARG K 390 -39.04 17.72 4.54
N GLY K 391 -38.26 18.11 5.54
CA GLY K 391 -38.45 17.57 6.88
C GLY K 391 -39.78 17.97 7.47
N LYS K 392 -40.22 19.20 7.20
CA LYS K 392 -41.54 19.63 7.66
C LYS K 392 -42.63 18.76 7.08
N ASN K 393 -42.57 18.49 5.78
CA ASN K 393 -43.57 17.63 5.15
C ASN K 393 -43.51 16.22 5.72
N ILE K 394 -42.31 15.69 5.93
CA ILE K 394 -42.18 14.34 6.50
C ILE K 394 -42.78 14.30 7.90
N LEU K 395 -42.52 15.31 8.71
CA LEU K 395 -43.05 15.33 10.07
C LEU K 395 -44.57 15.47 10.07
N ARG K 396 -45.11 16.33 9.19
CA ARG K 396 -46.56 16.43 9.07
C ARG K 396 -47.18 15.09 8.71
N ASN K 397 -46.59 14.42 7.70
CA ASN K 397 -47.11 13.13 7.28
C ASN K 397 -47.03 12.11 8.39
N ALA K 398 -45.92 12.10 9.13
CA ALA K 398 -45.78 11.16 10.25
C ALA K 398 -46.86 11.40 11.29
N LEU K 399 -47.10 12.67 11.64
CA LEU K 399 -48.11 12.97 12.65
C LEU K 399 -49.50 12.57 12.18
N VAL K 400 -49.86 12.88 10.94
CA VAL K 400 -51.23 12.60 10.49
C VAL K 400 -51.43 11.10 10.32
N SER K 401 -50.45 10.40 9.74
CA SER K 401 -50.60 8.97 9.48
C SER K 401 -50.50 8.16 10.76
N HIS K 402 -49.77 8.68 11.76
CA HIS K 402 -49.67 7.97 13.03
C HIS K 402 -51.00 7.99 13.77
N LEU K 403 -51.89 8.92 13.44
CA LEU K 403 -53.12 9.15 14.19
C LEU K 403 -54.35 8.59 13.49
N ASP K 404 -54.23 7.43 12.85
CA ASP K 404 -55.37 6.76 12.23
C ASP K 404 -55.69 5.47 12.98
N GLY K 405 -56.97 5.19 13.12
CA GLY K 405 -57.37 4.06 13.94
C GLY K 405 -57.60 4.46 15.38
N THR K 406 -58.40 3.64 16.08
CA THR K 406 -58.83 4.00 17.43
C THR K 406 -57.67 3.92 18.42
N THR K 407 -56.90 2.84 18.37
CA THR K 407 -55.82 2.67 19.35
C THR K 407 -54.73 3.75 19.26
N PRO K 408 -54.26 4.18 18.08
CA PRO K 408 -53.29 5.28 18.09
C PRO K 408 -53.85 6.57 18.67
N VAL K 409 -55.12 6.87 18.42
CA VAL K 409 -55.72 8.07 18.98
C VAL K 409 -55.84 7.96 20.49
N CYS K 410 -56.27 6.79 20.98
CA CYS K 410 -56.37 6.57 22.41
C CYS K 410 -55.00 6.67 23.08
N GLU K 411 -53.97 6.09 22.46
CA GLU K 411 -52.62 6.19 23.01
C GLU K 411 -52.14 7.63 23.01
N ASP K 412 -52.45 8.37 21.94
CA ASP K 412 -52.06 9.77 21.88
C ASP K 412 -52.71 10.56 23.01
N ILE K 413 -54.01 10.33 23.24
CA ILE K 413 -54.71 11.04 24.32
C ILE K 413 -54.08 10.69 25.67
N GLY K 414 -53.89 9.39 25.92
CA GLY K 414 -53.36 8.96 27.20
C GLY K 414 -51.97 9.49 27.48
N ARG K 415 -51.11 9.49 26.46
CA ARG K 415 -49.75 9.96 26.64
C ARG K 415 -49.70 11.49 26.72
N SER K 416 -50.51 12.18 25.91
CA SER K 416 -50.45 13.64 25.88
C SER K 416 -51.00 14.25 27.16
N LEU K 417 -52.07 13.67 27.71
CA LEU K 417 -52.61 14.21 28.96
C LEU K 417 -51.61 14.07 30.09
N LEU K 418 -50.85 12.96 30.11
CA LEU K 418 -49.86 12.75 31.16
C LEU K 418 -48.61 13.58 30.94
N THR K 419 -48.20 13.79 29.69
CA THR K 419 -46.93 14.44 29.40
C THR K 419 -47.09 15.96 29.24
N TYR K 420 -47.88 16.38 28.26
CA TYR K 420 -48.09 17.80 28.03
C TYR K 420 -49.16 18.41 28.93
N GLY K 421 -49.91 17.58 29.67
CA GLY K 421 -51.03 18.06 30.43
C GLY K 421 -52.28 18.30 29.63
N ARG K 422 -52.25 18.05 28.33
CA ARG K 422 -53.40 18.22 27.44
C ARG K 422 -53.05 17.56 26.11
N ARG K 423 -54.08 17.23 25.35
CA ARG K 423 -53.87 16.70 24.00
C ARG K 423 -53.71 17.88 23.04
N ILE K 424 -52.51 18.03 22.48
CA ILE K 424 -52.24 19.11 21.55
C ILE K 424 -52.98 18.80 20.25
N PRO K 425 -53.88 19.66 19.79
CA PRO K 425 -54.56 19.40 18.52
C PRO K 425 -53.60 19.50 17.35
N LEU K 426 -53.96 18.80 16.27
CA LEU K 426 -53.09 18.77 15.09
C LEU K 426 -52.93 20.16 14.47
N ALA K 427 -53.90 21.05 14.68
CA ALA K 427 -53.76 22.42 14.19
C ALA K 427 -52.60 23.12 14.88
N GLU K 428 -52.45 22.94 16.19
CA GLU K 428 -51.32 23.52 16.89
C GLU K 428 -50.00 22.95 16.38
N TRP K 429 -49.97 21.62 16.14
CA TRP K 429 -48.79 21.01 15.55
C TRP K 429 -48.45 21.65 14.20
N GLU K 430 -49.48 21.89 13.38
CA GLU K 430 -49.28 22.55 12.11
C GLU K 430 -48.67 23.93 12.29
N SER K 431 -49.17 24.68 13.29
CA SER K 431 -48.63 26.00 13.56
C SER K 431 -47.14 25.94 13.92
N ARG K 432 -46.78 25.03 14.84
CA ARG K 432 -45.38 24.93 15.24
C ARG K 432 -44.49 24.51 14.08
N ILE K 433 -44.96 23.56 13.26
CA ILE K 433 -44.18 23.14 12.11
C ILE K 433 -44.03 24.26 11.09
N ALA K 434 -45.07 25.07 10.91
CA ALA K 434 -44.97 26.21 10.02
C ALA K 434 -43.98 27.25 10.56
N GLU K 435 -43.89 27.38 11.89
CA GLU K 435 -42.99 28.37 12.45
C GLU K 435 -41.51 28.04 12.19
N VAL K 436 -41.14 26.77 12.32
CA VAL K 436 -39.73 26.40 12.25
C VAL K 436 -39.23 26.52 10.81
N ASP K 437 -38.03 27.06 10.66
CA ASP K 437 -37.40 27.21 9.35
C ASP K 437 -35.92 26.84 9.49
N ALA K 438 -35.12 27.19 8.47
CA ALA K 438 -33.73 26.79 8.46
C ALA K 438 -32.95 27.40 9.61
N SER K 439 -33.18 28.67 9.91
CA SER K 439 -32.46 29.31 11.02
C SER K 439 -32.80 28.65 12.35
N VAL K 440 -34.08 28.35 12.57
CA VAL K 440 -34.49 27.68 13.81
C VAL K 440 -33.84 26.32 13.92
N VAL K 441 -33.83 25.55 12.82
CA VAL K 441 -33.22 24.22 12.85
C VAL K 441 -31.73 24.33 13.15
N ARG K 442 -31.04 25.28 12.49
CA ARG K 442 -29.61 25.45 12.71
C ARG K 442 -29.32 25.80 14.17
N GLU K 443 -30.03 26.77 14.72
CA GLU K 443 -29.77 27.19 16.09
C GLU K 443 -30.11 26.10 17.09
N VAL K 444 -31.20 25.36 16.86
CA VAL K 444 -31.59 24.30 17.78
C VAL K 444 -30.56 23.17 17.75
N CYS K 445 -30.13 22.76 16.55
CA CYS K 445 -29.12 21.71 16.45
C CYS K 445 -27.81 22.17 17.06
N SER K 446 -27.44 23.43 16.87
CA SER K 446 -26.22 23.95 17.49
C SER K 446 -26.32 23.90 19.01
N LYS K 447 -27.48 24.24 19.55
CA LYS K 447 -27.66 24.19 20.99
C LYS K 447 -27.71 22.76 21.52
N TYR K 448 -28.09 21.79 20.69
CA TYR K 448 -28.19 20.40 21.14
C TYR K 448 -27.05 19.52 20.65
N PHE K 449 -26.60 19.67 19.40
CA PHE K 449 -25.63 18.76 18.81
C PHE K 449 -24.20 19.27 18.89
N TYR K 450 -23.98 20.55 18.66
CA TYR K 450 -22.63 21.08 18.54
C TYR K 450 -21.85 20.91 19.83
N ASP K 451 -20.72 20.21 19.75
CA ASP K 451 -19.75 20.11 20.85
C ASP K 451 -20.39 19.59 22.13
N GLN K 452 -21.23 18.56 22.01
CA GLN K 452 -21.86 17.93 23.16
C GLN K 452 -21.40 16.47 23.24
N CYS K 453 -21.02 16.04 24.42
CA CYS K 453 -20.53 14.68 24.61
C CYS K 453 -21.64 13.68 24.31
N PRO K 454 -21.40 12.68 23.46
CA PRO K 454 -22.44 11.72 23.13
C PRO K 454 -22.52 10.62 24.18
N ALA K 455 -23.42 9.67 23.94
CA ALA K 455 -23.68 8.54 24.84
C ALA K 455 -23.69 7.24 24.04
N VAL K 456 -22.65 7.02 23.24
CA VAL K 456 -22.62 5.88 22.35
C VAL K 456 -22.70 4.57 23.12
N ALA K 457 -23.28 3.55 22.48
CA ALA K 457 -23.44 2.23 23.08
C ALA K 457 -23.48 1.22 21.96
N GLY K 458 -22.59 0.22 22.02
CA GLY K 458 -22.44 -0.76 20.97
C GLY K 458 -22.76 -2.18 21.40
N LEU K 459 -22.84 -3.05 20.40
CA LEU K 459 -23.08 -4.48 20.58
C LEU K 459 -22.62 -5.21 19.32
N GLY K 460 -22.00 -6.37 19.52
CA GLY K 460 -21.59 -7.20 18.41
C GLY K 460 -20.10 -7.10 18.14
N PRO K 461 -19.70 -7.36 16.89
CA PRO K 461 -18.29 -7.24 16.49
C PRO K 461 -17.84 -5.79 16.33
N ILE K 462 -18.08 -4.99 17.37
CA ILE K 462 -17.73 -3.57 17.34
C ILE K 462 -16.23 -3.43 17.59
N GLU K 463 -15.47 -3.34 16.52
CA GLU K 463 -14.04 -3.11 16.64
C GLU K 463 -13.59 -1.90 15.85
N GLN K 464 -14.12 -1.70 14.65
CA GLN K 464 -13.81 -0.51 13.87
C GLN K 464 -14.47 0.73 14.43
N LEU K 465 -15.35 0.59 15.40
CA LEU K 465 -15.99 1.73 16.04
C LEU K 465 -14.94 2.67 16.60
N PRO K 466 -14.91 3.94 16.18
CA PRO K 466 -13.84 4.84 16.61
C PRO K 466 -13.85 5.03 18.13
N ASP K 467 -12.68 5.29 18.67
CA ASP K 467 -12.53 5.52 20.10
C ASP K 467 -13.38 6.73 20.52
N TYR K 468 -13.72 6.78 21.81
CA TYR K 468 -14.65 7.79 22.28
C TYR K 468 -14.15 9.20 21.99
N ASN K 469 -12.83 9.42 22.11
CA ASN K 469 -12.29 10.74 21.79
C ASN K 469 -12.45 11.07 20.32
N ARG K 470 -12.37 10.07 19.43
CA ARG K 470 -12.65 10.31 18.02
C ARG K 470 -14.09 10.76 17.82
N ILE K 471 -15.04 10.08 18.48
CA ILE K 471 -16.44 10.46 18.34
C ILE K 471 -16.68 11.86 18.89
N ARG K 472 -16.11 12.16 20.06
CA ARG K 472 -16.29 13.49 20.65
C ARG K 472 -15.67 14.56 19.78
N SER K 473 -14.51 14.27 19.18
CA SER K 473 -13.87 15.22 18.28
C SER K 473 -14.72 15.43 17.03
N GLY K 474 -15.42 14.39 16.57
CA GLY K 474 -16.33 14.54 15.46
C GLY K 474 -17.52 15.43 15.75
N MET K 475 -17.81 15.68 17.03
CA MET K 475 -18.93 16.53 17.41
C MET K 475 -18.72 18.00 17.06
N PHE K 476 -17.50 18.42 16.73
CA PHE K 476 -17.25 19.79 16.34
C PHE K 476 -16.47 19.83 15.03
N TRP K 477 -16.70 20.88 14.25
CA TRP K 477 -16.12 21.04 12.93
C TRP K 477 -15.15 22.21 12.95
N LEU K 478 -13.88 21.95 12.62
CA LEU K 478 -12.85 22.98 12.67
C LEU K 478 -13.04 24.06 11.60
N ARG K 479 -14.06 23.97 10.76
CA ARG K 479 -14.34 25.05 9.82
C ARG K 479 -15.33 26.06 10.40
N PHE K 480 -16.27 25.59 11.20
CA PHE K 480 -17.30 26.44 11.78
C PHE K 480 -16.71 27.18 12.98
N GLN L 36 -69.49 12.22 1.34
CA GLN L 36 -69.38 11.46 2.57
C GLN L 36 -70.00 10.08 2.41
N ASP L 37 -69.72 9.43 1.29
CA ASP L 37 -70.25 8.10 1.03
C ASP L 37 -69.39 7.45 -0.05
N LEU L 38 -69.62 6.15 -0.24
CA LEU L 38 -68.88 5.38 -1.23
C LEU L 38 -69.64 5.37 -2.55
N GLU L 39 -69.07 6.01 -3.57
CA GLU L 39 -69.62 5.99 -4.92
C GLU L 39 -68.84 4.97 -5.73
N PHE L 40 -69.48 3.86 -6.06
CA PHE L 40 -68.81 2.70 -6.63
C PHE L 40 -69.00 2.66 -8.15
N THR L 41 -68.43 3.66 -8.83
CA THR L 41 -68.65 3.78 -10.27
C THR L 41 -67.76 2.78 -10.99
N ARG L 42 -68.21 2.31 -12.16
CA ARG L 42 -67.39 1.42 -12.98
C ARG L 42 -67.37 1.95 -14.40
N LEU L 43 -66.18 1.96 -15.01
CA LEU L 43 -66.00 2.50 -16.34
C LEU L 43 -66.36 1.47 -17.41
N PRO L 44 -66.69 1.93 -18.62
CA PRO L 44 -66.97 0.96 -19.70
C PRO L 44 -65.81 0.04 -20.02
N ASN L 45 -64.58 0.53 -19.92
CA ASN L 45 -63.43 -0.32 -20.23
C ASN L 45 -63.30 -1.47 -19.24
N GLY L 46 -63.64 -1.24 -17.97
CA GLY L 46 -63.56 -2.28 -16.96
C GLY L 46 -63.04 -1.78 -15.64
N LEU L 47 -62.26 -0.70 -15.69
CA LEU L 47 -61.78 -0.06 -14.47
C LEU L 47 -62.95 0.40 -13.62
N VAL L 48 -62.88 0.11 -12.32
CA VAL L 48 -63.94 0.46 -11.39
C VAL L 48 -63.34 1.42 -10.36
N ILE L 49 -63.90 2.61 -10.29
CA ILE L 49 -63.42 3.65 -9.39
C ILE L 49 -64.31 3.71 -8.16
N ALA L 50 -63.69 3.63 -6.99
CA ALA L 50 -64.36 3.85 -5.72
C ALA L 50 -63.64 4.97 -4.98
N SER L 51 -64.40 5.82 -4.31
CA SER L 51 -63.80 6.93 -3.56
C SER L 51 -64.66 7.25 -2.36
N LEU L 52 -64.02 7.84 -1.35
CA LEU L 52 -64.75 8.26 -0.15
C LEU L 52 -64.07 9.50 0.41
N GLU L 53 -64.82 10.59 0.52
CA GLU L 53 -64.29 11.85 1.03
C GLU L 53 -64.54 11.93 2.53
N ASN L 54 -63.62 11.31 3.28
CA ASN L 54 -63.71 11.32 4.73
C ASN L 54 -63.27 12.64 5.34
N TYR L 55 -62.75 13.56 4.53
CA TYR L 55 -62.24 14.85 5.02
C TYR L 55 -61.11 14.66 6.03
N ALA L 56 -60.35 13.59 5.86
CA ALA L 56 -59.19 13.36 6.72
C ALA L 56 -58.04 14.26 6.31
N PRO L 57 -57.15 14.60 7.25
CA PRO L 57 -55.98 15.41 6.89
C PRO L 57 -55.11 14.77 5.83
N ALA L 58 -55.00 13.45 5.83
CA ALA L 58 -54.22 12.72 4.84
C ALA L 58 -55.15 11.92 3.94
N SER L 59 -54.64 11.61 2.74
CA SER L 59 -55.40 10.87 1.75
C SER L 59 -54.52 9.77 1.17
N ARG L 60 -55.15 8.65 0.82
CA ARG L 60 -54.48 7.47 0.29
C ARG L 60 -55.20 7.00 -0.97
N ILE L 61 -54.45 6.83 -2.05
CA ILE L 61 -54.98 6.34 -3.31
C ILE L 61 -54.31 5.01 -3.62
N GLY L 62 -55.12 4.00 -3.92
CA GLY L 62 -54.60 2.67 -4.18
C GLY L 62 -55.16 2.01 -5.42
N LEU L 63 -54.27 1.51 -6.26
CA LEU L 63 -54.64 0.74 -7.44
C LEU L 63 -54.44 -0.74 -7.13
N PHE L 64 -55.53 -1.50 -7.13
CA PHE L 64 -55.50 -2.92 -6.84
C PHE L 64 -55.66 -3.67 -8.16
N ILE L 65 -54.66 -4.47 -8.51
CA ILE L 65 -54.62 -5.20 -9.77
C ILE L 65 -54.78 -6.69 -9.48
N LYS L 66 -55.61 -7.35 -10.28
CA LYS L 66 -55.82 -8.79 -10.16
C LYS L 66 -54.65 -9.55 -10.81
N ALA L 67 -53.45 -9.26 -10.31
CA ALA L 67 -52.23 -9.90 -10.77
C ALA L 67 -51.41 -10.33 -9.57
N GLY L 68 -50.70 -11.44 -9.71
CA GLY L 68 -49.91 -11.97 -8.60
C GLY L 68 -49.27 -13.28 -8.98
N SER L 69 -48.90 -14.04 -7.95
CA SER L 69 -48.21 -15.30 -8.17
C SER L 69 -49.09 -16.32 -8.89
N ARG L 70 -50.39 -16.33 -8.59
CA ARG L 70 -51.26 -17.35 -9.18
C ARG L 70 -51.30 -17.26 -10.69
N TYR L 71 -51.06 -16.09 -11.26
CA TYR L 71 -51.04 -15.91 -12.71
C TYR L 71 -49.66 -16.11 -13.31
N GLU L 72 -48.65 -16.39 -12.49
CA GLU L 72 -47.35 -16.74 -13.01
C GLU L 72 -47.39 -18.12 -13.66
N ASP L 73 -46.47 -18.35 -14.59
CA ASP L 73 -46.36 -19.64 -15.25
C ASP L 73 -45.04 -20.31 -14.85
N SER L 74 -44.82 -21.50 -15.39
CA SER L 74 -43.62 -22.26 -15.06
C SER L 74 -42.35 -21.53 -15.52
N ASN L 75 -42.47 -20.69 -16.54
CA ASN L 75 -41.29 -20.03 -17.09
C ASN L 75 -40.98 -18.71 -16.38
N ASN L 76 -41.99 -17.87 -16.18
CA ASN L 76 -41.78 -16.54 -15.61
C ASN L 76 -41.92 -16.53 -14.09
N LEU L 77 -41.63 -17.63 -13.41
CA LEU L 77 -41.73 -17.67 -11.96
C LEU L 77 -40.85 -16.59 -11.32
N GLY L 78 -41.41 -15.90 -10.33
CA GLY L 78 -40.72 -14.83 -9.66
C GLY L 78 -40.86 -13.46 -10.30
N THR L 79 -41.52 -13.37 -11.45
CA THR L 79 -41.73 -12.07 -12.09
C THR L 79 -42.58 -11.16 -11.20
N SER L 80 -43.60 -11.73 -10.55
CA SER L 80 -44.43 -10.93 -9.65
C SER L 80 -43.61 -10.34 -8.52
N HIS L 81 -42.65 -11.11 -7.99
CA HIS L 81 -41.79 -10.59 -6.93
C HIS L 81 -40.97 -9.41 -7.42
N LEU L 82 -40.42 -9.51 -8.63
CA LEU L 82 -39.65 -8.38 -9.17
C LEU L 82 -40.53 -7.17 -9.38
N LEU L 83 -41.73 -7.36 -9.93
CA LEU L 83 -42.65 -6.24 -10.12
C LEU L 83 -42.98 -5.58 -8.79
N ARG L 84 -43.20 -6.39 -7.75
CA ARG L 84 -43.38 -5.84 -6.42
C ARG L 84 -42.15 -5.04 -5.99
N LEU L 85 -40.96 -5.57 -6.27
CA LEU L 85 -39.75 -4.80 -6.03
C LEU L 85 -39.55 -3.70 -7.07
N ALA L 86 -40.33 -3.71 -8.15
CA ALA L 86 -40.21 -2.72 -9.21
C ALA L 86 -41.26 -1.63 -8.98
N SER L 87 -40.91 -0.68 -8.11
CA SER L 87 -41.79 0.43 -7.79
C SER L 87 -41.09 1.78 -7.92
N SER L 88 -39.85 1.82 -8.36
CA SER L 88 -39.12 3.08 -8.45
C SER L 88 -38.27 3.23 -9.70
N LEU L 89 -38.31 2.28 -10.63
CA LEU L 89 -37.53 2.40 -11.85
C LEU L 89 -38.13 3.45 -12.78
N THR L 90 -37.33 3.85 -13.78
CA THR L 90 -37.71 4.92 -14.69
C THR L 90 -38.98 4.57 -15.44
N THR L 91 -39.99 5.44 -15.31
CA THR L 91 -41.25 5.28 -16.03
C THR L 91 -41.19 6.08 -17.33
N LYS L 92 -42.30 6.09 -18.07
CA LYS L 92 -42.33 6.82 -19.33
C LYS L 92 -42.20 8.32 -19.11
N GLY L 93 -42.85 8.86 -18.09
CA GLY L 93 -42.84 10.30 -17.87
C GLY L 93 -42.25 10.73 -16.55
N ALA L 94 -41.47 9.86 -15.91
CA ALA L 94 -40.86 10.20 -14.63
C ALA L 94 -39.66 9.29 -14.41
N SER L 95 -38.47 9.87 -14.32
CA SER L 95 -37.27 9.10 -14.06
C SER L 95 -37.25 8.59 -12.62
N SER L 96 -36.37 7.62 -12.37
CA SER L 96 -36.27 7.05 -11.02
C SER L 96 -35.89 8.10 -10.00
N PHE L 97 -34.89 8.93 -10.33
CA PHE L 97 -34.49 10.00 -9.42
C PHE L 97 -35.63 10.97 -9.18
N LYS L 98 -36.35 11.35 -10.24
CA LYS L 98 -37.49 12.25 -10.08
C LYS L 98 -38.57 11.62 -9.21
N ILE L 99 -38.87 10.34 -9.43
CA ILE L 99 -39.92 9.69 -8.64
C ILE L 99 -39.54 9.67 -7.17
N THR L 100 -38.31 9.24 -6.86
CA THR L 100 -37.88 9.16 -5.47
C THR L 100 -37.87 10.54 -4.82
N ARG L 101 -37.27 11.53 -5.50
CA ARG L 101 -37.17 12.86 -4.92
C ARG L 101 -38.54 13.48 -4.71
N GLY L 102 -39.44 13.33 -5.69
CA GLY L 102 -40.77 13.90 -5.54
C GLY L 102 -41.55 13.26 -4.41
N ILE L 103 -41.54 11.93 -4.35
CA ILE L 103 -42.32 11.27 -3.29
C ILE L 103 -41.74 11.60 -1.92
N GLU L 104 -40.42 11.73 -1.81
CA GLU L 104 -39.83 12.03 -0.50
C GLU L 104 -40.07 13.49 -0.10
N ALA L 105 -39.96 14.42 -1.06
CA ALA L 105 -40.15 15.83 -0.74
C ALA L 105 -41.60 16.12 -0.38
N VAL L 106 -42.54 15.54 -1.13
CA VAL L 106 -43.94 15.62 -0.74
C VAL L 106 -44.19 14.94 0.60
N GLY L 107 -43.40 13.93 0.95
CA GLY L 107 -43.54 13.28 2.23
C GLY L 107 -44.48 12.10 2.26
N GLY L 108 -45.04 11.71 1.12
CA GLY L 108 -45.90 10.56 1.03
C GLY L 108 -45.11 9.27 0.88
N LYS L 109 -45.83 8.16 0.83
CA LYS L 109 -45.18 6.86 0.70
C LYS L 109 -45.76 6.12 -0.49
N LEU L 110 -45.12 5.00 -0.82
CA LEU L 110 -45.52 4.16 -1.95
C LEU L 110 -45.25 2.71 -1.56
N SER L 111 -46.31 1.98 -1.21
CA SER L 111 -46.21 0.59 -0.82
C SER L 111 -46.94 -0.28 -1.83
N VAL L 112 -46.34 -1.41 -2.18
CA VAL L 112 -46.84 -2.24 -3.27
C VAL L 112 -47.29 -3.59 -2.73
N THR L 113 -47.85 -3.59 -1.52
CA THR L 113 -48.31 -4.79 -0.85
C THR L 113 -49.02 -5.75 -1.81
N SER L 114 -48.59 -7.01 -1.79
CA SER L 114 -49.03 -8.00 -2.75
C SER L 114 -49.53 -9.25 -2.04
N THR L 115 -50.43 -9.95 -2.72
CA THR L 115 -50.95 -11.23 -2.23
C THR L 115 -50.73 -12.31 -3.29
N ARG L 116 -51.30 -13.49 -3.07
CA ARG L 116 -51.14 -14.56 -4.05
C ARG L 116 -51.85 -14.26 -5.35
N GLU L 117 -52.90 -13.44 -5.32
CA GLU L 117 -53.71 -13.18 -6.49
C GLU L 117 -54.05 -11.70 -6.68
N SER L 118 -53.39 -10.79 -5.97
CA SER L 118 -53.68 -9.37 -6.10
C SER L 118 -52.44 -8.58 -5.70
N MET L 119 -52.13 -7.55 -6.49
CA MET L 119 -51.03 -6.64 -6.20
C MET L 119 -51.60 -5.25 -5.99
N ALA L 120 -51.30 -4.65 -4.85
CA ALA L 120 -51.91 -3.39 -4.45
C ALA L 120 -50.85 -2.30 -4.37
N TYR L 121 -50.80 -1.43 -5.38
CA TYR L 121 -50.00 -0.23 -5.29
C TYR L 121 -50.78 0.81 -4.49
N THR L 122 -50.09 1.55 -3.63
CA THR L 122 -50.76 2.49 -2.74
C THR L 122 -49.84 3.65 -2.41
N VAL L 123 -50.32 4.87 -2.63
CA VAL L 123 -49.61 6.08 -2.22
C VAL L 123 -50.49 6.81 -1.22
N GLU L 124 -49.85 7.59 -0.34
CA GLU L 124 -50.61 8.43 0.57
C GLU L 124 -49.74 9.57 1.08
N CYS L 125 -50.40 10.69 1.37
CA CYS L 125 -49.78 11.88 1.94
C CYS L 125 -50.87 12.90 2.25
N LEU L 126 -50.47 14.10 2.65
CA LEU L 126 -51.40 15.19 2.91
C LEU L 126 -52.29 15.43 1.69
N ARG L 127 -53.51 15.89 1.96
CA ARG L 127 -54.54 16.00 0.93
C ARG L 127 -54.34 17.18 -0.01
N ASP L 128 -53.40 18.08 0.27
CA ASP L 128 -53.18 19.22 -0.60
C ASP L 128 -52.33 18.89 -1.82
N ASP L 129 -51.67 17.74 -1.83
CA ASP L 129 -50.76 17.42 -2.94
C ASP L 129 -50.83 15.95 -3.35
N ILE L 130 -51.96 15.27 -3.14
CA ILE L 130 -52.13 13.90 -3.62
C ILE L 130 -52.14 13.81 -5.14
N GLU L 131 -52.29 14.94 -5.84
CA GLU L 131 -52.25 14.91 -7.30
C GLU L 131 -50.91 14.40 -7.82
N ILE L 132 -49.81 14.93 -7.26
CA ILE L 132 -48.48 14.58 -7.77
C ILE L 132 -48.18 13.10 -7.51
N LEU L 133 -48.44 12.64 -6.29
CA LEU L 133 -48.17 11.24 -5.96
C LEU L 133 -49.10 10.32 -6.72
N MET L 134 -50.34 10.74 -6.96
CA MET L 134 -51.25 9.93 -7.77
C MET L 134 -50.74 9.80 -9.19
N GLU L 135 -50.21 10.89 -9.75
CA GLU L 135 -49.63 10.82 -11.08
C GLU L 135 -48.39 9.91 -11.11
N PHE L 136 -47.56 9.99 -10.06
CA PHE L 136 -46.41 9.11 -9.99
C PHE L 136 -46.83 7.64 -9.94
N LEU L 137 -47.82 7.33 -9.10
CA LEU L 137 -48.39 5.99 -9.06
C LEU L 137 -48.93 5.57 -10.41
N LEU L 138 -49.61 6.49 -11.09
CA LEU L 138 -50.24 6.16 -12.37
C LEU L 138 -49.18 5.82 -13.41
N ASN L 139 -48.07 6.58 -13.42
CA ASN L 139 -46.96 6.27 -14.31
C ASN L 139 -46.32 4.93 -13.95
N VAL L 140 -46.13 4.67 -12.66
CA VAL L 140 -45.51 3.42 -12.26
C VAL L 140 -46.33 2.22 -12.70
N THR L 141 -47.65 2.32 -12.56
CA THR L 141 -48.52 1.18 -12.87
C THR L 141 -48.72 1.01 -14.37
N ALA L 142 -49.15 2.07 -15.05
CA ALA L 142 -49.59 1.98 -16.43
C ALA L 142 -48.54 2.45 -17.44
N ALA L 143 -47.31 2.69 -17.00
CA ALA L 143 -46.31 3.13 -17.96
C ALA L 143 -44.89 2.88 -17.47
N PRO L 144 -44.47 1.61 -17.33
CA PRO L 144 -43.07 1.34 -16.97
C PRO L 144 -42.18 1.12 -18.19
N GLU L 145 -40.90 1.44 -18.06
CA GLU L 145 -39.94 1.17 -19.13
C GLU L 145 -39.12 -0.09 -18.89
N PHE L 146 -38.81 -0.40 -17.63
CA PHE L 146 -38.04 -1.60 -17.28
C PHE L 146 -36.70 -1.63 -18.00
N ARG L 147 -35.90 -0.61 -17.77
CA ARG L 147 -34.58 -0.53 -18.40
C ARG L 147 -33.71 -1.68 -17.93
N ARG L 148 -32.89 -2.20 -18.83
CA ARG L 148 -32.12 -3.41 -18.56
C ARG L 148 -31.16 -3.22 -17.40
N TRP L 149 -30.44 -2.09 -17.39
CA TRP L 149 -29.44 -1.87 -16.35
C TRP L 149 -30.09 -1.76 -14.97
N GLU L 150 -31.20 -1.05 -14.87
CA GLU L 150 -31.87 -0.89 -13.58
C GLU L 150 -32.40 -2.22 -13.06
N VAL L 151 -32.99 -3.04 -13.93
CA VAL L 151 -33.47 -4.35 -13.51
C VAL L 151 -32.33 -5.24 -13.09
N ALA L 152 -31.23 -5.22 -13.83
CA ALA L 152 -30.06 -6.02 -13.46
C ALA L 152 -29.53 -5.61 -12.09
N ALA L 153 -29.51 -4.29 -11.82
CA ALA L 153 -29.11 -3.83 -10.50
C ALA L 153 -30.10 -4.27 -9.43
N LEU L 154 -31.40 -4.23 -9.73
CA LEU L 154 -32.44 -4.62 -8.77
C LEU L 154 -32.45 -6.11 -8.48
N GLN L 155 -31.81 -6.92 -9.33
CA GLN L 155 -31.85 -8.37 -9.15
C GLN L 155 -31.45 -8.79 -7.73
N SER L 156 -30.41 -8.16 -7.16
CA SER L 156 -29.93 -8.58 -5.84
C SER L 156 -30.96 -8.28 -4.75
N GLN L 157 -31.77 -7.25 -4.96
CA GLN L 157 -32.83 -6.94 -3.99
C GLN L 157 -33.79 -8.11 -3.83
N LEU L 158 -33.95 -8.93 -4.87
CA LEU L 158 -34.77 -10.12 -4.74
C LEU L 158 -34.23 -11.05 -3.65
N ARG L 159 -32.93 -11.35 -3.71
CA ARG L 159 -32.33 -12.21 -2.69
C ARG L 159 -32.41 -11.57 -1.31
N ILE L 160 -32.12 -10.27 -1.23
CA ILE L 160 -32.15 -9.61 0.07
C ILE L 160 -33.55 -9.65 0.69
N ASP L 161 -34.56 -9.30 -0.11
CA ASP L 161 -35.93 -9.30 0.38
C ASP L 161 -36.40 -10.70 0.74
N LYS L 162 -36.03 -11.70 -0.08
CA LYS L 162 -36.43 -13.07 0.22
C LYS L 162 -35.84 -13.53 1.54
N ALA L 163 -34.55 -13.25 1.76
CA ALA L 163 -33.93 -13.64 3.02
C ALA L 163 -34.58 -12.94 4.20
N VAL L 164 -34.82 -11.63 4.08
CA VAL L 164 -35.41 -10.87 5.19
C VAL L 164 -36.80 -11.40 5.50
N ALA L 165 -37.61 -11.67 4.47
CA ALA L 165 -38.95 -12.19 4.70
C ALA L 165 -38.93 -13.61 5.24
N PHE L 166 -37.95 -14.41 4.83
CA PHE L 166 -37.85 -15.79 5.26
C PHE L 166 -37.17 -15.95 6.62
N GLN L 167 -36.69 -14.86 7.21
CA GLN L 167 -36.18 -14.93 8.58
C GLN L 167 -37.24 -15.50 9.52
N ASN L 168 -38.47 -15.03 9.40
CA ASN L 168 -39.56 -15.56 10.23
C ASN L 168 -40.00 -16.91 9.67
N PRO L 169 -40.03 -17.97 10.48
CA PRO L 169 -40.32 -19.31 9.95
C PRO L 169 -41.69 -19.44 9.31
N GLN L 170 -42.65 -18.59 9.68
CA GLN L 170 -44.01 -18.73 9.15
C GLN L 170 -44.05 -18.60 7.64
N ALA L 171 -43.18 -17.77 7.06
CA ALA L 171 -43.17 -17.57 5.63
C ALA L 171 -42.84 -18.86 4.89
N GLN L 172 -41.78 -19.55 5.32
CA GLN L 172 -41.39 -20.80 4.68
C GLN L 172 -42.50 -21.84 4.79
N VAL L 173 -43.10 -21.95 5.97
CA VAL L 173 -44.11 -22.98 6.20
C VAL L 173 -45.34 -22.71 5.34
N LEU L 174 -45.79 -21.45 5.30
CA LEU L 174 -46.93 -21.12 4.46
C LEU L 174 -46.64 -21.32 2.99
N GLU L 175 -45.43 -20.97 2.54
CA GLU L 175 -45.08 -21.15 1.14
C GLU L 175 -45.04 -22.62 0.76
N ASN L 176 -44.46 -23.46 1.63
CA ASN L 176 -44.47 -24.90 1.37
C ASN L 176 -45.87 -25.47 1.45
N LEU L 177 -46.72 -24.93 2.32
CA LEU L 177 -48.12 -25.33 2.37
C LEU L 177 -48.79 -25.08 1.03
N HIS L 178 -48.60 -23.89 0.47
CA HIS L 178 -49.22 -23.56 -0.80
C HIS L 178 -48.62 -24.40 -1.93
N ALA L 179 -47.33 -24.70 -1.85
CA ALA L 179 -46.71 -25.55 -2.87
C ALA L 179 -47.28 -26.96 -2.82
N ALA L 180 -47.49 -27.50 -1.62
CA ALA L 180 -47.97 -28.86 -1.46
C ALA L 180 -49.49 -28.97 -1.47
N ALA L 181 -50.21 -27.84 -1.54
CA ALA L 181 -51.67 -27.88 -1.52
C ALA L 181 -52.24 -27.88 -2.93
N TYR L 182 -51.70 -27.06 -3.82
CA TYR L 182 -52.21 -26.93 -5.18
C TYR L 182 -51.15 -27.35 -6.19
N ARG L 183 -51.60 -27.95 -7.28
CA ARG L 183 -50.69 -28.35 -8.35
C ARG L 183 -50.03 -27.13 -8.98
N ASN L 184 -50.80 -26.07 -9.22
CA ASN L 184 -50.32 -24.91 -9.95
C ASN L 184 -51.04 -23.67 -9.42
N ALA L 185 -50.96 -22.59 -10.19
CA ALA L 185 -51.62 -21.33 -9.85
C ALA L 185 -51.22 -20.84 -8.47
N LEU L 186 -52.05 -21.12 -7.47
CA LEU L 186 -51.78 -20.68 -6.11
C LEU L 186 -50.52 -21.30 -5.54
N ALA L 187 -50.02 -22.38 -6.15
CA ALA L 187 -48.80 -23.00 -5.66
C ALA L 187 -47.58 -22.09 -5.84
N ASN L 188 -47.66 -21.14 -6.77
CA ASN L 188 -46.53 -20.26 -7.03
C ASN L 188 -46.22 -19.41 -5.80
N SER L 189 -44.94 -19.21 -5.55
CA SER L 189 -44.49 -18.46 -4.38
C SER L 189 -44.57 -16.96 -4.64
N LEU L 190 -44.67 -16.21 -3.55
CA LEU L 190 -44.60 -14.76 -3.62
C LEU L 190 -43.17 -14.25 -3.84
N TYR L 191 -42.18 -15.13 -3.71
CA TYR L 191 -40.78 -14.73 -3.79
C TYR L 191 -40.10 -15.50 -4.91
N CYS L 192 -39.14 -14.85 -5.55
CA CYS L 192 -38.43 -15.43 -6.68
C CYS L 192 -37.69 -16.69 -6.26
N PRO L 193 -37.91 -17.83 -6.92
CA PRO L 193 -37.13 -19.03 -6.58
C PRO L 193 -35.65 -18.80 -6.83
N ASP L 194 -34.82 -19.57 -6.12
CA ASP L 194 -33.39 -19.34 -6.13
C ASP L 194 -32.81 -19.44 -7.53
N TYR L 195 -33.37 -20.32 -8.36
CA TYR L 195 -32.85 -20.47 -9.71
C TYR L 195 -33.28 -19.35 -10.64
N ARG L 196 -34.26 -18.54 -10.26
CA ARG L 196 -34.67 -17.39 -11.07
C ARG L 196 -34.08 -16.07 -10.58
N ILE L 197 -33.30 -16.10 -9.51
CA ILE L 197 -32.67 -14.87 -9.01
C ILE L 197 -31.55 -14.48 -9.97
N GLY L 198 -31.71 -13.33 -10.61
CA GLY L 198 -30.77 -12.89 -11.62
C GLY L 198 -31.10 -13.32 -13.03
N LYS L 199 -32.24 -13.98 -13.25
CA LYS L 199 -32.63 -14.44 -14.57
C LYS L 199 -33.86 -13.75 -15.15
N VAL L 200 -34.67 -13.10 -14.31
CA VAL L 200 -35.87 -12.43 -14.80
C VAL L 200 -35.48 -11.26 -15.69
N THR L 201 -35.80 -11.37 -16.98
CA THR L 201 -35.46 -10.36 -17.96
C THR L 201 -36.58 -9.33 -18.07
N PRO L 202 -36.26 -8.11 -18.55
CA PRO L 202 -37.31 -7.11 -18.72
C PRO L 202 -38.43 -7.54 -19.65
N ASP L 203 -38.16 -8.44 -20.58
CA ASP L 203 -39.22 -8.93 -21.46
C ASP L 203 -40.31 -9.64 -20.68
N GLN L 204 -39.92 -10.44 -19.67
CA GLN L 204 -40.90 -11.08 -18.81
C GLN L 204 -41.74 -10.05 -18.05
N LEU L 205 -41.09 -8.99 -17.57
CA LEU L 205 -41.82 -7.93 -16.88
C LEU L 205 -42.83 -7.26 -17.80
N HIS L 206 -42.42 -6.96 -19.03
CA HIS L 206 -43.33 -6.32 -19.97
C HIS L 206 -44.49 -7.25 -20.34
N TYR L 207 -44.21 -8.54 -20.51
CA TYR L 207 -45.28 -9.49 -20.79
C TYR L 207 -46.26 -9.55 -19.63
N TYR L 208 -45.74 -9.59 -18.39
CA TYR L 208 -46.62 -9.59 -17.24
C TYR L 208 -47.46 -8.32 -17.18
N VAL L 209 -46.85 -7.17 -17.49
CA VAL L 209 -47.57 -5.90 -17.43
C VAL L 209 -48.70 -5.89 -18.46
N GLN L 210 -48.36 -5.98 -19.74
CA GLN L 210 -49.44 -6.02 -20.72
C GLN L 210 -49.91 -7.44 -21.02
N ASN L 211 -50.06 -8.22 -19.95
CA ASN L 211 -50.95 -9.37 -19.95
C ASN L 211 -51.78 -9.52 -18.68
N HIS L 212 -51.44 -8.82 -17.58
CA HIS L 212 -52.23 -8.91 -16.37
C HIS L 212 -52.42 -7.54 -15.69
N PHE L 213 -52.29 -6.44 -16.44
CA PHE L 213 -52.52 -5.11 -15.91
C PHE L 213 -53.54 -4.36 -16.75
N THR L 214 -54.46 -5.09 -17.37
CA THR L 214 -55.49 -4.46 -18.19
C THR L 214 -56.57 -3.85 -17.33
N SER L 215 -57.37 -2.97 -17.94
CA SER L 215 -58.33 -2.17 -17.18
C SER L 215 -59.38 -3.03 -16.48
N ALA L 216 -59.79 -4.13 -17.13
CA ALA L 216 -60.88 -4.93 -16.58
C ALA L 216 -60.52 -5.59 -15.26
N ARG L 217 -59.22 -5.73 -14.97
CA ARG L 217 -58.77 -6.45 -13.79
C ARG L 217 -58.12 -5.54 -12.74
N MET L 218 -58.36 -4.23 -12.81
CA MET L 218 -57.86 -3.32 -11.79
C MET L 218 -58.99 -2.50 -11.20
N ALA L 219 -58.70 -1.87 -10.06
CA ALA L 219 -59.68 -1.06 -9.35
C ALA L 219 -58.94 0.06 -8.64
N LEU L 220 -59.36 1.30 -8.85
CA LEU L 220 -58.74 2.46 -8.21
C LEU L 220 -59.65 2.92 -7.07
N ILE L 221 -59.13 2.87 -5.84
CA ILE L 221 -59.90 3.19 -4.65
C ILE L 221 -59.20 4.32 -3.90
N GLY L 222 -59.93 5.36 -3.60
CA GLY L 222 -59.36 6.53 -2.94
C GLY L 222 -60.04 6.85 -1.64
N LEU L 223 -59.24 7.09 -0.61
CA LEU L 223 -59.70 7.57 0.68
C LEU L 223 -59.21 8.99 0.88
N GLY L 224 -60.14 9.89 1.17
CA GLY L 224 -59.81 11.30 1.30
C GLY L 224 -59.63 12.01 -0.03
N VAL L 225 -60.22 11.49 -1.09
CA VAL L 225 -60.14 12.11 -2.41
C VAL L 225 -61.55 12.17 -3.00
N SER L 226 -61.77 13.12 -3.91
CA SER L 226 -63.06 13.30 -4.52
C SER L 226 -63.19 12.41 -5.76
N HIS L 227 -64.42 11.96 -6.01
CA HIS L 227 -64.68 11.12 -7.18
C HIS L 227 -64.33 11.77 -8.52
N PRO L 228 -64.65 13.07 -8.77
CA PRO L 228 -64.36 13.65 -10.10
C PRO L 228 -62.91 13.52 -10.54
N VAL L 229 -61.96 13.93 -9.68
CA VAL L 229 -60.56 13.90 -10.05
C VAL L 229 -60.09 12.47 -10.27
N LEU L 230 -60.55 11.54 -9.43
CA LEU L 230 -60.20 10.14 -9.61
C LEU L 230 -60.71 9.62 -10.95
N LYS L 231 -61.93 9.98 -11.33
CA LYS L 231 -62.45 9.59 -12.63
C LYS L 231 -61.65 10.19 -13.77
N GLN L 232 -61.27 11.46 -13.64
CA GLN L 232 -60.49 12.11 -14.69
C GLN L 232 -59.16 11.38 -14.90
N VAL L 233 -58.44 11.11 -13.81
CA VAL L 233 -57.15 10.44 -13.95
C VAL L 233 -57.33 8.99 -14.41
N ALA L 234 -58.46 8.37 -14.06
CA ALA L 234 -58.71 7.00 -14.50
C ALA L 234 -58.92 6.93 -16.01
N GLU L 235 -59.78 7.81 -16.54
CA GLU L 235 -60.03 7.82 -17.97
C GLU L 235 -58.94 8.54 -18.76
N ARG L 236 -57.99 9.17 -18.08
CA ARG L 236 -56.93 9.88 -18.77
C ARG L 236 -55.71 9.02 -19.04
N PHE L 237 -55.35 8.12 -18.12
CA PHE L 237 -54.11 7.37 -18.24
C PHE L 237 -54.31 5.87 -18.33
N LEU L 238 -55.18 5.29 -17.49
CA LEU L 238 -55.32 3.85 -17.45
C LEU L 238 -56.19 3.29 -18.57
N ASN L 239 -56.84 4.15 -19.35
CA ASN L 239 -57.63 3.68 -20.48
C ASN L 239 -56.74 3.11 -21.58
N MET L 240 -55.43 3.33 -21.52
CA MET L 240 -54.53 2.87 -22.57
C MET L 240 -54.46 1.35 -22.61
N ARG L 241 -54.53 0.70 -21.44
CA ARG L 241 -54.46 -0.76 -21.37
C ARG L 241 -55.88 -1.30 -21.25
N GLY L 242 -56.54 -1.47 -22.39
CA GLY L 242 -57.87 -2.05 -22.41
C GLY L 242 -57.84 -3.56 -22.43
N GLY L 243 -59.03 -4.14 -22.30
CA GLY L 243 -59.19 -5.58 -22.36
C GLY L 243 -59.22 -6.23 -21.00
N LEU L 244 -59.26 -7.56 -21.01
CA LEU L 244 -59.29 -8.36 -19.80
C LEU L 244 -57.92 -8.95 -19.45
N GLY L 245 -57.08 -9.21 -20.44
CA GLY L 245 -55.76 -9.76 -20.21
C GLY L 245 -55.74 -11.28 -20.27
N LEU L 246 -54.53 -11.82 -20.19
CA LEU L 246 -54.34 -13.26 -20.24
C LEU L 246 -54.88 -13.89 -18.95
N SER L 247 -55.91 -14.72 -19.10
CA SER L 247 -56.52 -15.37 -17.95
C SER L 247 -55.58 -16.39 -17.34
N GLY L 248 -55.72 -16.59 -16.03
CA GLY L 248 -54.91 -17.56 -15.31
C GLY L 248 -55.42 -18.97 -15.48
N ALA L 249 -55.16 -19.81 -14.49
CA ALA L 249 -55.59 -21.21 -14.51
C ALA L 249 -56.16 -21.58 -13.16
N LYS L 250 -57.10 -22.52 -13.17
CA LYS L 250 -57.67 -23.02 -11.93
C LYS L 250 -56.64 -23.81 -11.14
N ALA L 251 -56.72 -23.72 -9.82
CA ALA L 251 -55.83 -24.44 -8.92
C ALA L 251 -56.52 -25.71 -8.44
N LYS L 252 -55.84 -26.84 -8.59
CA LYS L 252 -56.39 -28.14 -8.22
C LYS L 252 -55.62 -28.70 -7.03
N TYR L 253 -56.35 -29.27 -6.08
CA TYR L 253 -55.72 -29.82 -4.89
C TYR L 253 -54.82 -30.99 -5.26
N ARG L 254 -53.62 -31.02 -4.67
CA ARG L 254 -52.67 -32.09 -4.89
C ARG L 254 -52.39 -32.93 -3.65
N GLY L 255 -52.69 -32.42 -2.47
CA GLY L 255 -52.52 -33.20 -1.24
C GLY L 255 -51.09 -33.58 -0.95
N GLY L 256 -50.14 -32.66 -1.18
CA GLY L 256 -48.75 -32.94 -0.93
C GLY L 256 -48.37 -32.82 0.53
N GLU L 257 -47.15 -33.25 0.85
CA GLU L 257 -46.63 -33.27 2.20
C GLU L 257 -45.21 -32.75 2.23
N ILE L 258 -45.00 -31.57 1.61
CA ILE L 258 -43.66 -30.99 1.54
C ILE L 258 -43.10 -30.82 2.95
N ARG L 259 -41.99 -31.48 3.23
CA ARG L 259 -41.35 -31.46 4.54
C ARG L 259 -39.88 -31.11 4.37
N ASP L 260 -39.39 -30.21 5.22
CA ASP L 260 -37.98 -29.86 5.23
C ASP L 260 -37.48 -29.84 6.67
N GLN L 261 -36.24 -30.24 6.85
CA GLN L 261 -35.59 -30.29 8.16
C GLN L 261 -34.70 -29.07 8.28
N ASN L 262 -35.29 -27.94 8.67
CA ASN L 262 -34.53 -26.70 8.80
C ASN L 262 -33.61 -26.72 10.01
N GLY L 263 -34.00 -27.40 11.08
CA GLY L 263 -33.21 -27.46 12.29
C GLY L 263 -33.63 -26.50 13.38
N ASP L 264 -34.73 -25.77 13.19
CA ASP L 264 -35.24 -24.88 14.23
C ASP L 264 -35.64 -25.68 15.46
N SER L 265 -35.42 -25.10 16.64
CA SER L 265 -35.84 -25.75 17.87
C SER L 265 -37.36 -25.91 17.90
N LEU L 266 -38.09 -24.90 17.45
CA LEU L 266 -39.54 -24.97 17.36
C LEU L 266 -39.96 -25.54 16.02
N VAL L 267 -40.75 -26.60 16.07
CA VAL L 267 -41.30 -27.24 14.87
C VAL L 267 -42.57 -26.49 14.49
N HIS L 268 -42.62 -26.04 13.23
CA HIS L 268 -43.81 -25.38 12.70
C HIS L 268 -44.49 -26.35 11.74
N ALA L 269 -45.76 -26.63 11.99
CA ALA L 269 -46.53 -27.57 11.19
C ALA L 269 -47.84 -26.94 10.76
N ALA L 270 -48.41 -27.46 9.68
CA ALA L 270 -49.67 -26.94 9.16
C ALA L 270 -50.34 -28.06 8.36
N LEU L 271 -51.50 -28.50 8.83
CA LEU L 271 -52.29 -29.52 8.15
C LEU L 271 -53.62 -28.91 7.72
N VAL L 272 -53.90 -28.94 6.42
CA VAL L 272 -54.97 -28.12 5.87
C VAL L 272 -55.66 -28.86 4.73
N ALA L 273 -56.98 -28.72 4.64
CA ALA L 273 -57.76 -29.31 3.56
C ALA L 273 -58.49 -28.20 2.80
N GLU L 274 -58.81 -28.50 1.54
CA GLU L 274 -59.53 -27.56 0.68
C GLU L 274 -60.91 -27.27 1.24
N SER L 275 -61.14 -26.05 1.72
CA SER L 275 -62.41 -25.74 2.38
C SER L 275 -63.50 -25.37 1.36
N ALA L 276 -63.33 -24.23 0.70
CA ALA L 276 -64.31 -23.69 -0.25
C ALA L 276 -63.78 -22.37 -0.78
N ALA L 277 -64.32 -21.95 -1.92
CA ALA L 277 -63.97 -20.66 -2.49
C ALA L 277 -64.53 -19.52 -1.64
N THR L 278 -63.89 -18.36 -1.75
CA THR L 278 -64.36 -17.20 -1.00
C THR L 278 -65.65 -16.65 -1.60
N GLY L 279 -66.32 -15.79 -0.83
CA GLY L 279 -67.58 -15.22 -1.26
C GLY L 279 -68.67 -16.24 -1.43
N SER L 280 -68.78 -17.15 -0.46
CA SER L 280 -69.79 -18.21 -0.51
C SER L 280 -70.22 -18.54 0.91
N ALA L 281 -71.34 -19.24 1.02
CA ALA L 281 -71.86 -19.61 2.33
C ALA L 281 -70.88 -20.51 3.08
N GLU L 282 -70.26 -21.46 2.38
CA GLU L 282 -69.26 -22.31 3.02
C GLU L 282 -68.06 -21.49 3.47
N ALA L 283 -67.75 -20.40 2.76
CA ALA L 283 -66.65 -19.55 3.19
C ALA L 283 -66.93 -18.93 4.55
N ASN L 284 -68.14 -18.40 4.73
CA ASN L 284 -68.50 -17.83 6.03
C ASN L 284 -68.58 -18.92 7.09
N ALA L 285 -69.06 -20.11 6.72
CA ALA L 285 -69.10 -21.21 7.68
C ALA L 285 -67.71 -21.57 8.17
N PHE L 286 -66.74 -21.65 7.25
CA PHE L 286 -65.38 -21.97 7.64
C PHE L 286 -64.75 -20.83 8.43
N SER L 287 -65.10 -19.59 8.10
CA SER L 287 -64.60 -18.46 8.88
C SER L 287 -65.11 -18.53 10.33
N VAL L 288 -66.38 -18.88 10.50
CA VAL L 288 -66.92 -19.05 11.86
C VAL L 288 -66.23 -20.22 12.56
N LEU L 289 -66.02 -21.32 11.83
CA LEU L 289 -65.33 -22.47 12.41
C LEU L 289 -63.92 -22.12 12.85
N GLN L 290 -63.27 -21.20 12.14
CA GLN L 290 -61.92 -20.79 12.52
C GLN L 290 -61.90 -20.20 13.93
N HIS L 291 -62.85 -19.30 14.23
CA HIS L 291 -62.90 -18.72 15.56
C HIS L 291 -63.49 -19.67 16.59
N VAL L 292 -64.33 -20.62 16.15
CA VAL L 292 -64.78 -21.68 17.06
C VAL L 292 -63.58 -22.49 17.54
N LEU L 293 -62.70 -22.85 16.61
CA LEU L 293 -61.46 -23.53 16.97
C LEU L 293 -60.53 -22.59 17.75
N GLY L 294 -60.51 -21.32 17.37
CA GLY L 294 -59.64 -20.35 18.02
C GLY L 294 -58.47 -19.94 17.16
N ALA L 295 -58.31 -18.64 16.94
CA ALA L 295 -57.23 -18.14 16.08
C ALA L 295 -56.87 -16.74 16.58
N GLY L 296 -55.76 -16.65 17.32
CA GLY L 296 -55.26 -15.39 17.80
C GLY L 296 -55.55 -15.17 19.27
N PRO L 297 -54.54 -14.73 20.02
CA PRO L 297 -54.72 -14.45 21.45
C PRO L 297 -55.26 -13.04 21.65
N HIS L 298 -56.49 -12.96 22.15
CA HIS L 298 -57.11 -11.65 22.37
C HIS L 298 -56.41 -10.90 23.50
N VAL L 299 -56.22 -11.56 24.63
CA VAL L 299 -55.56 -10.95 25.77
C VAL L 299 -54.06 -11.22 25.68
N LYS L 300 -53.27 -10.15 25.75
CA LYS L 300 -51.82 -10.29 25.67
C LYS L 300 -51.32 -11.15 26.83
N ARG L 301 -50.45 -12.11 26.51
CA ARG L 301 -49.89 -13.04 27.50
C ARG L 301 -50.99 -13.80 28.22
N GLY L 302 -52.06 -14.14 27.49
CA GLY L 302 -53.18 -14.86 28.05
C GLY L 302 -53.02 -16.37 27.91
N SER L 303 -54.12 -17.07 28.19
CA SER L 303 -54.17 -18.52 28.08
C SER L 303 -55.17 -19.01 27.05
N ASN L 304 -55.94 -18.12 26.43
CA ASN L 304 -56.90 -18.47 25.39
C ASN L 304 -57.89 -19.52 25.89
N ALA L 305 -58.64 -19.14 26.92
CA ALA L 305 -59.60 -20.06 27.52
C ALA L 305 -60.72 -20.42 26.54
N THR L 306 -61.21 -19.44 25.78
CA THR L 306 -62.30 -19.71 24.84
C THR L 306 -61.83 -20.55 23.67
N SER L 307 -60.56 -20.43 23.28
CA SER L 307 -60.03 -21.18 22.15
C SER L 307 -60.08 -22.68 22.43
N SER L 308 -60.93 -23.39 21.70
CA SER L 308 -61.11 -24.82 21.94
C SER L 308 -59.84 -25.60 21.63
N LEU L 309 -59.13 -25.22 20.57
CA LEU L 309 -57.89 -25.91 20.21
C LEU L 309 -56.85 -25.75 21.31
N TYR L 310 -56.69 -24.53 21.82
CA TYR L 310 -55.67 -24.28 22.84
C TYR L 310 -55.96 -25.06 24.11
N GLN L 311 -57.22 -25.10 24.54
CA GLN L 311 -57.57 -25.87 25.74
C GLN L 311 -57.43 -27.37 25.48
N ALA L 312 -57.81 -27.83 24.28
CA ALA L 312 -57.72 -29.25 23.97
C ALA L 312 -56.27 -29.73 24.00
N VAL L 313 -55.35 -28.92 23.44
CA VAL L 313 -53.95 -29.34 23.44
C VAL L 313 -53.28 -29.04 24.78
N ALA L 314 -53.82 -28.11 25.56
CA ALA L 314 -53.23 -27.78 26.84
C ALA L 314 -53.23 -28.99 27.77
N LYS L 315 -54.33 -29.74 27.79
CA LYS L 315 -54.32 -31.05 28.43
C LYS L 315 -53.43 -31.98 27.63
N GLY L 316 -52.50 -32.65 28.30
CA GLY L 316 -51.49 -33.41 27.59
C GLY L 316 -50.14 -32.74 27.61
N VAL L 317 -49.78 -32.07 26.51
CA VAL L 317 -48.49 -31.39 26.43
C VAL L 317 -48.40 -30.32 27.52
N HIS L 318 -47.20 -30.15 28.05
CA HIS L 318 -46.91 -29.17 29.09
C HIS L 318 -45.63 -28.40 28.76
N GLN L 319 -45.45 -28.08 27.50
CA GLN L 319 -44.31 -27.31 27.01
C GLN L 319 -44.81 -26.18 26.13
N PRO L 320 -44.00 -25.13 25.92
CA PRO L 320 -44.41 -24.03 25.04
C PRO L 320 -44.96 -24.49 23.70
N PHE L 321 -46.22 -24.17 23.43
CA PHE L 321 -46.89 -24.62 22.23
C PHE L 321 -47.97 -23.62 21.86
N ASP L 322 -48.23 -23.50 20.55
CA ASP L 322 -49.34 -22.73 20.02
C ASP L 322 -50.04 -23.53 18.93
N VAL L 323 -51.36 -23.47 18.93
CA VAL L 323 -52.18 -24.06 17.88
C VAL L 323 -53.26 -23.06 17.51
N SER L 324 -53.52 -22.91 16.21
CA SER L 324 -54.49 -21.92 15.76
C SER L 324 -55.12 -22.38 14.46
N ALA L 325 -56.40 -22.09 14.29
CA ALA L 325 -57.05 -22.36 13.03
C ALA L 325 -56.47 -21.47 11.93
N PHE L 326 -56.39 -22.03 10.73
CA PHE L 326 -55.79 -21.36 9.58
C PHE L 326 -56.81 -21.34 8.44
N ASN L 327 -57.15 -20.14 7.98
CA ASN L 327 -58.10 -19.97 6.89
C ASN L 327 -57.50 -19.06 5.83
N ALA L 328 -57.56 -19.51 4.57
CA ALA L 328 -57.08 -18.73 3.43
C ALA L 328 -58.11 -18.91 2.32
N SER L 329 -58.95 -17.89 2.12
CA SER L 329 -60.07 -17.99 1.19
C SER L 329 -59.69 -17.26 -0.10
N TYR L 330 -59.01 -17.98 -0.98
CA TYR L 330 -58.73 -17.45 -2.31
C TYR L 330 -59.97 -17.52 -3.18
N SER L 331 -59.92 -16.82 -4.32
CA SER L 331 -61.10 -16.69 -5.17
C SER L 331 -61.55 -18.04 -5.71
N ASP L 332 -60.63 -18.79 -6.33
CA ASP L 332 -61.01 -20.06 -6.94
C ASP L 332 -61.25 -21.14 -5.90
N SER L 333 -60.38 -21.23 -4.89
CA SER L 333 -60.48 -22.28 -3.89
C SER L 333 -59.95 -21.77 -2.57
N GLY L 334 -60.31 -22.46 -1.50
CA GLY L 334 -59.88 -22.06 -0.17
C GLY L 334 -59.27 -23.17 0.65
N LEU L 335 -58.50 -22.81 1.66
CA LEU L 335 -57.79 -23.76 2.51
C LEU L 335 -58.14 -23.50 3.97
N PHE L 336 -58.50 -24.56 4.69
CA PHE L 336 -58.80 -24.46 6.11
C PHE L 336 -58.10 -25.60 6.84
N GLY L 337 -57.46 -25.28 7.96
CA GLY L 337 -56.72 -26.29 8.69
C GLY L 337 -56.20 -25.79 10.01
N ILE L 338 -55.11 -26.42 10.44
CA ILE L 338 -54.51 -26.17 11.75
C ILE L 338 -53.05 -25.80 11.55
N TYR L 339 -52.64 -24.69 12.15
CA TYR L 339 -51.24 -24.28 12.24
C TYR L 339 -50.75 -24.49 13.66
N THR L 340 -49.49 -24.90 13.79
CA THR L 340 -48.96 -25.33 15.07
C THR L 340 -47.50 -24.94 15.17
N ILE L 341 -47.11 -24.41 16.32
CA ILE L 341 -45.71 -24.16 16.66
C ILE L 341 -45.45 -24.84 18.00
N SER L 342 -44.65 -25.91 17.98
CA SER L 342 -44.50 -26.72 19.17
C SER L 342 -43.04 -27.12 19.34
N GLN L 343 -42.76 -27.81 20.45
CA GLN L 343 -41.43 -28.35 20.66
C GLN L 343 -41.19 -29.55 19.73
N ALA L 344 -39.92 -29.82 19.44
CA ALA L 344 -39.58 -30.88 18.50
C ALA L 344 -40.07 -32.24 18.98
N ALA L 345 -39.87 -32.53 20.28
CA ALA L 345 -40.28 -33.83 20.81
C ALA L 345 -41.79 -33.95 20.87
N SER L 346 -42.48 -32.87 21.24
CA SER L 346 -43.93 -32.92 21.43
C SER L 346 -44.72 -32.67 20.15
N ALA L 347 -44.03 -32.45 19.02
CA ALA L 347 -44.72 -32.10 17.78
C ALA L 347 -45.72 -33.19 17.39
N GLY L 348 -45.44 -34.44 17.74
CA GLY L 348 -46.39 -35.51 17.45
C GLY L 348 -47.71 -35.32 18.17
N ASP L 349 -47.64 -34.96 19.46
CA ASP L 349 -48.86 -34.84 20.25
C ASP L 349 -49.69 -33.63 19.81
N VAL L 350 -49.04 -32.47 19.67
CA VAL L 350 -49.76 -31.24 19.39
C VAL L 350 -50.49 -31.33 18.05
N ILE L 351 -49.85 -31.96 17.06
CA ILE L 351 -50.52 -32.18 15.78
C ILE L 351 -51.73 -33.08 15.98
N LYS L 352 -51.57 -34.15 16.76
CA LYS L 352 -52.64 -35.13 16.89
C LYS L 352 -53.80 -34.56 17.70
N SER L 353 -53.54 -34.18 18.95
CA SER L 353 -54.61 -33.76 19.85
C SER L 353 -55.44 -32.64 19.24
N ALA L 354 -54.78 -31.60 18.74
CA ALA L 354 -55.50 -30.52 18.08
C ALA L 354 -56.42 -31.06 16.98
N TYR L 355 -55.87 -31.89 16.10
CA TYR L 355 -56.70 -32.50 15.06
C TYR L 355 -57.87 -33.26 15.67
N ASP L 356 -57.62 -34.03 16.73
CA ASP L 356 -58.70 -34.76 17.38
C ASP L 356 -59.79 -33.83 17.85
N GLN L 357 -59.42 -32.63 18.32
CA GLN L 357 -60.42 -31.66 18.75
C GLN L 357 -61.40 -31.37 17.61
N VAL L 358 -60.88 -31.15 16.41
CA VAL L 358 -61.76 -30.89 15.28
C VAL L 358 -62.72 -32.05 15.07
N LYS L 359 -62.24 -33.28 15.23
CA LYS L 359 -63.13 -34.43 15.11
C LYS L 359 -64.32 -34.30 16.05
N THR L 360 -64.06 -33.89 17.30
CA THR L 360 -65.15 -33.70 18.25
C THR L 360 -66.15 -32.67 17.74
N ILE L 361 -65.66 -31.59 17.14
CA ILE L 361 -66.55 -30.60 16.56
C ILE L 361 -67.30 -31.19 15.39
N ALA L 362 -66.63 -32.06 14.61
CA ALA L 362 -67.29 -32.69 13.48
C ALA L 362 -68.43 -33.59 13.92
N GLN L 363 -68.25 -34.31 15.02
CA GLN L 363 -69.27 -35.23 15.51
C GLN L 363 -70.24 -34.53 16.47
N GLY L 364 -70.77 -33.38 16.04
CA GLY L 364 -71.79 -32.67 16.79
C GLY L 364 -71.48 -32.41 18.26
N ASN L 365 -70.46 -31.60 18.52
CA ASN L 365 -70.09 -31.19 19.87
C ASN L 365 -69.84 -29.69 19.92
N LEU L 366 -70.72 -28.93 19.27
CA LEU L 366 -70.60 -27.47 19.22
C LEU L 366 -71.78 -26.86 19.96
N SER L 367 -71.51 -26.20 21.08
CA SER L 367 -72.55 -25.51 21.82
C SER L 367 -72.97 -24.24 21.09
N ASN L 368 -74.24 -23.87 21.26
CA ASN L 368 -74.74 -22.65 20.63
C ASN L 368 -74.03 -21.41 21.17
N THR L 369 -73.69 -21.43 22.47
CA THR L 369 -72.98 -20.29 23.05
C THR L 369 -71.61 -20.10 22.41
N ASP L 370 -70.91 -21.19 22.13
CA ASP L 370 -69.63 -21.09 21.44
C ASP L 370 -69.80 -20.51 20.04
N VAL L 371 -70.87 -20.91 19.34
CA VAL L 371 -71.14 -20.36 18.02
C VAL L 371 -71.40 -18.86 18.11
N GLN L 372 -72.18 -18.43 19.10
CA GLN L 372 -72.44 -17.01 19.28
C GLN L 372 -71.15 -16.24 19.59
N ALA L 373 -70.29 -16.82 20.44
CA ALA L 373 -69.02 -16.16 20.75
C ALA L 373 -68.15 -16.04 19.51
N ALA L 374 -68.10 -17.09 18.70
CA ALA L 374 -67.32 -17.04 17.46
C ALA L 374 -67.88 -16.01 16.50
N LYS L 375 -69.21 -15.92 16.41
CA LYS L 375 -69.82 -14.90 15.55
C LYS L 375 -69.48 -13.51 16.02
N ASN L 376 -69.52 -13.28 17.35
CA ASN L 376 -69.13 -11.98 17.88
C ASN L 376 -67.67 -11.67 17.58
N LYS L 377 -66.79 -12.66 17.72
CA LYS L 377 -65.38 -12.46 17.40
C LYS L 377 -65.19 -12.13 15.93
N LEU L 378 -65.91 -12.82 15.05
CA LEU L 378 -65.80 -12.56 13.62
C LEU L 378 -66.28 -11.15 13.28
N LYS L 379 -67.42 -10.75 13.84
CA LYS L 379 -67.93 -9.40 13.59
C LYS L 379 -66.95 -8.35 14.08
N ALA L 380 -66.42 -8.54 15.29
CA ALA L 380 -65.45 -7.60 15.83
C ALA L 380 -64.21 -7.53 14.96
N GLY L 381 -63.71 -8.68 14.52
CA GLY L 381 -62.51 -8.70 13.69
C GLY L 381 -62.74 -7.99 12.36
N TYR L 382 -63.90 -8.20 11.74
CA TYR L 382 -64.16 -7.54 10.47
C TYR L 382 -64.30 -6.03 10.66
N LEU L 383 -65.07 -5.61 11.67
CA LEU L 383 -65.22 -4.18 11.92
C LEU L 383 -63.91 -3.55 12.40
N MET L 384 -62.97 -4.38 12.85
CA MET L 384 -61.72 -3.91 13.42
C MET L 384 -60.60 -3.82 12.40
N SER L 385 -60.60 -4.70 11.38
CA SER L 385 -59.65 -4.57 10.30
C SER L 385 -59.93 -3.34 9.46
N VAL L 386 -61.21 -3.07 9.15
CA VAL L 386 -61.60 -1.89 8.40
C VAL L 386 -61.56 -0.62 9.24
N GLU L 387 -61.25 -0.74 10.53
CA GLU L 387 -61.17 0.43 11.39
C GLU L 387 -60.11 1.42 10.91
N SER L 388 -58.91 0.93 10.66
CA SER L 388 -57.86 1.79 10.15
C SER L 388 -58.17 2.22 8.72
N SER L 389 -57.65 3.38 8.33
CA SER L 389 -57.87 3.89 6.99
C SER L 389 -57.29 2.95 5.94
N GLU L 390 -56.08 2.43 6.19
CA GLU L 390 -55.50 1.46 5.26
C GLU L 390 -56.31 0.17 5.24
N GLY L 391 -56.85 -0.23 6.39
CA GLY L 391 -57.71 -1.39 6.42
C GLY L 391 -58.95 -1.21 5.57
N PHE L 392 -59.60 -0.05 5.69
CA PHE L 392 -60.74 0.24 4.83
C PHE L 392 -60.33 0.28 3.36
N LEU L 393 -59.16 0.84 3.07
CA LEU L 393 -58.68 0.91 1.70
C LEU L 393 -58.55 -0.48 1.09
N ASP L 394 -57.86 -1.39 1.80
CA ASP L 394 -57.67 -2.71 1.23
C ASP L 394 -58.96 -3.52 1.23
N GLU L 395 -59.86 -3.26 2.17
CA GLU L 395 -61.16 -3.93 2.15
C GLU L 395 -61.95 -3.55 0.90
N VAL L 396 -62.02 -2.24 0.60
CA VAL L 396 -62.71 -1.79 -0.60
C VAL L 396 -62.02 -2.32 -1.85
N GLY L 397 -60.69 -2.33 -1.84
CA GLY L 397 -59.96 -2.87 -2.99
C GLY L 397 -60.27 -4.34 -3.23
N SER L 398 -60.31 -5.14 -2.16
CA SER L 398 -60.63 -6.56 -2.30
C SER L 398 -62.05 -6.75 -2.80
N GLN L 399 -63.00 -5.98 -2.25
CA GLN L 399 -64.38 -6.11 -2.71
C GLN L 399 -64.52 -5.74 -4.18
N ALA L 400 -63.85 -4.67 -4.60
CA ALA L 400 -63.93 -4.26 -6.00
C ALA L 400 -63.28 -5.29 -6.91
N LEU L 401 -62.14 -5.86 -6.48
CA LEU L 401 -61.40 -6.76 -7.35
C LEU L 401 -62.09 -8.12 -7.48
N VAL L 402 -62.57 -8.65 -6.36
CA VAL L 402 -63.11 -10.01 -6.36
C VAL L 402 -64.59 -10.01 -6.76
N ALA L 403 -65.41 -9.34 -5.96
CA ALA L 403 -66.86 -9.35 -6.19
C ALA L 403 -67.34 -8.24 -7.10
N GLY L 404 -66.62 -7.11 -7.15
CA GLY L 404 -67.08 -5.99 -7.95
C GLY L 404 -68.33 -5.33 -7.42
N SER L 405 -68.69 -5.59 -6.16
CA SER L 405 -69.88 -5.01 -5.57
C SER L 405 -69.60 -4.78 -4.09
N TYR L 406 -69.35 -3.52 -3.72
CA TYR L 406 -69.02 -3.19 -2.33
C TYR L 406 -70.29 -3.25 -1.50
N VAL L 407 -70.21 -3.94 -0.35
CA VAL L 407 -71.31 -4.02 0.58
C VAL L 407 -70.90 -3.31 1.87
N GLN L 408 -71.88 -2.72 2.54
CA GLN L 408 -71.62 -2.03 3.78
C GLN L 408 -71.21 -3.02 4.87
N PRO L 409 -70.48 -2.57 5.89
CA PRO L 409 -70.11 -3.50 6.97
C PRO L 409 -71.29 -4.16 7.64
N SER L 410 -72.43 -3.46 7.74
CA SER L 410 -73.62 -4.06 8.33
C SER L 410 -74.07 -5.27 7.52
N THR L 411 -73.95 -5.22 6.19
CA THR L 411 -74.29 -6.36 5.37
C THR L 411 -73.39 -7.56 5.69
N VAL L 412 -72.08 -7.31 5.88
CA VAL L 412 -71.16 -8.39 6.21
C VAL L 412 -71.51 -8.98 7.57
N LEU L 413 -71.86 -8.12 8.54
CA LEU L 413 -72.27 -8.64 9.85
C LEU L 413 -73.53 -9.48 9.73
N GLN L 414 -74.49 -9.04 8.91
CA GLN L 414 -75.72 -9.81 8.72
C GLN L 414 -75.41 -11.16 8.08
N GLN L 415 -74.52 -11.20 7.10
CA GLN L 415 -74.13 -12.47 6.49
C GLN L 415 -73.45 -13.37 7.51
N ILE L 416 -72.62 -12.80 8.39
CA ILE L 416 -71.97 -13.60 9.44
C ILE L 416 -73.02 -14.17 10.38
N ASP L 417 -74.02 -13.37 10.75
CA ASP L 417 -75.08 -13.87 11.63
C ASP L 417 -75.94 -14.91 10.93
N SER L 418 -75.99 -14.89 9.60
CA SER L 418 -76.83 -15.85 8.88
C SER L 418 -76.29 -17.27 9.00
N VAL L 419 -75.03 -17.43 9.41
CA VAL L 419 -74.43 -18.76 9.52
C VAL L 419 -75.05 -19.51 10.69
N ALA L 420 -75.33 -20.79 10.48
CA ALA L 420 -75.90 -21.65 11.51
C ALA L 420 -74.87 -22.67 12.00
N ASP L 421 -75.21 -23.33 13.12
CA ASP L 421 -74.30 -24.32 13.70
C ASP L 421 -74.13 -25.52 12.79
N ALA L 422 -75.20 -25.95 12.12
CA ALA L 422 -75.13 -27.12 11.26
C ALA L 422 -74.15 -26.89 10.12
N ASP L 423 -74.10 -25.66 9.58
CA ASP L 423 -73.12 -25.35 8.54
C ASP L 423 -71.70 -25.45 9.07
N VAL L 424 -71.49 -25.04 10.32
CA VAL L 424 -70.13 -25.07 10.88
C VAL L 424 -69.69 -26.51 11.13
N ILE L 425 -70.57 -27.34 11.71
CA ILE L 425 -70.20 -28.71 12.06
C ILE L 425 -70.20 -29.61 10.83
CA ASN L 426 -70.66 -29.42 7.51
C ASN L 426 -69.23 -29.01 7.16
N ALA L 427 -68.81 -27.83 7.61
CA ALA L 427 -67.46 -27.36 7.33
C ALA L 427 -66.41 -28.20 8.03
N ALA L 428 -66.63 -28.48 9.33
CA ALA L 428 -65.70 -29.35 10.04
C ALA L 428 -65.69 -30.75 9.45
N LYS L 429 -66.85 -31.26 9.06
CA LYS L 429 -66.92 -32.56 8.40
C LYS L 429 -66.14 -32.56 7.09
N LYS L 430 -66.25 -31.47 6.32
CA LYS L 430 -65.50 -31.36 5.08
C LYS L 430 -64.00 -31.36 5.34
N PHE L 431 -63.56 -30.63 6.37
CA PHE L 431 -62.15 -30.60 6.71
C PHE L 431 -61.66 -31.99 7.13
N VAL L 432 -62.46 -32.70 7.93
CA VAL L 432 -62.02 -33.99 8.44
C VAL L 432 -61.96 -35.03 7.32
N SER L 433 -63.01 -35.08 6.48
CA SER L 433 -63.10 -36.15 5.49
C SER L 433 -62.15 -35.91 4.32
N GLY L 434 -62.02 -34.66 3.88
CA GLY L 434 -61.25 -34.38 2.68
C GLY L 434 -59.78 -34.67 2.85
N ARG L 435 -59.11 -34.92 1.73
CA ARG L 435 -57.67 -35.15 1.74
C ARG L 435 -56.95 -33.86 2.13
N LYS L 436 -55.82 -34.02 2.82
CA LYS L 436 -55.15 -32.91 3.47
C LYS L 436 -53.71 -32.79 3.01
N SER L 437 -53.27 -31.54 2.89
CA SER L 437 -51.88 -31.21 2.61
C SER L 437 -51.21 -30.75 3.89
N MET L 438 -49.98 -31.21 4.11
CA MET L 438 -49.24 -30.89 5.32
C MET L 438 -47.90 -30.28 4.97
N ALA L 439 -47.52 -29.24 5.72
CA ALA L 439 -46.22 -28.62 5.58
C ALA L 439 -45.57 -28.55 6.95
N ALA L 440 -44.27 -28.84 7.01
CA ALA L 440 -43.56 -28.88 8.28
C ALA L 440 -42.17 -28.30 8.12
N SER L 441 -41.65 -27.75 9.21
CA SER L 441 -40.32 -27.18 9.24
C SER L 441 -39.76 -27.30 10.65
N GLY L 442 -38.45 -27.48 10.73
CA GLY L 442 -37.77 -27.73 11.98
C GLY L 442 -37.26 -29.16 12.07
N ASN L 443 -36.96 -29.57 13.30
CA ASN L 443 -36.53 -30.94 13.54
C ASN L 443 -37.72 -31.89 13.45
N LEU L 444 -37.94 -32.46 12.26
CA LEU L 444 -39.13 -33.25 11.97
C LEU L 444 -38.98 -34.72 12.40
N GLY L 445 -38.08 -35.02 13.33
CA GLY L 445 -37.88 -36.40 13.74
C GLY L 445 -39.07 -37.03 14.43
N HIS L 446 -40.01 -36.21 14.91
CA HIS L 446 -41.18 -36.73 15.60
C HIS L 446 -42.50 -36.25 15.00
N THR L 447 -42.47 -35.48 13.92
CA THR L 447 -43.70 -35.00 13.30
C THR L 447 -44.42 -36.15 12.61
N PRO L 448 -45.68 -36.42 12.93
CA PRO L 448 -46.41 -37.47 12.22
C PRO L 448 -46.66 -37.07 10.77
N PHE L 449 -46.69 -38.07 9.91
CA PHE L 449 -46.92 -37.82 8.49
C PHE L 449 -48.41 -37.73 8.21
N VAL L 450 -48.74 -37.19 7.03
CA VAL L 450 -50.14 -36.98 6.67
C VAL L 450 -50.91 -38.28 6.63
N ASP L 451 -50.23 -39.40 6.37
CA ASP L 451 -50.88 -40.70 6.34
C ASP L 451 -51.36 -41.13 7.72
N GLU L 452 -50.86 -40.51 8.79
CA GLU L 452 -51.29 -40.83 10.13
C GLU L 452 -51.69 -39.58 10.91
N MET M 1 -18.69 12.22 -0.65
CA MET M 1 -18.98 10.86 -1.06
C MET M 1 -18.26 9.89 -0.13
N THR M 2 -16.94 10.00 -0.08
CA THR M 2 -16.11 9.17 0.78
C THR M 2 -15.12 10.05 1.52
N ASN M 3 -14.64 9.54 2.66
CA ASN M 3 -13.70 10.29 3.47
C ASN M 3 -12.36 10.41 2.73
N ILE M 4 -11.84 11.64 2.66
CA ILE M 4 -10.57 11.88 2.00
C ILE M 4 -9.43 11.24 2.79
N ARG M 5 -9.57 11.16 4.11
CA ARG M 5 -8.52 10.61 4.96
C ARG M 5 -8.16 9.18 4.55
N LYS M 6 -9.16 8.38 4.18
CA LYS M 6 -8.92 6.98 3.82
C LYS M 6 -9.18 6.71 2.34
N SER M 7 -9.19 7.74 1.51
CA SER M 7 -9.35 7.56 0.07
C SER M 7 -8.25 8.21 -0.74
N HIS M 8 -7.77 9.39 -0.32
CA HIS M 8 -6.69 10.05 -1.04
C HIS M 8 -5.40 9.23 -0.88
N PRO M 9 -4.59 9.11 -1.95
CA PRO M 9 -3.42 8.23 -1.89
C PRO M 9 -2.45 8.56 -0.77
N LEU M 10 -1.91 9.78 -0.78
CA LEU M 10 -1.01 10.20 0.27
C LEU M 10 -1.72 10.22 1.62
N MET M 11 -2.96 10.70 1.64
CA MET M 11 -3.70 10.77 2.88
C MET M 11 -4.01 9.39 3.43
N LYS M 12 -4.18 8.39 2.56
CA LYS M 12 -4.36 7.02 3.05
C LYS M 12 -3.12 6.53 3.78
N ILE M 13 -1.94 6.79 3.21
CA ILE M 13 -0.70 6.38 3.86
C ILE M 13 -0.53 7.10 5.18
N ILE M 14 -0.78 8.41 5.20
CA ILE M 14 -0.66 9.15 6.45
C ILE M 14 -1.67 8.65 7.49
N ASN M 15 -2.89 8.36 7.06
CA ASN M 15 -3.93 7.90 7.96
C ASN M 15 -3.56 6.56 8.60
N ASN M 16 -3.16 5.59 7.77
CA ASN M 16 -2.87 4.25 8.29
C ASN M 16 -1.45 4.12 8.81
N ALA M 17 -0.66 5.20 8.77
CA ALA M 17 0.67 5.17 9.37
C ALA M 17 0.74 5.95 10.67
N PHE M 18 -0.05 7.01 10.80
CA PHE M 18 0.04 7.89 11.96
C PHE M 18 -1.28 8.26 12.61
N ILE M 19 -2.40 8.16 11.91
CA ILE M 19 -3.66 8.67 12.46
C ILE M 19 -4.49 7.52 13.01
N ASP M 20 -4.74 6.51 12.18
CA ASP M 20 -5.56 5.37 12.59
C ASP M 20 -4.73 4.08 12.70
N LEU M 21 -3.43 4.22 12.94
CA LEU M 21 -2.60 3.04 13.13
C LEU M 21 -2.91 2.41 14.48
N PRO M 22 -3.30 1.14 14.53
CA PRO M 22 -3.59 0.51 15.82
C PRO M 22 -2.34 0.27 16.64
N ALA M 23 -2.14 1.08 17.67
CA ALA M 23 -0.97 0.95 18.53
C ALA M 23 -1.35 0.32 19.86
N PRO M 24 -0.41 -0.37 20.51
CA PRO M 24 -0.73 -0.99 21.81
C PRO M 24 -1.15 0.06 22.82
N SER M 25 -2.10 -0.32 23.68
CA SER M 25 -2.72 0.65 24.58
C SER M 25 -1.82 1.02 25.75
N ASN M 26 -0.78 0.23 26.04
CA ASN M 26 -0.02 0.44 27.27
C ASN M 26 1.47 0.62 26.99
N ILE M 27 1.84 1.18 25.85
CA ILE M 27 3.25 1.47 25.62
C ILE M 27 3.70 2.55 26.59
N SER M 28 4.88 2.35 27.17
CA SER M 28 5.38 3.27 28.19
C SER M 28 6.02 4.48 27.50
N SER M 29 6.62 5.37 28.30
CA SER M 29 7.33 6.50 27.74
C SER M 29 8.55 6.08 26.93
N TRP M 30 9.10 4.90 27.22
CA TRP M 30 10.30 4.45 26.51
C TRP M 30 10.07 4.34 25.01
N TRP M 31 8.87 3.97 24.60
CA TRP M 31 8.55 3.90 23.18
C TRP M 31 8.54 5.27 22.53
N ASN M 32 8.21 6.32 23.29
CA ASN M 32 8.13 7.67 22.76
C ASN M 32 9.46 8.10 22.15
N PHE M 33 10.58 7.55 22.66
CA PHE M 33 11.89 7.88 22.12
C PHE M 33 12.02 7.58 20.63
N GLY M 34 11.13 6.74 20.09
CA GLY M 34 11.08 6.61 18.64
C GLY M 34 10.80 7.93 17.97
N SER M 35 9.65 8.54 18.28
CA SER M 35 9.26 9.78 17.61
C SER M 35 10.30 10.87 17.82
N LEU M 36 10.80 11.02 19.05
CA LEU M 36 11.86 11.99 19.31
C LEU M 36 12.99 11.86 18.30
N LEU M 37 13.43 10.63 18.05
CA LEU M 37 14.51 10.42 17.09
C LEU M 37 14.17 11.08 15.76
N GLY M 38 12.99 10.77 15.22
CA GLY M 38 12.58 11.42 13.98
C GLY M 38 12.57 12.93 14.11
N ILE M 39 12.00 13.43 15.20
CA ILE M 39 12.03 14.87 15.44
C ILE M 39 13.47 15.34 15.56
N CYS M 40 14.29 14.59 16.32
CA CYS M 40 15.68 14.99 16.49
C CYS M 40 16.42 14.95 15.16
N LEU M 41 15.84 14.27 14.17
CA LEU M 41 16.35 14.39 12.81
C LEU M 41 15.93 15.74 12.22
N ILE M 42 14.62 15.97 12.09
CA ILE M 42 14.13 17.17 11.41
C ILE M 42 14.66 18.41 12.10
N LEU M 43 14.49 18.49 13.43
CA LEU M 43 14.95 19.65 14.19
C LEU M 43 16.42 19.92 13.92
N GLN M 44 17.21 18.86 13.74
CA GLN M 44 18.63 19.03 13.48
C GLN M 44 18.95 19.19 12.00
N ILE M 45 18.10 18.67 11.10
CA ILE M 45 18.35 18.87 9.69
C ILE M 45 18.13 20.33 9.30
N LEU M 46 17.02 20.92 9.75
CA LEU M 46 16.73 22.31 9.43
C LEU M 46 17.85 23.22 9.91
N THR M 47 18.32 23.00 11.13
CA THR M 47 19.49 23.74 11.60
C THR M 47 20.71 23.45 10.74
N GLY M 48 20.92 22.17 10.42
CA GLY M 48 22.10 21.79 9.66
C GLY M 48 22.16 22.45 8.30
N LEU M 49 21.00 22.65 7.66
CA LEU M 49 20.97 23.36 6.39
C LEU M 49 21.41 24.80 6.56
N PHE M 50 20.98 25.45 7.65
CA PHE M 50 21.25 26.88 7.80
C PHE M 50 22.72 27.15 8.07
N LEU M 51 23.46 26.20 8.65
CA LEU M 51 24.90 26.36 8.71
C LEU M 51 25.54 26.19 7.34
N ALA M 52 24.96 25.32 6.50
CA ALA M 52 25.51 25.12 5.15
C ALA M 52 25.43 26.37 4.30
N MET M 53 24.62 27.34 4.71
CA MET M 53 24.47 28.59 3.98
C MET M 53 25.42 29.69 4.46
N HIS M 54 26.31 29.37 5.40
CA HIS M 54 27.35 30.30 5.84
C HIS M 54 28.68 29.61 6.08
N TYR M 55 28.80 28.32 5.76
CA TYR M 55 30.00 27.53 6.02
C TYR M 55 30.67 27.19 4.70
N THR M 56 31.88 27.70 4.51
CA THR M 56 32.71 27.34 3.36
C THR M 56 33.62 26.19 3.74
N SER M 57 33.65 25.16 2.90
CA SER M 57 34.32 23.91 3.23
C SER M 57 35.82 23.95 3.00
N ASP M 58 36.35 25.05 2.47
CA ASP M 58 37.79 25.15 2.25
C ASP M 58 38.52 25.06 3.57
N THR M 59 39.65 24.34 3.57
CA THR M 59 40.41 24.14 4.81
C THR M 59 40.98 25.45 5.33
N THR M 60 41.45 26.32 4.45
CA THR M 60 42.04 27.58 4.87
C THR M 60 41.03 28.52 5.52
N THR M 61 39.73 28.27 5.36
CA THR M 61 38.73 29.19 5.91
C THR M 61 37.53 28.48 6.53
N ALA M 62 37.62 27.19 6.85
CA ALA M 62 36.49 26.51 7.48
C ALA M 62 36.27 27.01 8.91
N PHE M 63 37.35 27.05 9.70
CA PHE M 63 37.21 27.48 11.09
C PHE M 63 36.80 28.95 11.18
N SER M 64 37.37 29.79 10.32
CA SER M 64 36.96 31.19 10.29
C SER M 64 35.51 31.32 9.88
N SER M 65 35.05 30.45 8.97
CA SER M 65 33.63 30.46 8.60
C SER M 65 32.76 30.09 9.79
N VAL M 66 33.16 29.09 10.58
CA VAL M 66 32.39 28.70 11.75
C VAL M 66 32.35 29.83 12.77
N THR M 67 33.49 30.49 12.98
CA THR M 67 33.51 31.63 13.90
C THR M 67 32.63 32.76 13.40
N HIS M 68 32.62 32.99 12.08
CA HIS M 68 31.73 33.99 11.49
C HIS M 68 30.27 33.61 11.71
N ILE M 69 29.94 32.32 11.60
CA ILE M 69 28.58 31.87 11.89
C ILE M 69 28.22 32.17 13.33
N CYS M 70 29.12 31.87 14.27
CA CYS M 70 28.82 32.05 15.68
C CYS M 70 28.88 33.51 16.12
N ARG M 71 29.51 34.38 15.32
CA ARG M 71 29.79 35.74 15.76
C ARG M 71 29.11 36.82 14.93
N ASP M 72 28.84 36.57 13.65
CA ASP M 72 28.36 37.63 12.76
C ASP M 72 26.94 37.41 12.30
N VAL M 73 26.58 36.18 11.93
CA VAL M 73 25.23 35.92 11.41
C VAL M 73 24.20 36.19 12.48
N ASN M 74 23.05 36.72 12.07
CA ASN M 74 21.95 36.98 13.00
C ASN M 74 21.51 35.69 13.64
N TYR M 75 21.69 35.60 14.97
CA TYR M 75 21.32 34.42 15.74
C TYR M 75 22.04 33.16 15.25
N GLY M 76 23.26 33.34 14.73
CA GLY M 76 24.00 32.20 14.22
C GLY M 76 24.42 31.23 15.31
N TRP M 77 24.80 31.75 16.47
CA TRP M 77 25.22 30.90 17.58
C TRP M 77 24.10 29.97 18.01
N VAL M 78 22.85 30.45 17.98
CA VAL M 78 21.72 29.59 18.29
C VAL M 78 21.71 28.39 17.37
N ILE M 79 21.85 28.61 16.07
CA ILE M 79 21.80 27.52 15.11
C ILE M 79 22.98 26.57 15.32
N ARG M 80 24.18 27.12 15.51
CA ARG M 80 25.37 26.28 15.64
C ARG M 80 25.27 25.37 16.86
N TYR M 81 25.00 25.96 18.03
CA TYR M 81 24.93 25.15 19.24
C TYR M 81 23.70 24.26 19.27
N LEU M 82 22.58 24.69 18.67
CA LEU M 82 21.44 23.80 18.52
C LEU M 82 21.82 22.58 17.70
N HIS M 83 22.59 22.78 16.63
CA HIS M 83 23.04 21.66 15.81
C HIS M 83 23.89 20.70 16.62
N ALA M 84 24.90 21.23 17.32
CA ALA M 84 25.81 20.36 18.07
C ALA M 84 25.08 19.58 19.16
N ASN M 85 24.34 20.29 20.01
CA ASN M 85 23.65 19.61 21.10
C ASN M 85 22.48 18.78 20.60
N GLY M 86 21.92 19.09 19.43
CA GLY M 86 20.93 18.22 18.84
C GLY M 86 21.52 16.91 18.37
N ALA M 87 22.74 16.94 17.84
CA ALA M 87 23.44 15.69 17.55
C ALA M 87 23.69 14.90 18.83
N SER M 88 24.10 15.59 19.89
CA SER M 88 24.30 14.91 21.17
C SER M 88 23.02 14.26 21.68
N MET M 89 21.90 14.99 21.62
CA MET M 89 20.63 14.42 22.03
C MET M 89 20.16 13.33 21.09
N PHE M 90 20.49 13.41 19.81
CA PHE M 90 20.17 12.35 18.88
C PHE M 90 20.86 11.06 19.31
N PHE M 91 22.12 11.15 19.73
CA PHE M 91 22.79 9.95 20.21
C PHE M 91 22.25 9.47 21.55
N ILE M 92 21.89 10.40 22.45
CA ILE M 92 21.26 9.99 23.71
C ILE M 92 19.98 9.20 23.44
N CYS M 93 19.11 9.76 22.59
CA CYS M 93 17.86 9.11 22.27
C CYS M 93 18.08 7.80 21.51
N LEU M 94 19.12 7.73 20.68
CA LEU M 94 19.42 6.49 19.98
C LEU M 94 19.82 5.39 20.94
N PHE M 95 20.68 5.72 21.91
CA PHE M 95 21.08 4.74 22.91
C PHE M 95 19.88 4.29 23.74
N ILE M 96 19.02 5.24 24.13
CA ILE M 96 17.83 4.87 24.90
C ILE M 96 16.90 4.00 24.07
N HIS M 97 16.77 4.30 22.78
CA HIS M 97 15.92 3.51 21.89
C HIS M 97 16.44 2.09 21.73
N VAL M 98 17.76 1.94 21.56
CA VAL M 98 18.34 0.61 21.47
C VAL M 98 18.18 -0.13 22.78
N GLY M 99 18.33 0.56 23.91
CA GLY M 99 18.09 -0.07 25.19
C GLY M 99 16.66 -0.56 25.33
N ARG M 100 15.70 0.25 24.88
CA ARG M 100 14.30 -0.17 24.92
C ARG M 100 14.09 -1.41 24.04
N GLY M 101 14.62 -1.38 22.82
CA GLY M 101 14.43 -2.50 21.91
C GLY M 101 15.04 -3.79 22.44
N LEU M 102 16.25 -3.70 22.99
CA LEU M 102 16.88 -4.88 23.58
C LEU M 102 16.12 -5.36 24.80
N TYR M 103 15.67 -4.43 25.65
CA TYR M 103 14.98 -4.79 26.88
C TYR M 103 13.66 -5.48 26.60
N TYR M 104 12.69 -4.78 26.04
CA TYR M 104 11.35 -5.32 25.92
C TYR M 104 11.20 -6.32 24.79
N GLY M 105 12.31 -6.85 24.26
CA GLY M 105 12.24 -7.91 23.29
C GLY M 105 11.80 -7.49 21.91
N SER M 106 11.83 -6.19 21.62
CA SER M 106 11.46 -5.73 20.28
C SER M 106 12.39 -6.23 19.19
N TYR M 107 13.61 -6.62 19.55
CA TYR M 107 14.57 -7.14 18.57
C TYR M 107 14.11 -8.43 17.92
N MET M 108 12.96 -8.98 18.33
CA MET M 108 12.37 -10.12 17.66
C MET M 108 11.57 -9.72 16.42
N PHE M 109 11.54 -8.43 16.08
CA PHE M 109 10.87 -7.98 14.87
C PHE M 109 11.73 -8.13 13.62
N LEU M 110 12.96 -8.62 13.76
CA LEU M 110 13.81 -8.98 12.64
C LEU M 110 14.10 -7.81 11.71
N GLU M 111 13.31 -7.67 10.65
CA GLU M 111 13.59 -6.69 9.61
C GLU M 111 13.77 -5.29 10.19
N THR M 112 12.86 -4.89 11.09
CA THR M 112 12.98 -3.58 11.72
C THR M 112 14.27 -3.48 12.52
N TRP M 113 14.67 -4.56 13.20
CA TRP M 113 15.89 -4.52 14.00
C TRP M 113 17.13 -4.33 13.13
N ASN M 114 17.24 -5.09 12.04
CA ASN M 114 18.39 -4.95 11.15
C ASN M 114 18.41 -3.58 10.49
N ILE M 115 17.24 -3.09 10.06
CA ILE M 115 17.17 -1.76 9.48
C ILE M 115 17.60 -0.71 10.50
N GLY M 116 17.22 -0.92 11.76
CA GLY M 116 17.67 -0.01 12.81
C GLY M 116 19.17 -0.05 13.01
N VAL M 117 19.77 -1.24 12.91
CA VAL M 117 21.22 -1.35 13.01
C VAL M 117 21.88 -0.57 11.87
N VAL M 118 21.35 -0.70 10.66
CA VAL M 118 21.90 0.04 9.53
C VAL M 118 21.75 1.55 9.75
N LEU M 119 20.60 1.97 10.26
CA LEU M 119 20.40 3.38 10.59
C LEU M 119 21.41 3.86 11.62
N LEU M 120 21.65 3.05 12.64
CA LEU M 120 22.64 3.39 13.67
C LEU M 120 24.01 3.58 13.05
N PHE M 121 24.41 2.66 12.18
CA PHE M 121 25.71 2.81 11.51
C PHE M 121 25.76 4.09 10.68
N THR M 122 24.69 4.38 9.95
CA THR M 122 24.70 5.54 9.06
C THR M 122 24.81 6.84 9.86
N VAL M 123 23.98 7.00 10.89
CA VAL M 123 24.02 8.23 11.66
C VAL M 123 25.31 8.32 12.47
N MET M 124 25.82 7.18 12.93
CA MET M 124 27.05 7.18 13.73
C MET M 124 28.25 7.53 12.88
N ALA M 125 28.20 7.21 11.58
CA ALA M 125 29.24 7.70 10.67
C ALA M 125 29.02 9.18 10.33
N THR M 126 27.75 9.58 10.20
CA THR M 126 27.45 10.97 9.84
C THR M 126 27.94 11.94 10.90
N ALA M 127 27.76 11.59 12.18
CA ALA M 127 28.24 12.45 13.25
C ALA M 127 29.76 12.57 13.24
N PHE M 128 30.45 11.46 12.98
CA PHE M 128 31.90 11.50 12.86
C PHE M 128 32.33 12.43 11.73
N MET M 129 31.63 12.36 10.60
CA MET M 129 31.93 13.27 9.50
C MET M 129 31.69 14.71 9.92
N GLY M 130 30.58 14.97 10.60
CA GLY M 130 30.25 16.33 10.98
C GLY M 130 31.24 16.93 11.95
N TYR M 131 31.78 16.12 12.86
CA TYR M 131 32.73 16.64 13.84
C TYR M 131 33.99 17.20 13.18
N VAL M 132 34.37 16.65 12.03
CA VAL M 132 35.58 17.11 11.35
C VAL M 132 35.40 18.50 10.75
N LEU M 133 34.18 18.82 10.31
CA LEU M 133 33.94 20.04 9.53
C LEU M 133 34.42 21.33 10.20
N PRO M 134 34.22 21.57 11.50
CA PRO M 134 34.75 22.83 12.08
C PRO M 134 36.26 22.96 11.97
N TRP M 135 36.97 21.84 11.77
CA TRP M 135 38.42 21.86 11.57
C TRP M 135 39.14 22.44 12.78
N GLY M 136 38.79 21.92 13.97
CA GLY M 136 39.52 22.23 15.17
C GLY M 136 40.65 21.26 15.41
N GLN M 137 41.35 21.46 16.53
CA GLN M 137 42.46 20.57 16.87
C GLN M 137 41.96 19.15 17.10
N MET M 138 40.97 18.97 17.97
CA MET M 138 40.37 17.65 18.14
C MET M 138 39.71 17.15 16.88
N SER M 139 39.04 18.01 16.11
CA SER M 139 38.43 17.55 14.87
C SER M 139 39.48 16.91 13.96
N PHE M 140 40.55 17.65 13.66
CA PHE M 140 41.57 17.16 12.74
C PHE M 140 42.27 15.93 13.28
N TRP M 141 42.70 15.97 14.56
CA TRP M 141 43.50 14.87 15.08
C TRP M 141 42.67 13.62 15.33
N GLY M 142 41.43 13.78 15.81
CA GLY M 142 40.55 12.64 15.94
C GLY M 142 40.21 12.02 14.60
N ALA M 143 39.99 12.86 13.58
CA ALA M 143 39.81 12.32 12.24
C ALA M 143 41.04 11.55 11.77
N THR M 144 42.23 12.10 12.03
CA THR M 144 43.47 11.41 11.68
C THR M 144 43.54 10.04 12.33
N VAL M 145 43.32 9.98 13.64
CA VAL M 145 43.43 8.72 14.37
C VAL M 145 42.38 7.72 13.90
N ILE M 146 41.13 8.18 13.76
CA ILE M 146 40.04 7.26 13.43
C ILE M 146 40.21 6.73 12.01
N THR M 147 40.68 7.57 11.08
CA THR M 147 40.89 7.10 9.73
C THR M 147 42.11 6.19 9.63
N ASN M 148 43.20 6.54 10.32
CA ASN M 148 44.37 5.68 10.37
C ASN M 148 44.06 4.34 11.01
N LEU M 149 43.04 4.29 11.86
CA LEU M 149 42.57 3.04 12.44
C LEU M 149 42.28 2.01 11.35
N LEU M 150 41.77 2.46 10.20
CA LEU M 150 41.44 1.57 9.10
C LEU M 150 42.67 0.94 8.44
N SER M 151 43.87 1.45 8.72
CA SER M 151 45.06 0.90 8.09
C SER M 151 45.38 -0.51 8.57
N ALA M 152 44.76 -0.98 9.65
CA ALA M 152 45.02 -2.31 10.16
C ALA M 152 44.47 -3.40 9.26
N ILE M 153 43.62 -3.05 8.30
CA ILE M 153 43.05 -4.05 7.40
C ILE M 153 44.17 -4.69 6.59
N PRO M 154 44.22 -6.01 6.44
CA PRO M 154 45.33 -6.64 5.73
C PRO M 154 45.32 -6.27 4.25
N TYR M 155 46.52 -6.29 3.67
CA TYR M 155 46.70 -6.10 2.23
C TYR M 155 46.19 -4.74 1.76
N ILE M 156 44.92 -4.68 1.37
CA ILE M 156 44.37 -3.48 0.77
C ILE M 156 44.19 -2.33 1.76
N GLY M 157 44.30 -2.60 3.06
CA GLY M 157 44.02 -1.62 4.10
C GLY M 157 44.56 -0.24 3.84
N THR M 158 45.89 -0.11 3.76
CA THR M 158 46.50 1.19 3.52
C THR M 158 45.95 1.85 2.26
N ASP M 159 45.78 1.06 1.20
CA ASP M 159 45.22 1.61 -0.04
C ASP M 159 43.86 2.22 0.20
N LEU M 160 43.01 1.53 0.98
CA LEU M 160 41.72 2.11 1.33
C LEU M 160 41.89 3.42 2.09
N VAL M 161 42.83 3.45 3.04
CA VAL M 161 43.10 4.70 3.75
C VAL M 161 43.73 5.71 2.80
N GLU M 162 44.39 5.23 1.74
CA GLU M 162 44.90 6.15 0.73
C GLU M 162 43.75 6.79 -0.05
N TRP M 163 42.59 6.11 -0.08
CA TRP M 163 41.49 6.52 -0.93
C TRP M 163 40.48 7.37 -0.16
N ILE M 164 39.96 6.83 0.94
CA ILE M 164 38.98 7.55 1.75
C ILE M 164 39.58 8.86 2.27
N TRP M 165 40.82 8.80 2.72
CA TRP M 165 41.48 9.87 3.44
C TRP M 165 42.19 10.85 2.51
N GLY M 166 42.11 10.63 1.20
CA GLY M 166 42.68 11.53 0.22
C GLY M 166 44.17 11.45 0.07
N GLY M 167 44.81 10.38 0.56
CA GLY M 167 46.26 10.35 0.58
C GLY M 167 46.79 11.37 1.56
N PHE M 168 48.09 11.64 1.47
CA PHE M 168 48.69 12.74 2.21
C PHE M 168 48.40 12.66 3.70
N SER M 169 47.68 13.65 4.20
CA SER M 169 47.12 13.66 5.54
C SER M 169 45.71 14.22 5.45
N VAL M 170 45.08 14.45 6.60
CA VAL M 170 43.75 15.04 6.58
C VAL M 170 43.91 16.49 6.15
N ASP M 171 43.56 16.76 4.89
CA ASP M 171 43.88 18.03 4.24
C ASP M 171 42.69 18.46 3.40
N LYS M 172 42.94 19.38 2.47
CA LYS M 172 41.88 20.10 1.77
C LYS M 172 40.84 19.16 1.18
N ALA M 173 41.28 18.12 0.48
CA ALA M 173 40.33 17.20 -0.15
C ALA M 173 39.47 16.48 0.89
N THR M 174 40.08 16.11 2.01
CA THR M 174 39.34 15.38 3.04
C THR M 174 38.19 16.20 3.60
N LEU M 175 38.42 17.49 3.85
CA LEU M 175 37.36 18.34 4.38
C LEU M 175 36.18 18.42 3.41
N THR M 176 36.47 18.62 2.12
CA THR M 176 35.41 18.76 1.15
C THR M 176 34.61 17.46 1.02
N ARG M 177 35.29 16.32 0.93
CA ARG M 177 34.55 15.08 0.79
C ARG M 177 33.78 14.74 2.05
N PHE M 178 34.33 15.07 3.22
CA PHE M 178 33.61 14.86 4.46
C PHE M 178 32.35 15.72 4.51
N PHE M 179 32.44 16.98 4.06
CA PHE M 179 31.27 17.83 4.01
C PHE M 179 30.22 17.25 3.06
N ALA M 180 30.64 16.80 1.88
CA ALA M 180 29.70 16.27 0.90
C ALA M 180 28.99 15.03 1.44
N PHE M 181 29.75 14.11 2.04
CA PHE M 181 29.14 12.91 2.61
C PHE M 181 28.25 13.25 3.80
N HIS M 182 28.69 14.20 4.64
CA HIS M 182 27.88 14.66 5.76
C HIS M 182 26.55 15.21 5.28
N PHE M 183 26.54 15.87 4.14
CA PHE M 183 25.32 16.40 3.57
C PHE M 183 24.42 15.31 2.98
N ILE M 184 25.00 14.38 2.22
CA ILE M 184 24.18 13.38 1.53
C ILE M 184 23.58 12.38 2.52
N LEU M 185 24.36 11.95 3.51
CA LEU M 185 23.97 10.79 4.33
C LEU M 185 22.62 10.95 5.03
N PRO M 186 22.29 12.07 5.68
CA PRO M 186 21.03 12.12 6.43
C PRO M 186 19.78 11.92 5.59
N PHE M 187 19.83 12.21 4.29
CA PHE M 187 18.69 11.87 3.45
C PHE M 187 18.56 10.36 3.28
N ILE M 188 19.68 9.66 3.17
CA ILE M 188 19.66 8.21 3.21
C ILE M 188 19.11 7.72 4.55
N ILE M 189 19.45 8.42 5.64
CA ILE M 189 18.90 8.08 6.94
C ILE M 189 17.39 8.25 6.95
N THR M 190 16.90 9.31 6.32
CA THR M 190 15.46 9.53 6.24
C THR M 190 14.77 8.41 5.46
N ALA M 191 15.34 8.02 4.32
CA ALA M 191 14.76 6.93 3.55
C ALA M 191 14.77 5.63 4.34
N LEU M 192 15.88 5.35 5.04
CA LEU M 192 15.96 4.13 5.83
C LEU M 192 15.01 4.17 7.02
N ALA M 193 14.74 5.36 7.58
CA ALA M 193 13.76 5.47 8.65
C ALA M 193 12.35 5.22 8.13
N ALA M 194 12.06 5.69 6.92
CA ALA M 194 10.78 5.37 6.30
C ALA M 194 10.63 3.87 6.11
N VAL M 195 11.70 3.21 5.64
CA VAL M 195 11.68 1.75 5.51
C VAL M 195 11.54 1.08 6.88
N HIS M 196 12.15 1.67 7.92
CA HIS M 196 12.04 1.13 9.26
C HIS M 196 10.60 1.13 9.74
N LEU M 197 9.90 2.26 9.58
CA LEU M 197 8.49 2.30 9.92
C LEU M 197 7.67 1.36 9.06
N LEU M 198 7.99 1.26 7.77
CA LEU M 198 7.25 0.37 6.89
C LEU M 198 7.37 -1.08 7.36
N PHE M 199 8.56 -1.49 7.78
CA PHE M 199 8.73 -2.84 8.32
C PHE M 199 8.08 -2.98 9.69
N LEU M 200 8.02 -1.90 10.47
CA LEU M 200 7.43 -1.98 11.80
C LEU M 200 5.91 -2.16 11.73
N HIS M 201 5.27 -1.51 10.77
CA HIS M 201 3.82 -1.34 10.83
C HIS M 201 3.03 -2.64 10.71
N GLU M 202 3.43 -3.55 9.82
CA GLU M 202 2.61 -4.75 9.64
C GLU M 202 2.72 -5.70 10.82
N THR M 203 3.70 -5.50 11.70
CA THR M 203 3.80 -6.29 12.91
C THR M 203 3.15 -5.62 14.10
N GLY M 204 2.84 -4.32 13.99
CA GLY M 204 2.26 -3.59 15.10
C GLY M 204 3.33 -2.95 15.95
N SER M 205 3.33 -3.27 17.25
CA SER M 205 4.39 -2.81 18.14
C SER M 205 4.45 -3.74 19.34
N ASN M 206 5.60 -3.76 19.99
CA ASN M 206 5.82 -4.61 21.16
C ASN M 206 5.47 -3.82 22.41
N ASN M 207 4.40 -4.22 23.09
CA ASN M 207 4.03 -3.60 24.35
C ASN M 207 4.99 -4.04 25.46
N PRO M 208 5.04 -3.29 26.58
CA PRO M 208 5.99 -3.65 27.65
C PRO M 208 5.85 -5.09 28.15
N THR M 209 4.64 -5.62 28.24
CA THR M 209 4.45 -6.98 28.72
C THR M 209 5.01 -8.02 27.75
N GLY M 210 5.22 -7.66 26.49
CA GLY M 210 5.68 -8.59 25.49
C GLY M 210 4.62 -9.47 24.89
N ILE M 211 3.41 -9.48 25.46
CA ILE M 211 2.32 -10.25 24.90
C ILE M 211 1.73 -9.49 23.71
N SER M 212 1.09 -10.24 22.81
CA SER M 212 0.39 -9.61 21.70
C SER M 212 -0.71 -8.70 22.22
N SER M 213 -0.77 -7.48 21.70
CA SER M 213 -1.74 -6.48 22.13
C SER M 213 -2.84 -6.28 21.10
N ASP M 214 -3.18 -7.33 20.34
CA ASP M 214 -4.22 -7.21 19.33
C ASP M 214 -5.61 -7.06 19.92
N MET M 215 -5.79 -7.33 21.21
CA MET M 215 -7.07 -7.19 21.87
C MET M 215 -7.23 -5.86 22.59
N ASP M 216 -6.24 -4.96 22.48
CA ASP M 216 -6.34 -3.67 23.15
C ASP M 216 -5.81 -2.52 22.29
N LYS M 217 -5.77 -2.69 20.97
CA LYS M 217 -5.27 -1.63 20.11
C LYS M 217 -6.18 -0.41 20.17
N ILE M 218 -5.56 0.77 20.17
CA ILE M 218 -6.28 2.04 20.21
C ILE M 218 -5.79 2.92 19.06
N PRO M 219 -6.60 3.84 18.56
CA PRO M 219 -6.15 4.69 17.45
C PRO M 219 -4.99 5.60 17.87
N PHE M 220 -4.12 5.88 16.92
CA PHE M 220 -2.90 6.63 17.22
C PHE M 220 -3.20 8.12 17.45
N HIS M 221 -4.02 8.72 16.59
CA HIS M 221 -4.12 10.18 16.59
C HIS M 221 -4.62 10.77 17.90
N PRO M 222 -5.72 10.33 18.50
CA PRO M 222 -6.21 11.03 19.70
C PRO M 222 -5.21 11.02 20.86
N TYR M 223 -4.46 9.93 21.04
CA TYR M 223 -3.66 9.74 22.24
C TYR M 223 -2.16 9.89 21.99
N TYR M 224 -1.62 9.09 21.07
CA TYR M 224 -0.17 9.02 20.96
C TYR M 224 0.41 10.25 20.26
N THR M 225 -0.37 10.94 19.45
CA THR M 225 0.11 12.20 18.89
C THR M 225 0.43 13.20 20.00
N ILE M 226 -0.51 13.39 20.93
CA ILE M 226 -0.27 14.33 22.02
C ILE M 226 0.78 13.78 22.99
N LYS M 227 0.84 12.46 23.16
CA LYS M 227 1.87 11.89 24.02
C LYS M 227 3.27 12.16 23.48
N ASP M 228 3.46 11.92 22.18
CA ASP M 228 4.76 12.19 21.57
C ASP M 228 5.03 13.69 21.48
N ILE M 229 3.98 14.50 21.40
CA ILE M 229 4.17 15.95 21.45
C ILE M 229 4.73 16.36 22.80
N LEU M 230 4.17 15.82 23.89
CA LEU M 230 4.69 16.12 25.22
C LEU M 230 6.12 15.60 25.37
N GLY M 231 6.40 14.41 24.84
CA GLY M 231 7.76 13.89 24.89
C GLY M 231 8.73 14.76 24.12
N ALA M 232 8.34 15.23 22.94
CA ALA M 232 9.19 16.10 22.15
C ALA M 232 9.40 17.43 22.86
N LEU M 233 8.39 17.89 23.61
CA LEU M 233 8.55 19.13 24.36
C LEU M 233 9.51 18.94 25.52
N PHE M 234 9.48 17.78 26.17
CA PHE M 234 10.49 17.47 27.20
C PHE M 234 11.89 17.41 26.60
N MET M 235 12.02 16.78 25.43
CA MET M 235 13.32 16.76 24.76
C MET M 235 13.75 18.16 24.37
N MET M 236 12.79 19.02 24.02
CA MET M 236 13.07 20.44 23.83
C MET M 236 13.61 21.06 25.11
N LEU M 237 13.02 20.71 26.26
CA LEU M 237 13.51 21.21 27.53
C LEU M 237 14.98 20.89 27.71
N ILE M 238 15.32 19.61 27.55
CA ILE M 238 16.71 19.20 27.79
C ILE M 238 17.64 19.85 26.77
N LEU M 239 17.23 19.84 25.49
CA LEU M 239 18.07 20.39 24.43
C LEU M 239 18.29 21.89 24.63
N LEU M 240 17.24 22.62 25.01
CA LEU M 240 17.37 24.06 25.19
C LEU M 240 18.20 24.38 26.42
N ILE M 241 18.05 23.61 27.50
CA ILE M 241 18.94 23.79 28.65
C ILE M 241 20.39 23.63 28.22
N LEU M 242 20.68 22.55 27.49
CA LEU M 242 22.06 22.31 27.04
C LEU M 242 22.55 23.43 26.12
N VAL M 243 21.69 23.87 25.19
CA VAL M 243 22.10 24.82 24.18
C VAL M 243 22.23 26.22 24.76
N LEU M 244 21.57 26.48 25.88
CA LEU M 244 21.30 27.84 26.29
C LEU M 244 21.90 28.19 27.64
N PHE M 245 22.36 27.20 28.40
CA PHE M 245 23.02 27.47 29.67
C PHE M 245 24.46 26.97 29.71
N SER M 246 24.72 25.79 29.17
CA SER M 246 26.07 25.23 29.05
C SER M 246 26.27 24.71 27.64
N PRO M 247 26.45 25.61 26.67
CA PRO M 247 26.52 25.16 25.26
C PRO M 247 27.63 24.16 24.99
N ASP M 248 28.79 24.32 25.62
CA ASP M 248 29.94 23.44 25.40
C ASP M 248 30.12 22.43 26.53
N LEU M 249 29.02 22.04 27.19
CA LEU M 249 29.12 21.05 28.26
C LEU M 249 29.61 19.71 27.73
N LEU M 250 28.98 19.22 26.66
CA LEU M 250 29.40 17.97 26.03
C LEU M 250 30.29 18.28 24.81
N GLY M 251 31.47 18.79 25.12
CA GLY M 251 32.42 19.12 24.08
C GLY M 251 33.79 19.39 24.65
N ASP M 252 34.80 19.23 23.80
CA ASP M 252 36.18 19.47 24.18
C ASP M 252 36.55 20.90 23.87
N PRO M 253 37.04 21.66 24.85
CA PRO M 253 37.39 23.08 24.59
C PRO M 253 38.45 23.26 23.53
N ASP M 254 39.38 22.31 23.38
CA ASP M 254 40.47 22.49 22.43
C ASP M 254 39.96 22.54 20.99
N ASN M 255 38.72 22.10 20.74
CA ASN M 255 38.13 22.24 19.42
C ASN M 255 38.01 23.70 19.00
N TYR M 256 38.02 24.63 19.96
CA TYR M 256 37.96 26.05 19.67
C TYR M 256 39.33 26.63 19.34
N THR M 257 40.30 25.78 19.01
CA THR M 257 41.60 26.18 18.54
C THR M 257 41.77 25.72 17.09
N PRO M 258 42.20 26.59 16.19
CA PRO M 258 42.33 26.18 14.78
C PRO M 258 43.24 24.98 14.64
N ALA M 259 42.85 24.06 13.75
CA ALA M 259 43.59 22.82 13.57
C ALA M 259 45.02 23.10 13.14
N ASN M 260 45.96 22.44 13.79
CA ASN M 260 47.39 22.62 13.50
C ASN M 260 48.03 21.25 13.39
N PRO M 261 48.45 20.81 12.20
CA PRO M 261 49.13 19.52 12.07
C PRO M 261 50.48 19.47 12.75
N LEU M 262 50.94 20.58 13.33
CA LEU M 262 52.26 20.68 13.95
C LEU M 262 52.20 20.57 15.46
N ASN M 263 51.08 20.15 16.02
CA ASN M 263 50.96 20.06 17.48
C ASN M 263 49.87 19.06 17.82
N THR M 264 50.26 17.95 18.43
CA THR M 264 49.28 16.98 18.91
C THR M 264 48.70 17.45 20.25
N PRO M 265 47.38 17.54 20.37
CA PRO M 265 46.81 17.92 21.66
C PRO M 265 47.16 16.89 22.72
N PRO M 266 47.24 17.32 23.99
CA PRO M 266 47.63 16.36 25.05
C PRO M 266 46.71 15.16 25.13
N HIS M 267 45.42 15.34 24.85
CA HIS M 267 44.45 14.25 24.85
C HIS M 267 43.79 14.18 23.48
N ILE M 268 43.62 12.96 22.98
CA ILE M 268 42.98 12.72 21.69
C ILE M 268 41.78 11.82 21.95
N LYS M 269 40.60 12.42 22.06
CA LYS M 269 39.39 11.65 22.28
C LYS M 269 38.31 12.11 21.30
N PRO M 270 37.47 11.19 20.86
CA PRO M 270 36.31 11.60 20.03
C PRO M 270 35.20 12.16 20.90
N GLU M 271 34.04 12.41 20.30
CA GLU M 271 32.90 12.88 21.08
C GLU M 271 32.46 11.79 22.06
N TRP M 272 31.63 12.21 23.03
CA TRP M 272 31.25 11.32 24.12
C TRP M 272 30.51 10.09 23.63
N TYR M 273 29.78 10.20 22.51
CA TYR M 273 28.98 9.08 22.03
C TYR M 273 29.79 8.05 21.26
N PHE M 274 31.07 8.31 21.01
CA PHE M 274 31.93 7.37 20.33
C PHE M 274 32.85 6.60 21.27
N LEU M 275 33.06 7.10 22.49
CA LEU M 275 34.04 6.50 23.39
C LEU M 275 33.70 5.06 23.72
N PHE M 276 32.40 4.71 23.75
CA PHE M 276 32.01 3.35 24.07
C PHE M 276 32.58 2.36 23.07
N ALA M 277 32.90 2.82 21.86
CA ALA M 277 33.65 1.98 20.93
C ALA M 277 35.14 2.24 21.05
N TYR M 278 35.53 3.50 21.26
CA TYR M 278 36.94 3.86 21.30
C TYR M 278 37.68 3.06 22.36
N ALA M 279 37.11 2.98 23.57
CA ALA M 279 37.71 2.19 24.62
C ALA M 279 37.88 0.74 24.20
N ILE M 280 36.88 0.19 23.50
CA ILE M 280 36.98 -1.18 23.00
C ILE M 280 38.19 -1.29 22.07
N LEU M 281 38.41 -0.28 21.24
CA LEU M 281 39.57 -0.28 20.36
C LEU M 281 40.87 -0.40 21.16
N ARG M 282 40.91 0.23 22.33
CA ARG M 282 42.11 0.15 23.15
C ARG M 282 42.20 -1.15 23.92
N SER M 283 41.11 -1.91 23.99
CA SER M 283 41.11 -3.14 24.77
C SER M 283 42.00 -4.21 24.15
N ILE M 284 41.85 -4.45 22.85
CA ILE M 284 42.66 -5.47 22.18
C ILE M 284 43.99 -4.83 21.76
N PRO M 285 45.13 -5.41 22.15
CA PRO M 285 46.42 -4.84 21.77
C PRO M 285 46.65 -4.77 20.28
N ASN M 286 46.18 -5.79 19.54
CA ASN M 286 46.42 -5.84 18.11
C ASN M 286 45.56 -4.82 17.38
N LYS M 287 46.14 -4.20 16.35
CA LYS M 287 45.39 -3.20 15.58
C LYS M 287 44.21 -3.83 14.84
N LEU M 288 44.47 -4.91 14.09
CA LEU M 288 43.40 -5.58 13.38
C LEU M 288 42.36 -6.16 14.34
N GLY M 289 42.83 -6.76 15.44
CA GLY M 289 41.90 -7.22 16.45
C GLY M 289 41.08 -6.08 17.03
N GLY M 290 41.70 -4.90 17.19
CA GLY M 290 40.95 -3.74 17.63
C GLY M 290 39.87 -3.35 16.64
N VAL M 291 40.18 -3.38 15.34
CA VAL M 291 39.19 -3.07 14.33
C VAL M 291 38.03 -4.05 14.41
N LEU M 292 38.35 -5.34 14.50
CA LEU M 292 37.30 -6.36 14.52
C LEU M 292 36.43 -6.24 15.76
N ALA M 293 37.05 -6.03 16.93
CA ALA M 293 36.26 -5.90 18.15
C ALA M 293 35.39 -4.64 18.12
N LEU M 294 35.95 -3.53 17.62
CA LEU M 294 35.20 -2.28 17.54
C LEU M 294 34.01 -2.42 16.61
N VAL M 295 34.19 -3.11 15.48
CA VAL M 295 33.06 -3.31 14.56
C VAL M 295 32.05 -4.28 15.17
N ALA M 296 32.52 -5.34 15.82
CA ALA M 296 31.62 -6.33 16.39
C ALA M 296 30.82 -5.75 17.55
N SER M 297 31.35 -4.72 18.22
CA SER M 297 30.60 -4.09 19.31
C SER M 297 29.23 -3.62 18.85
N ILE M 298 29.12 -3.22 17.59
CA ILE M 298 27.83 -2.82 17.03
C ILE M 298 27.20 -3.94 16.22
N LEU M 299 28.02 -4.76 15.55
CA LEU M 299 27.49 -5.90 14.80
C LEU M 299 26.78 -6.91 15.68
N ILE M 300 27.06 -6.91 17.00
CA ILE M 300 26.45 -7.89 17.88
C ILE M 300 24.95 -7.69 18.01
N LEU M 301 24.44 -6.52 17.59
CA LEU M 301 23.01 -6.26 17.70
C LEU M 301 22.19 -7.20 16.83
N ILE M 302 22.66 -7.47 15.60
CA ILE M 302 21.90 -8.33 14.71
C ILE M 302 21.93 -9.78 15.17
N LEU M 303 22.87 -10.14 16.05
CA LEU M 303 22.92 -11.49 16.60
C LEU M 303 21.94 -11.67 17.74
N MET M 304 21.37 -10.58 18.27
CA MET M 304 20.45 -10.69 19.40
C MET M 304 19.22 -11.54 19.11
N PRO M 305 18.54 -11.43 17.96
CA PRO M 305 17.41 -12.35 17.72
C PRO M 305 17.80 -13.82 17.76
N MET M 306 19.00 -14.16 17.29
CA MET M 306 19.45 -15.54 17.34
C MET M 306 19.73 -15.97 18.78
N LEU M 307 20.26 -15.06 19.60
CA LEU M 307 20.65 -15.37 20.98
C LEU M 307 19.50 -15.22 21.96
N HIS M 308 18.25 -15.24 21.49
CA HIS M 308 17.09 -15.18 22.36
C HIS M 308 16.66 -16.60 22.70
N THR M 309 16.90 -17.01 23.95
CA THR M 309 16.54 -18.35 24.40
C THR M 309 15.36 -18.38 25.36
N SER M 310 15.03 -17.26 25.98
CA SER M 310 13.90 -17.22 26.90
C SER M 310 12.59 -17.43 26.15
N LYS M 311 11.64 -18.09 26.82
CA LYS M 311 10.32 -18.30 26.24
C LYS M 311 9.46 -17.06 26.27
N GLN M 312 9.86 -16.03 27.03
CA GLN M 312 9.12 -14.78 27.12
C GLN M 312 9.84 -13.71 26.30
N ARG M 313 9.11 -13.06 25.39
CA ARG M 313 9.71 -12.00 24.58
C ARG M 313 10.20 -10.85 25.45
N SER M 314 9.40 -10.46 26.43
CA SER M 314 9.70 -9.28 27.22
C SER M 314 10.72 -9.57 28.31
N MET M 315 11.03 -8.53 29.08
CA MET M 315 11.99 -8.60 30.16
C MET M 315 11.39 -8.18 31.50
N MET M 316 10.11 -7.81 31.52
CA MET M 316 9.48 -7.40 32.77
C MET M 316 9.39 -8.55 33.76
N PHE M 317 9.14 -9.76 33.28
CA PHE M 317 8.97 -10.93 34.13
C PHE M 317 10.21 -11.81 34.19
N ARG M 318 11.40 -11.22 34.04
CA ARG M 318 12.65 -11.96 34.03
C ARG M 318 13.68 -11.25 34.90
N PRO M 319 13.48 -11.26 36.23
CA PRO M 319 14.33 -10.43 37.10
C PRO M 319 15.82 -10.75 37.00
N LEU M 320 16.18 -12.04 36.94
CA LEU M 320 17.59 -12.39 36.82
C LEU M 320 18.18 -11.81 35.55
N SER M 321 17.43 -11.84 34.45
CA SER M 321 17.89 -11.20 33.23
C SER M 321 17.91 -9.68 33.37
N GLN M 322 17.00 -9.12 34.17
CA GLN M 322 17.00 -7.68 34.39
C GLN M 322 18.30 -7.22 35.04
N CYS M 323 18.77 -7.98 36.04
CA CYS M 323 20.06 -7.65 36.64
C CYS M 323 21.17 -7.70 35.61
N LEU M 324 21.14 -8.68 34.71
CA LEU M 324 22.16 -8.76 33.66
C LEU M 324 22.08 -7.56 32.72
N PHE M 325 20.88 -7.14 32.35
CA PHE M 325 20.73 -6.01 31.45
C PHE M 325 21.26 -4.72 32.10
N TRP M 326 20.94 -4.52 33.38
CA TRP M 326 21.45 -3.33 34.05
C TRP M 326 22.95 -3.39 34.27
N MET M 327 23.50 -4.59 34.48
CA MET M 327 24.95 -4.75 34.46
C MET M 327 25.53 -4.35 33.11
N LEU M 328 24.84 -4.72 32.03
CA LEU M 328 25.27 -4.32 30.69
C LEU M 328 25.28 -2.81 30.54
N VAL M 329 24.24 -2.14 31.03
CA VAL M 329 24.18 -0.68 30.93
C VAL M 329 25.32 -0.05 31.73
N ALA M 330 25.51 -0.52 32.96
CA ALA M 330 26.62 -0.01 33.78
C ALA M 330 27.95 -0.24 33.10
N ASP M 331 28.12 -1.38 32.43
CA ASP M 331 29.35 -1.65 31.69
C ASP M 331 29.52 -0.66 30.54
N LEU M 332 28.40 -0.28 29.90
CA LEU M 332 28.48 0.71 28.83
C LEU M 332 28.97 2.06 29.36
N ILE M 333 28.41 2.53 30.47
CA ILE M 333 28.90 3.78 31.05
C ILE M 333 30.35 3.65 31.49
N THR M 334 30.74 2.50 32.03
CA THR M 334 32.13 2.29 32.42
C THR M 334 33.06 2.36 31.21
N LEU M 335 32.64 1.76 30.10
CA LEU M 335 33.43 1.81 28.88
C LEU M 335 33.56 3.24 28.37
N THR M 336 32.47 4.01 28.43
CA THR M 336 32.53 5.40 28.02
C THR M 336 33.52 6.19 28.86
N TRP M 337 33.46 6.01 30.18
CA TRP M 337 34.38 6.72 31.06
C TRP M 337 35.83 6.30 30.80
N ILE M 338 36.06 5.00 30.59
CA ILE M 338 37.41 4.52 30.31
C ILE M 338 37.94 5.11 29.02
N GLY M 339 37.09 5.16 27.98
CA GLY M 339 37.50 5.80 26.74
C GLY M 339 37.82 7.27 26.95
N GLY M 340 37.12 7.92 27.87
CA GLY M 340 37.44 9.30 28.20
C GLY M 340 38.84 9.45 28.79
N GLN M 341 39.26 8.51 29.63
CA GLN M 341 40.53 8.61 30.32
C GLN M 341 41.68 8.14 29.41
N PRO M 342 42.91 8.61 29.68
CA PRO M 342 44.07 8.16 28.91
C PRO M 342 44.48 6.73 29.26
N VAL M 343 45.60 6.27 28.71
CA VAL M 343 46.00 4.88 28.79
C VAL M 343 47.15 4.77 29.78
N GLU M 344 46.81 4.56 31.06
CA GLU M 344 47.79 4.28 32.11
C GLU M 344 47.40 2.98 32.80
N HIS M 345 48.10 2.70 33.90
CA HIS M 345 47.86 1.48 34.67
C HIS M 345 46.42 1.33 35.17
N PRO M 346 45.80 2.32 35.81
CA PRO M 346 44.46 2.08 36.35
C PRO M 346 43.40 1.87 35.28
N PHE M 347 43.64 2.30 34.04
CA PHE M 347 42.61 2.30 33.01
C PHE M 347 42.70 1.15 32.04
N ILE M 348 43.90 0.63 31.75
CA ILE M 348 44.04 -0.44 30.76
C ILE M 348 43.27 -1.67 31.21
N ILE M 349 43.50 -2.10 32.45
CA ILE M 349 42.87 -3.32 32.93
C ILE M 349 41.36 -3.14 33.06
N ILE M 350 40.92 -1.96 33.52
CA ILE M 350 39.50 -1.71 33.64
C ILE M 350 38.81 -1.74 32.28
N GLY M 351 39.44 -1.12 31.27
CA GLY M 351 38.88 -1.18 29.94
C GLY M 351 38.82 -2.58 29.37
N GLN M 352 39.88 -3.35 29.57
CA GLN M 352 39.89 -4.74 29.10
C GLN M 352 38.77 -5.54 29.76
N LEU M 353 38.64 -5.43 31.08
CA LEU M 353 37.60 -6.15 31.79
C LEU M 353 36.21 -5.68 31.35
N ALA M 354 36.05 -4.37 31.11
CA ALA M 354 34.76 -3.86 30.69
C ALA M 354 34.36 -4.40 29.32
N SER M 355 35.30 -4.43 28.37
CA SER M 355 34.98 -4.97 27.05
C SER M 355 34.67 -6.47 27.14
N ILE M 356 35.48 -7.21 27.90
CA ILE M 356 35.24 -8.64 28.05
C ILE M 356 33.88 -8.89 28.68
N LEU M 357 33.53 -8.09 29.69
CA LEU M 357 32.25 -8.26 30.37
C LEU M 357 31.10 -7.92 29.44
N TYR M 358 31.26 -6.86 28.63
CA TYR M 358 30.29 -6.50 27.60
C TYR M 358 29.97 -7.69 26.71
N PHE M 359 31.00 -8.23 26.06
CA PHE M 359 30.79 -9.36 25.15
C PHE M 359 30.26 -10.58 25.89
N LEU M 360 30.76 -10.82 27.10
CA LEU M 360 30.38 -12.02 27.83
C LEU M 360 28.91 -11.94 28.26
N ILE M 361 28.42 -10.74 28.57
CA ILE M 361 26.99 -10.58 28.83
C ILE M 361 26.19 -10.84 27.57
N ILE M 362 26.58 -10.21 26.45
CA ILE M 362 25.72 -10.27 25.28
C ILE M 362 25.65 -11.69 24.71
N LEU M 363 26.80 -12.35 24.54
CA LEU M 363 26.77 -13.64 23.88
C LEU M 363 26.64 -14.82 24.84
N VAL M 364 27.10 -14.69 26.09
CA VAL M 364 27.18 -15.82 27.01
C VAL M 364 26.18 -15.70 28.15
N LEU M 365 26.28 -14.65 28.97
CA LEU M 365 25.53 -14.60 30.22
C LEU M 365 24.03 -14.52 29.97
N MET M 366 23.59 -13.68 29.04
CA MET M 366 22.16 -13.49 28.84
C MET M 366 21.44 -14.75 28.35
N PRO M 367 21.92 -15.46 27.32
CA PRO M 367 21.20 -16.69 26.93
C PRO M 367 21.19 -17.76 28.02
N ILE M 368 22.30 -17.94 28.73
CA ILE M 368 22.36 -18.94 29.79
C ILE M 368 21.41 -18.57 30.92
N THR M 369 21.36 -17.28 31.27
CA THR M 369 20.42 -16.83 32.29
C THR M 369 18.99 -17.04 31.85
N SER M 370 18.69 -16.77 30.57
CA SER M 370 17.34 -17.01 30.07
C SER M 370 16.96 -18.48 30.15
N ILE M 371 17.90 -19.37 29.81
CA ILE M 371 17.63 -20.80 29.93
C ILE M 371 17.41 -21.18 31.39
N ILE M 372 18.20 -20.59 32.29
CA ILE M 372 18.05 -20.88 33.71
C ILE M 372 16.67 -20.47 34.20
N GLU M 373 16.20 -19.30 33.76
CA GLU M 373 14.87 -18.85 34.17
C GLU M 373 13.77 -19.71 33.54
N ASN M 374 13.95 -20.15 32.30
CA ASN M 374 12.99 -21.05 31.69
C ASN M 374 12.87 -22.34 32.50
N ASN M 375 14.02 -22.89 32.91
CA ASN M 375 14.00 -24.06 33.78
C ASN M 375 13.34 -23.74 35.12
N LEU M 376 13.60 -22.54 35.66
CA LEU M 376 13.07 -22.14 36.95
C LEU M 376 11.59 -21.82 36.90
N LEU M 377 11.01 -21.70 35.70
CA LEU M 377 9.58 -21.43 35.57
C LEU M 377 8.84 -22.64 35.02
N LYS M 378 9.42 -23.83 35.17
CA LYS M 378 8.81 -25.09 34.77
C LYS M 378 8.52 -25.14 33.26
N TRP M 379 9.38 -24.51 32.47
CA TRP M 379 9.25 -24.59 31.01
C TRP M 379 10.55 -24.22 30.30
N ASP N 87 55.65 16.48 38.26
CA ASP N 87 54.64 16.53 37.20
C ASP N 87 53.37 17.21 37.71
N LEU N 88 52.23 16.51 37.58
CA LEU N 88 50.94 16.99 38.02
C LEU N 88 50.54 18.29 37.32
N GLU N 89 49.41 18.88 37.75
CA GLU N 89 48.95 20.14 37.20
C GLU N 89 47.94 20.74 38.16
N LEU N 90 48.00 22.06 38.34
CA LEU N 90 47.01 22.73 39.17
C LEU N 90 45.69 22.84 38.44
N HIS N 91 44.64 22.32 39.03
CA HIS N 91 43.29 22.60 38.56
C HIS N 91 42.88 23.97 39.09
N ALA N 92 42.50 24.86 38.17
CA ALA N 92 42.22 26.23 38.55
C ALA N 92 41.04 26.29 39.51
N PRO N 93 41.18 26.94 40.66
CA PRO N 93 40.07 27.01 41.63
C PRO N 93 38.89 27.76 41.03
N SER N 94 37.68 27.32 41.37
CA SER N 94 36.48 27.94 40.83
C SER N 94 36.25 29.30 41.47
N TYR N 95 36.67 30.36 40.77
CA TYR N 95 36.49 31.71 41.28
C TYR N 95 35.02 32.12 41.21
N PRO N 96 34.59 33.00 42.12
CA PRO N 96 33.18 33.45 42.11
C PRO N 96 32.95 34.57 41.10
N TRP N 97 32.99 34.20 39.82
CA TRP N 97 32.80 35.18 38.77
C TRP N 97 31.38 35.75 38.81
N SER N 98 31.26 37.03 38.48
CA SER N 98 29.94 37.66 38.46
C SER N 98 29.02 37.00 37.45
N HIS N 99 29.59 36.45 36.38
CA HIS N 99 28.79 35.78 35.35
C HIS N 99 28.64 34.28 35.60
N ARG N 100 29.22 33.75 36.68
CA ARG N 100 29.11 32.31 36.94
C ARG N 100 27.69 31.91 37.30
N GLY N 101 26.84 32.87 37.64
CA GLY N 101 25.46 32.58 37.97
C GLY N 101 24.70 31.99 36.80
N LEU N 102 23.64 31.23 37.09
CA LEU N 102 22.87 30.60 36.02
C LEU N 102 22.19 31.62 35.12
N LEU N 103 21.81 32.77 35.68
CA LEU N 103 21.18 33.83 34.91
C LEU N 103 21.85 35.18 35.18
N SER N 104 23.13 35.15 35.55
CA SER N 104 23.88 36.36 35.84
C SER N 104 24.75 36.71 34.64
N SER N 105 24.79 38.00 34.30
CA SER N 105 25.44 38.46 33.09
C SER N 105 26.88 38.89 33.39
N LEU N 106 27.56 39.42 32.37
CA LEU N 106 28.89 39.98 32.52
C LEU N 106 28.80 41.41 33.04
N ASP N 107 29.91 41.88 33.60
CA ASP N 107 30.04 43.28 34.01
C ASP N 107 30.61 44.05 32.83
N HIS N 108 29.74 44.80 32.13
CA HIS N 108 30.17 45.47 30.90
C HIS N 108 31.20 46.55 31.17
N THR N 109 31.14 47.20 32.34
CA THR N 109 32.20 48.12 32.72
C THR N 109 33.52 47.37 32.87
N SER N 110 33.48 46.18 33.47
CA SER N 110 34.66 45.33 33.52
C SER N 110 35.10 44.92 32.13
N ILE N 111 34.14 44.74 31.21
CA ILE N 111 34.49 44.40 29.83
C ILE N 111 35.27 45.55 29.18
N ARG N 112 34.82 46.78 29.39
CA ARG N 112 35.53 47.93 28.84
C ARG N 112 36.92 48.06 29.46
N ARG N 113 37.02 47.92 30.78
CA ARG N 113 38.32 48.03 31.44
C ARG N 113 39.23 46.88 31.08
N GLY N 114 38.68 45.74 30.68
CA GLY N 114 39.49 44.63 30.21
C GLY N 114 39.88 44.74 28.75
N PHE N 115 39.10 45.46 27.95
CA PHE N 115 39.59 45.80 26.61
C PHE N 115 40.71 46.81 26.69
N GLN N 116 40.64 47.74 27.64
CA GLN N 116 41.70 48.72 27.79
C GLN N 116 43.04 48.05 28.08
N VAL N 117 43.06 47.09 29.02
CA VAL N 117 44.31 46.41 29.34
C VAL N 117 44.78 45.56 28.17
N TYR N 118 43.85 44.95 27.44
CA TYR N 118 44.23 44.21 26.25
C TYR N 118 44.95 45.11 25.26
N LYS N 119 44.37 46.27 24.98
CA LYS N 119 44.97 47.16 23.99
C LYS N 119 46.24 47.83 24.50
N GLN N 120 46.45 47.88 25.82
CA GLN N 120 47.61 48.57 26.35
C GLN N 120 48.84 47.66 26.44
N VAL N 121 48.69 46.48 27.05
CA VAL N 121 49.80 45.57 27.26
C VAL N 121 49.66 44.28 26.47
N CYS N 122 48.45 43.72 26.42
CA CYS N 122 48.25 42.46 25.71
C CYS N 122 48.40 42.62 24.19
N SER N 123 47.89 43.71 23.64
CA SER N 123 47.92 43.90 22.20
C SER N 123 49.33 44.05 21.64
N SER N 124 50.32 44.36 22.47
CA SER N 124 51.68 44.50 22.00
C SER N 124 52.27 43.18 21.52
N CYS N 125 51.74 42.05 21.98
CA CYS N 125 52.25 40.74 21.57
C CYS N 125 51.17 39.75 21.17
N HIS N 126 49.93 39.93 21.57
CA HIS N 126 48.86 38.98 21.29
C HIS N 126 47.89 39.56 20.27
N SER N 127 47.13 38.66 19.64
CA SER N 127 46.17 39.02 18.60
C SER N 127 44.78 38.55 19.02
N MET N 128 43.77 39.24 18.52
CA MET N 128 42.38 38.87 18.78
C MET N 128 41.60 38.59 17.52
N ASP N 129 42.19 38.82 16.34
CA ASP N 129 41.62 38.48 15.04
C ASP N 129 40.13 38.76 14.90
N TYR N 130 39.30 37.77 15.27
CA TYR N 130 37.88 37.81 14.90
C TYR N 130 37.16 39.00 15.53
N VAL N 131 37.45 39.30 16.79
CA VAL N 131 36.79 40.42 17.45
C VAL N 131 37.23 41.71 16.79
N ALA N 132 36.27 42.48 16.29
CA ALA N 132 36.54 43.70 15.54
C ALA N 132 36.12 44.92 16.35
N TYR N 133 36.56 46.09 15.89
CA TYR N 133 36.21 47.34 16.55
C TYR N 133 34.71 47.57 16.53
N ARG N 134 34.01 47.02 15.54
CA ARG N 134 32.55 47.18 15.48
C ARG N 134 31.86 46.44 16.62
N HIS N 135 32.43 45.31 17.03
CA HIS N 135 31.81 44.52 18.10
C HIS N 135 31.73 45.30 19.40
N LEU N 136 32.72 46.15 19.66
CA LEU N 136 32.77 46.88 20.94
C LEU N 136 31.58 47.81 21.09
N VAL N 137 30.98 48.25 19.99
CA VAL N 137 29.86 49.17 20.07
C VAL N 137 28.66 48.45 20.69
N GLY N 138 28.09 49.03 21.73
CA GLY N 138 26.87 48.54 22.34
C GLY N 138 27.08 47.55 23.47
N VAL N 139 28.32 47.13 23.73
CA VAL N 139 28.62 46.21 24.82
C VAL N 139 29.57 46.82 25.83
N CYS N 140 30.63 47.48 25.39
CA CYS N 140 31.60 48.06 26.31
C CYS N 140 31.86 49.53 25.99
N TYR N 141 31.72 49.91 24.73
CA TYR N 141 31.99 51.26 24.28
C TYR N 141 30.81 51.78 23.46
N THR N 142 30.62 53.09 23.50
CA THR N 142 29.62 53.71 22.65
C THR N 142 30.16 53.90 21.24
N GLU N 143 29.29 54.39 20.34
CA GLU N 143 29.64 54.43 18.92
C GLU N 143 30.84 55.34 18.66
N GLU N 144 30.76 56.59 19.15
CA GLU N 144 31.84 57.53 18.87
C GLU N 144 33.12 57.18 19.63
N GLU N 145 33.01 56.59 20.82
CA GLU N 145 34.21 56.14 21.53
C GLU N 145 34.91 55.05 20.74
N ALA N 146 34.14 54.10 20.19
CA ALA N 146 34.75 53.05 19.38
C ALA N 146 35.32 53.62 18.08
N LYS N 147 34.65 54.62 17.50
CA LYS N 147 35.19 55.27 16.31
C LYS N 147 36.55 55.91 16.62
N ALA N 148 36.65 56.62 17.74
CA ALA N 148 37.93 57.19 18.13
C ALA N 148 38.97 56.10 18.40
N LEU N 149 38.55 55.01 19.03
CA LEU N 149 39.46 53.91 19.33
C LEU N 149 40.04 53.32 18.05
N ALA N 150 39.20 53.11 17.05
CA ALA N 150 39.67 52.61 15.77
C ALA N 150 40.51 53.65 15.05
N GLU N 151 40.20 54.92 15.24
CA GLU N 151 40.96 55.99 14.58
C GLU N 151 42.37 56.12 15.17
N GLU N 152 42.54 55.76 16.44
CA GLU N 152 43.86 55.89 17.07
C GLU N 152 44.91 55.05 16.35
N VAL N 153 44.56 53.81 16.02
CA VAL N 153 45.53 52.89 15.42
C VAL N 153 45.50 53.01 13.91
N GLU N 154 46.65 52.81 13.28
CA GLU N 154 46.78 52.79 11.83
C GLU N 154 46.86 51.35 11.35
N VAL N 155 45.99 50.98 10.42
CA VAL N 155 45.90 49.63 9.89
C VAL N 155 46.26 49.67 8.41
N GLN N 156 46.70 48.54 7.88
CA GLN N 156 47.25 48.51 6.53
C GLN N 156 46.15 48.20 5.51
N ASP N 157 46.00 49.08 4.52
CA ASP N 157 44.96 49.00 3.53
C ASP N 157 45.54 48.53 2.19
N GLY N 158 44.64 48.14 1.28
CA GLY N 158 45.00 47.42 0.08
C GLY N 158 45.82 48.18 -0.94
N PRO N 159 45.74 47.75 -2.20
CA PRO N 159 46.63 48.34 -3.23
C PRO N 159 46.38 49.83 -3.42
N ASN N 160 47.47 50.57 -3.57
CA ASN N 160 47.42 51.99 -3.86
C ASN N 160 47.09 52.18 -5.34
N GLU N 161 46.91 53.44 -5.76
CA GLU N 161 46.73 53.71 -7.18
C GLU N 161 47.92 53.24 -8.00
N ASP N 162 49.09 53.14 -7.37
CA ASP N 162 50.26 52.50 -7.97
C ASP N 162 50.40 51.05 -7.55
N GLY N 163 49.50 50.53 -6.72
CA GLY N 163 49.59 49.16 -6.26
C GLY N 163 50.42 48.96 -5.01
N GLU N 164 50.71 50.03 -4.28
CA GLU N 164 51.50 49.96 -3.06
C GLU N 164 50.58 49.71 -1.86
N MET N 165 51.04 48.92 -0.91
CA MET N 165 50.20 48.40 0.16
C MET N 165 50.32 49.37 1.34
N PHE N 166 49.37 50.29 1.47
CA PHE N 166 49.61 51.54 2.20
C PHE N 166 48.89 51.59 3.55
N MET N 167 49.30 52.57 4.35
CA MET N 167 48.78 52.80 5.69
C MET N 167 47.43 53.52 5.62
N ARG N 168 46.62 53.37 6.68
CA ARG N 168 45.33 54.07 6.68
C ARG N 168 44.73 54.02 8.08
N PRO N 169 44.12 55.10 8.56
CA PRO N 169 43.48 55.05 9.88
C PRO N 169 42.34 54.03 9.91
N GLY N 170 42.22 53.35 11.05
CA GLY N 170 41.22 52.30 11.18
C GLY N 170 39.82 52.83 11.37
N LYS N 171 38.85 51.95 11.11
CA LYS N 171 37.43 52.25 11.26
C LYS N 171 36.74 51.11 11.99
N LEU N 172 35.42 51.24 12.16
CA LEU N 172 34.66 50.20 12.87
C LEU N 172 34.69 48.87 12.12
N SER N 173 34.60 48.92 10.78
CA SER N 173 34.60 47.70 9.99
C SER N 173 35.89 46.92 10.14
N ASP N 174 36.97 47.56 10.57
CA ASP N 174 38.25 46.89 10.68
C ASP N 174 38.29 45.96 11.89
N TYR N 175 39.03 44.87 11.74
CA TYR N 175 39.24 43.92 12.83
C TYR N 175 40.36 44.43 13.74
N PHE N 176 40.52 43.76 14.88
CA PHE N 176 41.53 44.19 15.83
C PHE N 176 42.93 44.08 15.21
N PRO N 177 43.71 45.14 15.23
CA PRO N 177 45.05 45.08 14.64
C PRO N 177 45.91 44.02 15.32
N LYS N 178 46.75 43.38 14.53
CA LYS N 178 47.46 42.23 15.04
C LYS N 178 48.95 42.52 15.23
N PRO N 179 49.62 41.77 16.09
CA PRO N 179 51.07 41.87 16.21
C PRO N 179 51.76 41.27 14.99
N TYR N 180 53.07 41.03 15.09
CA TYR N 180 53.97 40.68 13.99
C TYR N 180 53.27 39.80 12.96
N PRO N 181 53.33 40.17 11.67
CA PRO N 181 52.33 39.71 10.69
C PRO N 181 52.19 38.20 10.56
N ASN N 182 53.26 37.52 10.21
CA ASN N 182 53.13 36.08 10.01
C ASN N 182 53.52 35.33 11.27
N PRO N 183 53.06 34.08 11.42
CA PRO N 183 53.40 33.32 12.63
C PRO N 183 54.90 33.16 12.86
N GLU N 184 55.69 33.08 11.78
CA GLU N 184 57.12 32.88 11.94
C GLU N 184 57.78 34.07 12.63
N ALA N 185 57.40 35.29 12.24
CA ALA N 185 57.96 36.47 12.89
C ALA N 185 57.55 36.53 14.36
N ALA N 186 56.30 36.20 14.66
CA ALA N 186 55.85 36.20 16.04
C ALA N 186 56.62 35.18 16.88
N ARG N 187 56.84 33.99 16.33
CA ARG N 187 57.62 32.98 17.05
C ARG N 187 59.06 33.42 17.23
N ALA N 188 59.66 34.03 16.21
CA ALA N 188 61.07 34.44 16.29
C ALA N 188 61.25 35.55 17.31
N ALA N 189 60.37 36.55 17.29
CA ALA N 189 60.49 37.67 18.22
C ALA N 189 60.30 37.21 19.67
N ASN N 190 59.33 36.32 19.90
CA ASN N 190 59.01 35.86 21.24
C ASN N 190 59.73 34.54 21.51
N ASN N 191 61.06 34.63 21.57
CA ASN N 191 61.92 33.47 21.76
C ASN N 191 61.60 32.39 20.72
N GLY N 192 60.83 31.39 21.11
CA GLY N 192 60.41 30.35 20.18
C GLY N 192 58.99 29.90 20.41
N ALA N 193 58.17 30.77 20.98
CA ALA N 193 56.79 30.44 21.31
C ALA N 193 55.84 31.41 20.60
N LEU N 194 54.69 30.88 20.19
CA LEU N 194 53.68 31.66 19.49
C LEU N 194 52.59 32.08 20.47
N PRO N 195 52.41 33.36 20.75
CA PRO N 195 51.30 33.80 21.59
C PRO N 195 49.96 33.48 20.94
N PRO N 196 49.17 32.60 21.53
CA PRO N 196 47.90 32.22 20.90
C PRO N 196 46.93 33.37 20.84
N ASP N 197 46.06 33.33 19.83
CA ASP N 197 44.99 34.31 19.71
C ASP N 197 44.03 34.16 20.88
N LEU N 198 43.60 35.31 21.43
CA LEU N 198 42.72 35.32 22.59
C LEU N 198 41.25 35.40 22.22
N SER N 199 40.92 35.36 20.92
CA SER N 199 39.52 35.35 20.52
C SER N 199 38.79 34.11 21.04
N TYR N 200 39.52 33.03 21.32
CA TYR N 200 38.89 31.82 21.83
C TYR N 200 39.68 31.21 22.99
N ILE N 201 40.67 31.92 23.53
CA ILE N 201 41.57 31.31 24.51
C ILE N 201 40.83 30.97 25.80
N VAL N 202 39.81 31.74 26.18
CA VAL N 202 39.07 31.42 27.39
C VAL N 202 38.07 30.30 27.16
N ARG N 203 37.77 29.97 25.90
CA ARG N 203 36.89 28.87 25.56
C ARG N 203 37.63 27.68 24.99
N ALA N 204 38.96 27.77 24.82
CA ALA N 204 39.74 26.68 24.30
C ALA N 204 40.60 25.98 25.35
N ARG N 205 40.70 26.53 26.56
CA ARG N 205 41.50 25.95 27.61
C ARG N 205 40.60 25.40 28.71
N HIS N 206 40.91 24.21 29.18
CA HIS N 206 40.13 23.55 30.23
C HIS N 206 40.29 24.33 31.52
N GLY N 207 39.27 25.09 31.88
CA GLY N 207 39.33 25.95 33.04
C GLY N 207 38.78 27.33 32.75
N GLY N 208 39.00 27.79 31.52
CA GLY N 208 38.42 29.05 31.10
C GLY N 208 38.94 30.23 31.91
N GLU N 209 38.00 31.01 32.45
CA GLU N 209 38.36 32.22 33.18
C GLU N 209 39.21 31.89 34.40
N ASP N 210 38.86 30.82 35.12
CA ASP N 210 39.67 30.43 36.28
C ASP N 210 41.09 30.13 35.87
N TYR N 211 41.27 29.37 34.78
CA TYR N 211 42.61 29.04 34.32
C TYR N 211 43.40 30.28 33.91
N VAL N 212 42.75 31.18 33.16
CA VAL N 212 43.45 32.38 32.69
C VAL N 212 43.85 33.25 33.87
N PHE N 213 42.93 33.47 34.80
CA PHE N 213 43.21 34.31 35.96
C PHE N 213 44.32 33.71 36.81
N SER N 214 44.28 32.40 37.04
CA SER N 214 45.34 31.75 37.82
C SER N 214 46.68 31.83 37.11
N LEU N 215 46.70 31.64 35.79
CA LEU N 215 47.94 31.72 35.04
C LEU N 215 48.55 33.11 35.14
N LEU N 216 47.71 34.15 35.00
CA LEU N 216 48.24 35.51 35.10
C LEU N 216 48.72 35.81 36.52
N THR N 217 47.87 35.60 37.52
CA THR N 217 48.25 35.85 38.91
C THR N 217 48.70 34.57 39.60
N GLY N 218 49.64 33.85 38.99
CA GLY N 218 50.17 32.65 39.61
C GLY N 218 51.66 32.48 39.46
N TYR N 219 52.34 33.50 38.95
CA TYR N 219 53.78 33.42 38.76
C TYR N 219 54.49 33.34 40.10
N CYS N 220 55.31 32.30 40.26
CA CYS N 220 55.98 32.03 41.52
C CYS N 220 57.43 31.68 41.26
N GLU N 221 58.27 31.93 42.26
CA GLU N 221 59.68 31.58 42.18
C GLU N 221 59.81 30.06 42.10
N PRO N 222 60.58 29.53 41.15
CA PRO N 222 60.71 28.08 41.02
C PRO N 222 61.21 27.45 42.30
N PRO N 223 60.63 26.32 42.72
CA PRO N 223 61.12 25.64 43.92
C PRO N 223 62.48 24.99 43.71
N THR N 224 62.98 24.30 44.73
CA THR N 224 64.31 23.71 44.65
C THR N 224 64.33 22.55 43.66
N GLY N 225 65.40 22.49 42.87
CA GLY N 225 65.66 21.36 41.99
C GLY N 225 64.95 21.37 40.66
N VAL N 226 64.24 22.44 40.31
CA VAL N 226 63.46 22.47 39.07
C VAL N 226 63.90 23.67 38.24
N SER N 227 65.18 24.01 38.32
CA SER N 227 65.71 25.15 37.59
C SER N 227 65.46 25.01 36.09
N LEU N 228 64.77 26.00 35.52
CA LEU N 228 64.36 26.00 34.12
C LEU N 228 65.42 26.69 33.26
N ARG N 229 65.10 27.01 32.00
CA ARG N 229 66.08 27.60 31.09
C ARG N 229 66.48 28.98 31.54
N GLU N 230 67.30 29.63 30.72
CA GLU N 230 67.36 31.08 30.68
C GLU N 230 66.15 31.59 29.92
N GLY N 231 65.70 32.78 30.29
CA GLY N 231 64.58 33.39 29.60
C GLY N 231 63.28 32.63 29.71
N LEU N 232 63.15 31.75 30.71
CA LEU N 232 61.90 31.05 30.97
C LEU N 232 61.38 31.41 32.35
N TYR N 233 60.08 31.19 32.56
CA TYR N 233 59.40 31.67 33.75
C TYR N 233 58.49 30.58 34.29
N PHE N 234 58.53 30.38 35.60
CA PHE N 234 57.83 29.25 36.24
C PHE N 234 56.40 29.65 36.55
N ASN N 235 55.45 29.03 35.86
CA ASN N 235 54.03 29.21 36.13
C ASN N 235 53.42 27.86 36.46
N PRO N 236 53.08 27.60 37.73
CA PRO N 236 52.56 26.27 38.09
C PRO N 236 51.31 25.87 37.33
N TYR N 237 50.42 26.82 37.02
CA TYR N 237 49.18 26.48 36.34
C TYR N 237 49.38 26.20 34.86
N PHE N 238 50.47 26.65 34.26
CA PHE N 238 50.73 26.37 32.86
C PHE N 238 51.13 24.91 32.69
N PRO N 239 50.53 24.19 31.74
CA PRO N 239 50.92 22.79 31.51
C PRO N 239 52.40 22.68 31.19
N GLY N 240 53.10 21.85 31.95
CA GLY N 240 54.54 21.75 31.87
C GLY N 240 55.28 22.64 32.85
N GLN N 241 54.58 23.57 33.50
CA GLN N 241 55.15 24.42 34.55
C GLN N 241 56.34 25.22 34.05
N ALA N 242 56.34 25.55 32.75
CA ALA N 242 57.43 26.31 32.15
C ALA N 242 56.85 27.09 30.98
N ILE N 243 56.57 28.37 31.20
CA ILE N 243 55.92 29.20 30.20
C ILE N 243 56.92 30.24 29.70
N ALA N 244 56.64 30.77 28.51
CA ALA N 244 57.53 31.70 27.84
C ALA N 244 56.98 33.12 27.87
N MET N 245 56.39 33.53 28.98
CA MET N 245 55.88 34.89 29.14
C MET N 245 56.79 35.68 30.05
N ALA N 246 57.23 36.84 29.58
CA ALA N 246 57.61 37.88 30.52
C ALA N 246 56.38 38.19 31.36
N PRO N 247 56.51 38.38 32.67
CA PRO N 247 55.33 38.56 33.53
C PRO N 247 54.42 39.63 32.97
N PRO N 248 53.23 39.25 32.51
CA PRO N 248 52.38 40.18 31.76
C PRO N 248 51.81 41.29 32.62
N ILE N 249 51.20 40.93 33.74
CA ILE N 249 50.50 41.88 34.60
C ILE N 249 51.29 42.00 35.90
N TYR N 250 51.91 43.16 36.09
CA TYR N 250 52.52 43.52 37.35
C TYR N 250 51.79 44.73 37.93
N ASN N 251 51.88 44.89 39.25
CA ASN N 251 51.11 45.92 39.92
C ASN N 251 51.45 47.31 39.38
N GLU N 252 50.41 48.12 39.15
CA GLU N 252 50.53 49.49 38.69
C GLU N 252 51.26 49.55 37.33
N VAL N 253 50.60 48.96 36.33
CA VAL N 253 51.09 48.94 34.96
C VAL N 253 50.26 49.86 34.07
N LEU N 254 48.93 49.83 34.23
CA LEU N 254 48.03 50.59 33.39
C LEU N 254 47.17 51.49 34.25
N GLU N 255 46.98 52.73 33.81
CA GLU N 255 46.10 53.68 34.46
C GLU N 255 44.71 53.56 33.85
N PHE N 256 43.76 53.04 34.63
CA PHE N 256 42.38 52.90 34.15
C PHE N 256 41.76 54.27 33.96
N ASP N 257 41.02 54.44 32.86
CA ASP N 257 40.37 55.72 32.60
C ASP N 257 39.28 56.02 33.63
N ASP N 258 38.57 54.99 34.08
CA ASP N 258 37.49 55.19 35.04
C ASP N 258 38.01 55.75 36.35
N GLY N 259 39.15 55.23 36.82
CA GLY N 259 39.71 55.67 38.08
C GLY N 259 39.96 54.52 39.03
N THR N 260 39.65 53.31 38.57
CA THR N 260 39.91 52.13 39.37
C THR N 260 41.41 51.98 39.61
N PRO N 261 41.83 51.56 40.80
CA PRO N 261 43.26 51.34 41.04
C PRO N 261 43.83 50.29 40.09
N ALA N 262 45.15 50.34 39.91
CA ALA N 262 45.86 49.48 38.98
C ALA N 262 46.33 48.18 39.63
N THR N 263 45.59 47.70 40.63
CA THR N 263 45.93 46.46 41.30
C THR N 263 46.03 45.30 40.31
N MET N 264 47.06 44.48 40.48
CA MET N 264 47.27 43.34 39.60
C MET N 264 46.04 42.44 39.54
N SER N 265 45.41 42.21 40.69
CA SER N 265 44.17 41.42 40.71
C SER N 265 43.07 42.10 39.91
N GLN N 266 42.91 43.41 40.08
CA GLN N 266 41.90 44.13 39.32
C GLN N 266 42.13 44.03 37.83
N VAL N 267 43.39 44.22 37.41
CA VAL N 267 43.74 44.14 35.99
C VAL N 267 43.45 42.74 35.46
N ALA N 268 43.86 41.71 36.21
CA ALA N 268 43.66 40.34 35.77
C ALA N 268 42.18 40.00 35.66
N LYS N 269 41.39 40.41 36.65
CA LYS N 269 39.95 40.15 36.60
C LYS N 269 39.31 40.85 35.42
N ASP N 270 39.69 42.10 35.16
CA ASP N 270 39.10 42.85 34.05
C ASP N 270 39.44 42.21 32.71
N VAL N 271 40.72 41.85 32.51
CA VAL N 271 41.10 41.24 31.24
C VAL N 271 40.45 39.87 31.09
N CYS N 272 40.30 39.14 32.19
CA CYS N 272 39.66 37.83 32.12
C CYS N 272 38.19 37.96 31.72
N THR N 273 37.49 38.94 32.29
CA THR N 273 36.10 39.17 31.89
C THR N 273 36.03 39.59 30.43
N PHE N 274 36.98 40.41 29.98
CA PHE N 274 37.01 40.81 28.58
C PHE N 274 37.19 39.59 27.68
N LEU N 275 38.09 38.68 28.05
CA LEU N 275 38.29 37.49 27.24
C LEU N 275 37.06 36.58 27.25
N ARG N 276 36.38 36.47 28.39
CA ARG N 276 35.15 35.68 28.44
C ARG N 276 34.09 36.27 27.52
N TRP N 277 33.96 37.60 27.49
CA TRP N 277 33.08 38.22 26.51
C TRP N 277 33.55 37.93 25.09
N ALA N 278 34.86 37.95 24.88
CA ALA N 278 35.41 37.79 23.53
C ALA N 278 35.08 36.42 22.95
N SER N 279 35.31 35.36 23.72
CA SER N 279 35.00 34.03 23.22
C SER N 279 33.53 33.68 23.33
N GLU N 280 32.74 34.48 24.04
CA GLU N 280 31.30 34.28 24.16
C GLU N 280 30.59 35.61 23.94
N PRO N 281 30.55 36.10 22.69
CA PRO N 281 29.86 37.37 22.43
C PRO N 281 28.36 37.18 22.27
N GLU N 282 27.78 36.34 23.12
CA GLU N 282 26.34 36.20 23.20
C GLU N 282 25.89 35.96 24.64
N HIS N 283 26.79 36.11 25.62
CA HIS N 283 26.50 35.71 26.99
C HIS N 283 25.25 36.38 27.53
N ASP N 284 25.17 37.71 27.39
CA ASP N 284 24.00 38.43 27.88
C ASP N 284 22.72 37.92 27.21
N HIS N 285 22.73 37.86 25.88
CA HIS N 285 21.55 37.44 25.15
C HIS N 285 21.27 35.96 25.35
N ARG N 286 22.32 35.15 25.56
CA ARG N 286 22.11 33.73 25.86
C ARG N 286 21.38 33.55 27.19
N LYS N 287 21.80 34.28 28.23
CA LYS N 287 21.09 34.17 29.50
C LYS N 287 19.69 34.76 29.42
N ARG N 288 19.50 35.79 28.59
CA ARG N 288 18.15 36.31 28.38
C ARG N 288 17.25 35.25 27.77
N MET N 289 17.73 34.57 26.72
CA MET N 289 16.96 33.47 26.15
C MET N 289 16.74 32.37 27.17
N GLY N 290 17.73 32.11 28.03
CA GLY N 290 17.54 31.11 29.06
C GLY N 290 16.39 31.44 29.99
N LEU N 291 16.34 32.71 30.43
CA LEU N 291 15.22 33.15 31.26
C LEU N 291 13.89 32.98 30.54
N LYS N 292 13.82 33.46 29.29
CA LYS N 292 12.55 33.40 28.55
C LYS N 292 12.11 31.95 28.34
N MET N 293 13.04 31.07 27.97
CA MET N 293 12.70 29.68 27.75
C MET N 293 12.27 29.01 29.04
N LEU N 294 12.97 29.32 30.15
CA LEU N 294 12.63 28.71 31.43
C LEU N 294 11.20 29.06 31.82
N MET N 295 10.84 30.35 31.76
CA MET N 295 9.48 30.71 32.15
C MET N 295 8.45 30.20 31.13
N MET N 296 8.75 30.30 29.84
CA MET N 296 7.84 29.81 28.82
C MET N 296 7.50 28.36 29.05
N MET N 297 8.50 27.51 29.28
CA MET N 297 8.14 26.10 29.40
C MET N 297 7.77 25.71 30.82
N GLY N 298 8.09 26.53 31.83
CA GLY N 298 7.43 26.38 33.11
C GLY N 298 5.93 26.58 33.02
N LEU N 299 5.49 27.43 32.10
CA LEU N 299 4.07 27.45 31.70
C LEU N 299 3.68 26.27 30.83
N LEU N 300 4.50 25.92 29.83
CA LEU N 300 4.07 24.97 28.80
C LEU N 300 3.93 23.56 29.33
N LEU N 301 4.91 23.07 30.09
CA LEU N 301 4.87 21.68 30.55
C LEU N 301 3.59 21.35 31.32
N PRO N 302 3.17 22.13 32.33
CA PRO N 302 1.91 21.78 33.01
C PRO N 302 0.72 21.76 32.08
N LEU N 303 0.65 22.68 31.12
CA LEU N 303 -0.52 22.77 30.26
C LEU N 303 -0.55 21.64 29.23
N VAL N 304 0.60 21.33 28.63
CA VAL N 304 0.64 20.21 27.68
C VAL N 304 0.39 18.90 28.41
N TYR N 305 0.93 18.77 29.62
CA TYR N 305 0.65 17.57 30.42
C TYR N 305 -0.83 17.48 30.76
N ALA N 306 -1.46 18.60 31.10
CA ALA N 306 -2.88 18.62 31.39
C ALA N 306 -3.69 18.21 30.17
N MET N 307 -3.30 18.68 28.99
CA MET N 307 -3.96 18.26 27.76
C MET N 307 -3.80 16.77 27.53
N LYS N 308 -2.59 16.25 27.77
CA LYS N 308 -2.35 14.82 27.60
C LYS N 308 -3.22 14.00 28.53
N ARG N 309 -3.29 14.39 29.80
CA ARG N 309 -4.12 13.67 30.75
C ARG N 309 -5.61 13.82 30.42
N HIS N 310 -6.01 14.99 29.93
CA HIS N 310 -7.39 15.21 29.53
C HIS N 310 -7.77 14.25 28.40
N LYS N 311 -6.90 14.12 27.40
CA LYS N 311 -7.22 13.26 26.26
C LYS N 311 -7.13 11.79 26.65
N TRP N 312 -6.11 11.41 27.42
CA TRP N 312 -5.90 10.03 27.83
C TRP N 312 -6.82 9.59 28.97
N SER N 313 -7.58 10.50 29.55
CA SER N 313 -8.36 10.17 30.74
C SER N 313 -9.40 9.10 30.47
N VAL N 314 -9.87 8.99 29.23
CA VAL N 314 -10.82 7.93 28.89
C VAL N 314 -10.19 6.56 29.11
N LEU N 315 -8.96 6.38 28.61
CA LEU N 315 -8.26 5.11 28.78
C LEU N 315 -7.98 4.82 30.24
N LYS N 316 -7.54 5.82 31.00
CA LYS N 316 -7.15 5.61 32.39
C LYS N 316 -8.33 5.50 33.33
N SER N 317 -9.55 5.37 32.81
CA SER N 317 -10.73 5.15 33.64
C SER N 317 -11.66 4.11 33.03
N ARG N 318 -11.12 3.22 32.19
CA ARG N 318 -11.92 2.19 31.54
C ARG N 318 -12.20 1.08 32.55
N LYS N 319 -13.42 1.08 33.09
CA LYS N 319 -13.88 -0.04 33.89
C LYS N 319 -14.21 -1.20 32.96
N LEU N 320 -13.44 -2.29 33.07
CA LEU N 320 -13.66 -3.45 32.23
C LEU N 320 -14.58 -4.45 32.93
N ALA N 321 -15.05 -5.42 32.15
CA ALA N 321 -15.94 -6.44 32.69
C ALA N 321 -15.79 -7.71 31.85
N TYR N 322 -16.23 -8.82 32.42
CA TYR N 322 -16.16 -10.12 31.76
C TYR N 322 -17.35 -10.94 32.21
N ARG N 323 -18.25 -11.25 31.28
CA ARG N 323 -19.48 -11.98 31.58
C ARG N 323 -19.61 -13.17 30.64
N PRO N 324 -18.79 -14.20 30.83
CA PRO N 324 -18.93 -15.40 30.00
C PRO N 324 -20.24 -16.11 30.32
N PRO N 325 -20.85 -16.79 29.34
CA PRO N 325 -22.11 -17.50 29.56
C PRO N 325 -21.92 -18.79 30.34
N SER O 79 -30.29 -10.98 31.02
CA SER O 79 -28.91 -10.83 31.44
C SER O 79 -28.39 -9.42 31.16
N HIS O 80 -28.83 -8.85 30.03
CA HIS O 80 -28.41 -7.49 29.70
C HIS O 80 -28.94 -6.48 30.72
N THR O 81 -30.06 -6.79 31.37
CA THR O 81 -30.56 -5.93 32.43
C THR O 81 -29.60 -5.91 33.62
N ASP O 82 -28.91 -7.02 33.86
CA ASP O 82 -27.92 -7.08 34.93
C ASP O 82 -26.71 -6.22 34.65
N ILE O 83 -26.52 -5.75 33.41
CA ILE O 83 -25.37 -4.91 33.09
C ILE O 83 -25.59 -3.52 33.67
N ARG O 84 -24.65 -3.05 34.47
CA ARG O 84 -24.73 -1.74 35.07
C ARG O 84 -23.38 -1.04 34.95
N VAL O 85 -23.43 0.29 34.88
CA VAL O 85 -22.20 1.08 34.79
C VAL O 85 -21.62 1.26 36.19
N PRO O 86 -20.35 0.93 36.41
CA PRO O 86 -19.75 1.11 37.72
C PRO O 86 -19.72 2.58 38.12
N ASP O 87 -19.46 2.82 39.40
CA ASP O 87 -19.47 4.16 39.95
C ASP O 87 -18.19 4.89 39.56
N PHE O 88 -18.33 6.03 38.88
CA PHE O 88 -17.20 6.86 38.47
C PHE O 88 -17.04 8.11 39.34
N SER O 89 -17.65 8.11 40.53
CA SER O 89 -17.60 9.29 41.39
C SER O 89 -16.19 9.63 41.84
N ASP O 90 -15.26 8.67 41.78
CA ASP O 90 -13.88 8.97 42.16
C ASP O 90 -13.20 9.88 41.14
N TYR O 91 -13.58 9.78 39.87
CA TYR O 91 -13.00 10.61 38.82
C TYR O 91 -13.89 11.76 38.39
N ARG O 92 -15.16 11.74 38.76
CA ARG O 92 -16.10 12.75 38.30
C ARG O 92 -15.72 14.14 38.78
N ARG O 93 -15.97 15.14 37.94
CA ARG O 93 -15.80 16.52 38.35
C ARG O 93 -16.85 16.90 39.38
N ALA O 94 -16.61 18.02 40.06
CA ALA O 94 -17.47 18.42 41.17
C ALA O 94 -18.90 18.69 40.70
N GLU O 95 -19.05 19.33 39.55
CA GLU O 95 -20.38 19.71 39.09
C GLU O 95 -21.25 18.49 38.79
N VAL O 96 -20.67 17.46 38.17
CA VAL O 96 -21.44 16.31 37.71
C VAL O 96 -21.49 15.25 38.81
N LEU O 97 -20.95 15.58 39.97
CA LEU O 97 -20.91 14.61 41.07
C LEU O 97 -22.32 14.25 41.54
N ASP O 98 -23.20 15.24 41.66
CA ASP O 98 -24.55 15.00 42.12
C ASP O 98 -25.35 14.22 41.08
N SER O 99 -26.29 13.40 41.55
CA SER O 99 -27.07 12.54 40.68
C SER O 99 -28.45 13.10 40.35
N THR O 100 -28.80 14.27 40.87
CA THR O 100 -30.12 14.85 40.61
C THR O 100 -30.08 16.01 39.62
N LYS O 101 -29.11 16.90 39.73
CA LYS O 101 -29.02 18.02 38.81
C LYS O 101 -28.54 17.55 37.44
N SER O 102 -29.05 18.19 36.39
CA SER O 102 -28.65 17.85 35.04
C SER O 102 -27.22 18.29 34.78
N SER O 103 -26.72 18.00 33.57
CA SER O 103 -25.36 18.30 33.21
C SER O 103 -25.21 19.41 32.18
N LYS O 104 -26.32 19.84 31.55
CA LYS O 104 -26.23 20.88 30.53
C LYS O 104 -25.75 22.20 31.13
N GLU O 105 -26.24 22.56 32.31
CA GLU O 105 -25.89 23.84 32.91
C GLU O 105 -24.41 23.91 33.30
N SER O 106 -23.81 22.76 33.63
CA SER O 106 -22.39 22.71 33.98
C SER O 106 -21.51 22.32 32.80
N SER O 107 -22.10 21.81 31.72
CA SER O 107 -21.32 21.45 30.54
C SER O 107 -20.62 22.68 29.97
N ASP O 108 -21.30 23.83 30.00
CA ASP O 108 -20.69 25.06 29.53
C ASP O 108 -19.38 25.36 30.26
N ALA O 109 -19.42 25.36 31.59
CA ALA O 109 -18.22 25.67 32.37
C ALA O 109 -17.15 24.61 32.20
N ARG O 110 -17.53 23.33 32.19
CA ARG O 110 -16.54 22.27 32.07
C ARG O 110 -15.82 22.35 30.73
N LYS O 111 -16.58 22.51 29.65
CA LYS O 111 -15.97 22.67 28.33
C LYS O 111 -15.13 23.93 28.27
N GLY O 112 -15.60 25.01 28.88
CA GLY O 112 -14.84 26.24 28.87
C GLY O 112 -13.47 26.07 29.50
N PHE O 113 -13.41 25.40 30.65
CA PHE O 113 -12.12 25.19 31.30
C PHE O 113 -11.23 24.26 30.49
N SER O 114 -11.80 23.14 30.01
CA SER O 114 -11.01 22.17 29.27
C SER O 114 -10.46 22.77 27.98
N TYR O 115 -11.21 23.70 27.37
CA TYR O 115 -10.72 24.35 26.16
C TYR O 115 -9.84 25.56 26.46
N LEU O 116 -9.98 26.16 27.65
CA LEU O 116 -9.07 27.23 28.05
C LEU O 116 -7.66 26.69 28.20
N ILE O 117 -7.54 25.47 28.75
CA ILE O 117 -6.23 24.84 28.81
C ILE O 117 -5.62 24.75 27.42
N THR O 118 -6.40 24.27 26.45
CA THR O 118 -5.91 24.12 25.08
C THR O 118 -5.57 25.47 24.47
N ALA O 119 -6.40 26.48 24.71
CA ALA O 119 -6.16 27.81 24.16
C ALA O 119 -4.86 28.40 24.68
N THR O 120 -4.60 28.27 25.98
CA THR O 120 -3.37 28.82 26.53
C THR O 120 -2.16 28.05 26.01
N THR O 121 -2.28 26.73 25.91
CA THR O 121 -1.22 25.93 25.29
C THR O 121 -0.94 26.43 23.88
N THR O 122 -2.00 26.68 23.10
CA THR O 122 -1.84 27.07 21.71
C THR O 122 -1.20 28.44 21.58
N VAL O 123 -1.58 29.41 22.42
CA VAL O 123 -0.98 30.74 22.31
C VAL O 123 0.50 30.67 22.70
N GLY O 124 0.83 29.89 23.73
CA GLY O 124 2.23 29.71 24.06
C GLY O 124 3.03 29.08 22.92
N VAL O 125 2.46 28.06 22.28
CA VAL O 125 3.14 27.40 21.17
C VAL O 125 3.28 28.37 19.99
N ALA O 126 2.28 29.20 19.75
CA ALA O 126 2.38 30.18 18.68
C ALA O 126 3.49 31.17 18.94
N TYR O 127 3.60 31.66 20.18
CA TYR O 127 4.69 32.57 20.52
C TYR O 127 6.04 31.91 20.29
N ALA O 128 6.19 30.66 20.74
CA ALA O 128 7.46 29.96 20.55
C ALA O 128 7.77 29.75 19.07
N ALA O 129 6.74 29.38 18.29
CA ALA O 129 6.95 29.12 16.87
C ALA O 129 7.39 30.37 16.14
N LYS O 130 6.77 31.51 16.45
CA LYS O 130 7.25 32.76 15.87
C LYS O 130 8.66 33.05 16.31
N ASN O 131 8.96 32.92 17.60
CA ASN O 131 10.26 33.31 18.09
C ASN O 131 11.35 32.32 17.70
N ALA O 132 11.00 31.23 17.02
CA ALA O 132 11.99 30.37 16.38
C ALA O 132 12.11 30.63 14.88
N VAL O 133 10.97 30.69 14.17
CA VAL O 133 11.03 30.89 12.73
C VAL O 133 11.59 32.26 12.39
N SER O 134 11.30 33.26 13.21
CA SER O 134 11.89 34.58 13.01
C SER O 134 13.40 34.53 13.18
N GLN O 135 13.88 33.77 14.17
CA GLN O 135 15.31 33.57 14.33
C GLN O 135 15.92 33.01 13.05
N PHE O 136 15.32 31.95 12.52
CA PHE O 136 15.86 31.33 11.31
C PHE O 136 15.83 32.30 10.12
N VAL O 137 14.69 32.99 9.94
CA VAL O 137 14.53 33.89 8.80
C VAL O 137 15.54 35.03 8.87
N SER O 138 15.68 35.65 10.04
CA SER O 138 16.69 36.69 10.21
C SER O 138 18.10 36.13 10.08
N SER O 139 18.30 34.85 10.39
CA SER O 139 19.61 34.24 10.16
C SER O 139 19.94 34.21 8.67
N MET O 140 18.97 33.83 7.84
CA MET O 140 19.26 33.86 6.40
C MET O 140 19.36 35.28 5.87
N SER O 141 18.89 36.26 6.64
CA SER O 141 18.99 37.65 6.20
C SER O 141 20.44 38.14 6.27
N ALA O 142 20.62 39.42 5.97
CA ALA O 142 21.95 39.99 5.89
C ALA O 142 22.67 39.93 7.23
N SER O 143 23.92 39.49 7.21
CA SER O 143 24.69 39.36 8.44
C SER O 143 25.18 40.73 8.91
N ALA O 144 25.79 40.74 10.09
CA ALA O 144 26.22 41.99 10.70
C ALA O 144 27.44 42.57 9.99
N ASP O 145 28.31 41.71 9.46
CA ASP O 145 29.56 42.19 8.86
C ASP O 145 29.28 43.04 7.62
N VAL O 146 28.38 42.58 6.75
CA VAL O 146 28.07 43.36 5.57
C VAL O 146 27.36 44.65 5.93
N LEU O 147 26.52 44.63 6.97
CA LEU O 147 25.87 45.86 7.42
C LEU O 147 26.89 46.87 7.92
N ALA O 148 27.87 46.42 8.69
CA ALA O 148 28.83 47.30 9.34
C ALA O 148 30.14 47.46 8.56
N MET O 149 30.20 46.98 7.32
CA MET O 149 31.41 47.18 6.52
C MET O 149 31.06 47.89 5.22
N SER O 150 29.87 47.64 4.69
CA SER O 150 29.51 48.10 3.36
C SER O 150 28.64 49.35 3.37
N LYS O 151 27.52 49.32 4.08
CA LYS O 151 26.54 50.40 3.97
C LYS O 151 26.78 51.47 5.02
N ILE O 152 28.02 51.95 5.14
CA ILE O 152 28.35 53.10 5.98
C ILE O 152 29.46 53.90 5.32
N GLU O 153 29.12 55.06 4.77
CA GLU O 153 30.01 55.86 3.93
C GLU O 153 29.94 57.34 4.31
N ILE O 154 30.18 57.66 5.58
CA ILE O 154 30.28 59.06 5.98
C ILE O 154 31.57 59.66 5.44
N LYS O 155 31.44 60.82 4.79
CA LYS O 155 32.58 61.62 4.33
C LYS O 155 32.52 63.00 4.97
N LEU O 156 33.65 63.42 5.53
CA LEU O 156 33.81 64.76 6.05
C LEU O 156 34.04 65.72 4.89
N SER O 157 33.68 66.98 5.11
CA SER O 157 33.82 68.02 4.08
C SER O 157 35.27 68.43 3.85
N ASP O 158 36.25 67.68 4.38
CA ASP O 158 37.65 68.02 4.15
C ASP O 158 37.98 68.05 2.66
N ILE O 159 37.24 67.32 1.84
CA ILE O 159 37.39 67.32 0.39
C ILE O 159 37.23 68.75 -0.12
N PRO O 160 38.30 69.37 -0.60
CA PRO O 160 38.23 70.77 -1.02
C PRO O 160 37.74 70.92 -2.46
N GLU O 161 37.52 72.17 -2.85
CA GLU O 161 36.96 72.46 -4.16
C GLU O 161 37.90 72.00 -5.26
N GLY O 162 37.31 71.37 -6.30
CA GLY O 162 38.09 70.93 -7.44
C GLY O 162 38.95 69.71 -7.20
N LYS O 163 38.51 68.77 -6.38
CA LYS O 163 39.28 67.57 -6.09
C LYS O 163 38.41 66.33 -6.17
N ASN O 164 39.07 65.17 -6.31
CA ASN O 164 38.39 63.90 -6.52
C ASN O 164 38.99 62.74 -5.74
N MET O 165 39.27 62.92 -4.46
CA MET O 165 39.69 61.81 -3.61
C MET O 165 38.65 60.70 -3.64
N ALA O 166 39.05 59.55 -4.18
CA ALA O 166 38.15 58.43 -4.43
C ALA O 166 38.45 57.29 -3.48
N PHE O 167 37.40 56.62 -3.04
CA PHE O 167 37.49 55.56 -2.03
C PHE O 167 36.80 54.30 -2.55
N LYS O 168 37.35 53.15 -2.18
CA LYS O 168 36.86 51.86 -2.67
C LYS O 168 35.85 51.28 -1.69
N TRP O 169 34.58 51.65 -1.84
CA TRP O 169 33.50 51.23 -0.96
C TRP O 169 32.64 50.19 -1.65
N ARG O 170 31.95 49.38 -0.84
CA ARG O 170 31.23 48.22 -1.34
C ARG O 170 32.20 47.32 -2.09
N GLY O 171 32.27 47.48 -3.40
CA GLY O 171 33.27 46.78 -4.20
C GLY O 171 33.83 47.63 -5.33
N LYS O 172 33.46 48.90 -5.35
CA LYS O 172 33.85 49.81 -6.41
C LYS O 172 34.34 51.12 -5.80
N PRO O 173 35.21 51.85 -6.50
CA PRO O 173 35.56 53.20 -6.06
C PRO O 173 34.44 54.18 -6.36
N LEU O 174 34.48 55.31 -5.68
CA LEU O 174 33.52 56.38 -5.91
C LEU O 174 34.24 57.72 -5.82
N PHE O 175 33.93 58.63 -6.75
CA PHE O 175 34.53 59.95 -6.71
C PHE O 175 33.60 60.94 -6.02
N VAL O 176 34.13 61.65 -5.03
CA VAL O 176 33.42 62.76 -4.39
C VAL O 176 33.98 64.03 -5.03
N ARG O 177 33.30 64.49 -6.08
CA ARG O 177 33.71 65.68 -6.82
C ARG O 177 33.24 66.91 -6.05
N HIS O 178 34.13 67.89 -5.89
CA HIS O 178 33.72 69.20 -5.38
C HIS O 178 33.62 70.14 -6.57
N ARG O 179 32.52 69.98 -7.32
CA ARG O 179 32.31 70.72 -8.55
C ARG O 179 32.15 72.20 -8.23
N THR O 180 33.13 73.01 -8.62
CA THR O 180 33.05 74.43 -8.36
C THR O 180 32.08 75.10 -9.32
N LYS O 181 31.86 76.39 -9.09
CA LYS O 181 30.90 77.16 -9.88
C LYS O 181 31.24 77.10 -11.36
N LYS O 182 32.53 77.20 -11.69
CA LYS O 182 32.94 77.18 -13.09
C LYS O 182 32.47 75.90 -13.77
N GLU O 183 33.00 74.76 -13.35
CA GLU O 183 32.61 73.50 -13.96
C GLU O 183 31.11 73.24 -13.87
N ILE O 184 30.44 73.76 -12.84
CA ILE O 184 28.99 73.67 -12.77
C ILE O 184 28.36 74.34 -14.00
N ASP O 185 28.88 75.50 -14.39
CA ASP O 185 28.22 76.19 -15.51
C ASP O 185 28.60 75.59 -16.87
N GLN O 186 29.77 74.96 -16.99
CA GLN O 186 30.01 74.10 -18.16
C GLN O 186 29.02 72.94 -18.23
N GLU O 187 28.77 72.27 -17.09
CA GLU O 187 27.81 71.18 -17.10
C GLU O 187 26.41 71.69 -17.46
N ALA O 188 26.04 72.86 -16.95
CA ALA O 188 24.75 73.45 -17.30
C ALA O 188 24.69 73.77 -18.79
N ALA O 189 25.77 74.30 -19.35
CA ALA O 189 25.75 74.71 -20.75
C ALA O 189 25.67 73.52 -21.69
N VAL O 190 26.29 72.41 -21.32
CA VAL O 190 26.30 71.22 -22.16
C VAL O 190 24.87 70.70 -22.31
N GLU O 191 24.47 70.42 -23.55
CA GLU O 191 23.11 70.00 -23.84
C GLU O 191 22.85 68.60 -23.32
N VAL O 192 21.61 68.13 -23.52
CA VAL O 192 21.19 66.82 -23.07
C VAL O 192 20.85 65.90 -24.24
N SER O 193 20.28 66.45 -25.32
CA SER O 193 19.66 65.61 -26.34
C SER O 193 20.68 64.75 -27.08
N GLN O 194 21.77 65.35 -27.58
CA GLN O 194 22.75 64.57 -28.34
C GLN O 194 23.60 63.67 -27.46
N LEU O 195 23.40 63.68 -26.15
CA LEU O 195 24.06 62.72 -25.29
C LEU O 195 23.57 61.31 -25.61
N ARG O 196 24.46 60.32 -25.50
CA ARG O 196 24.13 58.95 -25.89
C ARG O 196 22.95 58.42 -25.08
N ASP O 197 22.96 58.63 -23.77
CA ASP O 197 21.82 58.33 -22.90
C ASP O 197 21.48 59.62 -22.16
N PRO O 198 20.59 60.45 -22.71
CA PRO O 198 20.35 61.79 -22.15
C PRO O 198 20.01 61.78 -20.66
N GLN O 199 20.87 62.39 -19.86
CA GLN O 199 20.65 62.50 -18.41
C GLN O 199 21.08 63.90 -18.00
N HIS O 200 20.11 64.77 -17.73
CA HIS O 200 20.42 66.14 -17.34
C HIS O 200 21.10 66.18 -15.97
N ASP O 201 21.91 67.21 -15.76
CA ASP O 201 22.66 67.32 -14.51
C ASP O 201 21.75 67.37 -13.29
N LEU O 202 20.49 67.79 -13.48
CA LEU O 202 19.56 67.87 -12.36
C LEU O 202 19.36 66.51 -11.71
N GLU O 203 18.94 65.52 -12.48
CA GLU O 203 18.79 64.17 -11.94
C GLU O 203 20.13 63.49 -11.68
N ARG O 204 21.20 63.99 -12.31
CA ARG O 204 22.52 63.42 -12.08
C ARG O 204 23.01 63.67 -10.66
N VAL O 205 22.72 64.87 -10.12
CA VAL O 205 23.29 65.28 -8.85
C VAL O 205 22.33 66.27 -8.18
N LYS O 206 22.17 66.12 -6.87
CA LYS O 206 21.24 66.98 -6.13
C LYS O 206 21.86 68.34 -5.83
N LYS O 207 22.94 68.36 -5.05
CA LYS O 207 23.60 69.62 -4.69
C LYS O 207 24.72 69.89 -5.68
N PRO O 208 24.74 71.05 -6.33
CA PRO O 208 25.73 71.29 -7.39
C PRO O 208 27.18 71.22 -6.94
N GLU O 209 27.47 71.60 -5.69
CA GLU O 209 28.87 71.70 -5.28
C GLU O 209 29.55 70.34 -5.14
N TRP O 210 28.79 69.26 -4.92
CA TRP O 210 29.36 67.94 -4.71
C TRP O 210 28.67 66.93 -5.59
N VAL O 211 29.45 66.09 -6.27
CA VAL O 211 28.95 65.04 -7.15
C VAL O 211 29.41 63.70 -6.60
N ILE O 212 28.47 62.77 -6.45
CA ILE O 212 28.75 61.41 -6.00
C ILE O 212 28.46 60.47 -7.15
N LEU O 213 29.47 59.67 -7.52
CA LEU O 213 29.28 58.72 -8.60
C LEU O 213 30.32 57.61 -8.47
N ILE O 214 30.01 56.47 -9.09
CA ILE O 214 30.81 55.27 -8.99
C ILE O 214 32.13 55.46 -9.73
N GLY O 215 33.10 54.58 -9.47
CA GLY O 215 34.41 54.72 -10.07
C GLY O 215 34.82 53.59 -11.00
N VAL O 216 33.86 53.02 -11.71
CA VAL O 216 34.13 51.95 -12.65
C VAL O 216 33.52 52.33 -14.00
N CYS O 217 34.37 52.65 -14.97
CA CYS O 217 33.89 53.00 -16.31
C CYS O 217 33.16 51.82 -16.93
N THR O 218 31.99 52.10 -17.52
CA THR O 218 31.10 51.06 -17.98
C THR O 218 31.59 50.34 -19.24
N HIS O 219 32.63 50.83 -19.89
CA HIS O 219 33.10 50.20 -21.12
C HIS O 219 33.59 48.78 -20.84
N LEU O 220 34.68 48.65 -20.06
CA LEU O 220 35.09 47.36 -19.54
C LEU O 220 35.54 47.41 -18.08
N GLY O 221 35.43 48.55 -17.41
CA GLY O 221 35.82 48.64 -16.01
C GLY O 221 36.89 49.68 -15.76
N CYS O 222 37.99 49.24 -15.15
CA CYS O 222 39.11 50.12 -14.81
C CYS O 222 38.67 51.26 -13.90
N VAL O 223 39.45 52.34 -13.87
CA VAL O 223 39.13 53.53 -13.10
C VAL O 223 39.35 54.76 -13.97
N PRO O 224 38.36 55.62 -14.15
CA PRO O 224 38.61 56.86 -14.89
C PRO O 224 39.41 57.85 -14.05
N ILE O 225 40.56 58.26 -14.61
CA ILE O 225 41.35 59.32 -14.00
C ILE O 225 40.59 60.64 -14.15
N ALA O 226 40.73 61.51 -13.16
CA ALA O 226 39.99 62.76 -13.15
C ALA O 226 40.76 63.88 -13.84
N ASN O 227 40.08 65.00 -14.04
CA ASN O 227 40.66 66.21 -14.62
C ASN O 227 41.32 65.93 -15.97
N ALA O 228 40.63 65.13 -16.79
CA ALA O 228 41.09 64.81 -18.13
C ALA O 228 39.87 64.50 -18.99
N GLY O 229 40.10 63.98 -20.18
CA GLY O 229 39.00 63.66 -21.07
C GLY O 229 38.38 64.88 -21.70
N ASP O 230 39.13 65.53 -22.61
CA ASP O 230 38.77 66.74 -23.36
C ASP O 230 37.70 67.61 -22.72
N PHE O 231 36.49 67.08 -22.51
CA PHE O 231 35.44 67.86 -21.85
C PHE O 231 35.90 68.36 -20.48
N GLY O 232 36.75 67.59 -19.81
CA GLY O 232 37.39 68.07 -18.60
C GLY O 232 37.29 67.14 -17.41
N GLY O 233 36.16 66.45 -17.27
CA GLY O 233 35.91 65.67 -16.07
C GLY O 233 36.73 64.42 -15.91
N TYR O 234 36.46 63.40 -16.72
CA TYR O 234 36.99 62.07 -16.50
C TYR O 234 37.52 61.47 -17.80
N TYR O 235 38.46 60.54 -17.64
CA TYR O 235 39.07 59.88 -18.79
C TYR O 235 39.44 58.46 -18.37
N CYS O 236 38.87 57.47 -19.05
CA CYS O 236 39.30 56.11 -18.83
C CYS O 236 40.38 55.77 -19.85
N PRO O 237 41.61 55.47 -19.43
CA PRO O 237 42.70 55.31 -20.40
C PRO O 237 42.80 53.92 -20.99
N CYS O 238 42.01 52.95 -20.52
CA CYS O 238 42.13 51.59 -21.03
C CYS O 238 41.90 51.56 -22.53
N HIS O 239 40.77 52.10 -22.97
CA HIS O 239 40.44 52.26 -24.37
C HIS O 239 40.00 53.69 -24.69
N GLY O 240 40.55 54.65 -23.95
CA GLY O 240 40.41 56.05 -24.29
C GLY O 240 39.00 56.62 -24.31
N SER O 241 38.23 56.37 -23.25
CA SER O 241 36.85 56.87 -23.19
C SER O 241 36.80 58.09 -22.29
N HIS O 242 36.56 59.26 -22.89
CA HIS O 242 36.37 60.51 -22.16
C HIS O 242 34.92 60.64 -21.71
N TYR O 243 34.74 61.26 -20.54
CA TYR O 243 33.46 61.28 -19.84
C TYR O 243 33.05 62.72 -19.58
N ASP O 244 31.74 62.97 -19.52
CA ASP O 244 31.26 64.29 -19.15
C ASP O 244 31.56 64.58 -17.69
N ALA O 245 31.92 65.84 -17.41
CA ALA O 245 32.34 66.22 -16.07
C ALA O 245 31.20 66.08 -15.06
N SER O 246 29.96 66.26 -15.49
CA SER O 246 28.83 66.13 -14.58
C SER O 246 28.59 64.69 -14.13
N GLY O 247 29.20 63.72 -14.81
CA GLY O 247 29.00 62.33 -14.46
C GLY O 247 28.53 61.50 -15.64
N ARG O 248 28.09 62.18 -16.69
CA ARG O 248 27.63 61.52 -17.91
C ARG O 248 28.83 61.23 -18.81
N ILE O 249 28.55 60.81 -20.04
CA ILE O 249 29.55 60.73 -21.10
C ILE O 249 29.00 61.49 -22.29
N ARG O 250 29.85 62.34 -22.89
CA ARG O 250 29.42 63.02 -24.11
C ARG O 250 29.50 62.09 -25.31
N LYS O 251 30.57 61.31 -25.40
CA LYS O 251 30.76 60.31 -26.44
C LYS O 251 32.00 59.49 -26.08
N GLY O 252 32.27 58.46 -26.88
CA GLY O 252 33.43 57.63 -26.67
C GLY O 252 33.10 56.15 -26.74
N PRO O 253 34.13 55.31 -26.54
CA PRO O 253 33.89 53.86 -26.57
C PRO O 253 32.91 53.38 -25.51
N ALA O 254 32.85 54.05 -24.36
CA ALA O 254 31.96 53.61 -23.29
C ALA O 254 30.51 53.73 -23.73
N PRO O 255 29.70 52.70 -23.54
CA PRO O 255 28.31 52.75 -24.01
C PRO O 255 27.45 53.81 -23.33
N LEU O 256 27.34 53.77 -22.01
CA LEU O 256 26.43 54.66 -21.28
C LEU O 256 27.17 55.37 -20.16
N ASN O 257 26.44 56.22 -19.45
CA ASN O 257 27.02 57.12 -18.48
C ASN O 257 27.47 56.38 -17.22
N LEU O 258 28.29 57.07 -16.42
CA LEU O 258 28.78 56.50 -15.17
C LEU O 258 27.64 56.36 -14.17
N GLU O 259 27.62 55.25 -13.44
CA GLU O 259 26.53 54.97 -12.51
C GLU O 259 26.60 55.91 -11.30
N VAL O 260 25.44 56.36 -10.86
CA VAL O 260 25.30 57.24 -9.70
C VAL O 260 24.63 56.43 -8.59
N PRO O 261 25.22 56.36 -7.40
CA PRO O 261 24.65 55.56 -6.32
C PRO O 261 23.57 56.34 -5.56
N THR O 262 22.99 55.69 -4.57
CA THR O 262 21.91 56.27 -3.78
C THR O 262 22.46 57.03 -2.57
N TYR O 263 23.31 58.00 -2.87
CA TYR O 263 23.91 58.83 -1.83
C TYR O 263 22.89 59.78 -1.22
N GLU O 264 23.19 60.26 -0.02
CA GLU O 264 22.35 61.20 0.69
C GLU O 264 23.19 62.40 1.13
N PHE O 265 22.60 63.60 1.03
CA PHE O 265 23.33 64.84 1.24
C PHE O 265 23.11 65.43 2.63
N THR O 266 22.54 64.67 3.55
CA THR O 266 22.23 65.20 4.87
C THR O 266 23.49 65.65 5.60
N SER O 267 23.40 66.80 6.28
CA SER O 267 24.49 67.36 7.07
C SER O 267 25.78 67.44 6.24
N ASP O 268 25.73 68.33 5.25
CA ASP O 268 26.76 68.48 4.21
C ASP O 268 28.17 68.30 4.74
N ASP O 269 28.43 68.77 5.95
CA ASP O 269 29.73 68.51 6.58
C ASP O 269 30.04 67.02 6.65
N LEU O 270 29.03 66.20 6.96
CA LEU O 270 29.18 64.74 7.04
C LEU O 270 28.14 64.12 6.09
N VAL O 271 28.54 63.90 4.85
CA VAL O 271 27.64 63.36 3.83
C VAL O 271 27.80 61.85 3.79
N ILE O 272 26.68 61.12 3.93
CA ILE O 272 26.71 59.66 3.89
C ILE O 272 26.31 59.20 2.50
N VAL O 273 27.01 58.17 2.02
CA VAL O 273 26.62 57.44 0.82
C VAL O 273 26.00 56.12 1.27
N GLY O 274 24.85 55.79 0.69
CA GLY O 274 24.13 54.58 1.05
C GLY O 274 24.93 53.32 0.82
N TRP P 13 13.53 -27.07 49.54
CA TRP P 13 13.65 -27.87 48.32
C TRP P 13 13.61 -26.96 47.09
N LEU P 14 13.76 -27.56 45.91
CA LEU P 14 13.75 -26.79 44.67
C LEU P 14 12.41 -26.09 44.46
N GLU P 15 11.33 -26.64 45.01
CA GLU P 15 10.05 -25.94 44.93
C GLU P 15 10.10 -24.59 45.62
N GLY P 16 10.94 -24.43 46.65
CA GLY P 16 11.07 -23.14 47.30
C GLY P 16 11.62 -22.07 46.37
N ILE P 17 12.71 -22.39 45.65
CA ILE P 17 13.26 -21.42 44.71
C ILE P 17 12.34 -21.23 43.51
N ARG P 18 11.62 -22.29 43.10
CA ARG P 18 10.63 -22.12 42.04
C ARG P 18 9.56 -21.11 42.46
N LYS P 19 9.03 -21.24 43.68
CA LYS P 19 8.05 -20.30 44.18
C LYS P 19 8.63 -18.90 44.31
N TRP P 20 9.89 -18.80 44.76
CA TRP P 20 10.52 -17.50 44.88
C TRP P 20 10.62 -16.81 43.53
N TYR P 21 11.04 -17.54 42.50
CA TYR P 21 11.13 -16.93 41.18
C TYR P 21 9.75 -16.60 40.63
N TYR P 22 8.75 -17.43 40.91
CA TYR P 22 7.39 -17.14 40.47
C TYR P 22 6.90 -15.83 41.08
N ASN P 23 7.17 -15.63 42.37
CA ASN P 23 6.76 -14.38 43.02
C ASN P 23 7.56 -13.19 42.49
N ALA P 24 8.86 -13.39 42.24
CA ALA P 24 9.70 -12.29 41.81
C ALA P 24 9.44 -11.89 40.36
N ALA P 25 8.89 -12.80 39.56
CA ALA P 25 8.67 -12.52 38.14
C ALA P 25 7.73 -11.34 37.95
N GLY P 26 6.62 -11.33 38.69
CA GLY P 26 5.70 -10.22 38.70
C GLY P 26 4.44 -10.41 37.88
N PHE P 27 4.42 -11.38 36.97
CA PHE P 27 3.19 -11.60 36.20
C PHE P 27 2.06 -12.15 37.04
N ASN P 28 2.37 -12.67 38.24
CA ASN P 28 1.32 -13.01 39.18
C ASN P 28 0.63 -11.77 39.71
N LYS P 29 1.39 -10.68 39.89
CA LYS P 29 0.82 -9.42 40.36
C LYS P 29 -0.22 -8.90 39.37
N LEU P 30 0.05 -9.04 38.08
CA LEU P 30 -0.86 -8.61 37.03
C LEU P 30 -2.05 -9.55 36.86
N GLY P 31 -2.15 -10.59 37.69
CA GLY P 31 -3.23 -11.55 37.56
C GLY P 31 -3.07 -12.52 36.43
N LEU P 32 -1.93 -12.52 35.75
CA LEU P 32 -1.71 -13.38 34.60
C LEU P 32 -1.38 -14.80 35.02
N MET P 33 -1.70 -15.73 34.14
CA MET P 33 -1.26 -17.12 34.26
C MET P 33 -0.03 -17.32 33.40
N ARG P 34 0.84 -18.23 33.82
CA ARG P 34 2.15 -18.44 33.19
C ARG P 34 2.08 -18.44 31.67
N ASP P 35 1.20 -19.29 31.11
CA ASP P 35 1.12 -19.42 29.66
C ASP P 35 0.71 -18.13 28.97
N ASP P 36 0.06 -17.22 29.69
CA ASP P 36 -0.30 -15.93 29.08
C ASP P 36 0.92 -15.08 28.75
N THR P 37 2.05 -15.34 29.40
CA THR P 37 3.27 -14.57 29.17
C THR P 37 4.15 -15.20 28.10
N ILE P 38 3.69 -16.28 27.47
CA ILE P 38 4.47 -16.93 26.42
C ILE P 38 4.66 -15.97 25.25
N TYR P 39 5.80 -16.08 24.59
CA TYR P 39 6.02 -15.30 23.37
C TYR P 39 5.33 -15.98 22.19
N GLU P 40 4.55 -15.22 21.44
CA GLU P 40 3.74 -15.77 20.36
C GLU P 40 4.62 -15.98 19.13
N ASP P 41 5.42 -17.04 19.18
CA ASP P 41 6.15 -17.49 18.01
C ASP P 41 5.23 -18.36 17.15
N ASP P 42 5.76 -18.83 16.01
CA ASP P 42 4.92 -19.51 15.03
C ASP P 42 4.25 -20.75 15.61
N ASP P 43 5.00 -21.53 16.39
CA ASP P 43 4.42 -22.71 17.03
C ASP P 43 3.35 -22.32 18.04
N VAL P 44 3.51 -21.16 18.66
CA VAL P 44 2.57 -20.73 19.70
C VAL P 44 1.24 -20.31 19.10
N LYS P 45 1.27 -19.62 17.94
CA LYS P 45 0.03 -19.13 17.33
C LYS P 45 -0.96 -20.27 17.08
N GLU P 46 -0.46 -21.42 16.63
CA GLU P 46 -1.34 -22.57 16.47
C GLU P 46 -1.91 -23.02 17.80
N ALA P 47 -1.14 -22.88 18.89
CA ALA P 47 -1.65 -23.23 20.21
C ALA P 47 -2.82 -22.34 20.60
N ILE P 48 -2.71 -21.03 20.36
CA ILE P 48 -3.88 -20.17 20.58
C ILE P 48 -5.02 -20.59 19.67
N ARG P 49 -4.73 -20.87 18.40
CA ARG P 49 -5.79 -21.23 17.47
C ARG P 49 -6.43 -22.58 17.81
N ARG P 50 -5.81 -23.36 18.70
CA ARG P 50 -6.28 -24.71 18.97
C ARG P 50 -7.04 -24.88 20.28
N LEU P 51 -7.01 -23.89 21.17
CA LEU P 51 -7.70 -24.03 22.45
C LEU P 51 -9.21 -24.02 22.26
N PRO P 52 -9.95 -24.59 23.21
CA PRO P 52 -11.41 -24.42 23.20
C PRO P 52 -11.80 -22.97 23.45
N GLU P 53 -13.09 -22.69 23.22
CA GLU P 53 -13.57 -21.31 23.29
C GLU P 53 -13.45 -20.73 24.69
N ASN P 54 -13.72 -21.51 25.73
CA ASN P 54 -13.74 -20.98 27.09
C ASN P 54 -12.36 -20.53 27.53
N LEU P 55 -11.35 -21.39 27.35
CA LEU P 55 -9.99 -21.02 27.72
C LEU P 55 -9.50 -19.85 26.86
N TYR P 56 -9.86 -19.84 25.58
CA TYR P 56 -9.47 -18.75 24.69
C TYR P 56 -10.01 -17.42 25.22
N ASN P 57 -11.30 -17.37 25.55
CA ASN P 57 -11.91 -16.14 26.04
C ASN P 57 -11.32 -15.72 27.38
N ASP P 58 -11.12 -16.68 28.30
CA ASP P 58 -10.53 -16.35 29.58
C ASP P 58 -9.13 -15.78 29.42
N ARG P 59 -8.32 -16.39 28.56
CA ARG P 59 -6.97 -15.89 28.31
C ARG P 59 -7.00 -14.49 27.73
N VAL P 60 -7.90 -14.25 26.77
CA VAL P 60 -7.95 -12.93 26.15
C VAL P 60 -8.37 -11.87 27.16
N PHE P 61 -9.38 -12.15 27.97
CA PHE P 61 -9.80 -11.17 28.97
C PHE P 61 -8.69 -10.91 29.99
N ARG P 62 -7.99 -11.97 30.41
CA ARG P 62 -6.91 -11.80 31.37
C ARG P 62 -5.78 -10.95 30.79
N ILE P 63 -5.44 -11.19 29.52
CA ILE P 63 -4.42 -10.39 28.87
C ILE P 63 -4.86 -8.93 28.75
N LYS P 64 -6.13 -8.71 28.41
CA LYS P 64 -6.64 -7.35 28.32
C LYS P 64 -6.58 -6.65 29.67
N ARG P 65 -6.92 -7.35 30.74
CA ARG P 65 -6.82 -6.78 32.08
C ARG P 65 -5.38 -6.44 32.42
N ALA P 66 -4.44 -7.33 32.08
CA ALA P 66 -3.03 -7.04 32.33
C ALA P 66 -2.55 -5.82 31.55
N LEU P 67 -2.98 -5.70 30.29
CA LEU P 67 -2.60 -4.54 29.48
C LEU P 67 -3.18 -3.26 30.09
N ASP P 68 -4.43 -3.31 30.55
CA ASP P 68 -5.03 -2.15 31.19
C ASP P 68 -4.26 -1.78 32.46
N LEU P 69 -3.88 -2.77 33.26
CA LEU P 69 -3.12 -2.49 34.48
C LEU P 69 -1.77 -1.86 34.16
N THR P 70 -1.06 -2.39 33.16
CA THR P 70 0.21 -1.80 32.77
C THR P 70 0.05 -0.42 32.15
N MET P 71 -1.13 -0.11 31.60
CA MET P 71 -1.39 1.24 31.13
C MET P 71 -1.29 2.25 32.25
N ARG P 72 -1.87 1.93 33.40
CA ARG P 72 -1.88 2.82 34.56
C ARG P 72 -0.72 2.58 35.51
N GLN P 73 0.19 1.66 35.17
CA GLN P 73 1.30 1.29 36.04
C GLN P 73 0.78 0.83 37.41
N GLN P 74 -0.27 0.02 37.40
CA GLN P 74 -0.93 -0.44 38.61
C GLN P 74 -1.07 -1.94 38.59
N ILE P 75 -1.30 -2.52 39.76
CA ILE P 75 -1.51 -3.95 39.93
C ILE P 75 -2.80 -4.16 40.71
N LEU P 76 -3.37 -5.36 40.58
CA LEU P 76 -4.57 -5.69 41.32
C LEU P 76 -4.24 -5.83 42.81
N PRO P 77 -5.25 -5.73 43.67
CA PRO P 77 -5.02 -5.93 45.10
C PRO P 77 -4.41 -7.29 45.40
N LYS P 78 -3.91 -7.43 46.63
CA LYS P 78 -3.08 -8.57 47.00
C LYS P 78 -3.78 -9.91 46.82
N GLU P 79 -5.05 -10.00 47.26
CA GLU P 79 -5.72 -11.30 47.30
C GLU P 79 -6.00 -11.85 45.90
N GLN P 80 -6.21 -10.98 44.91
CA GLN P 80 -6.51 -11.45 43.55
C GLN P 80 -5.25 -11.54 42.71
N TRP P 81 -4.32 -12.35 43.21
CA TRP P 81 -3.08 -12.67 42.51
C TRP P 81 -3.10 -14.15 42.17
N THR P 82 -2.47 -14.52 41.05
CA THR P 82 -2.39 -15.93 40.69
C THR P 82 -1.37 -16.64 41.58
N LYS P 83 -1.84 -17.49 42.49
CA LYS P 83 -0.95 -18.22 43.37
C LYS P 83 -0.13 -19.24 42.58
N TYR P 84 1.06 -19.55 43.11
CA TYR P 84 1.93 -20.51 42.44
C TYR P 84 1.29 -21.89 42.38
N GLU P 85 0.64 -22.31 43.46
CA GLU P 85 -0.04 -23.59 43.52
C GLU P 85 -1.36 -23.60 42.75
N GLU P 86 -1.65 -22.55 42.02
CA GLU P 86 -2.87 -22.48 41.21
C GLU P 86 -2.60 -22.32 39.73
N ASP P 87 -1.38 -21.94 39.35
CA ASP P 87 -1.08 -21.52 37.98
C ASP P 87 -1.17 -22.70 37.02
N LYS P 88 -2.36 -22.93 36.47
CA LYS P 88 -2.59 -24.05 35.57
C LYS P 88 -1.83 -23.85 34.26
N PHE P 89 -1.27 -24.95 33.75
CA PHE P 89 -0.55 -24.92 32.49
C PHE P 89 -1.48 -25.41 31.38
N TYR P 90 -2.51 -24.60 31.12
CA TYR P 90 -3.55 -24.97 30.18
C TYR P 90 -3.00 -25.10 28.77
N LEU P 91 -2.12 -24.18 28.36
CA LEU P 91 -1.56 -24.19 27.03
C LEU P 91 -0.46 -25.24 26.85
N GLU P 92 -0.02 -25.86 27.94
CA GLU P 92 1.09 -26.81 27.85
C GLU P 92 0.80 -28.01 26.98
N PRO P 93 -0.33 -28.73 27.12
CA PRO P 93 -0.54 -29.88 26.23
C PRO P 93 -0.65 -29.50 24.76
N TYR P 94 -1.34 -28.40 24.47
CA TYR P 94 -1.48 -27.97 23.08
C TYR P 94 -0.14 -27.57 22.49
N LEU P 95 0.67 -26.83 23.25
CA LEU P 95 1.98 -26.43 22.75
C LEU P 95 2.89 -27.64 22.58
N LYS P 96 2.80 -28.61 23.50
CA LYS P 96 3.59 -29.83 23.37
C LYS P 96 3.19 -30.60 22.12
N GLU P 97 1.90 -30.70 21.85
CA GLU P 97 1.45 -31.40 20.64
C GLU P 97 1.91 -30.67 19.38
N VAL P 98 1.85 -29.34 19.39
CA VAL P 98 2.33 -28.56 18.23
C VAL P 98 3.82 -28.79 18.02
N ILE P 99 4.58 -28.77 19.10
CA ILE P 99 6.02 -28.97 19.02
C ILE P 99 6.33 -30.37 18.50
N ARG P 100 5.60 -31.38 18.98
CA ARG P 100 5.80 -32.74 18.50
C ARG P 100 5.49 -32.86 17.02
N GLU P 101 4.39 -32.24 16.58
CA GLU P 101 4.04 -32.30 15.16
C GLU P 101 5.10 -31.62 14.31
N ARG P 102 5.60 -30.47 14.76
CA ARG P 102 6.65 -29.78 14.01
C ARG P 102 7.93 -30.60 13.97
N LYS P 103 8.27 -31.25 15.08
CA LYS P 103 9.45 -32.11 15.11
C LYS P 103 9.31 -33.27 14.14
N GLU P 104 8.12 -33.89 14.10
CA GLU P 104 7.89 -34.98 13.15
C GLU P 104 7.99 -34.49 11.70
N ARG P 105 7.43 -33.31 11.43
CA ARG P 105 7.51 -32.75 10.08
C ARG P 105 8.96 -32.47 9.69
N GLU P 106 9.74 -31.92 10.62
CA GLU P 106 11.15 -31.69 10.34
C GLU P 106 11.90 -33.00 10.13
N GLU P 107 11.58 -34.02 10.93
CA GLU P 107 12.22 -35.32 10.78
C GLU P 107 11.94 -35.92 9.42
N TRP P 108 10.71 -35.81 8.93
CA TRP P 108 10.43 -36.21 7.55
C TRP P 108 11.19 -35.33 6.57
N ALA P 109 11.31 -34.05 6.86
CA ALA P 109 12.05 -33.12 6.02
C ALA P 109 13.52 -33.00 6.38
N LYS P 110 14.01 -33.83 7.30
CA LYS P 110 15.40 -33.78 7.75
C LYS P 110 16.36 -34.34 6.71
N ARG Q 3 -3.67 -4.98 8.85
CA ARG Q 3 -3.53 -4.73 10.28
C ARG Q 3 -4.43 -3.60 10.77
N GLU Q 4 -5.26 -3.07 9.87
CA GLU Q 4 -6.20 -2.05 10.26
C GLU Q 4 -7.30 -2.67 11.13
N PHE Q 5 -8.11 -1.80 11.73
CA PHE Q 5 -9.12 -2.22 12.69
C PHE Q 5 -10.13 -3.17 12.06
N GLY Q 6 -10.23 -4.38 12.61
CA GLY Q 6 -11.18 -5.37 12.14
C GLY Q 6 -10.62 -6.77 11.96
N HIS Q 7 -9.44 -6.90 11.36
CA HIS Q 7 -8.68 -8.15 11.45
C HIS Q 7 -7.57 -8.00 12.49
N LEU Q 8 -7.98 -7.93 13.76
CA LEU Q 8 -7.03 -7.86 14.86
C LEU Q 8 -7.12 -9.09 15.76
N THR Q 9 -8.29 -9.40 16.29
CA THR Q 9 -8.46 -10.53 17.17
C THR Q 9 -9.95 -10.87 17.27
N ARG Q 10 -10.23 -11.99 17.93
CA ARG Q 10 -11.60 -12.42 18.20
C ARG Q 10 -11.83 -12.36 19.71
N MET Q 11 -12.86 -11.65 20.13
CA MET Q 11 -13.14 -11.42 21.54
C MET Q 11 -14.63 -11.57 21.77
N ARG Q 12 -14.98 -12.13 22.93
CA ARG Q 12 -16.39 -12.37 23.27
C ARG Q 12 -16.64 -12.06 24.73
N HIS Q 13 -17.85 -11.57 25.01
CA HIS Q 13 -18.32 -11.29 26.36
C HIS Q 13 -17.37 -10.40 27.14
N VAL Q 14 -16.98 -9.29 26.52
CA VAL Q 14 -16.15 -8.28 27.16
C VAL Q 14 -16.86 -6.94 27.04
N ILE Q 15 -17.07 -6.28 28.18
CA ILE Q 15 -17.77 -5.01 28.24
C ILE Q 15 -16.81 -3.96 28.79
N THR Q 16 -16.72 -2.83 28.10
CA THR Q 16 -15.84 -1.73 28.49
C THR Q 16 -16.67 -0.50 28.76
N TYR Q 17 -16.60 0.00 29.99
CA TYR Q 17 -17.25 1.25 30.35
C TYR Q 17 -16.24 2.38 30.34
N SER Q 18 -16.59 3.48 29.67
CA SER Q 18 -15.72 4.64 29.59
C SER Q 18 -16.56 5.90 29.75
N LEU Q 19 -15.92 6.96 30.23
CA LEU Q 19 -16.58 8.22 30.52
C LEU Q 19 -15.96 9.32 29.67
N SER Q 20 -16.74 10.38 29.45
CA SER Q 20 -16.28 11.47 28.61
C SER Q 20 -15.08 12.18 29.27
N PRO Q 21 -14.09 12.61 28.48
CA PRO Q 21 -12.98 13.36 29.07
C PRO Q 21 -13.39 14.68 29.67
N PHE Q 22 -14.55 15.22 29.31
CA PHE Q 22 -15.04 16.47 29.86
C PHE Q 22 -15.77 16.30 31.18
N GLU Q 23 -15.94 15.06 31.65
CA GLU Q 23 -16.57 14.80 32.93
C GLU Q 23 -15.60 14.30 33.99
N GLN Q 24 -14.52 13.63 33.61
CA GLN Q 24 -13.50 13.22 34.56
C GLN Q 24 -12.48 14.35 34.74
N ARG Q 25 -12.06 14.55 35.97
CA ARG Q 25 -10.95 15.45 36.22
C ARG Q 25 -9.67 14.86 35.63
N ALA Q 26 -8.86 15.72 35.01
CA ALA Q 26 -7.65 15.26 34.35
C ALA Q 26 -6.62 14.71 35.34
N PHE Q 27 -6.72 15.06 36.61
CA PHE Q 27 -5.78 14.62 37.64
C PHE Q 27 -6.55 14.05 38.83
N PRO Q 28 -7.15 12.87 38.67
CA PRO Q 28 -7.91 12.29 39.78
C PRO Q 28 -6.99 11.77 40.87
N HIS Q 29 -6.97 12.44 42.02
CA HIS Q 29 -6.09 12.08 43.14
C HIS Q 29 -4.64 12.01 42.66
N TYR Q 30 -4.14 13.15 42.20
CA TYR Q 30 -2.81 13.20 41.61
C TYR Q 30 -1.75 12.77 42.60
N PHE Q 31 -1.54 13.56 43.65
CA PHE Q 31 -0.48 13.26 44.60
C PHE Q 31 -0.85 12.15 45.56
N THR Q 32 -2.02 12.24 46.20
CA THR Q 32 -2.38 11.33 47.28
C THR Q 32 -2.41 9.88 46.81
N LYS Q 33 -2.59 9.64 45.51
CA LYS Q 33 -2.56 8.30 44.98
C LYS Q 33 -1.31 8.01 44.16
N GLY Q 34 -0.75 9.02 43.49
CA GLY Q 34 0.45 8.79 42.71
C GLY Q 34 1.67 8.49 43.56
N ILE Q 35 1.81 9.20 44.68
CA ILE Q 35 3.00 9.01 45.53
C ILE Q 35 3.12 7.58 46.03
N PRO Q 36 2.08 6.95 46.59
CA PRO Q 36 2.23 5.53 46.96
C PRO Q 36 2.57 4.63 45.79
N ASN Q 37 2.01 4.90 44.61
CA ASN Q 37 2.28 4.05 43.46
C ASN Q 37 3.72 4.22 42.99
N VAL Q 38 4.23 5.45 42.97
CA VAL Q 38 5.62 5.68 42.58
C VAL Q 38 6.57 5.06 43.60
N LEU Q 39 6.23 5.16 44.88
CA LEU Q 39 7.05 4.51 45.90
C LEU Q 39 7.06 3.00 45.72
N ARG Q 40 5.90 2.41 45.39
CA ARG Q 40 5.84 0.97 45.16
C ARG Q 40 6.68 0.56 43.94
N ARG Q 41 6.60 1.34 42.86
CA ARG Q 41 7.39 1.04 41.67
C ARG Q 41 8.88 1.15 41.96
N THR Q 42 9.28 2.17 42.72
CA THR Q 42 10.68 2.31 43.10
C THR Q 42 11.13 1.15 43.96
N ARG Q 43 10.29 0.73 44.92
CA ARG Q 43 10.62 -0.42 45.74
C ARG Q 43 10.79 -1.68 44.90
N ALA Q 44 9.95 -1.83 43.87
CA ALA Q 44 10.03 -3.01 43.02
C ALA Q 44 11.29 -3.02 42.16
N CYS Q 45 11.68 -1.85 41.62
CA CYS Q 45 12.73 -1.84 40.61
C CYS Q 45 14.13 -1.58 41.18
N ILE Q 46 14.22 -0.85 42.29
CA ILE Q 46 15.54 -0.41 42.76
C ILE Q 46 16.40 -1.60 43.17
N LEU Q 47 15.80 -2.66 43.71
CA LEU Q 47 16.54 -3.83 44.17
C LEU Q 47 17.40 -4.43 43.05
N ARG Q 48 16.92 -4.38 41.81
CA ARG Q 48 17.69 -4.88 40.67
C ARG Q 48 18.32 -3.79 39.84
N VAL Q 49 17.96 -2.52 40.05
CA VAL Q 49 18.54 -1.45 39.25
C VAL Q 49 19.77 -0.83 39.90
N ALA Q 50 19.73 -0.59 41.21
CA ALA Q 50 20.77 0.16 41.89
C ALA Q 50 22.15 -0.51 41.91
N PRO Q 51 22.27 -1.79 42.27
CA PRO Q 51 23.62 -2.38 42.50
C PRO Q 51 24.56 -2.21 41.30
N PRO Q 52 24.12 -2.51 40.06
CA PRO Q 52 25.08 -2.36 38.95
C PRO Q 52 25.53 -0.93 38.74
N PHE Q 53 24.67 0.05 39.04
CA PHE Q 53 25.09 1.44 38.89
C PHE Q 53 25.98 1.90 40.04
N VAL Q 54 25.76 1.37 41.24
CA VAL Q 54 26.58 1.79 42.37
C VAL Q 54 27.97 1.17 42.27
N VAL Q 55 28.07 -0.08 41.80
CA VAL Q 55 29.39 -0.67 41.61
C VAL Q 55 30.18 0.11 40.58
N PHE Q 56 29.50 0.70 39.59
CA PHE Q 56 30.20 1.62 38.70
C PHE Q 56 30.76 2.80 39.46
N TYR Q 57 30.03 3.30 40.46
CA TYR Q 57 30.53 4.44 41.22
C TYR Q 57 31.78 4.07 42.01
N LEU Q 58 31.77 2.92 42.69
CA LEU Q 58 33.00 2.52 43.39
C LEU Q 58 34.14 2.29 42.40
N VAL Q 59 33.85 1.70 41.24
CA VAL Q 59 34.90 1.49 40.24
C VAL Q 59 35.48 2.82 39.78
N TYR Q 60 34.61 3.82 39.56
CA TYR Q 60 35.06 5.13 39.11
C TYR Q 60 35.93 5.81 40.16
N THR Q 61 35.48 5.79 41.42
CA THR Q 61 36.28 6.40 42.49
C THR Q 61 37.61 5.69 42.66
N TRP Q 62 37.60 4.35 42.61
CA TRP Q 62 38.83 3.57 42.74
C TRP Q 62 39.79 3.91 41.60
N GLY Q 63 39.28 3.99 40.37
CA GLY Q 63 40.13 4.31 39.25
C GLY Q 63 40.72 5.70 39.34
N THR Q 64 39.91 6.67 39.77
CA THR Q 64 40.42 8.03 39.90
C THR Q 64 41.52 8.12 40.96
N GLN Q 65 41.31 7.49 42.13
CA GLN Q 65 42.32 7.59 43.17
C GLN Q 65 43.56 6.79 42.78
N GLU Q 66 43.37 5.66 42.10
CA GLU Q 66 44.51 4.89 41.61
C GLU Q 66 45.33 5.70 40.61
N PHE Q 67 44.66 6.40 39.69
CA PHE Q 67 45.37 7.25 38.73
C PHE Q 67 46.14 8.35 39.46
N GLU Q 68 45.51 9.02 40.42
CA GLU Q 68 46.18 10.14 41.07
C GLU Q 68 47.34 9.66 41.94
N LYS Q 69 47.21 8.48 42.55
CA LYS Q 69 48.31 7.98 43.39
C LYS Q 69 49.43 7.39 42.56
N SER Q 70 49.13 6.81 41.39
CA SER Q 70 50.19 6.31 40.54
C SER Q 70 50.91 7.44 39.82
N LYS Q 71 50.22 8.54 39.56
CA LYS Q 71 50.82 9.70 38.92
C LYS Q 71 51.67 10.52 39.89
N ARG Q 72 51.47 10.34 41.19
CA ARG Q 72 52.29 11.00 42.21
C ARG Q 72 53.68 10.37 42.25
N LYS Q 73 54.61 11.10 42.86
CA LYS Q 73 55.98 10.64 42.99
C LYS Q 73 56.12 9.70 44.18
N ASN Q 74 57.05 8.75 44.07
CA ASN Q 74 57.34 7.84 45.16
C ASN Q 74 58.70 8.18 45.78
N PRO Q 75 58.84 7.99 47.10
CA PRO Q 75 60.14 8.26 47.75
C PRO Q 75 61.16 7.19 47.37
N ALA Q 76 62.27 7.62 46.79
CA ALA Q 76 63.33 6.70 46.38
C ALA Q 76 64.67 7.40 46.34
N LEU R 26 50.92 51.60 46.56
CA LEU R 26 49.74 50.83 46.20
C LEU R 26 49.94 49.38 46.62
N VAL R 27 49.06 48.89 47.49
CA VAL R 27 49.13 47.52 47.99
C VAL R 27 48.15 46.66 47.19
N ASP R 28 48.50 45.40 47.02
CA ASP R 28 47.69 44.47 46.24
C ASP R 28 46.86 43.61 47.18
N PRO R 29 45.53 43.64 47.06
CA PRO R 29 44.70 42.74 47.88
C PRO R 29 44.99 41.27 47.62
N LEU R 30 45.59 40.92 46.48
CA LEU R 30 45.98 39.55 46.24
C LEU R 30 46.98 39.07 47.28
N THR R 31 48.06 39.83 47.47
CA THR R 31 49.05 39.47 48.47
C THR R 31 48.47 39.54 49.88
N THR R 32 47.63 40.55 50.13
CA THR R 32 47.02 40.70 51.45
C THR R 32 46.18 39.48 51.80
N VAL R 33 45.39 38.99 50.85
CA VAL R 33 44.58 37.80 51.07
C VAL R 33 45.47 36.57 51.20
N ARG R 34 46.50 36.48 50.35
CA ARG R 34 47.45 35.36 50.42
C ARG R 34 48.02 35.23 51.83
N GLU R 35 48.29 36.36 52.47
CA GLU R 35 48.95 36.34 53.78
C GLU R 35 48.19 35.49 54.79
N GLN R 36 46.96 35.89 55.14
CA GLN R 36 46.24 35.10 56.14
C GLN R 36 45.54 33.89 55.55
N CYS R 37 45.52 33.76 54.22
CA CYS R 37 44.99 32.54 53.63
C CYS R 37 45.99 31.40 53.75
N GLU R 38 47.28 31.71 53.72
CA GLU R 38 48.29 30.69 53.98
C GLU R 38 48.20 30.19 55.42
N GLN R 39 47.59 30.97 56.31
CA GLN R 39 47.50 30.60 57.72
C GLN R 39 46.54 29.46 57.98
N ILE R 40 45.75 29.04 56.99
CA ILE R 40 44.85 27.92 57.18
C ILE R 40 45.68 26.66 57.45
N GLU R 41 45.06 25.69 58.13
CA GLU R 41 45.84 24.57 58.66
C GLU R 41 46.31 23.62 57.57
N LYS R 42 45.51 23.42 56.51
CA LYS R 42 45.94 22.51 55.46
C LYS R 42 47.07 23.15 54.64
N CYS R 43 47.00 24.46 54.42
CA CYS R 43 48.15 25.18 53.87
C CYS R 43 49.35 25.07 54.80
N ILE R 44 49.12 25.07 56.10
CA ILE R 44 50.22 24.94 57.05
C ILE R 44 50.93 23.61 56.88
N LYS R 45 50.16 22.52 56.81
CA LYS R 45 50.78 21.20 56.62
C LYS R 45 51.47 21.10 55.27
N ALA R 46 50.88 21.69 54.23
CA ALA R 46 51.53 21.70 52.92
C ALA R 46 52.86 22.44 52.98
N ARG R 47 52.90 23.55 53.71
CA ARG R 47 54.15 24.29 53.86
C ARG R 47 55.18 23.48 54.64
N GLU R 48 54.73 22.73 55.65
CA GLU R 48 55.66 21.83 56.33
C GLU R 48 56.25 20.81 55.36
N ARG R 49 55.41 20.20 54.53
CA ARG R 49 55.91 19.25 53.54
C ARG R 49 56.92 19.92 52.61
N LEU R 50 56.62 21.14 52.19
CA LEU R 50 57.57 21.91 51.38
C LEU R 50 58.90 22.10 52.09
N GLU R 51 58.87 22.43 53.39
CA GLU R 51 60.13 22.74 54.06
C GLU R 51 60.94 21.48 54.34
N LEU R 52 60.29 20.32 54.50
CA LEU R 52 61.09 19.10 54.45
C LEU R 52 61.70 18.91 53.06
N CYS R 53 60.91 19.15 52.01
CA CYS R 53 61.40 18.89 50.66
C CYS R 53 62.60 19.77 50.30
N ASP R 54 62.63 21.01 50.80
CA ASP R 54 63.69 21.93 50.40
C ASP R 54 65.08 21.38 50.71
N GLN R 55 65.31 20.95 51.96
CA GLN R 55 66.63 20.39 52.24
C GLN R 55 66.65 18.87 52.06
N ARG R 56 65.52 18.27 51.67
CA ARG R 56 65.60 16.90 51.17
C ARG R 56 66.22 16.87 49.78
N VAL R 57 65.98 17.91 48.99
CA VAL R 57 66.51 17.96 47.62
C VAL R 57 67.80 18.76 47.56
N SER R 58 67.86 19.92 48.23
CA SER R 58 69.01 20.82 48.09
C SER R 58 70.27 20.20 48.68
N SER R 59 70.16 19.59 49.85
CA SER R 59 71.35 19.03 50.50
C SER R 59 71.97 17.92 49.65
N ARG R 60 71.13 17.07 49.06
CA ARG R 60 71.61 16.03 48.16
C ARG R 60 72.19 16.68 46.92
N SER R 61 73.48 16.42 46.66
CA SER R 61 74.20 17.09 45.58
C SER R 61 73.59 16.80 44.22
N GLN R 62 73.62 15.54 43.80
CA GLN R 62 73.03 15.11 42.54
C GLN R 62 71.72 14.39 42.84
N THR R 63 70.64 14.85 42.21
CA THR R 63 69.31 14.30 42.47
C THR R 63 68.40 14.63 41.31
N GLU R 64 67.37 13.81 41.13
CA GLU R 64 66.32 14.09 40.15
C GLU R 64 65.03 14.57 40.79
N GLU R 65 64.80 14.24 42.07
CA GLU R 65 63.56 14.61 42.73
C GLU R 65 63.42 16.14 42.79
N ASP R 66 62.19 16.61 42.62
CA ASP R 66 61.88 18.03 42.64
C ASP R 66 60.80 18.31 43.69
N CYS R 67 60.78 19.54 44.17
CA CYS R 67 59.79 19.99 45.14
C CYS R 67 58.49 20.43 44.48
N THR R 68 58.24 20.01 43.24
CA THR R 68 57.11 20.57 42.49
C THR R 68 55.77 20.07 43.01
N GLU R 69 55.70 18.84 43.51
CA GLU R 69 54.42 18.32 43.98
C GLU R 69 54.07 18.89 45.36
N GLU R 70 55.07 19.07 46.23
CA GLU R 70 54.83 19.68 47.51
C GLU R 70 54.54 21.17 47.39
N LEU R 71 54.98 21.78 46.28
CA LEU R 71 54.51 23.13 45.96
C LEU R 71 53.10 23.08 45.38
N PHE R 72 52.78 22.01 44.64
CA PHE R 72 51.51 21.95 43.92
C PHE R 72 50.34 21.80 44.88
N ASP R 73 50.45 20.90 45.85
CA ASP R 73 49.34 20.76 46.79
C ASP R 73 49.18 22.02 47.62
N PHE R 74 50.29 22.68 47.98
CA PHE R 74 50.21 23.93 48.72
C PHE R 74 49.50 25.00 47.90
N LEU R 75 49.83 25.11 46.61
CA LEU R 75 49.17 26.10 45.77
C LEU R 75 47.70 25.78 45.60
N HIS R 76 47.33 24.50 45.48
CA HIS R 76 45.92 24.13 45.43
C HIS R 76 45.20 24.57 46.70
N ALA R 77 45.79 24.28 47.86
CA ALA R 77 45.17 24.64 49.14
C ALA R 77 45.03 26.15 49.27
N ARG R 78 46.08 26.89 48.91
CA ARG R 78 46.04 28.33 49.05
C ARG R 78 45.09 28.95 48.05
N ASP R 79 45.01 28.41 46.84
CA ASP R 79 44.24 29.04 45.78
C ASP R 79 42.75 28.76 45.91
N HIS R 80 42.36 27.60 46.42
CA HIS R 80 40.92 27.41 46.68
C HIS R 80 40.42 28.40 47.73
N CYS R 81 41.13 28.49 48.84
CA CYS R 81 40.92 29.54 49.84
C CYS R 81 40.89 30.94 49.23
N VAL R 82 41.89 31.28 48.42
CA VAL R 82 41.98 32.63 47.89
C VAL R 82 40.81 32.91 46.96
N ALA R 83 40.40 31.91 46.17
CA ALA R 83 39.23 32.06 45.31
C ALA R 83 37.97 32.31 46.12
N HIS R 84 37.85 31.65 47.27
CA HIS R 84 36.69 31.91 48.11
C HIS R 84 36.65 33.37 48.56
N LYS R 85 37.79 33.92 48.98
CA LYS R 85 37.93 35.33 49.30
C LYS R 85 38.34 36.10 48.03
N LEU R 86 38.83 37.33 48.22
CA LEU R 86 39.51 38.12 47.20
C LEU R 86 38.54 38.85 46.28
N PHE R 87 37.72 38.12 45.53
CA PHE R 87 36.83 38.75 44.57
C PHE R 87 35.87 39.73 45.26
N ASN R 88 35.51 39.45 46.52
CA ASN R 88 34.71 40.40 47.27
C ASN R 88 35.47 41.70 47.50
N SER R 89 36.77 41.60 47.78
CA SER R 89 37.58 42.80 48.00
C SER R 89 37.79 43.58 46.70
N LEU R 90 37.81 42.89 45.57
CA LEU R 90 38.02 43.54 44.27
C LEU R 90 36.83 44.41 43.89
N ARG S 47 -36.06 -15.28 16.21
CA ARG S 47 -36.13 -14.75 17.57
C ARG S 47 -36.40 -15.87 18.55
N SER S 48 -35.78 -15.80 19.73
CA SER S 48 -36.02 -16.81 20.76
C SER S 48 -37.44 -16.67 21.29
N PHE S 49 -38.15 -17.77 21.37
CA PHE S 49 -39.55 -17.78 21.80
C PHE S 49 -39.78 -18.90 22.82
N LEU S 50 -38.87 -18.98 23.80
CA LEU S 50 -38.89 -20.04 24.80
C LEU S 50 -39.85 -19.73 25.94
N CYS S 51 -41.09 -19.39 25.57
CA CYS S 51 -42.14 -19.12 26.54
C CYS S 51 -43.48 -19.26 25.84
N ARG S 52 -44.46 -19.82 26.57
CA ARG S 52 -45.81 -19.95 26.02
C ARG S 52 -46.42 -18.59 25.74
N GLU S 53 -46.34 -17.68 26.70
CA GLU S 53 -46.97 -16.36 26.54
C GLU S 53 -46.30 -15.58 25.42
N SER S 54 -44.98 -15.65 25.30
CA SER S 54 -44.29 -14.95 24.23
C SER S 54 -44.58 -15.59 22.87
N LEU S 55 -44.85 -16.91 22.85
CA LEU S 55 -45.22 -17.58 21.61
C LEU S 55 -46.62 -17.21 21.13
N SER S 56 -47.45 -16.64 22.00
CA SER S 56 -48.83 -16.34 21.62
C SER S 56 -48.86 -15.36 20.46
N GLY S 57 -49.63 -15.72 19.42
CA GLY S 57 -49.79 -14.89 18.24
C GLY S 57 -48.89 -15.28 17.08
N GLN S 58 -47.83 -16.07 17.32
CA GLN S 58 -46.92 -16.43 16.24
C GLN S 58 -47.55 -17.45 15.30
N ALA S 59 -48.55 -18.20 15.76
CA ALA S 59 -49.21 -19.19 14.91
C ALA S 59 -50.09 -18.48 13.89
N ALA S 60 -49.63 -18.44 12.64
CA ALA S 60 -50.36 -17.75 11.59
C ALA S 60 -51.67 -18.46 11.26
N GLY S 61 -52.68 -17.68 10.92
CA GLY S 61 -53.99 -18.23 10.60
C GLY S 61 -54.60 -17.64 9.35
N ARG S 62 -53.89 -16.76 8.68
CA ARG S 62 -54.35 -16.12 7.46
C ARG S 62 -53.26 -16.17 6.41
N PRO S 63 -53.61 -16.11 5.13
CA PRO S 63 -52.61 -16.32 4.07
C PRO S 63 -51.55 -15.23 4.07
N LEU S 64 -50.37 -15.61 3.56
CA LEU S 64 -49.24 -14.69 3.50
C LEU S 64 -49.56 -13.51 2.58
N VAL S 65 -49.14 -12.32 3.01
CA VAL S 65 -49.31 -11.10 2.22
C VAL S 65 -48.01 -10.30 2.27
N ALA S 66 -47.24 -10.35 1.18
CA ALA S 66 -45.99 -9.61 1.11
C ALA S 66 -46.28 -8.12 0.94
N SER S 67 -45.33 -7.30 1.39
CA SER S 67 -45.50 -5.85 1.31
C SER S 67 -44.13 -5.19 1.46
N VAL S 68 -43.78 -4.34 0.51
CA VAL S 68 -42.58 -3.53 0.57
C VAL S 68 -42.91 -2.13 0.09
N GLY S 69 -42.43 -1.11 0.82
CA GLY S 69 -42.65 0.26 0.48
C GLY S 69 -41.51 0.86 -0.31
N LEU S 70 -41.48 2.19 -0.35
CA LEU S 70 -40.38 2.94 -0.94
C LEU S 70 -39.46 3.52 0.11
N ASN S 71 -40.01 4.17 1.13
CA ASN S 71 -39.25 4.59 2.30
C ASN S 71 -39.69 3.84 3.56
N VAL S 72 -40.34 2.69 3.41
CA VAL S 72 -40.86 1.92 4.54
C VAL S 72 -40.30 0.50 4.44
N PRO S 73 -39.80 -0.06 5.54
CA PRO S 73 -39.21 -1.40 5.47
C PRO S 73 -40.24 -2.45 5.09
N ALA S 74 -39.78 -3.48 4.39
CA ALA S 74 -40.67 -4.55 3.97
C ALA S 74 -41.19 -5.34 5.17
N SER S 75 -42.41 -5.85 5.02
CA SER S 75 -43.05 -6.63 6.08
C SER S 75 -43.93 -7.68 5.44
N VAL S 76 -44.24 -8.72 6.22
CA VAL S 76 -45.02 -9.86 5.74
C VAL S 76 -46.16 -10.12 6.71
N ARG S 77 -47.19 -10.79 6.19
CA ARG S 77 -48.29 -11.28 7.01
C ARG S 77 -49.02 -12.32 6.17
N THR T 5 -21.30 31.14 35.32
CA THR T 5 -19.86 31.19 35.58
C THR T 5 -19.15 31.93 34.46
N LEU T 6 -18.06 32.63 34.80
CA LEU T 6 -17.30 33.36 33.79
C LEU T 6 -16.74 32.42 32.73
N THR T 7 -16.32 31.22 33.13
CA THR T 7 -15.86 30.23 32.17
C THR T 7 -16.97 29.82 31.21
N ALA T 8 -18.21 29.76 31.70
CA ALA T 8 -19.34 29.47 30.81
C ALA T 8 -19.50 30.55 29.76
N ARG T 9 -19.39 31.82 30.16
CA ARG T 9 -19.46 32.90 29.18
C ARG T 9 -18.31 32.80 28.18
N LEU T 10 -17.12 32.47 28.66
CA LEU T 10 -15.97 32.32 27.77
C LEU T 10 -16.23 31.25 26.72
N TYR T 11 -16.70 30.08 27.14
CA TYR T 11 -16.97 29.02 26.17
C TYR T 11 -18.10 29.41 25.22
N SER T 12 -19.15 30.04 25.74
CA SER T 12 -20.28 30.39 24.90
C SER T 12 -19.90 31.41 23.84
N LEU T 13 -19.05 32.38 24.18
CA LEU T 13 -18.73 33.48 23.29
C LEU T 13 -17.51 33.18 22.42
N LEU T 14 -16.36 32.93 23.03
CA LEU T 14 -15.09 32.89 22.29
C LEU T 14 -14.65 31.49 21.89
N PHE T 15 -15.25 30.44 22.44
CA PHE T 15 -14.72 29.09 22.27
C PHE T 15 -15.61 28.15 21.47
N ARG T 16 -16.89 28.46 21.31
CA ARG T 16 -17.79 27.53 20.61
C ARG T 16 -17.35 27.35 19.16
N ARG T 17 -17.11 28.44 18.45
CA ARG T 17 -16.67 28.37 17.06
C ARG T 17 -15.15 28.15 17.03
N THR T 18 -14.71 27.18 16.24
CA THR T 18 -13.27 26.96 16.11
C THR T 18 -12.57 28.13 15.42
N SER T 19 -13.27 28.85 14.54
CA SER T 19 -12.69 29.99 13.88
C SER T 19 -12.53 31.16 14.85
N THR T 20 -13.54 31.45 15.66
CA THR T 20 -13.35 32.45 16.70
C THR T 20 -12.42 31.94 17.79
N PHE T 21 -12.27 30.62 17.92
CA PHE T 21 -11.22 30.06 18.77
C PHE T 21 -9.85 30.48 18.24
N ALA T 22 -9.65 30.36 16.93
CA ALA T 22 -8.41 30.81 16.31
C ALA T 22 -8.21 32.30 16.47
N LEU T 23 -9.29 33.09 16.35
CA LEU T 23 -9.18 34.52 16.57
C LEU T 23 -8.75 34.84 17.99
N THR T 24 -9.35 34.16 18.97
CA THR T 24 -8.97 34.35 20.36
C THR T 24 -7.51 33.99 20.58
N ILE T 25 -7.07 32.87 19.97
CA ILE T 25 -5.67 32.47 20.11
C ILE T 25 -4.75 33.51 19.49
N ALA T 26 -5.13 34.07 18.34
CA ALA T 26 -4.27 35.05 17.68
C ALA T 26 -4.15 36.34 18.48
N VAL T 27 -5.28 36.86 18.98
CA VAL T 27 -5.22 38.07 19.79
C VAL T 27 -4.51 37.81 21.11
N GLY T 28 -4.70 36.62 21.68
CA GLY T 28 -3.94 36.25 22.86
C GLY T 28 -2.45 36.24 22.61
N ALA T 29 -2.03 35.75 21.45
CA ALA T 29 -0.62 35.83 21.08
C ALA T 29 -0.18 37.28 20.93
N LEU T 30 -1.02 38.11 20.31
CA LEU T 30 -0.72 39.53 20.14
C LEU T 30 -0.35 40.16 21.48
N PHE T 31 -1.21 39.98 22.49
CA PHE T 31 -0.96 40.61 23.77
C PHE T 31 0.12 39.88 24.56
N PHE T 32 0.17 38.56 24.44
CA PHE T 32 1.01 37.74 25.30
C PHE T 32 2.48 37.87 24.92
N GLU T 33 2.79 38.00 23.63
CA GLU T 33 4.18 38.21 23.25
C GLU T 33 4.73 39.47 23.90
N ARG T 34 4.01 40.59 23.78
CA ARG T 34 4.49 41.84 24.37
C ARG T 34 4.56 41.74 25.88
N ALA T 35 3.55 41.15 26.52
CA ALA T 35 3.56 41.03 27.97
C ALA T 35 4.74 40.20 28.44
N PHE T 36 4.96 39.03 27.82
CA PHE T 36 6.05 38.15 28.23
C PHE T 36 7.40 38.82 27.97
N ASP T 37 7.56 39.45 26.81
CA ASP T 37 8.83 40.10 26.51
C ASP T 37 9.13 41.19 27.53
N GLN T 38 8.15 42.04 27.83
CA GLN T 38 8.38 43.12 28.79
C GLN T 38 8.67 42.57 30.18
N GLY T 39 7.91 41.56 30.62
CA GLY T 39 8.13 41.01 31.95
C GLY T 39 9.48 40.33 32.09
N ALA T 40 9.83 39.50 31.11
CA ALA T 40 11.11 38.80 31.16
C ALA T 40 12.29 39.76 31.09
N ASP T 41 12.19 40.79 30.23
CA ASP T 41 13.25 41.78 30.17
C ASP T 41 13.36 42.54 31.48
N ALA T 42 12.23 42.90 32.09
CA ALA T 42 12.27 43.60 33.37
C ALA T 42 12.92 42.74 34.44
N ILE T 43 12.58 41.45 34.48
CA ILE T 43 13.21 40.54 35.44
C ILE T 43 14.72 40.45 35.19
N TYR T 44 15.10 40.33 33.92
CA TYR T 44 16.51 40.21 33.57
C TYR T 44 17.29 41.43 34.02
N GLU T 45 16.78 42.63 33.74
CA GLU T 45 17.48 43.84 34.16
C GLU T 45 17.45 44.00 35.68
N HIS T 46 16.39 43.53 36.34
CA HIS T 46 16.34 43.61 37.79
C HIS T 46 17.41 42.75 38.44
N ILE T 47 17.62 41.54 37.91
CA ILE T 47 18.66 40.67 38.47
C ILE T 47 20.04 41.30 38.30
N ASN T 48 20.36 41.70 37.07
CA ASN T 48 21.67 42.26 36.76
C ASN T 48 21.61 43.79 36.69
N GLN T 49 21.31 44.40 37.83
CA GLN T 49 21.30 45.85 37.90
C GLN T 49 22.72 46.40 37.95
N GLY T 50 22.99 47.42 37.14
CA GLY T 50 24.31 48.00 37.08
C GLY T 50 25.35 47.16 36.37
N LYS T 51 24.91 46.21 35.57
CA LYS T 51 25.82 45.31 34.86
C LYS T 51 25.60 45.31 33.36
N LEU T 52 24.35 45.42 32.91
CA LEU T 52 24.06 45.44 31.49
C LEU T 52 24.52 46.75 30.86
N TRP T 53 24.54 46.78 29.53
CA TRP T 53 24.90 48.00 28.83
C TRP T 53 23.83 49.07 28.99
N LYS T 54 22.57 48.66 29.20
CA LYS T 54 21.51 49.64 29.37
C LYS T 54 21.67 50.44 30.66
N HIS T 55 22.30 49.84 31.67
CA HIS T 55 22.43 50.48 32.97
C HIS T 55 23.69 51.32 33.11
N ILE T 56 24.46 51.49 32.04
CA ILE T 56 25.75 52.17 32.13
C ILE T 56 25.92 53.27 31.09
N LYS T 57 25.07 53.33 30.05
CA LYS T 57 25.24 54.35 29.03
C LYS T 57 25.14 55.75 29.61
N HIS T 58 24.51 55.91 30.78
CA HIS T 58 24.31 57.23 31.36
C HIS T 58 25.63 57.96 31.58
N LYS T 59 26.69 57.22 31.94
CA LYS T 59 28.01 57.84 32.08
C LYS T 59 28.54 58.31 30.73
N TYR T 60 28.37 57.50 29.69
CA TYR T 60 28.86 57.83 28.37
C TYR T 60 27.75 58.39 27.47
N MET U 1 -19.02 23.97 -11.58
CA MET U 1 -18.65 24.89 -12.66
C MET U 1 -19.37 26.23 -12.51
N LEU U 2 -19.78 26.80 -13.64
CA LEU U 2 -20.44 28.11 -13.63
C LEU U 2 -21.91 27.99 -13.28
N SER U 3 -22.68 27.27 -14.12
CA SER U 3 -24.12 27.19 -13.91
C SER U 3 -24.47 26.29 -12.74
N ARG U 4 -23.71 25.21 -12.54
CA ARG U 4 -24.06 24.24 -11.51
C ARG U 4 -23.86 24.81 -10.11
N PHE U 5 -22.98 25.80 -9.96
CA PHE U 5 -22.87 26.54 -8.70
C PHE U 5 -23.83 27.72 -8.62
N LEU U 6 -24.55 28.03 -9.70
CA LEU U 6 -25.46 29.18 -9.70
C LEU U 6 -26.89 28.73 -9.40
N GLY U 7 -27.12 28.39 -8.13
CA GLY U 7 -28.41 27.94 -7.68
C GLY U 7 -28.86 28.64 -6.41
N PRO U 8 -30.16 28.54 -6.10
CA PRO U 8 -30.65 29.17 -4.86
C PRO U 8 -30.05 28.57 -3.60
N ARG U 9 -30.06 27.24 -3.47
CA ARG U 9 -29.48 26.60 -2.31
C ARG U 9 -27.97 26.83 -2.22
N TYR U 10 -27.30 27.04 -3.35
CA TYR U 10 -25.87 27.34 -3.31
C TYR U 10 -25.62 28.73 -2.74
N ARG U 11 -26.43 29.72 -3.11
CA ARG U 11 -26.31 31.02 -2.47
C ARG U 11 -26.74 30.96 -1.02
N GLU U 12 -27.63 30.04 -0.68
CA GLU U 12 -27.97 29.80 0.72
C GLU U 12 -26.77 29.30 1.51
N LEU U 13 -26.04 28.34 0.93
CA LEU U 13 -24.80 27.88 1.54
C LEU U 13 -23.79 29.01 1.66
N ALA U 14 -23.69 29.85 0.63
CA ALA U 14 -22.78 30.99 0.67
C ALA U 14 -23.14 31.92 1.81
N ARG U 15 -24.43 32.23 1.97
CA ARG U 15 -24.86 33.11 3.05
C ARG U 15 -24.58 32.48 4.41
N ASN U 16 -24.78 31.16 4.52
CA ASN U 16 -24.50 30.48 5.78
C ASN U 16 -23.02 30.53 6.14
N TRP U 17 -22.15 30.38 5.14
CA TRP U 17 -20.71 30.29 5.38
C TRP U 17 -19.97 31.61 5.25
N ILE U 18 -20.67 32.71 4.93
CA ILE U 18 -20.02 34.01 4.90
C ILE U 18 -19.42 34.41 6.24
N PRO U 19 -20.11 34.28 7.38
CA PRO U 19 -19.49 34.71 8.64
C PRO U 19 -18.22 33.93 8.97
N THR U 20 -18.27 32.60 8.92
CA THR U 20 -17.13 31.79 9.33
C THR U 20 -15.93 32.03 8.41
N ALA U 21 -16.15 32.06 7.10
CA ALA U 21 -15.04 32.30 6.18
C ALA U 21 -14.52 33.73 6.29
N SER U 22 -15.43 34.69 6.44
CA SER U 22 -15.03 36.09 6.52
C SER U 22 -14.16 36.35 7.73
N MET U 23 -14.52 35.77 8.87
CA MET U 23 -13.71 36.00 10.07
C MET U 23 -12.57 34.99 10.20
N TRP U 24 -12.58 33.90 9.44
CA TRP U 24 -11.34 33.18 9.17
C TRP U 24 -10.36 34.09 8.44
N GLY U 25 -10.86 34.90 7.51
CA GLY U 25 -10.01 35.89 6.86
C GLY U 25 -9.41 36.88 7.84
N ALA U 26 -10.21 37.33 8.81
CA ALA U 26 -9.69 38.19 9.86
C ALA U 26 -8.64 37.47 10.71
N VAL U 27 -8.88 36.19 11.00
CA VAL U 27 -7.89 35.37 11.70
C VAL U 27 -6.57 35.39 10.94
N GLY U 28 -6.65 35.15 9.63
CA GLY U 28 -5.44 35.12 8.82
C GLY U 28 -4.74 36.46 8.76
N ALA U 29 -5.51 37.54 8.63
CA ALA U 29 -4.91 38.87 8.57
C ALA U 29 -4.22 39.21 9.88
N VAL U 30 -4.87 38.92 11.01
CA VAL U 30 -4.26 39.18 12.31
C VAL U 30 -3.02 38.33 12.49
N GLY U 31 -3.08 37.06 12.07
CA GLY U 31 -1.91 36.21 12.18
C GLY U 31 -0.75 36.70 11.32
N LEU U 32 -1.04 37.19 10.12
CA LEU U 32 0.00 37.72 9.25
C LEU U 32 0.64 38.96 9.86
N VAL U 33 -0.18 39.90 10.34
CA VAL U 33 0.34 41.11 10.98
C VAL U 33 1.17 40.73 12.19
N TRP U 34 0.70 39.76 12.97
CA TRP U 34 1.44 39.30 14.14
C TRP U 34 2.78 38.71 13.76
N ALA U 35 2.78 37.76 12.82
CA ALA U 35 4.00 37.04 12.48
C ALA U 35 5.04 37.98 11.87
N THR U 36 4.61 38.86 10.96
CA THR U 36 5.55 39.75 10.30
C THR U 36 5.93 40.96 11.15
N ASP U 37 5.23 41.21 12.26
CA ASP U 37 5.42 42.40 13.06
C ASP U 37 5.25 43.66 12.20
N TRP U 38 4.11 43.72 11.52
CA TRP U 38 3.81 44.78 10.57
C TRP U 38 3.62 46.09 11.34
N ARG U 39 4.62 46.96 11.28
CA ARG U 39 4.56 48.22 12.02
C ARG U 39 3.50 49.16 11.47
N LEU U 40 3.07 48.97 10.22
CA LEU U 40 2.03 49.83 9.66
C LEU U 40 0.71 49.64 10.42
N ILE U 41 0.39 48.40 10.79
CA ILE U 41 -0.82 48.13 11.54
C ILE U 41 -0.57 48.15 13.04
N LEU U 42 0.52 47.53 13.49
CA LEU U 42 0.76 47.38 14.92
C LEU U 42 1.00 48.72 15.62
N ASP U 43 1.37 49.77 14.88
CA ASP U 43 1.58 51.06 15.51
C ASP U 43 0.30 51.61 16.10
N TRP U 44 -0.83 51.43 15.40
CA TRP U 44 -2.08 52.02 15.86
C TRP U 44 -2.64 51.30 17.08
N VAL U 45 -2.44 49.99 17.16
CA VAL U 45 -3.02 49.23 18.29
C VAL U 45 -2.33 49.65 19.58
N PRO U 46 -3.04 49.75 20.70
CA PRO U 46 -2.41 50.19 21.95
C PRO U 46 -1.66 49.06 22.64
N TYR U 47 -0.68 49.47 23.44
CA TYR U 47 0.10 48.61 24.34
C TYR U 47 1.07 47.71 23.57
N ILE U 48 0.98 47.71 22.25
CA ILE U 48 1.94 46.96 21.44
C ILE U 48 2.88 47.90 20.70
N ASN U 49 2.42 49.11 20.39
CA ASN U 49 3.29 50.10 19.76
C ASN U 49 4.48 50.45 20.64
N GLY U 50 4.41 50.14 21.94
CA GLY U 50 5.54 50.37 22.81
C GLY U 50 6.73 49.51 22.47
N LYS U 51 6.49 48.38 21.80
CA LYS U 51 7.60 47.50 21.42
C LYS U 51 8.51 48.16 20.40
N PHE U 52 8.02 49.18 19.69
CA PHE U 52 8.82 49.90 18.72
C PHE U 52 9.41 51.17 19.32
N LEU V 2 21.66 -25.29 12.20
CA LEU V 2 21.21 -25.74 13.50
C LEU V 2 20.95 -27.26 13.50
N SER V 3 20.21 -27.73 14.50
CA SER V 3 19.89 -29.14 14.59
C SER V 3 18.88 -29.57 13.54
N ARG V 4 18.27 -28.62 12.82
CA ARG V 4 17.22 -28.98 11.87
C ARG V 4 17.80 -29.46 10.54
N PHE V 5 19.00 -29.00 10.17
CA PHE V 5 19.48 -29.31 8.83
C PHE V 5 20.04 -30.73 8.73
N LEU V 6 21.20 -30.97 9.36
CA LEU V 6 22.03 -32.17 9.17
C LEU V 6 21.47 -33.16 8.15
N GLY V 7 21.01 -34.31 8.63
CA GLY V 7 20.21 -35.21 7.83
C GLY V 7 20.93 -35.88 6.70
N PRO V 8 20.37 -37.01 6.23
CA PRO V 8 20.95 -37.67 5.05
C PRO V 8 20.54 -37.08 3.71
N ARG V 9 19.31 -36.57 3.58
CA ARG V 9 18.84 -36.06 2.30
C ARG V 9 18.85 -34.53 2.22
N TYR V 10 19.43 -33.84 3.22
CA TYR V 10 19.95 -32.50 2.98
C TYR V 10 21.36 -32.52 2.41
N ARG V 11 22.02 -33.69 2.39
CA ARG V 11 23.40 -33.75 1.92
C ARG V 11 23.49 -33.65 0.40
N GLU V 12 22.63 -34.36 -0.33
CA GLU V 12 22.72 -34.29 -1.78
C GLU V 12 22.22 -32.95 -2.32
N LEU V 13 21.42 -32.21 -1.55
CA LEU V 13 21.17 -30.82 -1.93
C LEU V 13 22.48 -30.07 -2.08
N ALA V 14 23.34 -30.15 -1.06
CA ALA V 14 24.66 -29.58 -1.16
C ALA V 14 25.45 -30.22 -2.29
N ARG V 15 25.27 -31.53 -2.50
CA ARG V 15 26.06 -32.22 -3.52
C ARG V 15 25.76 -31.68 -4.92
N ASN V 16 24.48 -31.45 -5.23
CA ASN V 16 24.14 -30.91 -6.54
C ASN V 16 24.44 -29.42 -6.62
N TRP V 17 24.37 -28.69 -5.50
CA TRP V 17 24.56 -27.25 -5.57
C TRP V 17 26.02 -26.82 -5.40
N ILE V 18 26.93 -27.74 -5.06
CA ILE V 18 28.36 -27.41 -5.04
C ILE V 18 28.89 -27.05 -6.43
N PRO V 19 28.56 -27.78 -7.50
CA PRO V 19 29.03 -27.30 -8.82
C PRO V 19 28.56 -25.89 -9.15
N THR V 20 27.28 -25.59 -8.91
CA THR V 20 26.78 -24.26 -9.21
C THR V 20 27.37 -23.21 -8.27
N ALA V 21 27.49 -23.53 -6.98
CA ALA V 21 28.06 -22.58 -6.04
C ALA V 21 29.52 -22.31 -6.36
N SER V 22 30.27 -23.34 -6.73
CA SER V 22 31.67 -23.15 -7.10
C SER V 22 31.79 -22.35 -8.38
N MET V 23 30.90 -22.58 -9.35
CA MET V 23 30.93 -21.79 -10.56
C MET V 23 30.64 -20.32 -10.27
N TRP V 24 29.68 -20.06 -9.36
CA TRP V 24 29.40 -18.69 -8.96
C TRP V 24 30.57 -18.08 -8.19
N GLY V 25 31.27 -18.89 -7.40
CA GLY V 25 32.46 -18.39 -6.71
C GLY V 25 33.57 -18.03 -7.67
N ALA V 26 33.75 -18.85 -8.71
CA ALA V 26 34.69 -18.49 -9.78
C ALA V 26 34.24 -17.22 -10.50
N VAL V 27 32.93 -17.08 -10.71
CA VAL V 27 32.40 -15.85 -11.29
C VAL V 27 32.80 -14.66 -10.43
N GLY V 28 32.60 -14.76 -9.12
CA GLY V 28 32.94 -13.68 -8.23
C GLY V 28 34.42 -13.37 -8.23
N ALA V 29 35.26 -14.41 -8.20
CA ALA V 29 36.71 -14.19 -8.18
C ALA V 29 37.19 -13.52 -9.47
N VAL V 30 36.76 -14.04 -10.62
CA VAL V 30 37.20 -13.47 -11.89
C VAL V 30 36.67 -12.06 -12.06
N GLY V 31 35.40 -11.83 -11.70
CA GLY V 31 34.85 -10.49 -11.79
C GLY V 31 35.54 -9.52 -10.86
N LEU V 32 35.93 -9.98 -9.67
CA LEU V 32 36.67 -9.14 -8.75
C LEU V 32 38.02 -8.75 -9.34
N VAL V 33 38.78 -9.74 -9.81
CA VAL V 33 40.09 -9.49 -10.40
C VAL V 33 39.96 -8.51 -11.57
N TRP V 34 38.93 -8.69 -12.39
CA TRP V 34 38.72 -7.83 -13.55
C TRP V 34 38.31 -6.42 -13.12
N ALA V 35 37.51 -6.30 -12.05
CA ALA V 35 37.05 -4.99 -11.62
C ALA V 35 38.19 -4.17 -11.01
N THR V 36 38.94 -4.76 -10.09
CA THR V 36 39.99 -3.99 -9.43
C THR V 36 41.31 -4.02 -10.18
N ASP V 37 41.40 -4.79 -11.27
CA ASP V 37 42.62 -4.92 -12.06
C ASP V 37 43.78 -5.41 -11.19
N TRP V 38 43.56 -6.54 -10.53
CA TRP V 38 44.51 -7.10 -9.58
C TRP V 38 45.83 -7.42 -10.28
N ARG V 39 46.90 -6.73 -9.89
CA ARG V 39 48.18 -6.88 -10.58
C ARG V 39 48.73 -8.29 -10.43
N LEU V 40 48.63 -8.86 -9.23
CA LEU V 40 49.26 -10.16 -8.97
C LEU V 40 48.69 -11.25 -9.86
N ILE V 41 47.36 -11.39 -9.87
CA ILE V 41 46.75 -12.46 -10.66
C ILE V 41 46.84 -12.15 -12.14
N LEU V 42 46.61 -10.89 -12.52
CA LEU V 42 46.55 -10.53 -13.94
C LEU V 42 47.92 -10.50 -14.59
N ASP V 43 49.00 -10.61 -13.82
CA ASP V 43 50.34 -10.61 -14.38
C ASP V 43 50.78 -11.99 -14.88
N TRP V 44 49.90 -12.98 -14.80
CA TRP V 44 50.20 -14.34 -15.26
C TRP V 44 49.45 -14.71 -16.54
N VAL V 45 48.23 -14.22 -16.70
CA VAL V 45 47.44 -14.51 -17.91
C VAL V 45 48.11 -13.83 -19.11
N PRO V 46 48.25 -14.52 -20.24
CA PRO V 46 49.16 -14.04 -21.31
C PRO V 46 48.85 -12.66 -21.88
N TYR V 47 47.65 -12.48 -22.43
CA TYR V 47 47.33 -11.24 -23.13
C TYR V 47 47.31 -10.05 -22.19
N ILE V 48 46.56 -10.16 -21.09
CA ILE V 48 46.32 -9.03 -20.20
C ILE V 48 47.58 -8.59 -19.46
N ASN V 49 48.71 -9.25 -19.67
CA ASN V 49 49.99 -8.72 -19.20
C ASN V 49 50.41 -7.47 -19.93
N GLY V 50 49.78 -7.15 -21.07
CA GLY V 50 50.30 -6.08 -21.92
C GLY V 50 50.34 -4.73 -21.24
N LYS V 51 49.28 -4.38 -20.50
CA LYS V 51 49.23 -3.06 -19.88
C LYS V 51 50.27 -2.93 -18.77
N PHE V 52 50.76 -4.06 -18.27
CA PHE V 52 51.67 -4.05 -17.14
C PHE V 52 53.12 -3.83 -17.61
C1 CDL W . 12.36 -16.39 -8.66
O1 CDL W . 11.10 -17.03 -8.92
CA2 CDL W . 12.20 -14.88 -8.67
OA2 CDL W . 11.66 -14.36 -9.91
PA1 CDL W . 10.11 -14.57 -10.24
OA3 CDL W . 9.31 -14.15 -9.04
OA4 CDL W . 9.92 -15.94 -10.84
OA5 CDL W . 9.81 -13.48 -11.39
CA3 CDL W . 10.60 -13.48 -12.62
CA4 CDL W . 11.51 -12.28 -12.62
OA6 CDL W . 12.68 -12.60 -11.81
CA5 CDL W . 13.85 -12.02 -12.11
OA7 CDL W . 13.96 -11.19 -12.98
C11 CDL W . 15.03 -12.58 -11.36
C12 CDL W . 14.87 -12.55 -9.87
C13 CDL W . 14.86 -11.14 -9.32
C14 CDL W . 16.11 -10.34 -9.59
C15 CDL W . 16.20 -9.06 -8.81
C16 CDL W . 17.42 -8.22 -9.10
C17 CDL W . 17.43 -7.58 -10.46
C18 CDL W . 18.61 -6.65 -10.69
C19 CDL W . 18.57 -5.93 -12.01
CA6 CDL W . 10.82 -11.02 -12.16
OA8 CDL W . 11.73 -9.91 -12.16
CA7 CDL W . 12.23 -9.57 -10.97
OA9 CDL W . 11.96 -10.17 -9.96
C31 CDL W . 13.13 -8.38 -11.06
C32 CDL W . 13.29 -7.85 -12.46
C33 CDL W . 14.10 -6.57 -12.50
C34 CDL W . 14.33 -6.04 -13.90
C35 CDL W . 15.03 -4.70 -13.98
C36 CDL W . 14.14 -3.48 -13.80
C37 CDL W . 13.72 -3.20 -12.38
C38 CDL W . 14.87 -2.90 -11.44
CB2 CDL W . 13.39 -16.91 -9.63
OB2 CDL W . 14.65 -16.20 -9.41
PB2 CDL W . 16.03 -16.91 -9.85
OB3 CDL W . 16.26 -18.09 -8.95
OB4 CDL W . 15.98 -17.11 -11.34
OB5 CDL W . 17.14 -15.79 -9.54
CB3 CDL W . 17.09 -15.06 -8.29
CB4 CDL W . 18.33 -14.21 -8.16
OB6 CDL W . 18.05 -12.85 -7.73
CB5 CDL W . 17.95 -12.62 -6.40
OB7 CDL W . 17.97 -13.49 -5.58
C51 CDL W . 17.89 -11.16 -6.11
C52 CDL W . 19.13 -10.65 -5.43
C53 CDL W . 20.40 -11.11 -6.12
C54 CDL W . 20.51 -10.71 -7.57
C55 CDL W . 20.69 -9.23 -7.80
C56 CDL W . 21.97 -8.67 -7.24
CB6 CDL W . 19.16 -14.14 -9.42
OB8 CDL W . 20.05 -15.27 -9.45
CB7 CDL W . 21.20 -15.12 -10.10
OB9 CDL W . 22.02 -16.00 -10.20
C71 CDL W . 21.35 -13.75 -10.69
C72 CDL W . 22.73 -13.46 -11.21
C73 CDL W . 23.77 -13.39 -10.12
P 3PE X . 14.33 -13.22 -16.32
N 3PE X . 12.18 -16.49 -14.26
O11 3PE X . 15.88 -13.17 -15.89
O12 3PE X . 13.61 -12.06 -15.67
O13 3PE X . 13.82 -14.59 -15.66
O14 3PE X . 14.27 -13.37 -17.82
C11 3PE X . 13.94 -14.76 -14.22
C12 3PE X . 13.55 -16.17 -13.85
C1 3PE X . 16.82 -12.31 -16.58
C2 3PE X . 16.53 -10.83 -16.40
C3 3PE X . 15.59 -10.26 -17.43
O31 3PE X . 15.07 -9.00 -16.97
O32 3PE X . 15.11 -6.79 -17.23
C31 3PE X . 15.52 -7.87 -17.54
C32 3PE X . 16.60 -8.13 -18.56
C33 3PE X . 17.11 -6.90 -19.25
C34 3PE X . 17.74 -5.89 -18.31
C35 3PE X . 18.81 -6.47 -17.42
C36 3PE X . 19.48 -5.47 -16.52
C37 3PE X . 18.54 -4.77 -15.56
O21 3PE X . 16.01 -10.61 -15.05
O22 3PE X . 16.12 -9.38 -13.21
C21 3PE X . 16.54 -9.62 -14.31
C22 3PE X . 17.66 -8.86 -14.96
C23 3PE X . 18.92 -8.85 -14.14
C24 3PE X . 19.46 -10.24 -13.88
C25 3PE X . 20.72 -10.27 -13.06
P 3PE Y . 12.90 -18.68 -4.40
N 3PE Y . 9.02 -16.68 -4.51
O11 3PE Y . 13.72 -18.27 -3.09
O12 3PE Y . 12.49 -20.11 -4.23
O13 3PE Y . 11.58 -17.77 -4.29
O14 3PE Y . 13.65 -18.27 -5.64
C11 3PE Y . 10.61 -18.07 -3.24
C12 3PE Y . 9.58 -16.97 -3.19
C1 3PE Y . 14.03 -16.87 -2.81
C2 3PE Y . 15.10 -16.32 -3.73
C3 3PE Y . 14.55 -15.39 -4.79
O31 3PE Y . 14.23 -14.13 -4.17
O32 3PE Y . 13.64 -13.31 -6.15
C31 3PE Y . 13.80 -13.17 -4.97
C32 3PE Y . 13.58 -11.89 -4.21
C33 3PE Y . 14.44 -10.76 -4.68
C34 3PE Y . 13.94 -10.14 -5.97
C35 3PE Y . 12.57 -9.54 -5.86
C36 3PE Y . 12.10 -8.83 -7.11
C37 3PE Y . 12.97 -7.68 -7.54
C38 3PE Y . 13.12 -6.59 -6.52
C39 3PE Y . 13.90 -5.39 -7.01
C3A 3PE Y . 15.30 -5.71 -7.48
C3B 3PE Y . 16.05 -4.51 -8.01
O21 3PE Y . 16.04 -15.58 -2.90
O22 3PE Y . 18.11 -14.89 -2.59
C21 3PE Y . 17.34 -15.56 -3.22
C22 3PE Y . 17.75 -16.43 -4.38
C23 3PE Y . 18.71 -17.53 -4.01
C24 3PE Y . 20.08 -17.00 -3.62
C25 3PE Y . 20.77 -16.21 -4.70
C26 3PE Y . 21.04 -16.98 -5.97
CHA HEM Z . 26.61 22.88 -10.64
CHB HEM Z . 22.18 21.71 -12.21
CHC HEM Z . 22.04 18.10 -8.94
CHD HEM Z . 26.04 19.88 -6.87
C1A HEM Z . 25.46 22.78 -11.38
C2A HEM Z . 25.25 23.46 -12.59
C3A HEM Z . 24.01 23.14 -13.04
C4A HEM Z . 23.44 22.26 -12.10
CMA HEM Z . 23.37 23.64 -14.31
CAA HEM Z . 26.22 24.38 -13.27
CBA HEM Z . 27.05 23.60 -14.29
CGA HEM Z . 28.11 24.51 -14.88
O1A HEM Z . 28.03 24.86 -16.07
O2A HEM Z . 29.06 24.89 -14.16
C1B HEM Z . 21.82 20.59 -11.45
C2B HEM Z . 20.63 19.86 -11.72
C3B HEM Z . 20.56 18.85 -10.82
C4B HEM Z . 21.78 18.97 -9.98
CMB HEM Z . 19.62 20.17 -12.81
CAB HEM Z . 19.50 17.83 -10.71
CBB HEM Z . 18.33 18.16 -10.19
C1C HEM Z . 23.08 18.31 -8.05
C2C HEM Z . 23.23 17.65 -6.82
C3C HEM Z . 24.38 18.16 -6.22
C4C HEM Z . 24.91 19.15 -7.10
CMC HEM Z . 22.32 16.59 -6.27
CAC HEM Z . 24.95 17.78 -4.93
CBC HEM Z . 25.24 16.52 -4.62
C1D HEM Z . 26.51 20.82 -7.78
C2D HEM Z . 27.81 21.47 -7.59
C3D HEM Z . 27.97 22.30 -8.64
C4D HEM Z . 26.78 22.16 -9.47
CMD HEM Z . 28.77 21.27 -6.45
CAD HEM Z . 29.15 23.20 -8.88
CBD HEM Z . 30.13 22.52 -9.82
CGD HEM Z . 29.90 23.00 -11.24
O1D HEM Z . 29.32 24.08 -11.44
O2D HEM Z . 30.31 22.31 -12.20
NA HEM Z . 24.33 22.05 -11.09
NB HEM Z . 22.47 20.04 -10.42
NC HEM Z . 24.09 19.22 -8.20
ND HEM Z . 25.94 21.26 -8.91
FE HEM Z . 24.30 20.73 -9.62
CHA HEM AA . 4.30 10.25 -16.38
CHB HEM AA . 8.45 10.81 -13.98
CHC HEM AA . 8.16 15.61 -14.78
CHD HEM AA . 3.52 15.02 -16.00
C1A HEM AA . 5.55 10.03 -15.82
C2A HEM AA . 6.25 8.82 -15.92
C3A HEM AA . 7.41 8.96 -15.25
C4A HEM AA . 7.43 10.27 -14.71
CMA HEM AA . 8.49 7.93 -15.08
CAA HEM AA . 5.79 7.58 -16.64
CBA HEM AA . 6.37 7.58 -18.06
CGA HEM AA . 5.68 8.61 -18.91
O1A HEM AA . 6.36 9.44 -19.56
O2A HEM AA . 4.43 8.63 -18.98
C1B HEM AA . 8.73 12.17 -14.06
C2B HEM AA . 9.97 12.71 -13.63
C3B HEM AA . 9.92 14.06 -13.85
C4B HEM AA . 8.59 14.32 -14.43
CMB HEM AA . 11.13 11.95 -13.05
CAB HEM AA . 10.97 15.04 -13.57
CBB HEM AA . 11.23 15.40 -12.31
C1C HEM AA . 6.88 15.87 -15.22
C2C HEM AA . 6.39 17.11 -15.66
C3C HEM AA . 5.06 16.94 -15.99
C4C HEM AA . 4.74 15.57 -15.77
CMC HEM AA . 7.17 18.39 -15.72
CAC HEM AA . 4.15 17.98 -16.50
CBC HEM AA . 3.71 18.94 -15.70
C1D HEM AA . 3.40 13.65 -16.24
C2D HEM AA . 2.19 13.07 -16.85
C3D HEM AA . 2.41 11.75 -16.95
C4D HEM AA . 3.75 11.52 -16.42
CMD HEM AA . 0.95 13.83 -17.25
CAD HEM AA . 1.47 10.72 -17.51
CBD HEM AA . 1.76 10.52 -18.99
CGD HEM AA . 0.91 9.41 -19.52
O1D HEM AA . 0.29 8.65 -18.73
O2D HEM AA . 0.81 9.22 -20.75
NA HEM AA . 6.28 10.92 -15.09
NB HEM AA . 7.94 13.15 -14.52
NC HEM AA . 5.86 14.94 -15.31
ND HEM AA . 4.29 12.68 -16.01
FE HEM AA . 6.00 12.86 -15.27
C1 U10 BA . 7.74 4.28 -17.50
C2 U10 BA . 6.36 4.15 -17.94
C3 U10 BA . 5.43 3.48 -17.13
C4 U10 BA . 5.74 3.44 -15.73
C5 U10 BA . 7.10 3.42 -15.36
C6 U10 BA . 8.11 3.76 -16.30
C1M U10 BA . 8.71 4.92 -18.44
C3M U10 BA . 3.50 2.11 -17.39
C4M U10 BA . 3.61 3.89 -14.75
C7 U10 BA . 9.56 3.64 -15.91
C8 U10 BA . 10.08 4.77 -15.06
C9 U10 BA . 10.69 4.66 -13.89
C10 U10 BA . 10.89 3.35 -13.20
C11 U10 BA . 11.28 5.86 -13.19
C12 U10 BA . 11.98 5.52 -11.89
C13 U10 BA . 12.79 6.64 -11.31
C14 U10 BA . 12.37 7.76 -10.72
C15 U10 BA . 13.30 8.80 -10.17
C16 U10 BA . 10.91 8.05 -10.53
C17 U10 BA . 10.50 8.24 -9.08
C18 U10 BA . 10.73 7.01 -8.26
C19 U10 BA . 11.50 6.89 -7.17
C20 U10 BA . 11.65 5.61 -6.41
C21 U10 BA . 12.28 8.06 -6.64
O2 U10 BA . 6.02 4.51 -19.05
O3 U10 BA . 4.31 3.20 -17.85
O4 U10 BA . 4.96 3.42 -14.61
O5 U10 BA . 7.38 3.16 -14.20
C1 U10 CA . 12.42 31.33 -15.15
C2 U10 CA . 13.09 32.28 -16.03
C3 U10 CA . 14.35 32.82 -15.68
C4 U10 CA . 15.08 32.13 -14.66
C5 U10 CA . 14.35 31.36 -13.73
C6 U10 CA . 13.02 30.96 -13.98
C1M U10 CA . 11.08 30.82 -15.57
C3M U10 CA . 15.58 34.80 -16.18
C4M U10 CA . 17.31 32.21 -15.50
C7 U10 CA . 12.31 30.05 -13.01
C8 U10 CA . 11.33 30.78 -12.12
C9 U10 CA . 10.49 30.24 -11.25
C10 U10 CA . 9.56 31.06 -10.42
C11 U10 CA . 10.41 28.75 -11.07
C12 U10 CA . 10.96 28.20 -9.76
C13 U10 CA . 10.01 28.28 -8.61
C14 U10 CA . 10.15 28.94 -7.46
C15 U10 CA . 11.36 29.76 -7.13
C16 U10 CA . 9.08 28.91 -6.40
O2 U10 CA . 12.57 32.69 -17.05
O3 U10 CA . 14.63 33.81 -16.58
O4 U10 CA . 16.41 32.00 -14.41
O5 U10 CA . 14.95 30.94 -12.75
P 3PE DA . 0.78 10.30 -34.02
N 3PE DA . -2.87 11.10 -37.48
O11 3PE DA . 2.16 11.11 -33.83
O12 3PE DA . 0.02 10.37 -32.72
O13 3PE DA . 0.03 11.19 -35.13
O14 3PE DA . 1.10 8.97 -34.63
C11 3PE DA . -1.15 10.64 -35.78
C12 3PE DA . -1.66 11.62 -36.82
C1 3PE DA . 2.76 11.72 -35.00
C2 3PE DA . 4.15 12.22 -34.71
C3 3PE DA . 4.69 13.16 -35.76
O31 3PE DA . 6.13 13.17 -35.76
O32 3PE DA . 6.12 14.69 -34.13
C31 3PE DA . 6.73 14.00 -34.90
C32 3PE DA . 8.22 13.99 -35.09
C33 3PE DA . 8.91 15.16 -34.45
C34 3PE DA . 8.91 15.10 -32.93
O21 3PE DA . 4.22 12.77 -33.35
O22 3PE DA . 2.70 14.39 -33.79
C21 3PE DA . 3.42 13.81 -33.03
C22 3PE DA . 3.48 14.13 -31.57
C23 3PE DA . 4.80 14.68 -31.13
C24 3PE DA . 4.67 15.59 -29.92
C25 3PE DA . 4.31 14.88 -28.64
C26 3PE DA . 5.51 14.36 -27.89
C27 3PE DA . 6.49 15.43 -27.49
C28 3PE DA . 7.79 15.41 -28.27
C29 3PE DA . 8.58 16.69 -28.17
C2A 3PE DA . 7.98 17.83 -28.98
C2B 3PE DA . 8.59 19.17 -28.68
C2C 3PE DA . 8.22 19.72 -27.32
C2D 3PE DA . 8.77 21.09 -27.03
C2E 3PE DA . 8.24 21.71 -25.77
C2F 3PE DA . 6.74 21.89 -25.75
C2G 3PE DA . 6.21 22.52 -24.48
P 3PE EA . 15.52 41.14 10.12
N 3PE EA . 17.09 43.79 10.07
O11 3PE EA . 14.96 39.66 9.90
O12 3PE EA . 16.07 41.63 8.81
O13 3PE EA . 16.77 40.90 11.11
O14 3PE EA . 14.52 41.97 10.89
C11 3PE EA . 17.39 42.03 11.79
C12 3PE EA . 18.05 42.99 10.84
C1 3PE EA . 14.06 39.39 8.78
C2 3PE EA . 12.93 40.40 8.76
C3 3PE EA . 13.04 41.43 7.66
O31 3PE EA . 12.60 40.89 6.40
O32 3PE EA . 14.69 40.28 5.91
C31 3PE EA . 13.53 40.36 5.61
C32 3PE EA . 12.94 39.95 4.29
C33 3PE EA . 11.72 39.10 4.40
C34 3PE EA . 11.99 37.76 5.08
C35 3PE EA . 10.81 36.85 5.15
C36 3PE EA . 10.23 36.48 3.81
O21 3PE EA . 11.64 39.73 8.70
O22 3PE EA . 11.82 39.09 10.84
C21 3PE EA . 11.19 39.11 9.81
C22 3PE EA . 9.84 38.47 9.64
C23 3PE EA . 9.78 37.51 8.49
C24 3PE EA . 8.47 36.74 8.44
C25 3PE EA . 8.59 35.28 8.77
C26 3PE EA . 9.17 34.98 10.13
C27 3PE EA . 8.28 35.41 11.28
C28 3PE EA . 6.97 34.67 11.36
C29 3PE EA . 7.11 33.18 11.44
C2A 3PE EA . 5.80 32.43 11.55
C2B 3PE EA . 5.03 32.70 12.81
C2C 3PE EA . 3.76 31.88 12.95
C2D 3PE EA . 3.99 30.39 12.97
FE HEC FA . 48.17 40.99 -24.60
CHA HEC FA . 44.96 42.15 -24.12
CHB HEC FA . 46.95 37.95 -25.69
CHC HEC FA . 51.34 40.15 -25.66
CHD HEC FA . 49.44 43.68 -22.83
NA HEC FA . 46.26 40.18 -24.86
C1A HEC FA . 45.07 40.77 -24.62
C2A HEC FA . 43.88 39.92 -24.91
C3A HEC FA . 44.49 38.67 -25.38
C4A HEC FA . 45.94 38.95 -25.30
CMA HEC FA . 43.81 37.41 -25.84
CAA HEC FA . 42.42 40.26 -24.75
CBA HEC FA . 41.70 40.28 -26.09
CGA HEC FA . 40.28 39.84 -25.89
O1A HEC FA . 39.40 40.71 -25.73
O2A HEC FA . 40.03 38.62 -25.89
NB HEC FA . 49.02 39.32 -25.54
C1B HEC FA . 48.40 38.17 -25.91
C2B HEC FA . 49.26 37.14 -26.55
C3B HEC FA . 50.56 37.82 -26.53
C4B HEC FA . 50.30 39.13 -25.89
CMB HEC FA . 48.82 35.79 -27.07
CAB HEC FA . 51.89 37.37 -27.03
CBB HEC FA . 52.16 36.03 -27.67
NC HEC FA . 50.10 41.79 -24.30
C1C HEC FA . 51.27 41.33 -24.79
C2C HEC FA . 52.48 42.10 -24.41
C3C HEC FA . 51.89 43.15 -23.56
C4C HEC FA . 50.43 42.86 -23.56
CMC HEC FA . 53.91 41.81 -24.81
CAC HEC FA . 52.53 44.29 -22.84
CBC HEC FA . 54.01 44.58 -22.82
ND HEC FA . 47.34 42.65 -23.63
C1D HEC FA . 47.97 43.64 -22.97
C2D HEC FA . 47.10 44.68 -22.37
C3D HEC FA . 45.75 44.23 -22.76
C4D HEC FA . 46.03 42.97 -23.52
CMD HEC FA . 47.49 45.90 -21.59
CAD HEC FA . 44.42 44.86 -22.45
CBD HEC FA . 43.76 45.36 -23.74
CGD HEC FA . 42.27 45.24 -23.61
O1D HEC FA . 41.64 46.17 -23.07
P 3PE GA . 40.31 5.27 -21.14
N 3PE GA . 39.91 0.73 -20.73
O11 3PE GA . 38.91 4.91 -21.83
O12 3PE GA . 41.41 4.84 -22.06
O13 3PE GA . 40.36 4.34 -19.83
O14 3PE GA . 40.23 6.71 -20.68
C11 3PE GA . 40.69 2.93 -19.96
C12 3PE GA . 39.59 2.16 -20.64
C1 3PE GA . 37.67 5.21 -21.14
C2 3PE GA . 36.51 5.05 -22.10
C3 3PE GA . 36.38 3.65 -22.65
O31 3PE GA . 35.13 3.49 -23.35
O32 3PE GA . 34.21 2.73 -21.47
C31 3PE GA . 34.12 3.03 -22.63
C32 3PE GA . 32.85 2.94 -23.43
C33 3PE GA . 31.71 3.69 -22.80
C34 3PE GA . 30.41 3.52 -23.56
C35 3PE GA . 29.25 4.28 -22.95
C36 3PE GA . 29.05 4.03 -21.48
C37 3PE GA . 27.79 4.65 -20.92
C38 3PE GA . 26.51 4.08 -21.48
C39 3PE GA . 26.33 2.61 -21.25
O21 3PE GA . 35.29 5.48 -21.45
O22 3PE GA . 34.61 6.43 -23.34
C21 3PE GA . 34.39 6.15 -22.19
C22 3PE GA . 33.13 6.51 -21.45
C23 3PE GA . 33.11 6.02 -20.05
C24 3PE GA . 33.46 7.09 -19.04
C25 3PE GA . 32.46 8.23 -18.93
C26 3PE GA . 31.19 7.90 -18.16
C27 3PE GA . 30.12 7.19 -18.96
C28 3PE GA . 28.88 6.86 -18.16
C29 3PE GA . 28.18 8.07 -17.58
C1 CDL HA . 8.21 -0.13 -34.79
O1 CDL HA . 7.22 -0.25 -33.77
CA2 CDL HA . 7.54 -0.01 -36.14
OA2 CDL HA . 8.54 -0.28 -37.16
PA1 CDL HA . 8.23 0.07 -38.69
OA3 CDL HA . 8.22 1.55 -38.87
OA4 CDL HA . 7.01 -0.74 -39.07
OA5 CDL HA . 9.48 -0.58 -39.46
CA3 CDL HA . 10.79 -0.62 -38.82
CA4 CDL HA . 11.45 0.73 -38.71
OA6 CDL HA . 10.72 1.57 -37.77
CA5 CDL HA . 11.40 2.38 -36.94
OA7 CDL HA . 10.83 3.11 -36.18
C11 CDL HA . 12.90 2.26 -37.00
C12 CDL HA . 13.60 3.18 -36.05
C13 CDL HA . 15.12 3.03 -36.10
C14 CDL HA . 15.72 3.31 -37.45
CA6 CDL HA . 11.53 1.44 -40.04
OA8 CDL HA . 12.33 0.66 -40.95
CA7 CDL HA . 13.58 1.05 -41.19
OA9 CDL HA . 14.33 0.43 -41.89
C31 CDL HA . 13.92 2.36 -40.51
C32 CDL HA . 14.32 3.45 -41.45
C33 CDL HA . 15.66 3.21 -42.12
CB2 CDL HA . 9.19 -1.28 -34.69
OB2 CDL HA . 9.93 -1.26 -33.44
PB2 CDL HA . 10.82 0.04 -33.06
OB3 CDL HA . 11.39 0.62 -34.32
OB4 CDL HA . 11.75 -0.43 -31.97
OB5 CDL HA . 9.75 1.04 -32.42
CB3 CDL HA . 10.12 2.44 -32.16
CB4 CDL HA . 11.15 2.56 -31.05
OB6 CDL HA . 12.50 2.27 -31.51
CB5 CDL HA . 13.12 3.16 -32.29
OB7 CDL HA . 12.58 4.17 -32.70
C51 CDL HA . 14.55 2.79 -32.54
C52 CDL HA . 15.50 3.44 -31.59
C53 CDL HA . 15.48 4.96 -31.69
C54 CDL HA . 15.97 5.50 -33.01
C55 CDL HA . 15.77 6.99 -33.19
C56 CDL HA . 14.33 7.41 -33.23
C57 CDL HA . 14.14 8.89 -33.48
CB6 CDL HA . 10.87 1.67 -29.87
OB8 CDL HA . 11.94 1.81 -28.91
CB7 CDL HA . 11.89 2.87 -28.11
OB9 CDL HA . 10.99 3.67 -28.15
C71 CDL HA . 13.05 2.91 -27.16
C72 CDL HA . 13.89 4.15 -27.25
C73 CDL HA . 13.13 5.41 -26.87
C74 CDL HA . 13.99 6.64 -26.70
C75 CDL HA . 15.02 6.83 -27.78
C76 CDL HA . 15.64 8.21 -27.81
C77 CDL HA . 16.19 8.68 -26.49
C78 CDL HA . 16.87 10.03 -26.55
C79 CDL HA . 16.00 11.14 -27.07
C80 CDL HA . 16.70 12.47 -27.18
FE1 FES IA . 59.32 19.47 22.21
FE2 FES IA . 58.64 18.93 25.14
S1 FES IA . 59.83 17.80 23.60
S2 FES IA . 59.17 20.78 24.02
O12 PC1 JA . 18.64 -13.88 -22.35
P PC1 JA . 18.83 -14.17 -20.89
O14 PC1 JA . 17.67 -14.65 -20.05
O13 PC1 JA . 20.06 -15.20 -20.73
C11 PC1 JA . 20.20 -16.00 -19.53
C12 PC1 JA . 19.39 -17.27 -19.65
N PC1 JA . 20.18 -18.52 -19.95
C13 PC1 JA . 21.04 -18.30 -21.14
C14 PC1 JA . 19.25 -19.65 -20.22
C15 PC1 JA . 21.04 -18.87 -18.79
O11 PC1 JA . 19.40 -12.81 -20.25
C1 PC1 JA . 19.67 -12.75 -18.82
C2 PC1 JA . 20.43 -11.48 -18.51
O21 PC1 JA . 21.04 -11.57 -17.19
C21 PC1 JA . 22.14 -12.33 -17.07
O22 PC1 JA . 22.61 -12.94 -17.99
C22 PC1 JA . 22.72 -12.35 -15.68
C23 PC1 JA . 24.00 -13.13 -15.61
C24 PC1 JA . 24.61 -13.11 -14.22
C25 PC1 JA . 24.98 -11.73 -13.72
C26 PC1 JA . 26.01 -11.02 -14.56
C27 PC1 JA . 27.28 -11.82 -14.79
C28 PC1 JA . 28.39 -11.03 -15.45
C29 PC1 JA . 28.94 -9.93 -14.59
C2A PC1 JA . 30.12 -9.21 -15.20
C2B PC1 JA . 30.77 -8.16 -14.31
C2C PC1 JA . 31.73 -8.71 -13.27
C2D PC1 JA . 31.09 -9.30 -12.04
C3 PC1 JA . 19.59 -10.23 -18.61
O31 PC1 JA . 20.40 -9.09 -18.25
C31 PC1 JA . 21.33 -8.70 -19.12
O32 PC1 JA . 21.50 -9.22 -20.19
C32 PC1 JA . 22.11 -7.53 -18.61
C33 PC1 JA . 22.30 -6.46 -19.63
C34 PC1 JA . 20.98 -5.91 -20.16
C35 PC1 JA . 21.14 -4.90 -21.26
C36 PC1 JA . 22.03 -3.73 -20.90
C37 PC1 JA . 21.51 -2.87 -19.78
C38 PC1 JA . 22.50 -1.85 -19.27
C39 PC1 JA . 23.12 -0.98 -20.33
C3A PC1 JA . 22.14 -0.05 -21.02
C3B PC1 JA . 21.44 0.89 -20.09
C3C PC1 JA . 22.35 1.82 -19.33
C3D PC1 JA . 21.66 2.68 -18.31
C3E PC1 JA . 20.97 1.90 -17.22
C3F PC1 JA . 20.35 2.78 -16.15
C3G PC1 JA . 21.32 3.69 -15.45
P 3PE KA . 17.04 -12.13 -36.63
N 3PE KA . 18.45 -15.16 -39.50
O11 3PE KA . 18.39 -11.34 -37.00
O12 3PE KA . 17.11 -12.49 -35.17
O13 3PE KA . 17.20 -13.50 -37.46
O14 3PE KA . 15.87 -11.37 -37.17
C11 3PE KA . 18.30 -14.39 -37.16
C12 3PE KA . 18.28 -15.57 -38.09
C1 3PE KA . 18.49 -10.69 -38.31
C2 3PE KA . 19.85 -10.06 -38.47
C3 3PE KA . 20.29 -9.30 -37.24
O31 3PE KA . 20.84 -10.24 -36.31
O32 3PE KA . 21.87 -10.46 -34.34
C31 3PE KA . 21.35 -9.77 -35.17
C32 3PE KA . 21.18 -8.27 -35.05
C33 3PE KA . 22.47 -7.52 -35.05
C34 3PE KA . 22.25 -6.02 -34.97
C35 3PE KA . 21.27 -5.50 -36.00
C36 3PE KA . 20.94 -4.03 -35.84
C37 3PE KA . 19.87 -3.55 -36.80
C38 3PE KA . 20.21 -3.75 -38.25
C39 3PE KA . 19.14 -3.28 -39.21
C3A 3PE KA . 18.81 -1.82 -39.08
O21 3PE KA . 20.81 -11.12 -38.74
O22 3PE KA . 22.36 -9.64 -39.42
C21 3PE KA . 22.03 -10.77 -39.19
C22 3PE KA . 22.95 -11.96 -39.34
C23 3PE KA . 23.17 -12.70 -38.06
C24 3PE KA . 24.08 -13.91 -38.24
C1 CDL LA . 5.03 8.23 -33.11
O1 CDL LA . 5.61 9.50 -32.79
CA2 CDL LA . 5.78 7.15 -32.34
OA2 CDL LA . 7.09 7.03 -32.94
PA1 CDL LA . 8.09 5.90 -32.40
OA3 CDL LA . 7.45 4.57 -32.65
OA4 CDL LA . 8.49 6.27 -30.99
OA5 CDL LA . 9.37 6.03 -33.36
CA3 CDL LA . 9.75 7.32 -33.91
CA4 CDL LA . 10.10 8.34 -32.84
OA6 CDL LA . 10.74 9.51 -33.42
CA5 CDL LA . 10.00 10.38 -34.11
OA7 CDL LA . 8.82 10.25 -34.30
C11 CDL LA . 10.84 11.54 -34.57
C12 CDL LA . 10.91 11.68 -36.06
C13 CDL LA . 11.90 12.75 -36.49
C14 CDL LA . 13.33 12.45 -36.11
C15 CDL LA . 13.87 11.17 -36.70
CA6 CDL LA . 11.05 7.82 -31.79
OA8 CDL LA . 11.56 8.97 -31.07
CA7 CDL LA . 12.40 8.70 -30.08
OA9 CDL LA . 12.71 7.58 -29.75
C31 CDL LA . 12.92 9.96 -29.42
C32 CDL LA . 13.88 10.73 -30.28
C33 CDL LA . 13.20 11.64 -31.29
C34 CDL LA . 12.50 12.83 -30.67
CB2 CDL LA . 5.10 8.03 -34.59
OB2 CDL LA . 4.33 9.03 -35.29
PB2 CDL LA . 4.46 9.16 -36.89
OB3 CDL LA . 4.80 7.77 -37.34
OB4 CDL LA . 3.23 9.83 -37.42
OB5 CDL LA . 5.71 10.15 -37.09
CB3 CDL LA . 7.07 9.67 -36.93
CB4 CDL LA . 7.51 8.94 -38.18
OB6 CDL LA . 8.78 8.29 -37.92
CB5 CDL LA . 9.16 7.30 -38.75
OB7 CDL LA . 8.46 6.89 -39.64
C51 CDL LA . 10.54 6.78 -38.45
C52 CDL LA . 11.23 7.53 -37.35
C53 CDL LA . 12.67 7.09 -37.17
C54 CDL LA . 13.52 7.27 -38.42
C55 CDL LA . 14.96 6.83 -38.25
CB6 CDL LA . 7.71 9.87 -39.35
OB8 CDL LA . 8.91 10.63 -39.12
CB7 CDL LA . 9.20 11.57 -40.01
OB9 CDL LA . 8.48 11.84 -40.94
C71 CDL LA . 10.51 12.25 -39.72
C72 CDL LA . 11.69 11.32 -39.83
C73 CDL LA . 12.34 11.37 -41.21
C74 CDL LA . 11.46 10.92 -42.35
C75 CDL LA . 12.11 11.00 -43.71
C76 CDL LA . 13.34 10.15 -43.86
P 3PE MA . -14.54 16.56 4.45
N 3PE MA . -16.80 13.10 1.49
O11 3PE MA . -14.09 17.41 3.18
O12 3PE MA . -14.97 17.49 5.55
O13 3PE MA . -15.83 15.75 3.91
O14 3PE MA . -13.45 15.54 4.73
C11 3PE MA . -15.64 14.80 2.83
C12 3PE MA . -16.96 14.11 2.53
C1 3PE MA . -12.70 17.80 3.03
C2 3PE MA . -12.24 18.78 4.09
C3 3PE MA . -10.74 18.79 4.32
O31 3PE MA . -10.35 17.62 5.08
O32 3PE MA . -9.90 16.53 3.19
C31 3PE MA . -9.92 16.57 4.39
C32 3PE MA . -9.37 15.51 5.30
C33 3PE MA . -7.97 15.11 4.93
C34 3PE MA . -7.32 14.19 5.96
C35 3PE MA . -7.03 14.84 7.28
C36 3PE MA . -6.14 14.03 8.19
C37 3PE MA . -4.77 13.77 7.63
C39 3PE MA . 2.18 15.27 8.69
O21 3PE MA . -12.57 20.14 3.68
O22 3PE MA . -14.70 19.91 4.30
C21 3PE MA . -13.83 20.58 3.83
C22 3PE MA . -14.01 22.00 3.35
C23 3PE MA . -12.77 22.61 2.77
C24 3PE MA . -11.79 23.09 3.83
C25 3PE MA . -12.26 24.25 4.65
C26 3PE MA . -11.22 24.81 5.60
C27 3PE MA . -11.68 26.00 6.40
C28 3PE MA . -10.64 26.56 7.33
C29 3PE MA . -9.37 27.01 6.64
C2A 3PE MA . -8.31 27.55 7.57
C1 CDL NA . -13.09 16.48 8.05
O1 CDL NA . -13.39 15.23 7.43
CA2 CDL NA . -11.62 16.55 8.38
OA2 CDL NA . -11.25 15.66 9.47
PA1 CDL NA . -11.41 14.07 9.32
OA3 CDL NA . -11.07 13.69 7.91
OA4 CDL NA . -12.72 13.66 9.93
OA5 CDL NA . -10.21 13.53 10.25
CA3 CDL NA . -10.20 13.89 11.65
CA4 CDL NA . -8.76 14.13 12.08
OA6 CDL NA . -8.17 15.25 11.38
CA5 CDL NA . -8.57 16.50 11.70
OA7 CDL NA . -9.47 16.73 12.45
C11 CDL NA . -7.67 17.54 11.09
C12 CDL NA . -6.54 16.96 10.31
C13 CDL NA . -5.35 17.89 10.21
C14 CDL NA . -5.64 19.25 9.62
CA6 CDL NA . -7.87 12.92 11.90
OA8 CDL NA . -6.56 13.35 11.47
CA7 CDL NA . -5.79 13.97 12.36
OA9 CDL NA . -6.11 14.14 13.51
C31 CDL NA . -4.49 14.44 11.75
C32 CDL NA . -3.61 15.19 12.69
C33 CDL NA . -3.03 14.31 13.79
CB2 CDL NA . -13.99 16.65 9.26
OB2 CDL NA . -14.41 18.04 9.41
PB2 CDL NA . -13.41 19.13 10.02
OB3 CDL NA . -14.22 20.33 10.42
OB4 CDL NA . -12.51 18.45 11.02
OB5 CDL NA . -12.50 19.60 8.78
CB3 CDL NA . -11.57 20.69 8.99
CB4 CDL NA . -10.79 21.00 7.73
OB6 CDL NA . -9.97 19.88 7.27
CB5 CDL NA . -9.00 19.39 8.07
OB7 CDL NA . -8.74 19.79 9.17
C51 CDL NA . -8.26 18.27 7.39
C52 CDL NA . -7.53 18.70 6.16
CB6 CDL NA . -9.99 22.29 7.83
OB8 CDL NA . -9.39 22.37 9.15
CB7 CDL NA . -8.72 23.48 9.41
OB9 CDL NA . -8.57 24.38 8.62
C71 CDL NA . -8.17 23.47 10.81
C72 CDL NA . -7.44 24.72 11.18
P 3PE OA . -9.64 16.29 16.32
N 3PE OA . -13.95 16.62 13.63
O11 3PE OA . -8.15 16.80 16.03
O12 3PE OA . -9.61 14.79 16.32
O13 3PE OA . -10.47 16.76 15.03
O14 3PE OA . -10.16 17.04 17.52
C11 3PE OA . -11.91 16.50 15.00
C12 3PE OA . -12.50 16.83 13.66
C1 3PE OA . -7.86 18.23 16.06
C2 3PE OA . -6.41 18.40 16.47
C3 3PE OA . -6.09 17.76 17.79
O31 3PE OA . -4.73 18.06 18.19
O32 3PE OA . -4.02 16.24 17.11
C31 3PE OA . -3.80 17.20 17.79
C32 3PE OA . -2.45 17.58 18.34
C33 3PE OA . -1.94 18.90 17.85
C34 3PE OA . -1.07 18.78 16.60
C35 3PE OA . -1.78 18.24 15.38
O21 3PE OA . -5.55 17.85 15.43
O22 3PE OA . -4.45 18.25 13.53
C21 3PE OA . -5.10 18.67 14.44
C22 3PE OA . -5.42 20.14 14.60
C23 3PE OA . -4.20 21.00 14.70
C24 3PE OA . -4.53 22.48 14.78
C25 3PE OA . -5.27 23.02 13.57
CHA HEM PA . 28.85 19.90 11.46
CHB HEM PA . 26.29 16.26 13.40
CHC HEM PA . 23.50 16.18 9.41
CHD HEM PA . 25.51 20.32 7.94
C1A HEM PA . 28.36 18.95 12.32
C2A HEM PA . 28.82 18.75 13.63
C3A HEM PA . 28.11 17.73 14.19
C4A HEM PA . 27.20 17.29 13.21
CMA HEM PA . 28.26 17.19 15.58
CAA HEM PA . 29.90 19.53 14.33
CBA HEM PA . 29.25 20.72 15.05
CGA HEM PA . 30.27 21.40 15.93
O1A HEM PA . 31.40 20.91 16.08
O2A HEM PA . 29.95 22.47 16.51
C1B HEM PA . 25.34 15.93 12.44
C2B HEM PA . 24.45 14.84 12.62
C3B HEM PA . 23.65 14.79 11.51
C4B HEM PA . 24.10 15.91 10.64
CMB HEM PA . 24.40 13.91 13.80
CAB HEM PA . 22.57 13.82 11.24
CBB HEM PA . 22.86 12.56 10.95
C1C HEM PA . 23.74 17.34 8.71
C2C HEM PA . 22.95 17.83 7.66
C3C HEM PA . 23.53 19.02 7.23
C4C HEM PA . 24.68 19.24 8.06
CMC HEM PA . 21.72 17.17 7.11
CAC HEM PA . 23.09 19.92 6.15
CBC HEM PA . 21.81 20.18 5.91
C1D HEM PA . 26.61 20.48 8.79
C2D HEM PA . 27.53 21.60 8.61
C3D HEM PA . 28.45 21.49 9.58
C4D HEM PA . 28.10 20.30 10.36
CMD HEM PA . 27.46 22.66 7.54
CAD HEM PA . 29.62 22.42 9.80
CBD HEM PA . 29.21 23.57 10.70
CGD HEM PA . 29.22 23.11 12.14
O1D HEM PA . 28.22 23.28 12.87
O2D HEM PA . 30.25 22.58 12.60
NA HEM PA . 27.36 18.04 12.08
NB HEM PA . 25.10 16.54 11.27
NC HEM PA . 24.78 18.21 8.94
ND HEM PA . 26.99 19.74 9.85
FE HEM PA . 26.14 18.21 10.52
CHA HEM QA . 10.43 1.31 16.55
CHB HEM QA . 12.11 5.25 14.29
CHC HEM QA . 16.65 3.68 15.17
CHD HEM QA . 14.83 -0.69 16.18
C1A HEM QA . 10.55 2.57 16.02
C2A HEM QA . 9.54 3.56 16.10
C3A HEM QA . 10.01 4.67 15.46
C4A HEM QA . 11.31 4.37 14.98
CMA HEM QA . 9.28 5.97 15.30
CAA HEM QA . 8.20 3.44 16.75
CBA HEM QA . 8.25 3.96 18.19
CGA HEM QA . 8.90 2.94 19.09
O1A HEM QA . 9.92 3.25 19.75
O2A HEM QA . 8.43 1.79 19.17
C1B HEM QA . 13.50 5.15 14.40
C2B HEM QA . 14.36 6.22 14.04
C3B HEM QA . 15.63 5.81 14.27
C4B HEM QA . 15.53 4.44 14.81
CMB HEM QA . 13.94 7.56 13.49
CAB HEM QA . 16.87 6.58 14.05
CBB HEM QA . 17.31 6.78 12.81
C1C HEM QA . 16.55 2.36 15.56
C2C HEM QA . 17.61 1.56 16.01
C3C HEM QA . 17.09 0.31 16.29
C4C HEM QA . 15.70 0.36 16.01
CMC HEM QA . 19.05 1.98 16.14
CAC HEM QA . 17.84 -0.86 16.80
CBC HEM QA . 18.70 -1.49 16.00
C1D HEM QA . 13.48 -0.45 16.40
C2D HEM QA . 12.60 -1.49 16.95
C3D HEM QA . 11.38 -0.94 17.06
C4D HEM QA . 11.51 0.44 16.57
CMD HEM QA . 13.00 -2.89 17.32
CAD HEM QA . 10.13 -1.61 17.56
CBD HEM QA . 9.88 -1.13 18.99
CGD HEM QA . 8.66 -1.81 19.55
O1D HEM QA . 8.71 -2.32 20.69
O2D HEM QA . 7.61 -1.85 18.89
NA HEM QA . 11.62 3.09 15.34
NB HEM QA . 14.22 4.12 14.86
NC HEM QA . 15.40 1.62 15.58
ND HEM QA . 12.78 0.67 16.20
FE HEM QA . 13.43 2.29 15.52
C1 U10 RA . 4.79 5.86 14.58
C2 U10 RA . 4.65 4.74 15.49
C3 U10 RA . 4.83 4.91 16.92
C4 U10 RA . 5.19 6.24 17.36
C5 U10 RA . 5.35 7.29 16.42
C6 U10 RA . 5.13 7.09 15.04
C1M U10 RA . 4.54 5.62 13.13
C3M U10 RA . 4.27 2.63 17.51
C4M U10 RA . 5.31 5.92 19.74
C7 U10 RA . 5.24 8.28 14.10
C8 U10 RA . 6.60 8.93 14.07
C9 U10 RA . 6.91 10.04 13.42
C10 U10 RA . 5.92 10.80 12.59
C11 U10 RA . 8.29 10.64 13.48
C12 U10 RA . 9.39 9.73 14.02
C13 U10 RA . 10.11 8.71 13.19
C14 U10 RA . 10.03 8.33 11.92
C15 U10 RA . 10.90 7.26 11.33
C16 U10 RA . 9.05 8.93 10.93
C17 U10 RA . 9.67 9.31 9.59
C18 U10 RA . 10.77 10.32 9.68
C19 U10 RA . 10.70 11.60 10.03
C20 U10 RA . 9.43 12.30 10.42
C21 U10 RA . 11.93 12.47 10.06
C22 U10 RA . 12.51 12.71 8.69
C23 U10 RA . 11.55 13.39 7.76
C24 U10 RA . 11.71 14.54 7.12
C25 U10 RA . 12.95 15.38 7.19
O2 U10 RA . 4.37 3.64 15.02
O3 U10 RA . 4.67 3.95 17.88
O4 U10 RA . 5.44 6.77 18.60
O5 U10 RA . 5.64 8.38 16.87
C1 U10 SA . 32.52 3.36 12.69
C2 U10 SA . 32.88 3.37 14.09
C3 U10 SA . 33.05 4.57 14.80
C4 U10 SA . 33.09 5.79 14.05
C5 U10 SA . 32.62 5.76 12.71
C6 U10 SA . 32.36 4.55 12.03
C1M U10 SA . 32.29 2.04 12.01
C3M U10 SA . 32.99 5.14 17.14
C4M U10 SA . 34.35 7.35 15.37
C7 U10 SA . 31.91 4.55 10.58
C8 U10 SA . 32.84 5.28 9.65
C9 U10 SA . 34.11 5.01 9.36
C10 U10 SA . 34.89 3.89 10.00
C11 U10 SA . 34.84 5.78 8.31
C12 U10 SA . 33.94 6.83 7.67
C13 U10 SA . 34.44 7.39 6.38
C14 U10 SA . 33.88 7.26 5.18
C15 U10 SA . 34.40 7.95 3.95
C16 U10 SA . 32.68 6.38 4.98
C17 U10 SA . 32.78 5.38 3.84
C18 U10 SA . 32.10 5.85 2.58
C19 U10 SA . 32.63 6.02 1.38
C20 U10 SA . 34.07 5.74 1.05
C21 U10 SA . 31.80 6.51 0.22
C22 U10 SA . 31.75 5.54 -0.93
C23 U10 SA . 30.96 6.06 -2.10
C24 U10 SA . 30.35 7.24 -2.21
C25 U10 SA . 29.59 7.66 -3.43
O2 U10 SA . 32.97 2.31 14.71
O3 U10 SA . 33.23 4.19 16.11
O4 U10 SA . 33.51 7.08 14.25
O5 U10 SA . 32.53 6.84 12.13
P 3PE TA . 9.79 -2.61 33.93
N 3PE TA . 9.10 -5.82 37.82
O11 3PE TA . 10.16 -1.46 34.98
O12 3PE TA . 8.30 -2.53 33.67
O13 3PE TA . 10.09 -3.96 34.75
O14 3PE TA . 10.75 -2.54 32.77
C11 3PE TA . 9.42 -4.17 36.02
C12 3PE TA . 9.79 -5.52 36.57
C1 3PE TA . 11.54 -1.32 35.43
C2 3PE TA . 12.22 -0.19 34.70
C3 3PE TA . 13.43 0.35 35.43
O31 3PE TA . 13.42 1.79 35.36
O32 3PE TA . 15.29 1.84 36.56
C31 3PE TA . 14.40 2.41 36.00
C32 3PE TA . 14.21 3.90 35.97
C33 3PE TA . 14.31 4.51 34.59
C34 3PE TA . 15.72 4.85 34.19
C35 3PE TA . 16.65 3.67 34.00
C36 3PE TA . 18.06 4.05 33.61
C37 3PE TA . 18.77 4.90 34.61
O21 3PE TA . 12.70 -0.69 33.41
O22 3PE TA . 12.88 1.38 32.60
C21 3PE TA . 13.04 0.21 32.47
C22 3PE TA . 13.69 -0.43 31.27
C23 3PE TA . 14.11 0.59 30.24
C24 3PE TA . 15.14 0.04 29.27
C25 3PE TA . 15.65 1.05 28.27
C26 3PE TA . 16.14 2.33 28.89
C27 3PE TA . 17.31 2.17 29.83
C28 3PE TA . 18.64 1.94 29.15
C29 3PE TA . 19.11 3.11 28.33
C2A 3PE TA . 20.52 2.98 27.81
C2B 3PE TA . 20.76 1.77 26.92
C1 CDL UA . 8.42 3.19 33.72
O1 CDL UA . 7.24 2.62 33.14
CA2 CDL UA . 8.97 4.25 32.78
OA2 CDL UA . 8.33 5.53 33.00
PA1 CDL UA . 6.78 5.75 32.60
OA3 CDL UA . 5.90 4.94 33.51
OA4 CDL UA . 6.66 5.60 31.10
OA5 CDL UA . 6.53 7.30 32.97
CA3 CDL UA . 7.46 8.32 32.51
CA4 CDL UA . 8.47 8.63 33.58
OA6 CDL UA . 8.54 10.06 33.86
CA5 CDL UA . 8.92 10.44 35.09
OA7 CDL UA . 9.13 9.62 35.96
C11 CDL UA . 9.07 11.91 35.30
C12 CDL UA . 9.09 12.71 34.02
C13 CDL UA . 10.36 12.50 33.21
C14 CDL UA . 10.40 13.23 31.89
C15 CDL UA . 9.62 12.61 30.77
C16 CDL UA . 8.12 12.79 30.83
CA6 CDL UA . 9.86 8.14 33.24
OA8 CDL UA . 10.18 8.52 31.90
CA7 CDL UA . 11.27 7.96 31.38
OA9 CDL UA . 11.95 7.17 31.98
C31 CDL UA . 11.52 8.42 29.97
C32 CDL UA . 11.88 9.87 29.89
C33 CDL UA . 13.17 10.20 30.63
C34 CDL UA . 14.37 9.41 30.17
C35 CDL UA . 15.67 9.84 30.81
C36 CDL UA . 15.70 9.72 32.31
C37 CDL UA . 15.48 8.33 32.83
CB2 CDL UA . 9.41 2.10 34.05
OB2 CDL UA . 8.81 1.08 34.90
PB2 CDL UA . 8.50 1.39 36.44
OB3 CDL UA . 8.04 0.08 37.05
OB4 CDL UA . 7.63 2.61 36.57
OB5 CDL UA . 9.94 1.72 37.07
CB3 CDL UA . 10.06 1.92 38.50
CB4 CDL UA . 10.14 3.38 38.88
OB6 CDL UA . 9.28 4.20 38.03
CB5 CDL UA . 9.08 5.47 38.41
OB7 CDL UA . 9.41 5.92 39.47
C51 CDL UA . 8.51 6.29 37.28
C52 CDL UA . 9.17 6.02 35.97
C53 CDL UA . 10.69 6.09 36.04
C54 CDL UA . 11.25 7.42 36.47
C55 CDL UA . 12.75 7.53 36.36
CB6 CDL UA . 11.54 3.94 38.80
OB8 CDL UA . 12.19 3.75 40.07
CB7 CDL UA . 12.99 4.74 40.51
OB9 CDL UA . 13.63 4.66 41.52
C71 CDL UA . 12.98 5.94 39.59
C72 CDL UA . 12.26 7.14 40.16
C73 CDL UA . 13.18 8.10 40.89
C74 CDL UA . 13.65 7.63 42.24
C75 CDL UA . 12.55 7.36 43.24
C76 CDL UA . 11.70 8.56 43.55
FE HEC VA . 50.50 36.01 26.67
CHA HEC VA . 50.79 32.65 25.85
CHB HEC VA . 47.29 35.46 27.82
CHC HEC VA . 50.39 39.27 27.86
CHD HEC VA . 53.60 36.64 25.24
NA HEC VA . 49.24 34.33 26.81
C1A HEC VA . 49.51 33.06 26.44
C2A HEC VA . 48.40 32.09 26.68
C3A HEC VA . 47.36 32.94 27.28
C4A HEC VA . 47.99 34.28 27.30
CMA HEC VA . 45.98 32.55 27.74
CAA HEC VA . 48.36 30.62 26.39
CBA HEC VA . 48.59 29.85 27.69
CGA HEC VA . 48.30 28.40 27.46
O1A HEC VA . 48.96 27.79 26.59
O2A HEC VA . 47.42 27.84 28.16
NB HEC VA . 49.07 37.17 27.67
C1B HEC VA . 47.83 36.80 28.07
C2B HEC VA . 47.03 37.85 28.77
C3B HEC VA . 47.99 38.97 28.77
C4B HEC VA . 49.18 38.45 28.08
CMB HEC VA . 45.63 37.72 29.31
CAB HEC VA . 47.87 40.36 29.30
CBB HEC VA . 46.64 40.90 30.00
NC HEC VA . 51.77 37.68 26.57
C1C HEC VA . 51.59 38.91 27.09
C2C HEC VA . 52.68 39.89 26.86
C3C HEC VA . 53.63 39.09 26.07
C4C HEC VA . 52.98 37.75 25.96
CMC HEC VA . 52.72 41.33 27.33
CAC HEC VA . 54.95 39.44 25.49
CBC HEC VA . 55.61 40.78 25.60
ND HEC VA . 51.95 34.83 25.70
C1D HEC VA . 53.14 35.24 25.19
C2D HEC VA . 53.96 34.16 24.58
C3D HEC VA . 53.12 32.97 24.76
C4D HEC VA . 51.93 33.51 25.46
CMD HEC VA . 55.30 34.27 23.92
CAD HEC VA . 53.41 31.56 24.34
CBD HEC VA . 53.69 30.73 25.58
CGD HEC VA . 53.14 29.34 25.40
O1D HEC VA . 53.65 28.59 24.55
O2D HEC VA . 52.16 28.99 26.11
C1 CDL WA . 1.11 6.54 34.51
O1 CDL WA . -0.30 6.40 34.31
CA2 CDL WA . 1.49 5.93 35.84
OA2 CDL WA . 0.80 6.65 36.89
PA1 CDL WA . 1.14 6.32 38.43
OA3 CDL WA . 2.58 6.67 38.69
OA4 CDL WA . 0.64 4.94 38.73
OA5 CDL WA . 0.19 7.36 39.22
CA3 CDL WA . -0.44 8.43 38.47
CA4 CDL WA . 0.45 9.64 38.30
OA6 CDL WA . 1.78 9.24 37.87
CA5 CDL WA . 2.57 10.15 37.28
OA7 CDL WA . 2.18 11.26 37.04
C11 CDL WA . 3.95 9.64 36.98
C12 CDL WA . 4.90 10.70 36.53
C13 CDL WA . 5.19 11.73 37.61
C14 CDL WA . 6.10 12.85 37.18
CA6 CDL WA . 0.54 10.50 39.54
OA8 CDL WA . 1.79 10.25 40.23
CA7 CDL WA . 2.64 11.27 40.25
OA9 CDL WA . 2.43 12.31 39.70
C31 CDL WA . 3.88 10.93 41.06
C32 CDL WA . 4.01 11.73 42.33
C33 CDL WA . 4.85 12.98 42.17
C34 CDL WA . 4.22 14.10 41.39
CB2 CDL WA . 1.48 8.00 34.39
OB2 CDL WA . 1.19 8.49 33.05
PB2 CDL WA . 1.55 10.00 32.68
OB3 CDL WA . 0.78 10.90 33.61
OB4 CDL WA . 1.43 10.16 31.19
OB5 CDL WA . 3.10 10.09 33.09
CB3 CDL WA . 4.11 9.39 32.30
CB4 CDL WA . 4.73 10.35 31.31
OB6 CDL WA . 4.54 11.71 31.75
CB5 CDL WA . 5.24 12.14 32.81
OB7 CDL WA . 6.09 11.45 33.33
C51 CDL WA . 4.85 13.50 33.32
C52 CDL WA . 6.01 14.44 33.47
C53 CDL WA . 5.78 15.46 34.57
C54 CDL WA . 4.62 16.39 34.33
C55 CDL WA . 4.85 17.43 33.27
C56 CDL WA . 5.92 18.42 33.62
C57 CDL WA . 5.66 19.20 34.89
CB6 CDL WA . 4.31 10.11 29.87
OB8 CDL WA . 4.22 11.37 29.17
CB7 CDL WA . 5.24 11.77 28.42
OB9 CDL WA . 5.22 12.81 27.81
C71 CDL WA . 6.40 10.81 28.38
C72 CDL WA . 7.55 11.33 27.57
C73 CDL WA . 8.83 10.55 27.77
C74 CDL WA . 10.03 11.09 27.04
C75 CDL WA . 10.26 12.56 27.25
C76 CDL WA . 11.62 13.07 26.84
C77 CDL WA . 12.75 12.55 27.69
C78 CDL WA . 13.96 13.45 27.75
C79 CDL WA . 14.62 13.70 26.42
C80 CDL WA . 15.26 12.48 25.81
FE1 FES XA . 36.81 52.62 -19.47
FE2 FES XA . 37.29 50.73 -21.83
S1 FES XA . 37.36 52.94 -21.61
S2 FES XA . 36.99 50.40 -19.63
P 3PE YA . 14.85 37.48 22.27
N 3PE YA . 11.26 38.24 19.76
O11 3PE YA . 14.30 36.04 22.69
O12 3PE YA . 14.95 38.33 23.51
O13 3PE YA . 13.68 38.10 21.37
O14 3PE YA . 16.07 37.28 21.40
C11 3PE YA . 12.37 38.34 21.95
C12 3PE YA . 11.47 39.03 20.97
C1 3PE YA . 14.12 35.02 21.67
C2 3PE YA . 13.71 33.73 22.34
C3 3PE YA . 12.47 33.89 23.20
O31 3PE YA . 12.21 32.65 23.89
O32 3PE YA . 10.43 32.33 22.58
C31 3PE YA . 11.15 31.95 23.47
C32 3PE YA . 11.03 30.65 24.19
C33 3PE YA . 11.21 29.47 23.28
C34 3PE YA . 11.51 28.19 24.04
C35 3PE YA . 10.36 27.63 24.82
C36 3PE YA . 9.22 27.09 23.97
C37 3PE YA . 9.55 25.88 23.13
C38 3PE YA . 10.03 26.19 21.73
C39 3PE YA . 10.24 24.97 20.85
C3A 3PE YA . 9.03 24.09 20.70
C3B 3PE YA . 7.81 24.80 20.18
C3C 3PE YA . 7.96 25.39 18.80
C3D 3PE YA . 8.22 24.37 17.72
C3E 3PE YA . 8.33 24.97 16.33
O21 3PE YA . 13.48 32.73 21.30
O22 3PE YA . 14.15 31.09 22.65
C21 3PE YA . 13.72 31.44 21.59
C22 3PE YA . 13.38 30.51 20.46
C23 3PE YA . 13.55 29.07 20.80
C24 3PE YA . 14.96 28.55 20.53
C25 3PE YA . 15.22 28.13 19.10
C26 3PE YA . 14.79 26.73 18.74
C27 3PE YA . 13.30 26.53 18.54
C28 3PE YA . 12.90 25.13 18.14
C29 3PE YA . 13.56 24.64 16.86
C2A 3PE YA . 13.22 25.46 15.63
C2B 3PE YA . 11.77 25.40 15.20
C2C 3PE YA . 11.45 26.22 13.98
C2D 3PE YA . 12.26 25.87 12.76
C2E 3PE YA . 12.11 26.83 11.60
C2F 3PE YA . 12.94 26.48 10.40
C2G 3PE YA . 12.95 27.52 9.31
C2H 3PE YA . 11.60 27.81 8.70
C2I 3PE YA . 11.65 28.87 7.62
O12 PC1 ZA . -9.03 21.16 22.09
P PC1 ZA . -9.97 21.08 20.92
O14 PC1 ZA . -11.29 20.37 21.09
O13 PC1 ZA . -10.19 22.55 20.32
C11 PC1 ZA . -11.05 22.74 19.15
C12 PC1 ZA . -12.51 22.61 19.50
N PC1 ZA . -13.20 23.84 20.07
C13 PC1 ZA . -14.62 23.52 20.38
C14 PC1 ZA . -12.52 24.30 21.30
C15 PC1 ZA . -13.17 24.94 19.06
O11 PC1 ZA . -9.21 20.30 19.74
C1 PC1 ZA . -7.76 20.27 19.71
C2 PC1 ZA . -7.15 21.64 19.46
O21 PC1 ZA . -7.70 22.15 18.21
C21 PC1 ZA . -7.79 23.48 18.06
O22 PC1 ZA . -7.42 24.26 18.91
C22 PC1 ZA . -8.40 23.88 16.75
C23 PC1 ZA . -8.07 25.29 16.34
C24 PC1 ZA . -6.59 25.46 16.04
C25 PC1 ZA . -6.20 26.84 15.57
C26 PC1 ZA . -4.75 26.97 15.19
C27 PC1 ZA . -4.35 28.34 14.69
C28 PC1 ZA . -4.52 29.44 15.69
C29 PC1 ZA . -4.05 30.79 15.22
C2A PC1 ZA . -2.60 30.84 14.83
C2B PC1 ZA . -2.12 32.19 14.34
C3 PC1 ZA . -5.64 21.59 19.42
O31 PC1 ZA . -5.11 22.82 18.88
C31 PC1 ZA . -3.79 22.98 18.91
O32 PC1 ZA . -3.24 23.93 18.44
C32 PC1 ZA . -3.09 21.87 19.66
C33 PC1 ZA . -2.28 22.35 20.81
C34 PC1 ZA . -0.80 22.40 20.50
C35 PC1 ZA . -0.18 21.06 20.24
C36 PC1 ZA . 1.32 21.07 20.11
C37 PC1 ZA . 2.04 21.66 21.29
C38 PC1 ZA . 3.54 21.50 21.26
C39 PC1 ZA . 4.20 21.98 19.99
C3A PC1 ZA . 5.69 21.76 19.95
C3B PC1 ZA . 6.10 20.32 20.21
C3C PC1 ZA . 7.58 20.08 20.14
C3D PC1 ZA . 8.18 20.28 18.77
C3E PC1 ZA . 9.66 20.02 18.70
C3F PC1 ZA . 10.25 20.11 17.31
C3G PC1 ZA . 10.07 21.44 16.64
O12 PC1 AB . 6.15 48.24 8.86
P PC1 AB . 7.55 47.82 8.48
O14 PC1 AB . 8.69 48.07 9.43
O13 PC1 AB . 7.92 48.48 7.06
C11 PC1 AB . 7.07 48.22 5.92
C12 PC1 AB . 7.73 48.68 4.64
N PC1 AB . 8.83 47.79 4.10
C13 PC1 AB . 10.04 47.86 4.95
C14 PC1 AB . 8.35 46.38 4.05
C15 PC1 AB . 9.18 48.21 2.70
O11 PC1 AB . 7.53 46.25 8.13
C1 PC1 AB . 7.31 45.29 9.20
C2 PC1 AB . 7.36 43.89 8.65
O21 PC1 AB . 8.50 43.79 7.75
C21 PC1 AB . 8.93 42.56 7.41
O22 PC1 AB . 8.49 41.55 7.88
C22 PC1 AB . 10.00 42.62 6.34
C23 PC1 AB . 9.46 42.91 4.98
C24 PC1 AB . 9.17 41.65 4.17
C25 PC1 AB . 8.09 40.76 4.74
C26 PC1 AB . 7.83 39.52 3.92
C3 PC1 AB . 6.12 43.49 7.87
O31 PC1 AB . 6.03 44.30 6.68
C31 PC1 AB . 5.29 43.83 5.68
O32 PC1 AB . 5.12 44.43 4.66
C32 PC1 AB . 4.74 42.45 5.98
C33 PC1 AB . 3.25 42.37 5.92
C34 PC1 AB . 2.70 42.50 4.51
C35 PC1 AB . 3.18 41.42 3.56
P 3PE BB . 47.84 -3.91 -6.75
N 3PE BB . 52.76 -5.19 -6.33
O11 3PE BB . 46.65 -4.67 -7.51
O12 3PE BB . 47.50 -3.82 -5.29
O13 3PE BB . 49.09 -4.92 -6.93
O14 3PE BB . 48.15 -2.67 -7.53
C11 3PE BB . 50.38 -4.52 -6.42
C12 3PE BB . 51.42 -5.55 -6.82
C1 3PE BB . 45.49 -3.91 -7.94
C2 3PE BB . 44.69 -3.38 -6.78
C3 3PE BB . 43.90 -2.13 -7.12
O31 3PE BB . 42.97 -1.85 -6.07
O32 3PE BB . 44.59 -0.88 -4.88
C31 3PE BB . 43.43 -1.23 -4.99
C32 3PE BB . 42.37 -1.01 -3.96
C33 3PE BB . 41.84 -2.29 -3.38
C34 3PE BB . 40.78 -2.05 -2.32
C35 3PE BB . 39.47 -1.51 -2.87
C36 3PE BB . 38.70 -2.50 -3.71
C37 3PE BB . 38.29 -3.75 -2.96
C38 3PE BB . 37.50 -4.73 -3.79
O21 3PE BB . 43.73 -4.37 -6.32
O22 3PE BB . 45.32 -5.58 -5.31
C21 3PE BB . 44.17 -5.43 -5.62
C22 3PE BB . 43.07 -6.39 -5.25
C23 3PE BB . 42.05 -5.78 -4.34
C24 3PE BB . 40.87 -6.71 -4.09
C25 3PE BB . 41.21 -8.01 -3.41
C26 3PE BB . 41.72 -7.85 -1.99
C27 3PE BB . 42.02 -9.15 -1.29
#